data_9B6L
#
_entry.id   9B6L
#
_cell.length_a   1.00
_cell.length_b   1.00
_cell.length_c   1.00
_cell.angle_alpha   90.00
_cell.angle_beta   90.00
_cell.angle_gamma   90.00
#
_symmetry.space_group_name_H-M   'P 1'
#
loop_
_entity.id
_entity.type
_entity.pdbx_description
1 polymer 'Ribulose bisphosphate carboxylase'
2 non-polymer 'MAGNESIUM ION'
#
_entity_poly.entity_id   1
_entity_poly.type   'polypeptide(L)'
_entity_poly.pdbx_seq_one_letter_code
;MEKINETQLIKTLNIHQKGYVNFDLPNPKNGEYLLAVFHLISGGKLNILQAAAEVAAESSTGTNFNVNTETPFSKEMNAV
VYQIDLDQNLVWIAYPWRLFDRGGNVQNILTYIVGNVLGMKEVSALKLLDVWFPPAMLEQYDGPSYTLDDMRKYLNVYDR
PILGTIIKPKMGLTSAEYAEAAYDFWVGGGDFV(KCX)NDEPQANQDFCPYDKMVRNVKAAMDKAVKETGNKKVHSFNVS
AADFDTMIERCELIRNAGFEPGSYAFLIDGITAGWMAVQTLRRKYPDVFIHFHRAGHGSFTRPENPIGFSVLVLSKFARL
AGASGIHTGTAGVGKMQGSPEEDVVAAQNILRFKDKGHFFEQEWSKIFEGDKDAITIAQADTARHVILEDDSWRGVKKCC
PIISGGLNPTLLKPFIDVMGNIDFITTMGAGCHAHPKGTTAGAKALVQACEAYQKGIDIKEYAKTHKELEEAIEFFTKK
;
_entity_poly.pdbx_strand_id   A,B,C,D,E,F,G,H,I,J
#
loop_
_chem_comp.id
_chem_comp.type
_chem_comp.name
_chem_comp.formula
MG non-polymer 'MAGNESIUM ION' 'Mg 2'
#
# COMPACT_ATOMS: atom_id res chain seq x y z
N THR A 7 -66.47 30.17 -12.03
CA THR A 7 -67.55 29.38 -12.61
C THR A 7 -67.56 29.49 -14.13
N GLN A 8 -67.84 30.70 -14.63
CA GLN A 8 -67.77 30.93 -16.08
C GLN A 8 -66.35 30.78 -16.59
N LEU A 9 -65.37 31.24 -15.82
CA LEU A 9 -63.97 31.06 -16.19
C LEU A 9 -63.62 29.58 -16.32
N ILE A 10 -64.23 28.73 -15.48
CA ILE A 10 -64.06 27.29 -15.62
C ILE A 10 -64.61 26.82 -16.95
N LYS A 11 -65.78 27.33 -17.34
CA LYS A 11 -66.37 26.97 -18.62
C LYS A 11 -65.48 27.40 -19.79
N THR A 12 -64.72 28.49 -19.62
CA THR A 12 -63.83 28.94 -20.67
C THR A 12 -62.68 27.97 -20.91
N LEU A 13 -62.37 27.09 -19.96
CA LEU A 13 -61.24 26.19 -20.08
C LEU A 13 -61.58 25.01 -20.98
N ASN A 14 -60.55 24.49 -21.65
CA ASN A 14 -60.68 23.19 -22.31
C ASN A 14 -60.39 22.09 -21.29
N ILE A 15 -60.53 20.83 -21.74
CA ILE A 15 -60.39 19.71 -20.81
C ILE A 15 -58.98 19.61 -20.26
N HIS A 16 -57.97 19.82 -21.11
CA HIS A 16 -56.59 19.78 -20.66
C HIS A 16 -56.31 20.90 -19.67
N GLN A 17 -56.85 22.09 -19.91
CA GLN A 17 -56.76 23.16 -18.93
C GLN A 17 -57.56 22.84 -17.68
N LYS A 18 -58.71 22.19 -17.85
CA LYS A 18 -59.52 21.79 -16.69
C LYS A 18 -58.75 20.84 -15.79
N GLY A 19 -57.86 20.03 -16.34
CA GLY A 19 -57.06 19.13 -15.54
C GLY A 19 -56.10 19.81 -14.58
N TYR A 20 -55.87 21.11 -14.75
CA TYR A 20 -54.95 21.86 -13.91
C TYR A 20 -55.65 22.87 -13.02
N VAL A 21 -56.98 22.84 -12.95
CA VAL A 21 -57.75 23.74 -12.12
C VAL A 21 -58.68 22.93 -11.23
N ASN A 22 -58.61 23.15 -9.92
CA ASN A 22 -59.52 22.50 -8.99
C ASN A 22 -59.76 23.47 -7.82
N PHE A 23 -60.82 24.28 -7.96
CA PHE A 23 -61.20 25.18 -6.88
C PHE A 23 -61.79 24.44 -5.69
N ASP A 24 -62.17 23.17 -5.86
CA ASP A 24 -62.70 22.35 -4.78
C ASP A 24 -61.65 21.43 -4.19
N LEU A 25 -60.39 21.84 -4.20
CA LEU A 25 -59.32 21.08 -3.56
C LEU A 25 -59.62 20.97 -2.08
N PRO A 26 -59.73 19.76 -1.52
CA PRO A 26 -60.24 19.64 -0.14
C PRO A 26 -59.39 20.37 0.89
N ASN A 27 -58.09 20.12 0.91
CA ASN A 27 -57.18 20.74 1.87
C ASN A 27 -55.86 21.03 1.19
N PRO A 28 -55.63 22.26 0.74
CA PRO A 28 -54.33 22.60 0.15
C PRO A 28 -53.17 22.42 1.11
N LYS A 29 -53.42 22.49 2.41
CA LYS A 29 -52.40 22.32 3.43
C LYS A 29 -52.35 20.91 3.99
N ASN A 30 -52.87 19.93 3.24
CA ASN A 30 -52.88 18.55 3.71
C ASN A 30 -51.48 17.95 3.85
N GLY A 31 -50.47 18.62 3.30
CA GLY A 31 -49.10 18.14 3.38
C GLY A 31 -48.56 17.56 2.09
N GLU A 32 -49.38 17.46 1.06
CA GLU A 32 -48.96 16.91 -0.22
C GLU A 32 -48.51 17.99 -1.21
N TYR A 33 -48.82 19.25 -0.94
CA TYR A 33 -48.63 20.32 -1.91
C TYR A 33 -47.72 21.42 -1.37
N LEU A 34 -46.83 21.88 -2.24
CA LEU A 34 -46.22 23.20 -2.08
C LEU A 34 -47.22 24.23 -2.57
N LEU A 35 -47.63 25.13 -1.70
CA LEU A 35 -48.61 26.15 -2.06
C LEU A 35 -47.88 27.38 -2.57
N ALA A 36 -48.32 27.88 -3.73
CA ALA A 36 -47.70 29.04 -4.36
C ALA A 36 -48.77 30.00 -4.82
N VAL A 37 -48.62 31.27 -4.48
CA VAL A 37 -49.54 32.32 -4.91
C VAL A 37 -48.81 33.22 -5.90
N PHE A 38 -49.41 33.42 -7.06
CA PHE A 38 -48.83 34.21 -8.14
C PHE A 38 -49.68 35.45 -8.37
N HIS A 39 -49.02 36.57 -8.68
CA HIS A 39 -49.68 37.71 -9.29
C HIS A 39 -49.64 37.49 -10.80
N LEU A 40 -50.79 37.23 -11.40
CA LEU A 40 -50.88 36.78 -12.78
C LEU A 40 -51.77 37.72 -13.58
N ILE A 41 -51.24 38.22 -14.69
CA ILE A 41 -52.02 38.90 -15.71
C ILE A 41 -51.74 38.23 -17.04
N SER A 42 -52.80 37.84 -17.74
CA SER A 42 -52.64 37.04 -18.95
C SER A 42 -52.08 37.88 -20.09
N GLY A 43 -51.39 37.20 -21.01
CA GLY A 43 -50.76 37.87 -22.13
C GLY A 43 -51.61 37.94 -23.38
N GLY A 44 -52.81 38.50 -23.27
CA GLY A 44 -53.64 38.75 -24.43
C GLY A 44 -54.46 37.55 -24.88
N LYS A 45 -55.75 37.77 -25.11
CA LYS A 45 -56.72 36.80 -25.63
C LYS A 45 -57.01 35.67 -24.66
N LEU A 46 -56.34 35.62 -23.51
CA LEU A 46 -56.59 34.60 -22.49
C LEU A 46 -57.14 35.28 -21.24
N ASN A 47 -58.07 34.62 -20.57
CA ASN A 47 -58.51 35.10 -19.28
C ASN A 47 -57.54 34.64 -18.19
N ILE A 48 -57.79 35.12 -16.96
CA ILE A 48 -56.85 34.83 -15.87
C ILE A 48 -56.81 33.35 -15.56
N LEU A 49 -57.94 32.66 -15.66
CA LEU A 49 -57.97 31.24 -15.33
C LEU A 49 -57.30 30.39 -16.40
N GLN A 50 -57.46 30.76 -17.67
CA GLN A 50 -56.78 30.03 -18.74
C GLN A 50 -55.27 30.17 -18.63
N ALA A 51 -54.79 31.39 -18.38
CA ALA A 51 -53.37 31.60 -18.18
C ALA A 51 -52.87 30.90 -16.93
N ALA A 52 -53.69 30.89 -15.87
CA ALA A 52 -53.33 30.17 -14.66
C ALA A 52 -53.19 28.67 -14.92
N ALA A 53 -54.10 28.10 -15.70
CA ALA A 53 -54.02 26.69 -16.06
C ALA A 53 -52.79 26.42 -16.89
N GLU A 54 -52.46 27.32 -17.83
CA GLU A 54 -51.24 27.16 -18.61
C GLU A 54 -50.01 27.20 -17.72
N VAL A 55 -49.98 28.12 -16.76
CA VAL A 55 -48.84 28.24 -15.85
C VAL A 55 -48.71 26.97 -15.01
N ALA A 56 -49.83 26.45 -14.50
CA ALA A 56 -49.81 25.23 -13.72
C ALA A 56 -49.34 24.05 -14.56
N ALA A 57 -49.78 23.96 -15.81
CA ALA A 57 -49.32 22.89 -16.69
C ALA A 57 -47.82 22.98 -16.94
N GLU A 58 -47.35 24.14 -17.36
CA GLU A 58 -45.93 24.32 -17.68
C GLU A 58 -45.04 24.16 -16.45
N SER A 59 -45.58 24.42 -15.26
CA SER A 59 -44.79 24.31 -14.04
C SER A 59 -44.91 22.95 -13.36
N SER A 60 -45.80 22.06 -13.81
CA SER A 60 -45.84 20.71 -13.23
C SER A 60 -45.61 19.60 -14.25
N THR A 61 -46.51 19.45 -15.23
CA THR A 61 -46.48 18.29 -16.11
C THR A 61 -46.65 18.64 -17.59
N GLY A 62 -47.08 19.86 -17.92
CA GLY A 62 -47.08 20.31 -19.30
C GLY A 62 -47.93 19.49 -20.24
N THR A 63 -49.14 19.14 -19.82
CA THR A 63 -50.08 18.43 -20.70
C THR A 63 -51.26 19.37 -20.93
N ASN A 64 -51.08 20.27 -21.90
CA ASN A 64 -52.13 21.20 -22.31
C ASN A 64 -52.74 20.81 -23.65
N PHE A 65 -52.39 19.64 -24.17
CA PHE A 65 -52.90 19.14 -25.43
C PHE A 65 -53.20 17.66 -25.27
N ASN A 66 -53.95 17.10 -26.22
CA ASN A 66 -54.30 15.69 -26.19
C ASN A 66 -53.11 14.86 -26.64
N VAL A 67 -52.56 14.06 -25.73
CA VAL A 67 -51.47 13.15 -26.03
C VAL A 67 -51.87 11.76 -25.56
N ASN A 68 -51.52 10.75 -26.36
CA ASN A 68 -51.85 9.37 -26.00
C ASN A 68 -50.95 8.81 -24.92
N THR A 69 -49.91 9.54 -24.53
CA THR A 69 -49.00 9.10 -23.47
C THR A 69 -49.46 9.55 -22.09
N GLU A 70 -50.58 10.25 -21.98
CA GLU A 70 -51.09 10.67 -20.69
C GLU A 70 -51.49 9.45 -19.85
N THR A 71 -51.10 9.47 -18.58
CA THR A 71 -51.44 8.43 -17.64
C THR A 71 -52.22 9.02 -16.48
N PRO A 72 -53.04 8.21 -15.79
CA PRO A 72 -53.73 8.74 -14.60
C PRO A 72 -52.78 9.21 -13.51
N PHE A 73 -51.61 8.59 -13.39
CA PHE A 73 -50.65 9.02 -12.38
C PHE A 73 -50.06 10.38 -12.74
N SER A 74 -49.78 10.61 -14.03
CA SER A 74 -49.34 11.94 -14.46
C SER A 74 -50.40 12.98 -14.19
N LYS A 75 -51.68 12.60 -14.29
CA LYS A 75 -52.76 13.49 -13.88
C LYS A 75 -52.71 13.75 -12.38
N GLU A 76 -52.36 12.72 -11.61
CA GLU A 76 -52.20 12.91 -10.17
C GLU A 76 -51.09 13.89 -9.86
N MET A 77 -50.07 13.97 -10.71
CA MET A 77 -48.96 14.88 -10.50
C MET A 77 -49.24 16.31 -10.96
N ASN A 78 -50.43 16.59 -11.48
CA ASN A 78 -50.75 17.92 -11.98
C ASN A 78 -50.72 18.95 -10.85
N ALA A 79 -50.12 20.11 -11.14
CA ALA A 79 -50.33 21.27 -10.29
C ALA A 79 -51.75 21.79 -10.50
N VAL A 80 -52.35 22.29 -9.42
CA VAL A 80 -53.76 22.63 -9.44
C VAL A 80 -53.93 24.07 -9.01
N VAL A 81 -54.63 24.85 -9.83
CA VAL A 81 -55.12 26.16 -9.43
C VAL A 81 -56.34 25.93 -8.53
N TYR A 82 -56.20 26.25 -7.25
CA TYR A 82 -57.27 26.01 -6.29
C TYR A 82 -57.90 27.28 -5.75
N GLN A 83 -57.31 28.44 -5.99
CA GLN A 83 -57.88 29.69 -5.54
C GLN A 83 -57.47 30.81 -6.48
N ILE A 84 -58.41 31.69 -6.79
CA ILE A 84 -58.15 32.82 -7.67
C ILE A 84 -58.76 34.06 -7.04
N ASP A 85 -58.15 35.21 -7.32
CA ASP A 85 -58.62 36.51 -6.84
C ASP A 85 -58.68 37.43 -8.06
N LEU A 86 -59.89 37.59 -8.62
CA LEU A 86 -60.05 38.34 -9.86
C LEU A 86 -59.68 39.81 -9.68
N ASP A 87 -60.08 40.40 -8.56
CA ASP A 87 -59.82 41.82 -8.33
C ASP A 87 -58.33 42.09 -8.22
N GLN A 88 -57.59 41.25 -7.49
CA GLN A 88 -56.18 41.45 -7.25
C GLN A 88 -55.29 40.69 -8.24
N ASN A 89 -55.88 39.94 -9.18
CA ASN A 89 -55.14 39.16 -10.16
C ASN A 89 -54.19 38.18 -9.48
N LEU A 90 -54.70 37.47 -8.48
CA LEU A 90 -53.92 36.52 -7.71
C LEU A 90 -54.37 35.10 -8.04
N VAL A 91 -53.40 34.20 -8.16
CA VAL A 91 -53.65 32.79 -8.46
C VAL A 91 -52.90 31.94 -7.45
N TRP A 92 -53.59 31.00 -6.82
CA TRP A 92 -53.00 30.04 -5.92
C TRP A 92 -52.88 28.71 -6.63
N ILE A 93 -51.67 28.15 -6.66
CA ILE A 93 -51.41 26.88 -7.33
C ILE A 93 -50.80 25.92 -6.32
N ALA A 94 -51.32 24.70 -6.27
CA ALA A 94 -50.82 23.67 -5.38
C ALA A 94 -49.94 22.72 -6.18
N TYR A 95 -48.66 22.65 -5.80
CA TYR A 95 -47.71 21.79 -6.49
C TYR A 95 -47.47 20.55 -5.66
N PRO A 96 -47.88 19.36 -6.13
CA PRO A 96 -47.52 18.13 -5.42
C PRO A 96 -46.01 18.00 -5.31
N TRP A 97 -45.47 18.06 -4.08
CA TRP A 97 -44.02 18.12 -3.97
C TRP A 97 -43.35 16.79 -4.30
N ARG A 98 -44.11 15.78 -4.69
CA ARG A 98 -43.52 14.60 -5.33
C ARG A 98 -42.91 14.93 -6.68
N LEU A 99 -43.32 16.04 -7.29
CA LEU A 99 -42.72 16.50 -8.53
C LEU A 99 -41.24 16.83 -8.36
N PHE A 100 -40.87 17.30 -7.18
CA PHE A 100 -39.54 17.89 -6.98
C PHE A 100 -38.49 16.81 -6.83
N ASP A 101 -37.29 17.12 -7.33
CA ASP A 101 -36.16 16.19 -7.25
C ASP A 101 -35.88 15.83 -5.80
N ARG A 102 -35.64 14.54 -5.56
CA ARG A 102 -35.33 14.07 -4.22
C ARG A 102 -33.92 14.49 -3.83
N GLY A 103 -33.63 14.39 -2.54
CA GLY A 103 -32.35 14.82 -2.02
C GLY A 103 -32.26 16.28 -1.66
N GLY A 104 -33.38 16.95 -1.44
CA GLY A 104 -33.40 18.35 -1.07
C GLY A 104 -32.92 19.30 -2.15
N ASN A 105 -33.33 19.08 -3.39
CA ASN A 105 -32.93 19.92 -4.50
C ASN A 105 -33.81 21.16 -4.54
N VAL A 106 -33.22 22.33 -4.23
CA VAL A 106 -33.97 23.58 -4.24
C VAL A 106 -34.06 24.15 -5.65
N GLN A 107 -32.96 24.10 -6.40
CA GLN A 107 -32.98 24.60 -7.77
C GLN A 107 -34.01 23.86 -8.61
N ASN A 108 -34.32 22.61 -8.28
CA ASN A 108 -35.36 21.90 -9.01
C ASN A 108 -36.74 22.51 -8.76
N ILE A 109 -37.04 22.86 -7.51
CA ILE A 109 -38.30 23.54 -7.22
C ILE A 109 -38.36 24.87 -7.98
N LEU A 110 -37.25 25.62 -7.97
CA LEU A 110 -37.23 26.90 -8.66
C LEU A 110 -37.41 26.71 -10.17
N THR A 111 -36.81 25.67 -10.72
CA THR A 111 -37.00 25.32 -12.13
C THR A 111 -38.47 25.04 -12.41
N TYR A 112 -39.13 24.31 -11.53
CA TYR A 112 -40.55 24.04 -11.69
C TYR A 112 -41.38 25.32 -11.67
N ILE A 113 -41.33 26.05 -10.56
CA ILE A 113 -42.35 27.08 -10.30
C ILE A 113 -41.99 28.47 -10.77
N VAL A 114 -40.70 28.80 -10.91
CA VAL A 114 -40.29 30.09 -11.46
C VAL A 114 -39.33 29.87 -12.61
N GLY A 115 -39.51 28.76 -13.33
CA GLY A 115 -38.65 28.48 -14.47
C GLY A 115 -39.26 28.92 -15.79
N ASN A 116 -39.65 27.96 -16.62
CA ASN A 116 -40.17 28.26 -17.95
C ASN A 116 -41.45 29.07 -17.91
N VAL A 117 -42.17 29.07 -16.78
CA VAL A 117 -43.40 29.85 -16.69
C VAL A 117 -43.13 31.33 -16.86
N LEU A 118 -41.95 31.79 -16.43
CA LEU A 118 -41.61 33.20 -16.56
C LEU A 118 -41.47 33.61 -18.02
N GLY A 119 -41.06 32.69 -18.88
CA GLY A 119 -40.92 32.97 -20.29
C GLY A 119 -42.14 32.74 -21.14
N MET A 120 -43.27 32.37 -20.55
CA MET A 120 -44.47 32.07 -21.32
C MET A 120 -45.09 33.35 -21.86
N LYS A 121 -45.45 33.32 -23.15
CA LYS A 121 -46.19 34.43 -23.74
C LYS A 121 -47.61 34.52 -23.20
N GLU A 122 -48.11 33.48 -22.54
CA GLU A 122 -49.47 33.47 -22.02
C GLU A 122 -49.68 34.45 -20.87
N VAL A 123 -48.61 34.95 -20.25
CA VAL A 123 -48.71 35.87 -19.13
C VAL A 123 -47.98 37.16 -19.50
N SER A 124 -48.63 38.29 -19.26
CA SER A 124 -47.95 39.57 -19.34
C SER A 124 -47.25 39.90 -18.02
N ALA A 125 -47.76 39.39 -16.91
CA ALA A 125 -47.14 39.51 -15.60
C ALA A 125 -47.26 38.18 -14.88
N LEU A 126 -46.18 37.77 -14.22
CA LEU A 126 -46.19 36.53 -13.44
C LEU A 126 -45.16 36.69 -12.33
N LYS A 127 -45.63 37.01 -11.13
CA LYS A 127 -44.78 37.24 -9.98
C LYS A 127 -45.15 36.27 -8.87
N LEU A 128 -44.26 35.34 -8.56
CA LEU A 128 -44.45 34.46 -7.42
C LEU A 128 -44.30 35.26 -6.13
N LEU A 129 -45.41 35.49 -5.44
CA LEU A 129 -45.40 36.36 -4.27
C LEU A 129 -45.05 35.63 -2.98
N ASP A 130 -45.51 34.39 -2.84
CA ASP A 130 -45.27 33.63 -1.62
C ASP A 130 -45.40 32.16 -1.91
N VAL A 131 -44.71 31.36 -1.11
CA VAL A 131 -44.81 29.90 -1.16
C VAL A 131 -45.02 29.39 0.26
N TRP A 132 -45.68 28.25 0.37
CA TRP A 132 -45.94 27.61 1.65
C TRP A 132 -45.43 26.17 1.60
N PHE A 133 -44.47 25.86 2.46
CA PHE A 133 -43.89 24.52 2.49
C PHE A 133 -44.60 23.69 3.55
N PRO A 134 -45.18 22.55 3.21
CA PRO A 134 -45.71 21.64 4.23
C PRO A 134 -44.58 20.96 4.99
N PRO A 135 -44.83 20.54 6.23
CA PRO A 135 -43.76 19.88 7.01
C PRO A 135 -43.20 18.64 6.35
N ALA A 136 -44.05 17.84 5.70
CA ALA A 136 -43.56 16.64 5.03
C ALA A 136 -42.57 16.99 3.93
N MET A 137 -42.85 18.06 3.18
CA MET A 137 -41.89 18.55 2.20
C MET A 137 -40.66 19.13 2.88
N LEU A 138 -40.86 19.90 3.96
CA LEU A 138 -39.73 20.49 4.67
C LEU A 138 -38.76 19.44 5.18
N GLU A 139 -39.24 18.21 5.41
CA GLU A 139 -38.36 17.14 5.84
C GLU A 139 -37.27 16.84 4.82
N GLN A 140 -37.56 17.02 3.53
CA GLN A 140 -36.61 16.64 2.49
C GLN A 140 -35.42 17.58 2.39
N TYR A 141 -35.46 18.74 3.02
CA TYR A 141 -34.47 19.78 2.81
C TYR A 141 -33.71 20.07 4.09
N ASP A 142 -32.44 20.44 3.92
CA ASP A 142 -31.54 20.62 5.06
C ASP A 142 -31.97 21.79 5.93
N GLY A 143 -32.17 22.96 5.33
CA GLY A 143 -32.28 24.19 6.08
C GLY A 143 -30.91 24.61 6.57
N PRO A 144 -30.83 25.74 7.26
CA PRO A 144 -29.54 26.16 7.81
C PRO A 144 -29.08 25.23 8.92
N SER A 145 -27.77 25.04 9.01
CA SER A 145 -27.15 24.31 10.11
C SER A 145 -26.29 25.20 10.99
N TYR A 146 -25.79 26.29 10.44
CA TYR A 146 -25.09 27.32 11.20
C TYR A 146 -25.94 28.58 11.19
N THR A 147 -26.05 29.23 12.34
CA THR A 147 -27.00 30.32 12.48
C THR A 147 -26.29 31.55 13.02
N LEU A 148 -27.03 32.65 13.07
CA LEU A 148 -26.52 33.87 13.70
C LEU A 148 -26.26 33.64 15.19
N ASP A 149 -26.97 32.72 15.81
CA ASP A 149 -26.72 32.39 17.21
C ASP A 149 -25.35 31.74 17.38
N ASP A 150 -24.95 30.89 16.42
CA ASP A 150 -23.61 30.30 16.48
C ASP A 150 -22.53 31.37 16.34
N MET A 151 -22.73 32.32 15.43
CA MET A 151 -21.78 33.41 15.29
C MET A 151 -21.77 34.30 16.53
N ARG A 152 -22.93 34.48 17.17
CA ARG A 152 -23.00 35.22 18.42
C ARG A 152 -22.22 34.51 19.52
N LYS A 153 -22.33 33.18 19.58
CA LYS A 153 -21.59 32.41 20.57
C LYS A 153 -20.09 32.52 20.33
N TYR A 154 -19.66 32.45 19.07
CA TYR A 154 -18.24 32.63 18.77
C TYR A 154 -17.77 34.03 19.14
N LEU A 155 -18.57 35.05 18.80
CA LEU A 155 -18.17 36.43 19.01
C LEU A 155 -18.37 36.89 20.45
N ASN A 156 -19.14 36.14 21.23
CA ASN A 156 -19.57 36.55 22.57
C ASN A 156 -20.22 37.94 22.46
N VAL A 157 -21.12 38.07 21.50
CA VAL A 157 -21.86 39.30 21.26
C VAL A 157 -23.34 38.98 21.35
N TYR A 158 -24.05 39.70 22.22
CA TYR A 158 -25.49 39.54 22.38
C TYR A 158 -26.09 40.91 22.66
N ASP A 159 -27.42 40.97 22.65
CA ASP A 159 -28.22 42.15 22.99
C ASP A 159 -28.08 43.28 21.99
N ARG A 160 -27.27 43.12 20.95
CA ARG A 160 -27.12 44.11 19.90
C ARG A 160 -26.99 43.40 18.56
N PRO A 161 -27.35 44.06 17.46
CA PRO A 161 -27.12 43.46 16.15
C PRO A 161 -25.63 43.33 15.85
N ILE A 162 -25.28 42.30 15.08
CA ILE A 162 -23.91 42.12 14.66
C ILE A 162 -23.55 43.27 13.71
N LEU A 163 -22.47 43.97 14.03
CA LEU A 163 -22.07 45.14 13.26
C LEU A 163 -21.10 44.70 12.16
N GLY A 164 -21.46 45.01 10.91
CA GLY A 164 -20.67 44.59 9.77
C GLY A 164 -20.35 45.77 8.88
N THR A 165 -19.43 45.54 7.95
CA THR A 165 -19.03 46.57 7.02
C THR A 165 -18.64 45.95 5.68
N ILE A 166 -18.75 46.77 4.64
CA ILE A 166 -18.12 46.51 3.36
C ILE A 166 -16.93 47.45 3.25
N ILE A 167 -15.87 46.98 2.60
CA ILE A 167 -14.67 47.78 2.41
C ILE A 167 -14.85 48.65 1.18
N LYS A 168 -14.56 49.93 1.32
CA LYS A 168 -14.61 50.90 0.24
C LYS A 168 -13.21 51.40 -0.06
N PRO A 169 -12.74 51.37 -1.32
CA PRO A 169 -13.42 50.91 -2.54
C PRO A 169 -13.77 49.42 -2.54
N LYS A 170 -14.84 49.05 -3.25
CA LYS A 170 -15.24 47.66 -3.36
C LYS A 170 -14.11 46.81 -3.92
N MET A 171 -13.49 47.28 -5.00
CA MET A 171 -12.44 46.55 -5.70
C MET A 171 -11.31 47.52 -6.01
N GLY A 172 -10.22 46.96 -6.53
CA GLY A 172 -9.05 47.75 -6.86
C GLY A 172 -8.07 47.96 -5.72
N LEU A 173 -8.37 47.44 -4.53
CA LEU A 173 -7.42 47.48 -3.43
C LEU A 173 -6.55 46.23 -3.44
N THR A 174 -5.36 46.37 -2.90
CA THR A 174 -4.48 45.23 -2.75
C THR A 174 -4.91 44.38 -1.56
N SER A 175 -4.34 43.19 -1.45
CA SER A 175 -4.61 42.34 -0.28
C SER A 175 -4.27 43.07 1.01
N ALA A 176 -3.12 43.75 1.04
CA ALA A 176 -2.73 44.47 2.23
C ALA A 176 -3.65 45.65 2.51
N GLU A 177 -4.04 46.40 1.47
CA GLU A 177 -4.94 47.53 1.67
C GLU A 177 -6.31 47.07 2.18
N TYR A 178 -6.85 46.02 1.57
CA TYR A 178 -8.13 45.49 2.00
C TYR A 178 -8.05 44.98 3.43
N ALA A 179 -6.99 44.25 3.76
CA ALA A 179 -6.81 43.75 5.12
C ALA A 179 -6.66 44.89 6.11
N GLU A 180 -5.97 45.96 5.71
CA GLU A 180 -5.81 47.12 6.58
C GLU A 180 -7.15 47.79 6.86
N ALA A 181 -7.98 47.96 5.84
CA ALA A 181 -9.31 48.54 6.05
C ALA A 181 -10.17 47.64 6.93
N ALA A 182 -10.10 46.32 6.71
CA ALA A 182 -10.84 45.39 7.55
C ALA A 182 -10.38 45.48 9.00
N TYR A 183 -9.06 45.56 9.22
CA TYR A 183 -8.52 45.71 10.57
C TYR A 183 -8.96 47.02 11.19
N ASP A 184 -9.00 48.10 10.41
CA ASP A 184 -9.45 49.38 10.94
C ASP A 184 -10.88 49.26 11.45
N PHE A 185 -11.77 48.67 10.65
CA PHE A 185 -13.14 48.51 11.11
C PHE A 185 -13.23 47.60 12.33
N TRP A 186 -12.47 46.49 12.32
CA TRP A 186 -12.53 45.54 13.42
C TRP A 186 -12.05 46.17 14.73
N VAL A 187 -10.88 46.82 14.69
CA VAL A 187 -10.33 47.46 15.87
C VAL A 187 -11.17 48.66 16.30
N GLY A 188 -11.96 49.22 15.38
CA GLY A 188 -12.92 50.23 15.80
C GLY A 188 -14.08 49.68 16.60
N GLY A 189 -14.17 48.36 16.75
CA GLY A 189 -15.25 47.72 17.47
C GLY A 189 -16.17 46.89 16.61
N GLY A 190 -16.09 47.03 15.29
CA GLY A 190 -16.94 46.24 14.43
C GLY A 190 -16.57 44.77 14.45
N ASP A 191 -17.60 43.92 14.37
CA ASP A 191 -17.42 42.48 14.47
C ASP A 191 -17.28 41.78 13.13
N PHE A 192 -17.82 42.36 12.05
CA PHE A 192 -18.05 41.63 10.81
C PHE A 192 -17.50 42.41 9.63
N VAL A 193 -16.71 41.75 8.79
CA VAL A 193 -16.24 42.33 7.55
C VAL A 193 -16.49 41.34 6.43
N KCX A 194 -17.03 41.80 5.31
CA KCX A 194 -17.32 40.91 4.19
CB KCX A 194 -18.82 40.91 3.88
CG KCX A 194 -19.38 42.26 3.52
CD KCX A 194 -20.86 42.18 3.20
CE KCX A 194 -21.12 41.30 1.99
NZ KCX A 194 -20.42 41.81 0.77
C KCX A 194 -16.52 41.28 2.95
O KCX A 194 -16.29 42.46 2.67
CX KCX A 194 -20.96 42.78 0.05
OQ1 KCX A 194 -22.06 43.25 0.36
OQ2 KCX A 194 -20.38 43.20 -0.95
N ASN A 195 -16.10 40.26 2.20
CA ASN A 195 -15.59 40.47 0.86
C ASN A 195 -16.70 41.07 0.01
N ASP A 196 -16.32 41.91 -0.95
CA ASP A 196 -17.28 42.33 -1.96
C ASP A 196 -17.77 41.11 -2.72
N GLU A 197 -19.04 41.14 -3.11
CA GLU A 197 -19.63 39.95 -3.75
C GLU A 197 -18.91 39.51 -5.02
N PRO A 198 -18.25 40.35 -5.81
CA PRO A 198 -17.36 39.84 -6.87
C PRO A 198 -15.89 39.76 -6.48
N GLN A 199 -15.53 40.02 -5.22
CA GLN A 199 -14.14 39.97 -4.79
C GLN A 199 -13.68 38.53 -4.76
N ALA A 200 -12.67 38.22 -5.57
CA ALA A 200 -12.20 36.86 -5.79
C ALA A 200 -10.72 36.91 -6.11
N ASN A 201 -10.20 35.86 -6.74
CA ASN A 201 -8.80 35.81 -7.11
C ASN A 201 -8.48 36.76 -8.27
N GLN A 202 -8.58 38.06 -8.02
CA GLN A 202 -8.15 39.05 -9.00
C GLN A 202 -6.62 39.15 -9.00
N ASP A 203 -6.07 39.56 -10.15
CA ASP A 203 -4.62 39.59 -10.29
C ASP A 203 -3.97 40.61 -9.37
N PHE A 204 -4.66 41.71 -9.05
CA PHE A 204 -4.10 42.73 -8.18
C PHE A 204 -4.41 42.50 -6.72
N CYS A 205 -5.37 41.64 -6.41
CA CYS A 205 -5.67 41.23 -5.04
C CYS A 205 -5.81 39.72 -5.02
N PRO A 206 -4.69 38.99 -5.11
CA PRO A 206 -4.76 37.53 -5.20
C PRO A 206 -5.47 36.93 -4.00
N TYR A 207 -6.21 35.85 -4.25
CA TYR A 207 -7.09 35.30 -3.23
C TYR A 207 -6.30 34.77 -2.03
N ASP A 208 -5.25 34.00 -2.29
CA ASP A 208 -4.47 33.43 -1.19
C ASP A 208 -3.80 34.52 -0.35
N LYS A 209 -3.24 35.53 -1.02
CA LYS A 209 -2.65 36.65 -0.31
C LYS A 209 -3.71 37.43 0.46
N MET A 210 -4.89 37.59 -0.12
CA MET A 210 -5.97 38.28 0.60
C MET A 210 -6.35 37.51 1.85
N VAL A 211 -6.43 36.18 1.75
CA VAL A 211 -6.80 35.36 2.90
C VAL A 211 -5.75 35.48 4.00
N ARG A 212 -4.46 35.37 3.63
CA ARG A 212 -3.40 35.50 4.64
C ARG A 212 -3.39 36.88 5.27
N ASN A 213 -3.55 37.93 4.46
CA ASN A 213 -3.51 39.28 5.00
C ASN A 213 -4.71 39.55 5.90
N VAL A 214 -5.88 39.01 5.54
CA VAL A 214 -7.06 39.16 6.39
C VAL A 214 -6.88 38.40 7.69
N LYS A 215 -6.25 37.22 7.63
CA LYS A 215 -5.97 36.47 8.85
C LYS A 215 -5.06 37.26 9.77
N ALA A 216 -4.00 37.87 9.21
CA ALA A 216 -3.11 38.68 10.03
C ALA A 216 -3.83 39.89 10.62
N ALA A 217 -4.65 40.56 9.80
CA ALA A 217 -5.37 41.74 10.29
C ALA A 217 -6.36 41.36 11.38
N MET A 218 -7.06 40.24 11.22
CA MET A 218 -8.00 39.80 12.23
C MET A 218 -7.29 39.40 13.52
N ASP A 219 -6.14 38.74 13.41
CA ASP A 219 -5.35 38.41 14.59
C ASP A 219 -4.95 39.68 15.33
N LYS A 220 -4.46 40.67 14.60
CA LYS A 220 -4.04 41.93 15.24
C LYS A 220 -5.24 42.63 15.87
N ALA A 221 -6.39 42.63 15.20
CA ALA A 221 -7.57 43.28 15.77
C ALA A 221 -8.03 42.57 17.03
N VAL A 222 -7.96 41.24 17.05
CA VAL A 222 -8.34 40.48 18.23
C VAL A 222 -7.40 40.78 19.39
N LYS A 223 -6.11 40.87 19.12
CA LYS A 223 -5.16 41.20 20.20
C LYS A 223 -5.40 42.60 20.75
N GLU A 224 -5.52 43.60 19.87
CA GLU A 224 -5.77 44.95 20.35
C GLU A 224 -7.17 45.16 20.91
N THR A 225 -8.09 44.22 20.70
CA THR A 225 -9.45 44.38 21.23
C THR A 225 -9.83 43.36 22.29
N GLY A 226 -9.27 42.14 22.23
CA GLY A 226 -9.74 41.04 23.03
C GLY A 226 -10.99 40.38 22.50
N ASN A 227 -11.79 41.08 21.71
CA ASN A 227 -13.02 40.55 21.13
C ASN A 227 -12.72 39.83 19.83
N LYS A 228 -13.41 38.71 19.61
CA LYS A 228 -13.25 37.96 18.38
C LYS A 228 -13.87 38.73 17.20
N LYS A 229 -13.43 38.39 16.00
CA LYS A 229 -13.89 39.05 14.79
C LYS A 229 -14.24 38.00 13.74
N VAL A 230 -15.13 38.37 12.82
CA VAL A 230 -15.59 37.48 11.76
C VAL A 230 -15.38 38.16 10.42
N HIS A 231 -14.77 37.43 9.48
CA HIS A 231 -14.66 37.88 8.11
C HIS A 231 -15.45 36.95 7.18
N SER A 232 -16.16 37.55 6.23
CA SER A 232 -16.94 36.82 5.25
C SER A 232 -16.19 36.78 3.92
N PHE A 233 -15.73 35.60 3.55
CA PHE A 233 -14.94 35.40 2.34
C PHE A 233 -15.84 34.98 1.19
N ASN A 234 -15.78 35.72 0.09
CA ASN A 234 -16.48 35.31 -1.12
C ASN A 234 -15.79 34.09 -1.72
N VAL A 235 -16.52 32.97 -1.77
CA VAL A 235 -16.01 31.73 -2.34
C VAL A 235 -16.69 31.41 -3.66
N SER A 236 -17.45 32.35 -4.22
CA SER A 236 -18.02 32.18 -5.55
C SER A 236 -16.89 32.12 -6.57
N ALA A 237 -16.83 31.04 -7.33
CA ALA A 237 -15.73 30.77 -8.23
C ALA A 237 -16.27 30.36 -9.59
N ALA A 238 -15.36 29.99 -10.50
CA ALA A 238 -15.79 29.54 -11.82
C ALA A 238 -16.49 28.20 -11.74
N ASP A 239 -16.00 27.28 -10.91
CA ASP A 239 -16.52 25.92 -10.89
C ASP A 239 -16.50 25.38 -9.47
N PHE A 240 -17.00 24.15 -9.34
CA PHE A 240 -17.07 23.46 -8.05
C PHE A 240 -15.69 23.31 -7.43
N ASP A 241 -14.70 22.90 -8.23
CA ASP A 241 -13.36 22.64 -7.70
C ASP A 241 -12.71 23.91 -7.18
N THR A 242 -12.83 25.02 -7.91
CA THR A 242 -12.21 26.27 -7.47
C THR A 242 -12.85 26.77 -6.19
N MET A 243 -14.18 26.65 -6.09
CA MET A 243 -14.88 27.01 -4.86
C MET A 243 -14.38 26.18 -3.68
N ILE A 244 -14.28 24.87 -3.86
CA ILE A 244 -13.84 24.02 -2.75
C ILE A 244 -12.39 24.34 -2.40
N GLU A 245 -11.57 24.64 -3.41
CA GLU A 245 -10.17 24.99 -3.15
C GLU A 245 -10.08 26.27 -2.33
N ARG A 246 -10.89 27.28 -2.66
CA ARG A 246 -10.85 28.53 -1.92
C ARG A 246 -11.37 28.33 -0.49
N CYS A 247 -12.41 27.50 -0.33
CA CYS A 247 -12.91 27.20 1.00
C CYS A 247 -11.86 26.50 1.85
N GLU A 248 -11.19 25.49 1.27
CA GLU A 248 -10.14 24.77 1.99
C GLU A 248 -8.97 25.69 2.31
N LEU A 249 -8.64 26.61 1.41
CA LEU A 249 -7.58 27.57 1.67
C LEU A 249 -7.93 28.47 2.84
N ILE A 250 -9.19 28.88 2.94
CA ILE A 250 -9.63 29.63 4.12
C ILE A 250 -9.48 28.75 5.37
N ARG A 251 -9.90 27.49 5.28
CA ARG A 251 -9.83 26.60 6.44
C ARG A 251 -8.39 26.39 6.89
N ASN A 252 -7.48 26.17 5.95
CA ASN A 252 -6.09 25.86 6.25
C ASN A 252 -5.21 27.09 6.34
N ALA A 253 -5.80 28.27 6.52
CA ALA A 253 -5.03 29.50 6.60
C ALA A 253 -4.07 29.49 7.80
N GLY A 254 -4.53 29.08 8.98
CA GLY A 254 -5.83 28.61 9.43
C GLY A 254 -6.51 29.49 10.45
N PHE A 255 -7.72 29.94 10.10
CA PHE A 255 -8.52 30.72 11.02
C PHE A 255 -9.05 29.83 12.14
N GLU A 256 -9.35 30.46 13.27
CA GLU A 256 -10.08 29.76 14.32
C GLU A 256 -11.51 29.53 13.85
N PRO A 257 -12.10 28.36 14.14
CA PRO A 257 -13.46 28.09 13.68
C PRO A 257 -14.45 29.12 14.22
N GLY A 258 -15.36 29.54 13.35
CA GLY A 258 -16.29 30.60 13.64
C GLY A 258 -15.86 31.98 13.20
N SER A 259 -14.56 32.17 12.94
CA SER A 259 -14.06 33.49 12.54
C SER A 259 -14.27 33.78 11.06
N TYR A 260 -14.55 32.77 10.25
CA TYR A 260 -14.73 32.96 8.82
C TYR A 260 -16.12 32.52 8.40
N ALA A 261 -16.72 33.29 7.50
CA ALA A 261 -17.99 32.95 6.86
C ALA A 261 -17.75 32.83 5.37
N PHE A 262 -18.39 31.84 4.75
CA PHE A 262 -18.30 31.64 3.31
C PHE A 262 -19.41 32.44 2.63
N LEU A 263 -19.02 33.44 1.85
CA LEU A 263 -19.96 34.21 1.05
C LEU A 263 -20.12 33.55 -0.31
N ILE A 264 -21.36 33.40 -0.75
CA ILE A 264 -21.67 32.84 -2.05
C ILE A 264 -22.67 33.75 -2.75
N ASP A 265 -22.42 34.01 -4.03
CA ASP A 265 -23.37 34.74 -4.87
C ASP A 265 -24.46 33.76 -5.29
N GLY A 266 -25.51 33.66 -4.48
CA GLY A 266 -26.50 32.61 -4.68
C GLY A 266 -27.20 32.69 -6.02
N ILE A 267 -27.37 33.90 -6.56
CA ILE A 267 -28.06 34.04 -7.84
C ILE A 267 -27.13 33.72 -9.00
N THR A 268 -26.02 34.44 -9.12
CA THR A 268 -25.13 34.24 -10.25
C THR A 268 -24.43 32.89 -10.18
N ALA A 269 -23.84 32.56 -9.02
CA ALA A 269 -23.15 31.29 -8.89
C ALA A 269 -24.12 30.12 -8.86
N GLY A 270 -25.33 30.34 -8.38
CA GLY A 270 -26.38 29.35 -8.47
C GLY A 270 -26.70 28.70 -7.13
N TRP A 271 -27.89 28.10 -7.09
CA TRP A 271 -28.36 27.45 -5.87
C TRP A 271 -27.59 26.18 -5.58
N MET A 272 -27.03 25.54 -6.61
CA MET A 272 -26.22 24.35 -6.38
C MET A 272 -24.99 24.67 -5.55
N ALA A 273 -24.37 25.83 -5.79
CA ALA A 273 -23.22 26.24 -5.00
C ALA A 273 -23.62 26.47 -3.54
N VAL A 274 -24.78 27.08 -3.32
CA VAL A 274 -25.25 27.33 -1.96
C VAL A 274 -25.46 26.00 -1.24
N GLN A 275 -26.14 25.06 -1.89
CA GLN A 275 -26.39 23.77 -1.26
C GLN A 275 -25.11 22.99 -1.03
N THR A 276 -24.16 23.08 -1.98
CA THR A 276 -22.88 22.40 -1.81
C THR A 276 -22.11 22.98 -0.63
N LEU A 277 -22.10 24.31 -0.47
CA LEU A 277 -21.46 24.92 0.69
C LEU A 277 -22.15 24.49 1.97
N ARG A 278 -23.48 24.42 1.97
CA ARG A 278 -24.22 24.03 3.16
C ARG A 278 -23.88 22.60 3.57
N ARG A 279 -23.80 21.69 2.60
CA ARG A 279 -23.59 20.28 2.92
C ARG A 279 -22.13 19.93 3.16
N LYS A 280 -21.21 20.66 2.53
CA LYS A 280 -19.79 20.39 2.75
C LYS A 280 -19.26 21.11 3.99
N TYR A 281 -19.85 22.25 4.34
CA TYR A 281 -19.41 23.05 5.48
C TYR A 281 -20.60 23.42 6.34
N PRO A 282 -21.22 22.44 7.01
CA PRO A 282 -22.34 22.75 7.91
C PRO A 282 -21.94 23.56 9.12
N ASP A 283 -20.66 23.57 9.48
CA ASP A 283 -20.16 24.29 10.64
C ASP A 283 -19.70 25.70 10.29
N VAL A 284 -19.95 26.16 9.06
CA VAL A 284 -19.54 27.48 8.62
C VAL A 284 -20.78 28.29 8.28
N PHE A 285 -20.77 29.57 8.64
CA PHE A 285 -21.83 30.47 8.25
C PHE A 285 -21.88 30.63 6.74
N ILE A 286 -23.01 30.28 6.14
CA ILE A 286 -23.20 30.38 4.70
C ILE A 286 -23.83 31.74 4.42
N HIS A 287 -23.03 32.66 3.92
CA HIS A 287 -23.46 34.03 3.65
C HIS A 287 -24.00 34.08 2.22
N PHE A 288 -25.33 34.15 2.09
CA PHE A 288 -25.99 34.19 0.79
C PHE A 288 -26.04 35.63 0.32
N HIS A 289 -25.22 35.95 -0.68
CA HIS A 289 -25.32 37.24 -1.35
C HIS A 289 -26.24 37.09 -2.55
N ARG A 290 -27.22 37.98 -2.66
CA ARG A 290 -28.25 37.89 -3.67
C ARG A 290 -28.01 38.82 -4.85
N ALA A 291 -26.75 39.11 -5.18
CA ALA A 291 -26.46 39.94 -6.33
C ALA A 291 -27.04 39.33 -7.60
N GLY A 292 -27.78 40.14 -8.35
CA GLY A 292 -28.50 39.68 -9.52
C GLY A 292 -29.97 39.40 -9.30
N HIS A 293 -30.42 39.38 -8.04
CA HIS A 293 -31.81 39.09 -7.72
C HIS A 293 -32.77 40.14 -8.26
N GLY A 294 -32.28 41.33 -8.60
CA GLY A 294 -33.17 42.42 -8.98
C GLY A 294 -34.07 42.09 -10.15
N SER A 295 -33.61 41.24 -11.06
CA SER A 295 -34.46 40.84 -12.18
C SER A 295 -35.70 40.11 -11.69
N PHE A 296 -35.55 39.23 -10.71
CA PHE A 296 -36.69 38.51 -10.17
C PHE A 296 -37.53 39.41 -9.27
N THR A 297 -36.88 40.20 -8.41
CA THR A 297 -37.55 40.75 -7.23
C THR A 297 -37.97 42.20 -7.36
N ARG A 298 -37.45 42.95 -8.33
CA ARG A 298 -37.75 44.38 -8.40
C ARG A 298 -39.22 44.60 -8.70
N PRO A 299 -39.90 45.51 -8.00
CA PRO A 299 -41.31 45.79 -8.31
C PRO A 299 -41.53 46.30 -9.72
N GLU A 300 -40.54 46.97 -10.32
CA GLU A 300 -40.67 47.41 -11.70
C GLU A 300 -40.74 46.23 -12.67
N ASN A 301 -40.34 45.04 -12.24
CA ASN A 301 -40.38 43.86 -13.08
C ASN A 301 -41.66 43.09 -12.81
N PRO A 302 -42.62 43.07 -13.74
CA PRO A 302 -43.85 42.29 -13.51
C PRO A 302 -43.61 40.79 -13.43
N ILE A 303 -42.51 40.29 -13.97
CA ILE A 303 -42.25 38.86 -14.05
C ILE A 303 -41.07 38.53 -13.14
N GLY A 304 -41.28 37.58 -12.24
CA GLY A 304 -40.22 37.16 -11.32
C GLY A 304 -40.81 36.52 -10.08
N PHE A 305 -40.10 36.68 -8.97
CA PHE A 305 -40.59 36.27 -7.67
C PHE A 305 -40.15 37.29 -6.62
N SER A 306 -40.87 37.32 -5.51
CA SER A 306 -40.66 38.32 -4.49
C SER A 306 -39.39 38.06 -3.69
N VAL A 307 -38.96 39.07 -2.93
CA VAL A 307 -37.83 38.91 -2.03
C VAL A 307 -38.15 37.91 -0.93
N LEU A 308 -39.41 37.86 -0.50
CA LEU A 308 -39.82 36.87 0.50
C LEU A 308 -39.61 35.45 -0.01
N VAL A 309 -39.98 35.20 -1.26
CA VAL A 309 -39.76 33.88 -1.85
C VAL A 309 -38.28 33.56 -1.90
N LEU A 310 -37.46 34.53 -2.32
CA LEU A 310 -36.02 34.32 -2.39
C LEU A 310 -35.43 33.99 -1.03
N SER A 311 -35.84 34.73 0.01
CA SER A 311 -35.33 34.46 1.34
C SER A 311 -35.79 33.10 1.86
N LYS A 312 -37.04 32.72 1.59
CA LYS A 312 -37.54 31.43 2.01
C LYS A 312 -36.77 30.29 1.34
N PHE A 313 -36.51 30.41 0.04
CA PHE A 313 -35.76 29.37 -0.64
C PHE A 313 -34.29 29.37 -0.24
N ALA A 314 -33.74 30.53 0.11
CA ALA A 314 -32.38 30.57 0.65
C ALA A 314 -32.30 29.83 1.98
N ARG A 315 -33.29 30.05 2.85
CA ARG A 315 -33.36 29.31 4.10
C ARG A 315 -33.51 27.81 3.85
N LEU A 316 -34.36 27.44 2.88
CA LEU A 316 -34.53 26.03 2.55
C LEU A 316 -33.24 25.41 2.05
N ALA A 317 -32.48 26.15 1.25
CA ALA A 317 -31.23 25.64 0.70
C ALA A 317 -30.14 25.49 1.74
N GLY A 318 -30.28 26.14 2.89
CA GLY A 318 -29.31 26.04 3.94
C GLY A 318 -28.44 27.26 4.17
N ALA A 319 -28.83 28.42 3.65
CA ALA A 319 -28.04 29.63 3.86
C ALA A 319 -28.19 30.11 5.30
N SER A 320 -27.06 30.40 5.95
CA SER A 320 -27.10 30.91 7.31
C SER A 320 -27.68 32.32 7.36
N GLY A 321 -27.37 33.14 6.37
CA GLY A 321 -27.89 34.48 6.31
C GLY A 321 -28.00 34.94 4.88
N ILE A 322 -28.93 35.87 4.64
CA ILE A 322 -29.18 36.42 3.32
C ILE A 322 -29.42 37.91 3.44
N HIS A 323 -28.98 38.66 2.43
CA HIS A 323 -29.16 40.10 2.43
C HIS A 323 -30.63 40.47 2.32
N THR A 324 -31.00 41.56 2.99
CA THR A 324 -32.37 42.07 2.94
C THR A 324 -32.47 43.54 2.55
N GLY A 325 -31.46 44.36 2.80
CA GLY A 325 -31.50 45.77 2.43
C GLY A 325 -31.89 46.69 3.57
N HIS A 354 -46.97 37.31 4.43
CA HIS A 354 -47.50 38.19 3.40
C HIS A 354 -48.77 37.61 2.79
N PHE A 355 -48.69 36.35 2.37
CA PHE A 355 -49.83 35.64 1.81
C PHE A 355 -50.10 34.29 2.45
N PHE A 356 -49.11 33.69 3.12
CA PHE A 356 -49.29 32.41 3.78
C PHE A 356 -48.88 32.55 5.24
N GLU A 357 -49.54 31.78 6.10
CA GLU A 357 -49.15 31.68 7.51
C GLU A 357 -48.15 30.53 7.63
N GLN A 358 -46.90 30.84 7.32
CA GLN A 358 -45.86 29.83 7.20
C GLN A 358 -45.14 29.64 8.53
N GLU A 359 -45.20 28.42 9.05
CA GLU A 359 -44.41 28.01 10.21
C GLU A 359 -43.33 27.06 9.73
N TRP A 360 -42.09 27.30 10.14
CA TRP A 360 -40.95 26.57 9.60
C TRP A 360 -40.59 25.33 10.41
N SER A 361 -41.58 24.72 11.05
CA SER A 361 -41.57 23.29 11.33
C SER A 361 -42.45 22.61 10.28
N LYS A 362 -42.16 21.36 9.93
CA LYS A 362 -41.43 20.15 10.35
C LYS A 362 -42.22 19.42 11.43
N ILE A 363 -43.28 20.07 11.94
CA ILE A 363 -44.31 19.43 12.71
C ILE A 363 -45.63 20.11 12.35
N PHE A 364 -46.71 19.33 12.35
CA PHE A 364 -48.02 19.88 12.05
C PHE A 364 -48.57 20.61 13.27
N TRP A 389 -34.15 19.50 15.78
CA TRP A 389 -34.91 18.54 15.00
C TRP A 389 -36.36 18.97 14.83
N ARG A 390 -36.84 19.79 15.78
CA ARG A 390 -38.24 20.18 15.78
C ARG A 390 -38.60 20.98 14.53
N GLY A 391 -37.72 21.87 14.09
CA GLY A 391 -38.01 22.72 12.96
C GLY A 391 -36.79 23.08 12.13
N VAL A 392 -36.93 24.12 11.33
CA VAL A 392 -35.86 24.61 10.46
C VAL A 392 -35.20 25.81 11.13
N LYS A 393 -33.88 25.81 11.14
CA LYS A 393 -33.14 26.90 11.76
C LYS A 393 -33.34 28.20 10.99
N LYS A 394 -33.10 29.31 11.69
CA LYS A 394 -33.41 30.63 11.16
C LYS A 394 -32.35 31.06 10.14
N CYS A 395 -32.79 31.86 9.17
CA CYS A 395 -31.89 32.51 8.23
C CYS A 395 -31.76 33.98 8.65
N CYS A 396 -30.55 34.38 9.01
CA CYS A 396 -30.34 35.71 9.57
C CYS A 396 -30.48 36.78 8.49
N PRO A 397 -31.26 37.83 8.72
CA PRO A 397 -31.25 38.96 7.79
C PRO A 397 -29.91 39.69 7.84
N ILE A 398 -29.46 40.16 6.68
CA ILE A 398 -28.22 40.92 6.56
C ILE A 398 -28.57 42.26 5.93
N ILE A 399 -28.30 43.35 6.65
CA ILE A 399 -28.69 44.69 6.24
C ILE A 399 -27.50 45.37 5.60
N SER A 400 -27.74 46.02 4.46
CA SER A 400 -26.69 46.66 3.68
C SER A 400 -27.09 48.07 3.33
N GLY A 401 -26.18 49.03 3.54
CA GLY A 401 -26.34 50.37 3.02
C GLY A 401 -26.57 51.47 4.03
N GLY A 402 -25.53 52.20 4.36
CA GLY A 402 -25.64 53.49 5.04
C GLY A 402 -26.34 53.51 6.39
N LEU A 403 -25.99 52.61 7.30
CA LEU A 403 -26.58 52.59 8.63
C LEU A 403 -25.59 53.20 9.62
N ASN A 404 -25.66 54.52 9.76
CA ASN A 404 -24.88 55.26 10.74
C ASN A 404 -25.49 55.12 12.13
N PRO A 405 -24.74 55.46 13.19
CA PRO A 405 -25.31 55.35 14.54
C PRO A 405 -26.56 56.19 14.76
N THR A 406 -26.72 57.29 14.01
CA THR A 406 -27.90 58.13 14.18
C THR A 406 -29.18 57.37 13.83
N LEU A 407 -29.14 56.57 12.78
CA LEU A 407 -30.30 55.81 12.32
C LEU A 407 -30.35 54.40 12.89
N LEU A 408 -29.44 54.05 13.80
CA LEU A 408 -29.38 52.68 14.29
C LEU A 408 -30.61 52.33 15.13
N LYS A 409 -30.95 53.18 16.09
CA LYS A 409 -32.10 52.90 16.95
C LYS A 409 -33.42 52.79 16.19
N PRO A 410 -33.78 53.72 15.30
CA PRO A 410 -35.03 53.55 14.54
C PRO A 410 -35.07 52.28 13.72
N PHE A 411 -33.93 51.87 13.16
CA PHE A 411 -33.91 50.62 12.38
C PHE A 411 -34.17 49.41 13.26
N ILE A 412 -33.56 49.37 14.45
CA ILE A 412 -33.80 48.27 15.37
C ILE A 412 -35.27 48.27 15.80
N ASP A 413 -35.85 49.45 15.98
CA ASP A 413 -37.27 49.53 16.30
C ASP A 413 -38.12 48.98 15.17
N VAL A 414 -37.74 49.29 13.92
CA VAL A 414 -38.51 48.81 12.76
C VAL A 414 -38.41 47.29 12.65
N MET A 415 -37.20 46.75 12.76
CA MET A 415 -37.02 45.31 12.61
C MET A 415 -37.75 44.55 13.71
N GLY A 416 -37.70 45.06 14.94
CA GLY A 416 -38.34 44.41 16.07
C GLY A 416 -37.44 43.50 16.87
N ASN A 417 -36.21 43.26 16.42
CA ASN A 417 -35.27 42.42 17.15
C ASN A 417 -33.86 42.85 16.75
N ILE A 418 -32.87 42.32 17.49
CA ILE A 418 -31.47 42.62 17.24
C ILE A 418 -30.76 41.44 16.58
N ASP A 419 -31.52 40.52 15.99
CA ASP A 419 -30.95 39.30 15.41
C ASP A 419 -30.74 39.50 13.92
N PHE A 420 -29.76 40.35 13.59
CA PHE A 420 -29.40 40.58 12.21
C PHE A 420 -28.00 41.18 12.15
N ILE A 421 -27.31 40.90 11.04
CA ILE A 421 -26.05 41.54 10.71
C ILE A 421 -26.36 42.78 9.87
N THR A 422 -25.64 43.86 10.13
CA THR A 422 -25.86 45.12 9.41
C THR A 422 -24.51 45.60 8.85
N THR A 423 -24.30 45.34 7.55
CA THR A 423 -23.07 45.76 6.86
C THR A 423 -23.28 47.17 6.33
N MET A 424 -22.64 48.15 6.97
CA MET A 424 -22.80 49.54 6.56
C MET A 424 -22.10 49.79 5.23
N GLY A 425 -22.73 50.60 4.38
CA GLY A 425 -22.15 51.01 3.13
C GLY A 425 -21.62 52.43 3.20
N ALA A 426 -22.38 53.38 2.68
CA ALA A 426 -22.00 54.79 2.68
C ALA A 426 -22.26 55.49 4.00
N GLY A 427 -22.53 54.74 5.08
CA GLY A 427 -22.92 55.37 6.33
C GLY A 427 -21.84 56.25 6.93
N CYS A 428 -20.61 55.74 6.99
CA CYS A 428 -19.53 56.47 7.64
C CYS A 428 -18.21 56.39 6.90
N HIS A 429 -18.16 55.76 5.72
CA HIS A 429 -16.92 55.61 4.99
C HIS A 429 -16.39 56.95 4.50
N PRO A 432 -14.28 62.29 8.44
CA PRO A 432 -12.83 62.46 8.39
C PRO A 432 -12.14 62.08 9.69
N LYS A 433 -12.91 61.55 10.64
CA LYS A 433 -12.37 61.13 11.93
C LYS A 433 -11.85 59.69 11.91
N GLY A 434 -11.99 58.99 10.79
CA GLY A 434 -11.45 57.66 10.66
C GLY A 434 -12.52 56.59 10.74
N THR A 435 -12.26 55.46 10.07
CA THR A 435 -13.18 54.33 10.13
C THR A 435 -13.27 53.76 11.53
N THR A 436 -12.15 53.75 12.25
CA THR A 436 -12.15 53.26 13.62
C THR A 436 -13.07 54.08 14.51
N ALA A 437 -13.04 55.41 14.34
CA ALA A 437 -13.93 56.27 15.12
C ALA A 437 -15.39 56.01 14.78
N GLY A 438 -15.70 55.81 13.50
CA GLY A 438 -17.07 55.50 13.12
C GLY A 438 -17.56 54.18 13.68
N ALA A 439 -16.70 53.16 13.66
CA ALA A 439 -17.07 51.87 14.24
C ALA A 439 -17.25 51.99 15.75
N LYS A 440 -16.40 52.78 16.41
CA LYS A 440 -16.57 53.02 17.84
C LYS A 440 -17.88 53.73 18.12
N ALA A 441 -18.25 54.69 17.29
CA ALA A 441 -19.53 55.37 17.46
C ALA A 441 -20.69 54.41 17.28
N LEU A 442 -20.59 53.50 16.30
CA LEU A 442 -21.64 52.50 16.10
C LEU A 442 -21.75 51.58 17.31
N VAL A 443 -20.63 51.15 17.86
CA VAL A 443 -20.64 50.31 19.06
C VAL A 443 -21.24 51.05 20.23
N GLN A 444 -20.90 52.34 20.37
CA GLN A 444 -21.46 53.16 21.45
C GLN A 444 -22.97 53.29 21.31
N ALA A 445 -23.45 53.48 20.08
CA ALA A 445 -24.90 53.56 19.86
C ALA A 445 -25.57 52.24 20.20
N CYS A 446 -24.94 51.12 19.84
CA CYS A 446 -25.49 49.82 20.19
C CYS A 446 -25.57 49.63 21.69
N GLU A 447 -24.52 50.04 22.41
CA GLU A 447 -24.52 49.91 23.86
C GLU A 447 -25.55 50.86 24.49
N ALA A 448 -25.74 52.04 23.91
CA ALA A 448 -26.77 52.95 24.40
C ALA A 448 -28.15 52.36 24.22
N TYR A 449 -28.40 51.73 23.06
CA TYR A 449 -29.68 51.07 22.84
C TYR A 449 -29.90 49.93 23.83
N GLN A 450 -28.85 49.15 24.08
CA GLN A 450 -28.97 48.07 25.06
C GLN A 450 -29.27 48.61 26.45
N LYS A 451 -28.58 49.68 26.85
CA LYS A 451 -28.84 50.31 28.14
C LYS A 451 -30.18 51.02 28.19
N GLY A 452 -30.79 51.29 27.04
CA GLY A 452 -32.02 52.06 27.00
C GLY A 452 -31.82 53.56 27.01
N ILE A 453 -30.59 54.03 27.04
CA ILE A 453 -30.31 55.46 27.07
C ILE A 453 -30.43 56.03 25.66
N ASP A 454 -30.94 57.25 25.57
CA ASP A 454 -31.05 57.93 24.28
C ASP A 454 -29.67 58.25 23.73
N ILE A 455 -29.59 58.33 22.39
CA ILE A 455 -28.31 58.59 21.73
C ILE A 455 -27.76 59.96 22.14
N LYS A 456 -28.62 60.98 22.16
CA LYS A 456 -28.17 62.32 22.52
C LYS A 456 -27.65 62.36 23.95
N GLU A 457 -28.34 61.69 24.87
CA GLU A 457 -27.85 61.60 26.25
C GLU A 457 -26.53 60.84 26.31
N TYR A 458 -26.41 59.76 25.54
CA TYR A 458 -25.20 58.96 25.54
C TYR A 458 -24.03 59.68 24.86
N ALA A 459 -24.30 60.72 24.09
CA ALA A 459 -23.25 61.47 23.42
C ALA A 459 -22.69 62.55 24.33
N THR B 7 -22.28 67.09 -22.01
CA THR B 7 -21.53 68.25 -21.54
C THR B 7 -22.16 68.81 -20.26
N GLN B 8 -23.41 69.27 -20.36
CA GLN B 8 -24.10 69.77 -19.17
C GLN B 8 -24.33 68.65 -18.16
N LEU B 9 -24.67 67.45 -18.64
CA LEU B 9 -24.79 66.30 -17.75
C LEU B 9 -23.48 66.01 -17.04
N ILE B 10 -22.35 66.25 -17.71
CA ILE B 10 -21.05 66.08 -17.06
C ILE B 10 -20.90 67.10 -15.93
N LYS B 11 -21.27 68.35 -16.18
CA LYS B 11 -21.20 69.37 -15.13
C LYS B 11 -22.12 69.03 -13.96
N THR B 12 -23.20 68.29 -14.24
CA THR B 12 -24.13 67.93 -13.18
C THR B 12 -23.53 66.92 -12.20
N LEU B 13 -22.58 66.11 -12.65
CA LEU B 13 -21.99 65.06 -11.81
C LEU B 13 -21.11 65.65 -10.72
N ASN B 14 -20.96 64.88 -9.63
CA ASN B 14 -19.95 65.18 -8.64
C ASN B 14 -18.64 64.48 -9.03
N ILE B 15 -17.56 64.79 -8.29
CA ILE B 15 -16.24 64.33 -8.69
C ILE B 15 -16.13 62.81 -8.58
N HIS B 16 -16.73 62.21 -7.55
CA HIS B 16 -16.75 60.76 -7.45
C HIS B 16 -17.48 60.13 -8.62
N GLN B 17 -18.59 60.74 -9.04
CA GLN B 17 -19.28 60.31 -10.25
C GLN B 17 -18.44 60.60 -11.49
N LYS B 18 -17.73 61.72 -11.49
CA LYS B 18 -16.88 62.07 -12.62
C LYS B 18 -15.78 61.03 -12.82
N GLY B 19 -15.37 60.35 -11.75
CA GLY B 19 -14.38 59.30 -11.88
C GLY B 19 -14.86 58.07 -12.62
N TYR B 20 -16.16 57.98 -12.93
CA TYR B 20 -16.72 56.83 -13.62
C TYR B 20 -17.27 57.19 -15.00
N VAL B 21 -17.06 58.42 -15.46
CA VAL B 21 -17.53 58.87 -16.75
C VAL B 21 -16.34 59.41 -17.53
N ASN B 22 -16.10 58.86 -18.72
CA ASN B 22 -15.03 59.35 -19.59
C ASN B 22 -15.51 59.16 -21.04
N PHE B 23 -16.14 60.20 -21.58
CA PHE B 23 -16.55 60.17 -22.97
C PHE B 23 -15.39 60.29 -23.93
N ASP B 24 -14.21 60.68 -23.44
CA ASP B 24 -13.00 60.77 -24.25
C ASP B 24 -12.11 59.54 -24.09
N LEU B 25 -12.71 58.38 -23.86
CA LEU B 25 -11.95 57.14 -23.80
C LEU B 25 -11.33 56.90 -25.17
N PRO B 26 -10.00 56.80 -25.28
CA PRO B 26 -9.38 56.80 -26.61
C PRO B 26 -9.83 55.65 -27.50
N ASN B 27 -9.89 54.44 -26.95
CA ASN B 27 -10.27 53.25 -27.73
C ASN B 27 -10.93 52.24 -26.79
N PRO B 28 -12.25 52.19 -26.76
CA PRO B 28 -12.94 51.18 -25.93
C PRO B 28 -12.58 49.75 -26.33
N LYS B 29 -12.27 49.52 -27.60
CA LYS B 29 -11.94 48.19 -28.10
C LYS B 29 -10.45 47.89 -28.05
N ASN B 30 -9.70 48.64 -27.23
CA ASN B 30 -8.25 48.46 -27.18
C ASN B 30 -7.83 47.12 -26.59
N GLY B 31 -8.75 46.37 -25.99
CA GLY B 31 -8.44 45.07 -25.44
C GLY B 31 -8.44 44.99 -23.94
N GLU B 32 -8.55 46.12 -23.25
CA GLU B 32 -8.55 46.16 -21.79
C GLU B 32 -9.95 46.16 -21.19
N TYR B 33 -10.98 46.39 -21.99
CA TYR B 33 -12.33 46.62 -21.49
C TYR B 33 -13.31 45.62 -22.05
N LEU B 34 -14.13 45.04 -21.18
CA LEU B 34 -15.40 44.48 -21.60
C LEU B 34 -16.36 45.64 -21.86
N LEU B 35 -16.97 45.65 -23.04
CA LEU B 35 -17.88 46.73 -23.41
C LEU B 35 -19.31 46.27 -23.16
N ALA B 36 -20.08 47.11 -22.47
CA ALA B 36 -21.45 46.79 -22.13
C ALA B 36 -22.34 48.00 -22.45
N VAL B 37 -23.43 47.76 -23.15
CA VAL B 37 -24.42 48.78 -23.44
C VAL B 37 -25.69 48.45 -22.65
N PHE B 38 -26.20 49.43 -21.92
CA PHE B 38 -27.38 49.26 -21.09
C PHE B 38 -28.51 50.15 -21.61
N HIS B 39 -29.74 49.66 -21.50
CA HIS B 39 -30.90 50.53 -21.57
C HIS B 39 -31.15 51.02 -20.14
N LEU B 40 -31.04 52.32 -19.93
CA LEU B 40 -31.03 52.91 -18.60
C LEU B 40 -32.02 54.05 -18.52
N ILE B 41 -32.89 54.00 -17.51
CA ILE B 41 -33.73 55.12 -17.13
C ILE B 41 -33.53 55.36 -15.64
N SER B 42 -33.24 56.60 -15.27
CA SER B 42 -32.91 56.90 -13.88
C SER B 42 -34.14 56.77 -12.99
N GLY B 43 -33.91 56.40 -11.74
CA GLY B 43 -34.97 56.18 -10.79
C GLY B 43 -35.33 57.40 -9.97
N GLY B 44 -35.62 58.52 -10.63
CA GLY B 44 -36.11 59.71 -9.95
C GLY B 44 -35.02 60.57 -9.36
N LYS B 45 -35.09 61.87 -9.64
CA LYS B 45 -34.22 62.92 -9.11
C LYS B 45 -32.79 62.82 -9.63
N LEU B 46 -32.46 61.80 -10.42
CA LEU B 46 -31.17 61.68 -11.07
C LEU B 46 -31.37 61.74 -12.57
N ASN B 47 -30.37 62.24 -13.29
CA ASN B 47 -30.42 62.17 -14.74
C ASN B 47 -29.77 60.88 -15.23
N ILE B 48 -29.76 60.71 -16.54
CA ILE B 48 -29.24 59.46 -17.12
C ILE B 48 -27.75 59.32 -16.85
N LEU B 49 -27.01 60.44 -16.86
CA LEU B 49 -25.56 60.34 -16.64
C LEU B 49 -25.24 60.07 -15.18
N GLN B 50 -25.98 60.67 -14.25
CA GLN B 50 -25.79 60.38 -12.84
C GLN B 50 -26.07 58.91 -12.54
N ALA B 51 -27.19 58.39 -13.05
CA ALA B 51 -27.51 56.99 -12.84
C ALA B 51 -26.49 56.08 -13.52
N ALA B 52 -26.00 56.49 -14.69
CA ALA B 52 -24.96 55.72 -15.38
C ALA B 52 -23.69 55.66 -14.56
N ALA B 53 -23.29 56.79 -13.97
CA ALA B 53 -22.11 56.82 -13.12
C ALA B 53 -22.30 55.94 -11.89
N GLU B 54 -23.49 55.98 -11.29
CA GLU B 54 -23.78 55.11 -10.16
C GLU B 54 -23.71 53.64 -10.56
N VAL B 55 -24.23 53.29 -11.73
CA VAL B 55 -24.20 51.91 -12.19
C VAL B 55 -22.77 51.46 -12.44
N ALA B 56 -21.96 52.32 -13.07
CA ALA B 56 -20.55 52.00 -13.31
C ALA B 56 -19.80 51.84 -11.99
N ALA B 57 -20.10 52.68 -11.01
CA ALA B 57 -19.43 52.57 -9.71
C ALA B 57 -19.82 51.27 -9.02
N GLU B 58 -21.13 51.01 -8.92
CA GLU B 58 -21.61 49.82 -8.22
C GLU B 58 -21.22 48.52 -8.91
N SER B 59 -20.91 48.58 -10.20
CA SER B 59 -20.53 47.39 -10.94
C SER B 59 -19.03 47.25 -11.15
N SER B 60 -18.21 48.21 -10.73
CA SER B 60 -16.76 48.03 -10.76
C SER B 60 -16.10 48.16 -9.40
N THR B 61 -16.20 49.32 -8.76
CA THR B 61 -15.41 49.60 -7.56
C THR B 61 -16.19 50.31 -6.46
N GLY B 62 -17.36 50.86 -6.75
CA GLY B 62 -18.21 51.41 -5.70
C GLY B 62 -17.62 52.55 -4.91
N THR B 63 -17.00 53.52 -5.60
CA THR B 63 -16.45 54.69 -4.93
C THR B 63 -17.24 55.89 -5.42
N ASN B 64 -18.39 56.12 -4.78
CA ASN B 64 -19.25 57.25 -5.07
C ASN B 64 -19.24 58.28 -3.96
N PHE B 65 -18.38 58.09 -2.96
CA PHE B 65 -18.24 59.01 -1.84
C PHE B 65 -16.76 59.16 -1.54
N ASN B 66 -16.43 60.16 -0.72
CA ASN B 66 -15.05 60.44 -0.36
C ASN B 66 -14.60 59.43 0.69
N VAL B 67 -13.64 58.58 0.33
CA VAL B 67 -13.05 57.62 1.25
C VAL B 67 -11.53 57.78 1.20
N ASN B 68 -10.90 57.81 2.37
CA ASN B 68 -9.44 57.95 2.42
C ASN B 68 -8.72 56.68 2.00
N THR B 69 -9.43 55.58 1.79
CA THR B 69 -8.84 54.34 1.32
C THR B 69 -8.75 54.27 -0.19
N GLU B 70 -9.25 55.28 -0.89
CA GLU B 70 -9.14 55.31 -2.34
C GLU B 70 -7.70 55.38 -2.79
N THR B 71 -7.34 54.57 -3.76
CA THR B 71 -5.99 54.52 -4.32
C THR B 71 -6.04 54.81 -5.82
N PRO B 72 -4.94 55.32 -6.40
CA PRO B 72 -4.93 55.54 -7.85
C PRO B 72 -5.15 54.27 -8.65
N PHE B 73 -4.69 53.12 -8.16
CA PHE B 73 -4.92 51.87 -8.88
C PHE B 73 -6.39 51.50 -8.89
N SER B 74 -7.09 51.71 -7.76
CA SER B 74 -8.53 51.48 -7.73
C SER B 74 -9.26 52.41 -8.69
N LYS B 75 -8.74 53.62 -8.87
CA LYS B 75 -9.28 54.50 -9.90
C LYS B 75 -9.00 53.93 -11.30
N GLU B 76 -7.85 53.29 -11.48
CA GLU B 76 -7.57 52.64 -12.75
C GLU B 76 -8.54 51.49 -13.00
N MET B 77 -9.07 50.89 -11.95
CA MET B 77 -10.03 49.80 -12.10
C MET B 77 -11.47 50.26 -12.29
N ASN B 78 -11.72 51.57 -12.31
CA ASN B 78 -13.08 52.08 -12.48
C ASN B 78 -13.69 51.64 -13.81
N ALA B 79 -14.97 51.28 -13.77
CA ALA B 79 -15.74 51.19 -15.00
C ALA B 79 -16.09 52.59 -15.49
N VAL B 80 -16.05 52.78 -16.80
CA VAL B 80 -16.15 54.11 -17.38
C VAL B 80 -17.33 54.16 -18.33
N VAL B 81 -18.23 55.12 -18.10
CA VAL B 81 -19.27 55.45 -19.07
C VAL B 81 -18.61 56.27 -20.17
N TYR B 82 -18.46 55.68 -21.35
CA TYR B 82 -17.75 56.32 -22.45
C TYR B 82 -18.66 56.76 -23.58
N GLN B 83 -19.91 56.33 -23.62
CA GLN B 83 -20.83 56.73 -24.65
C GLN B 83 -22.24 56.69 -24.09
N ILE B 84 -23.05 57.69 -24.45
CA ILE B 84 -24.43 57.77 -24.01
C ILE B 84 -25.30 58.14 -25.20
N ASP B 85 -26.56 57.71 -25.15
CA ASP B 85 -27.55 58.03 -26.19
C ASP B 85 -28.79 58.55 -25.47
N LEU B 86 -28.93 59.88 -25.43
CA LEU B 86 -30.02 60.50 -24.69
C LEU B 86 -31.38 60.12 -25.26
N ASP B 87 -31.49 60.12 -26.59
CA ASP B 87 -32.78 59.83 -27.22
C ASP B 87 -33.24 58.41 -26.94
N GLN B 88 -32.34 57.44 -27.03
CA GLN B 88 -32.68 56.04 -26.83
C GLN B 88 -32.42 55.55 -25.42
N ASN B 89 -31.98 56.42 -24.51
CA ASN B 89 -31.69 56.05 -23.13
C ASN B 89 -30.69 54.90 -23.04
N LEU B 90 -29.61 55.02 -23.82
CA LEU B 90 -28.59 53.99 -23.88
C LEU B 90 -27.30 54.51 -23.24
N VAL B 91 -26.63 53.63 -22.51
CA VAL B 91 -25.37 53.94 -21.84
C VAL B 91 -24.36 52.86 -22.18
N TRP B 92 -23.17 53.27 -22.60
CA TRP B 92 -22.06 52.36 -22.87
C TRP B 92 -21.05 52.47 -21.74
N ILE B 93 -20.74 51.34 -21.11
CA ILE B 93 -19.81 51.30 -19.99
C ILE B 93 -18.68 50.35 -20.34
N ALA B 94 -17.44 50.79 -20.13
CA ALA B 94 -16.26 49.97 -20.35
C ALA B 94 -15.78 49.42 -19.02
N TYR B 95 -15.71 48.09 -18.92
CA TYR B 95 -15.27 47.45 -17.70
C TYR B 95 -13.88 46.90 -17.90
N PRO B 96 -12.86 47.40 -17.19
CA PRO B 96 -11.54 46.76 -17.25
C PRO B 96 -11.63 45.31 -16.80
N TRP B 97 -11.40 44.35 -17.70
CA TRP B 97 -11.65 42.96 -17.35
C TRP B 97 -10.64 42.40 -16.37
N ARG B 98 -9.69 43.22 -15.90
CA ARG B 98 -8.91 42.85 -14.74
C ARG B 98 -9.76 42.75 -13.49
N LEU B 99 -10.92 43.43 -13.47
CA LEU B 99 -11.83 43.31 -12.34
C LEU B 99 -12.31 41.88 -12.14
N PHE B 100 -12.33 41.08 -13.20
CA PHE B 100 -13.01 39.79 -13.15
C PHE B 100 -12.13 38.71 -12.55
N ASP B 101 -12.77 37.80 -11.82
CA ASP B 101 -12.07 36.68 -11.21
C ASP B 101 -11.35 35.86 -12.26
N ARG B 102 -10.11 35.51 -11.97
CA ARG B 102 -9.31 34.74 -12.90
C ARG B 102 -9.79 33.29 -12.95
N GLY B 103 -9.31 32.56 -13.95
CA GLY B 103 -9.74 31.20 -14.15
C GLY B 103 -11.01 31.04 -14.94
N GLY B 104 -11.37 32.01 -15.77
CA GLY B 104 -12.56 31.92 -16.59
C GLY B 104 -13.86 31.92 -15.80
N ASN B 105 -13.98 32.81 -14.82
CA ASN B 105 -15.16 32.87 -13.96
C ASN B 105 -16.22 33.73 -14.64
N VAL B 106 -17.31 33.09 -15.11
CA VAL B 106 -18.37 33.83 -15.80
C VAL B 106 -19.34 34.44 -14.79
N GLN B 107 -19.71 33.68 -13.75
CA GLN B 107 -20.63 34.22 -12.75
C GLN B 107 -20.04 35.44 -12.07
N ASN B 108 -18.71 35.55 -12.01
CA ASN B 108 -18.09 36.76 -11.49
C ASN B 108 -18.39 37.98 -12.37
N ILE B 109 -18.31 37.81 -13.69
CA ILE B 109 -18.67 38.90 -14.59
C ILE B 109 -20.13 39.26 -14.41
N LEU B 110 -21.01 38.25 -14.30
CA LEU B 110 -22.42 38.54 -14.16
C LEU B 110 -22.72 39.23 -12.83
N THR B 111 -22.02 38.81 -11.77
CA THR B 111 -22.10 39.48 -10.48
C THR B 111 -21.70 40.95 -10.60
N TYR B 112 -20.65 41.22 -11.36
CA TYR B 112 -20.24 42.62 -11.58
C TYR B 112 -21.33 43.39 -12.32
N ILE B 113 -21.62 43.00 -13.57
CA ILE B 113 -22.35 43.86 -14.49
C ILE B 113 -23.86 43.71 -14.44
N VAL B 114 -24.38 42.56 -14.02
CA VAL B 114 -25.82 42.40 -13.86
C VAL B 114 -26.12 41.90 -12.46
N GLY B 115 -25.29 42.29 -11.49
CA GLY B 115 -25.51 41.92 -10.11
C GLY B 115 -26.28 42.95 -9.31
N ASN B 116 -25.58 43.64 -8.41
CA ASN B 116 -26.22 44.61 -7.52
C ASN B 116 -26.80 45.81 -8.26
N VAL B 117 -26.36 46.06 -9.49
CA VAL B 117 -26.90 47.20 -10.24
C VAL B 117 -28.38 47.01 -10.54
N LEU B 118 -28.83 45.76 -10.64
CA LEU B 118 -30.24 45.50 -10.92
C LEU B 118 -31.12 45.88 -9.74
N GLY B 119 -30.59 45.83 -8.52
CA GLY B 119 -31.34 46.21 -7.34
C GLY B 119 -31.22 47.66 -6.94
N MET B 120 -30.52 48.48 -7.71
CA MET B 120 -30.32 49.87 -7.33
C MET B 120 -31.59 50.68 -7.52
N LYS B 121 -31.92 51.49 -6.51
CA LYS B 121 -33.03 52.43 -6.62
C LYS B 121 -32.72 53.57 -7.59
N GLU B 122 -31.45 53.77 -7.95
CA GLU B 122 -31.06 54.86 -8.83
C GLU B 122 -31.57 54.68 -10.26
N VAL B 123 -31.98 53.46 -10.64
CA VAL B 123 -32.47 53.18 -11.99
C VAL B 123 -33.89 52.65 -11.88
N SER B 124 -34.78 53.17 -12.73
CA SER B 124 -36.10 52.58 -12.88
C SER B 124 -36.08 51.50 -13.94
N ALA B 125 -35.10 51.53 -14.84
CA ALA B 125 -34.90 50.51 -15.85
C ALA B 125 -33.40 50.33 -16.06
N LEU B 126 -32.96 49.08 -16.13
CA LEU B 126 -31.55 48.78 -16.39
C LEU B 126 -31.49 47.42 -17.07
N LYS B 127 -31.36 47.43 -18.39
CA LYS B 127 -31.33 46.22 -19.19
C LYS B 127 -30.01 46.16 -19.95
N LEU B 128 -29.17 45.19 -19.61
CA LEU B 128 -27.93 44.96 -20.35
C LEU B 128 -28.29 44.38 -21.72
N LEU B 129 -28.20 45.21 -22.76
CA LEU B 129 -28.62 44.81 -24.10
C LEU B 129 -27.57 43.98 -24.81
N ASP B 130 -26.29 44.31 -24.64
CA ASP B 130 -25.23 43.62 -25.36
C ASP B 130 -23.92 43.80 -24.61
N VAL B 131 -23.01 42.86 -24.82
CA VAL B 131 -21.65 42.94 -24.32
C VAL B 131 -20.69 42.64 -25.46
N TRP B 132 -19.47 43.15 -25.33
CA TRP B 132 -18.40 42.89 -26.28
C TRP B 132 -17.17 42.44 -25.52
N PHE B 133 -16.59 41.32 -25.94
CA PHE B 133 -15.42 40.77 -25.29
C PHE B 133 -14.19 41.03 -26.14
N PRO B 134 -13.12 41.62 -25.59
CA PRO B 134 -11.87 41.71 -26.34
C PRO B 134 -11.21 40.35 -26.43
N PRO B 135 -10.37 40.11 -27.44
CA PRO B 135 -9.67 38.82 -27.53
C PRO B 135 -8.81 38.50 -26.33
N ALA B 136 -8.15 39.50 -25.75
CA ALA B 136 -7.31 39.26 -24.58
C ALA B 136 -8.15 38.75 -23.41
N MET B 137 -9.35 39.31 -23.23
CA MET B 137 -10.27 38.77 -22.24
C MET B 137 -10.77 37.39 -22.64
N LEU B 138 -11.10 37.19 -23.92
CA LEU B 138 -11.60 35.90 -24.38
C LEU B 138 -10.58 34.80 -24.14
N GLU B 139 -9.30 35.15 -24.04
CA GLU B 139 -8.28 34.15 -23.76
C GLU B 139 -8.48 33.48 -22.41
N GLN B 140 -9.04 34.19 -21.44
CA GLN B 140 -9.17 33.67 -20.09
C GLN B 140 -10.28 32.64 -19.93
N TYR B 141 -11.18 32.51 -20.90
CA TYR B 141 -12.38 31.72 -20.75
C TYR B 141 -12.36 30.54 -21.71
N ASP B 142 -12.99 29.44 -21.27
CA ASP B 142 -12.95 28.20 -22.03
C ASP B 142 -13.70 28.32 -23.35
N GLY B 143 -14.99 28.62 -23.29
CA GLY B 143 -15.84 28.49 -24.44
C GLY B 143 -16.25 27.04 -24.60
N PRO B 144 -17.09 26.75 -25.60
CA PRO B 144 -17.48 25.36 -25.84
C PRO B 144 -16.29 24.53 -26.32
N SER B 145 -16.25 23.29 -25.88
CA SER B 145 -15.30 22.30 -26.38
C SER B 145 -15.96 21.18 -27.17
N TYR B 146 -17.24 20.96 -26.92
CA TYR B 146 -18.07 20.07 -27.72
C TYR B 146 -19.10 20.92 -28.46
N THR B 147 -19.30 20.63 -29.74
CA THR B 147 -20.13 21.47 -30.57
C THR B 147 -21.21 20.64 -31.24
N LEU B 148 -22.11 21.35 -31.93
CA LEU B 148 -23.11 20.67 -32.74
C LEU B 148 -22.48 19.90 -33.88
N ASP B 149 -21.29 20.32 -34.33
CA ASP B 149 -20.57 19.57 -35.35
C ASP B 149 -20.11 18.21 -34.83
N ASP B 150 -19.69 18.16 -33.56
CA ASP B 150 -19.34 16.87 -32.97
C ASP B 150 -20.54 15.94 -32.89
N MET B 151 -21.70 16.47 -32.51
CA MET B 151 -22.91 15.66 -32.46
C MET B 151 -23.35 15.25 -33.87
N ARG B 152 -23.12 16.12 -34.86
CA ARG B 152 -23.41 15.76 -36.25
C ARG B 152 -22.50 14.63 -36.71
N LYS B 153 -21.23 14.67 -36.31
CA LYS B 153 -20.31 13.60 -36.64
C LYS B 153 -20.74 12.28 -35.99
N TYR B 154 -21.15 12.32 -34.72
CA TYR B 154 -21.61 11.11 -34.07
C TYR B 154 -22.89 10.58 -34.72
N LEU B 155 -23.83 11.47 -35.04
CA LEU B 155 -25.11 11.07 -35.58
C LEU B 155 -25.05 10.74 -37.07
N ASN B 156 -23.98 11.14 -37.74
CA ASN B 156 -23.86 11.07 -39.20
C ASN B 156 -25.10 11.76 -39.80
N VAL B 157 -25.35 12.97 -39.34
CA VAL B 157 -26.47 13.77 -39.80
C VAL B 157 -25.92 15.12 -40.25
N TYR B 158 -26.23 15.50 -41.48
CA TYR B 158 -25.82 16.78 -42.04
C TYR B 158 -26.92 17.27 -42.97
N ASP B 159 -26.77 18.52 -43.42
CA ASP B 159 -27.64 19.18 -44.39
C ASP B 159 -29.05 19.43 -43.86
N ARG B 160 -29.36 19.05 -42.63
CA ARG B 160 -30.65 19.31 -42.02
C ARG B 160 -30.45 19.64 -40.54
N PRO B 161 -31.37 20.37 -39.93
CA PRO B 161 -31.29 20.59 -38.49
C PRO B 161 -31.46 19.29 -37.72
N ILE B 162 -30.81 19.22 -36.56
CA ILE B 162 -30.98 18.07 -35.68
C ILE B 162 -32.40 18.08 -35.15
N LEU B 163 -33.11 16.98 -35.35
CA LEU B 163 -34.52 16.90 -34.97
C LEU B 163 -34.63 16.37 -33.54
N GLY B 164 -35.21 17.19 -32.66
CA GLY B 164 -35.33 16.83 -31.27
C GLY B 164 -36.77 16.92 -30.81
N THR B 165 -37.02 16.38 -29.61
CA THR B 165 -38.35 16.42 -29.04
C THR B 165 -38.26 16.50 -27.52
N ILE B 166 -39.32 17.01 -26.93
CA ILE B 166 -39.59 16.85 -25.51
C ILE B 166 -40.64 15.76 -25.37
N ILE B 167 -40.63 15.08 -24.24
CA ILE B 167 -41.60 14.02 -23.99
C ILE B 167 -42.80 14.62 -23.27
N LYS B 168 -44.00 14.35 -23.79
CA LYS B 168 -45.23 14.78 -23.18
C LYS B 168 -45.99 13.58 -22.64
N PRO B 169 -46.44 13.61 -21.37
CA PRO B 169 -46.34 14.70 -20.38
C PRO B 169 -44.90 14.99 -19.97
N LYS B 170 -44.63 16.24 -19.57
CA LYS B 170 -43.31 16.63 -19.10
C LYS B 170 -42.86 15.73 -17.95
N MET B 171 -43.73 15.54 -16.97
CA MET B 171 -43.43 14.79 -15.77
C MET B 171 -44.60 13.87 -15.44
N GLY B 172 -44.41 13.02 -14.45
CA GLY B 172 -45.42 12.06 -14.05
C GLY B 172 -45.38 10.74 -14.78
N LEU B 173 -44.53 10.61 -15.80
CA LEU B 173 -44.32 9.35 -16.47
C LEU B 173 -43.30 8.51 -15.73
N THR B 174 -43.45 7.20 -15.82
CA THR B 174 -42.47 6.29 -15.24
C THR B 174 -41.24 6.23 -16.15
N SER B 175 -40.18 5.61 -15.62
CA SER B 175 -38.96 5.45 -16.40
C SER B 175 -39.24 4.67 -17.68
N ALA B 176 -40.02 3.58 -17.56
CA ALA B 176 -40.36 2.80 -18.75
C ALA B 176 -41.23 3.58 -19.70
N GLU B 177 -42.20 4.34 -19.19
CA GLU B 177 -43.07 5.12 -20.06
C GLU B 177 -42.28 6.21 -20.79
N TYR B 178 -41.41 6.91 -20.07
CA TYR B 178 -40.59 7.94 -20.68
C TYR B 178 -39.65 7.35 -21.73
N ALA B 179 -39.02 6.22 -21.40
CA ALA B 179 -38.15 5.55 -22.36
C ALA B 179 -38.91 5.09 -23.58
N GLU B 180 -40.14 4.60 -23.39
CA GLU B 180 -40.95 4.19 -24.52
C GLU B 180 -41.30 5.36 -25.42
N ALA B 181 -41.64 6.51 -24.84
CA ALA B 181 -41.91 7.70 -25.66
C ALA B 181 -40.66 8.15 -26.40
N ALA B 182 -39.51 8.11 -25.73
CA ALA B 182 -38.26 8.47 -26.38
C ALA B 182 -37.96 7.53 -27.55
N TYR B 183 -38.16 6.22 -27.35
CA TYR B 183 -37.98 5.26 -28.43
C TYR B 183 -38.96 5.50 -29.57
N ASP B 184 -40.20 5.86 -29.24
CA ASP B 184 -41.19 6.13 -30.27
C ASP B 184 -40.76 7.30 -31.14
N PHE B 185 -40.21 8.35 -30.52
CA PHE B 185 -39.70 9.46 -31.32
C PHE B 185 -38.45 9.06 -32.11
N TRP B 186 -37.54 8.31 -31.48
CA TRP B 186 -36.28 7.97 -32.13
C TRP B 186 -36.49 7.08 -33.34
N VAL B 187 -37.28 6.01 -33.18
CA VAL B 187 -37.52 5.06 -34.25
C VAL B 187 -38.25 5.71 -35.43
N GLY B 188 -38.97 6.79 -35.18
CA GLY B 188 -39.61 7.52 -36.26
C GLY B 188 -38.67 8.42 -37.05
N GLY B 189 -37.39 8.42 -36.71
CA GLY B 189 -36.40 9.21 -37.42
C GLY B 189 -35.82 10.35 -36.62
N GLY B 190 -36.39 10.69 -35.46
CA GLY B 190 -35.87 11.76 -34.66
C GLY B 190 -34.51 11.41 -34.06
N ASP B 191 -33.63 12.40 -34.02
CA ASP B 191 -32.27 12.20 -33.56
C ASP B 191 -32.06 12.53 -32.09
N PHE B 192 -32.88 13.38 -31.51
CA PHE B 192 -32.59 14.02 -30.22
C PHE B 192 -33.79 13.91 -29.30
N VAL B 193 -33.56 13.44 -28.07
CA VAL B 193 -34.58 13.45 -27.03
C VAL B 193 -33.99 14.06 -25.77
N KCX B 194 -34.70 15.00 -25.16
CA KCX B 194 -34.20 15.64 -23.96
CB KCX B 194 -34.09 17.15 -24.17
CG KCX B 194 -35.40 17.83 -24.52
CD KCX B 194 -35.20 19.33 -24.77
CE KCX B 194 -34.72 20.04 -23.52
NZ KCX B 194 -35.68 19.87 -22.39
C KCX B 194 -35.08 15.35 -22.75
O KCX B 194 -36.30 15.22 -22.86
CX KCX B 194 -36.72 20.67 -22.28
OQ1 KCX B 194 -37.52 20.51 -21.34
OQ2 KCX B 194 -36.92 21.57 -23.10
N ASN B 195 -34.45 15.25 -21.59
CA ASN B 195 -35.17 15.25 -20.33
C ASN B 195 -35.85 16.59 -20.17
N ASP B 196 -37.01 16.62 -19.52
CA ASP B 196 -37.58 17.88 -19.08
C ASP B 196 -36.60 18.58 -18.16
N GLU B 197 -36.61 19.91 -18.20
CA GLU B 197 -35.63 20.66 -17.41
C GLU B 197 -35.70 20.42 -15.91
N PRO B 198 -36.83 20.05 -15.28
CA PRO B 198 -36.77 19.58 -13.89
C PRO B 198 -36.75 18.06 -13.73
N GLN B 199 -36.76 17.30 -14.83
CA GLN B 199 -36.77 15.84 -14.74
C GLN B 199 -35.48 15.35 -14.09
N ALA B 200 -35.61 14.69 -12.95
CA ALA B 200 -34.48 14.34 -12.10
C ALA B 200 -34.84 13.06 -11.35
N ASN B 201 -34.14 12.81 -10.24
CA ASN B 201 -34.43 11.64 -9.42
C ASN B 201 -35.75 11.81 -8.67
N GLN B 202 -36.86 11.83 -9.40
CA GLN B 202 -38.17 11.79 -8.78
C GLN B 202 -38.48 10.38 -8.30
N ASP B 203 -39.34 10.28 -7.29
CA ASP B 203 -39.61 8.99 -6.67
C ASP B 203 -40.36 8.06 -7.63
N PHE B 204 -41.22 8.60 -8.48
CA PHE B 204 -41.97 7.78 -9.44
C PHE B 204 -41.23 7.57 -10.75
N CYS B 205 -40.10 8.22 -10.93
CA CYS B 205 -39.24 8.03 -12.10
C CYS B 205 -37.80 8.15 -11.64
N PRO B 206 -37.28 7.13 -10.96
CA PRO B 206 -35.93 7.23 -10.40
C PRO B 206 -34.89 7.46 -11.48
N TYR B 207 -33.85 8.21 -11.13
CA TYR B 207 -32.88 8.65 -12.12
C TYR B 207 -32.12 7.48 -12.73
N ASP B 208 -31.65 6.55 -11.88
CA ASP B 208 -30.90 5.41 -12.39
C ASP B 208 -31.77 4.51 -13.26
N LYS B 209 -33.01 4.25 -12.83
CA LYS B 209 -33.93 3.46 -13.66
C LYS B 209 -34.24 4.17 -14.96
N MET B 210 -34.41 5.50 -14.92
CA MET B 210 -34.66 6.25 -16.14
C MET B 210 -33.47 6.14 -17.09
N VAL B 211 -32.25 6.24 -16.56
CA VAL B 211 -31.06 6.16 -17.40
C VAL B 211 -30.97 4.79 -18.05
N ARG B 212 -31.19 3.73 -17.27
CA ARG B 212 -31.12 2.37 -17.82
C ARG B 212 -32.20 2.14 -18.87
N ASN B 213 -33.43 2.59 -18.60
CA ASN B 213 -34.52 2.39 -19.54
C ASN B 213 -34.30 3.20 -20.81
N VAL B 214 -33.76 4.41 -20.69
CA VAL B 214 -33.45 5.22 -21.85
C VAL B 214 -32.33 4.57 -22.67
N LYS B 215 -31.33 4.00 -22.00
CA LYS B 215 -30.28 3.28 -22.71
C LYS B 215 -30.86 2.12 -23.51
N ALA B 216 -31.74 1.34 -22.88
CA ALA B 216 -32.36 0.22 -23.59
C ALA B 216 -33.19 0.71 -24.77
N ALA B 217 -33.97 1.77 -24.57
CA ALA B 217 -34.80 2.30 -25.67
C ALA B 217 -33.94 2.84 -26.81
N MET B 218 -32.85 3.51 -26.48
CA MET B 218 -31.95 4.03 -27.50
C MET B 218 -31.29 2.87 -28.28
N ASP B 219 -30.86 1.83 -27.57
CA ASP B 219 -30.31 0.66 -28.24
C ASP B 219 -31.33 0.07 -29.21
N LYS B 220 -32.57 -0.10 -28.75
CA LYS B 220 -33.59 -0.69 -29.60
C LYS B 220 -33.87 0.20 -30.82
N ALA B 221 -33.93 1.51 -30.62
CA ALA B 221 -34.19 2.42 -31.73
C ALA B 221 -33.04 2.40 -32.73
N VAL B 222 -31.80 2.31 -32.23
CA VAL B 222 -30.64 2.25 -33.12
C VAL B 222 -30.68 0.96 -33.94
N LYS B 223 -31.02 -0.16 -33.32
CA LYS B 223 -31.11 -1.41 -34.08
C LYS B 223 -32.22 -1.35 -35.13
N GLU B 224 -33.40 -0.85 -34.76
CA GLU B 224 -34.49 -0.77 -35.72
C GLU B 224 -34.28 0.31 -36.77
N THR B 225 -33.33 1.22 -36.58
CA THR B 225 -33.10 2.29 -37.55
C THR B 225 -31.74 2.23 -38.21
N GLY B 226 -30.72 1.68 -37.55
CA GLY B 226 -29.36 1.80 -38.01
C GLY B 226 -28.70 3.13 -37.70
N ASN B 227 -29.49 4.18 -37.50
CA ASN B 227 -28.98 5.51 -37.22
C ASN B 227 -28.77 5.69 -35.71
N LYS B 228 -27.69 6.38 -35.35
CA LYS B 228 -27.42 6.67 -33.95
C LYS B 228 -28.41 7.72 -33.44
N LYS B 229 -28.58 7.72 -32.11
CA LYS B 229 -29.53 8.61 -31.45
C LYS B 229 -28.84 9.28 -30.26
N VAL B 230 -29.37 10.44 -29.88
CA VAL B 230 -28.81 11.24 -28.79
C VAL B 230 -29.91 11.55 -27.78
N HIS B 231 -29.64 11.29 -26.50
CA HIS B 231 -30.52 11.68 -25.42
C HIS B 231 -29.83 12.71 -24.53
N SER B 232 -30.57 13.73 -24.13
CA SER B 232 -30.07 14.80 -23.26
C SER B 232 -30.60 14.59 -21.85
N PHE B 233 -29.71 14.23 -20.93
CA PHE B 233 -30.06 13.96 -19.54
C PHE B 233 -29.90 15.21 -18.71
N ASN B 234 -30.94 15.55 -17.95
CA ASN B 234 -30.83 16.63 -16.97
C ASN B 234 -29.97 16.18 -15.80
N VAL B 235 -28.83 16.84 -15.61
CA VAL B 235 -27.92 16.52 -14.52
C VAL B 235 -27.96 17.57 -13.43
N SER B 236 -28.89 18.53 -13.53
CA SER B 236 -29.06 19.51 -12.47
C SER B 236 -29.51 18.81 -11.19
N ALA B 237 -28.83 19.09 -10.09
CA ALA B 237 -29.03 18.40 -8.85
C ALA B 237 -29.04 19.40 -7.70
N ALA B 238 -29.21 18.89 -6.47
CA ALA B 238 -29.14 19.73 -5.30
C ALA B 238 -27.74 20.32 -5.12
N ASP B 239 -26.71 19.49 -5.26
CA ASP B 239 -25.34 19.91 -5.03
C ASP B 239 -24.46 19.39 -6.15
N PHE B 240 -23.18 19.80 -6.12
CA PHE B 240 -22.26 19.40 -7.17
C PHE B 240 -21.93 17.91 -7.09
N ASP B 241 -21.93 17.34 -5.88
CA ASP B 241 -21.67 15.92 -5.73
C ASP B 241 -22.74 15.08 -6.42
N THR B 242 -24.01 15.44 -6.22
CA THR B 242 -25.10 14.70 -6.85
C THR B 242 -25.08 14.86 -8.37
N MET B 243 -24.73 16.06 -8.84
CA MET B 243 -24.60 16.28 -10.28
C MET B 243 -23.50 15.42 -10.87
N ILE B 244 -22.34 15.34 -10.20
CA ILE B 244 -21.26 14.51 -10.68
C ILE B 244 -21.66 13.04 -10.63
N GLU B 245 -22.39 12.64 -9.59
CA GLU B 245 -22.87 11.26 -9.49
C GLU B 245 -23.79 10.92 -10.64
N ARG B 246 -24.70 11.83 -11.00
CA ARG B 246 -25.61 11.55 -12.11
C ARG B 246 -24.88 11.54 -13.45
N CYS B 247 -23.90 12.42 -13.61
CA CYS B 247 -23.08 12.41 -14.82
C CYS B 247 -22.33 11.08 -14.96
N GLU B 248 -21.70 10.63 -13.87
CA GLU B 248 -20.95 9.38 -13.90
C GLU B 248 -21.88 8.20 -14.12
N LEU B 249 -23.09 8.25 -13.57
CA LEU B 249 -24.07 7.20 -13.80
C LEU B 249 -24.46 7.12 -15.27
N ILE B 250 -24.63 8.28 -15.91
CA ILE B 250 -24.87 8.28 -17.35
C ILE B 250 -23.69 7.68 -18.09
N ARG B 251 -22.47 8.05 -17.69
CA ARG B 251 -21.28 7.54 -18.36
C ARG B 251 -21.17 6.02 -18.21
N ASN B 252 -21.39 5.51 -17.00
CA ASN B 252 -21.21 4.09 -16.70
C ASN B 252 -22.46 3.27 -16.93
N ALA B 253 -23.41 3.78 -17.72
CA ALA B 253 -24.65 3.03 -17.97
C ALA B 253 -24.38 1.71 -18.69
N GLY B 254 -23.55 1.71 -19.75
CA GLY B 254 -22.77 2.75 -20.39
C GLY B 254 -23.16 3.05 -21.82
N PHE B 255 -23.52 4.30 -22.07
CA PHE B 255 -23.79 4.75 -23.42
C PHE B 255 -22.48 4.84 -24.22
N GLU B 256 -22.61 4.73 -25.53
CA GLU B 256 -21.46 5.02 -26.40
C GLU B 256 -21.21 6.53 -26.40
N PRO B 257 -19.96 6.96 -26.43
CA PRO B 257 -19.67 8.40 -26.40
C PRO B 257 -20.33 9.13 -27.56
N GLY B 258 -20.96 10.26 -27.24
CA GLY B 258 -21.73 11.02 -28.20
C GLY B 258 -23.23 10.77 -28.14
N SER B 259 -23.66 9.65 -27.58
CA SER B 259 -25.08 9.33 -27.50
C SER B 259 -25.80 10.08 -26.40
N TYR B 260 -25.08 10.61 -25.43
CA TYR B 260 -25.70 11.31 -24.30
C TYR B 260 -25.22 12.75 -24.23
N ALA B 261 -26.15 13.64 -23.91
CA ALA B 261 -25.86 15.04 -23.65
C ALA B 261 -26.25 15.37 -22.22
N PHE B 262 -25.48 16.26 -21.59
CA PHE B 262 -25.76 16.70 -20.22
C PHE B 262 -26.59 17.98 -20.28
N LEU B 263 -27.83 17.90 -19.80
CA LEU B 263 -28.68 19.08 -19.70
C LEU B 263 -28.48 19.72 -18.33
N ILE B 264 -28.31 21.04 -18.32
CA ILE B 264 -28.13 21.80 -17.09
C ILE B 264 -29.06 23.00 -17.12
N ASP B 265 -29.70 23.26 -15.98
CA ASP B 265 -30.51 24.48 -15.82
C ASP B 265 -29.56 25.60 -15.43
N GLY B 266 -29.04 26.29 -16.44
CA GLY B 266 -27.99 27.27 -16.20
C GLY B 266 -28.42 28.42 -15.30
N ILE B 267 -29.70 28.78 -15.35
CA ILE B 267 -30.18 29.88 -14.52
C ILE B 267 -30.38 29.43 -13.08
N THR B 268 -31.25 28.44 -12.85
CA THR B 268 -31.55 28.03 -11.49
C THR B 268 -30.37 27.30 -10.86
N ALA B 269 -29.78 26.34 -11.57
CA ALA B 269 -28.65 25.60 -11.01
C ALA B 269 -27.41 26.47 -10.95
N GLY B 270 -27.27 27.42 -11.86
CA GLY B 270 -26.22 28.42 -11.76
C GLY B 270 -25.11 28.19 -12.77
N TRP B 271 -24.38 29.28 -13.03
CA TRP B 271 -23.29 29.26 -13.99
C TRP B 271 -22.13 28.40 -13.52
N MET B 272 -22.00 28.22 -12.21
CA MET B 272 -20.94 27.37 -11.68
C MET B 272 -21.13 25.92 -12.12
N ALA B 273 -22.38 25.45 -12.12
CA ALA B 273 -22.67 24.11 -12.60
C ALA B 273 -22.36 23.96 -14.08
N VAL B 274 -22.70 24.98 -14.87
CA VAL B 274 -22.41 24.95 -16.31
C VAL B 274 -20.90 24.84 -16.53
N GLN B 275 -20.13 25.67 -15.82
CA GLN B 275 -18.67 25.64 -16.00
C GLN B 275 -18.08 24.34 -15.48
N THR B 276 -18.63 23.80 -14.39
CA THR B 276 -18.16 22.51 -13.87
C THR B 276 -18.41 21.39 -14.88
N LEU B 277 -19.59 21.38 -15.50
CA LEU B 277 -19.85 20.40 -16.55
C LEU B 277 -18.90 20.59 -17.73
N ARG B 278 -18.65 21.84 -18.11
CA ARG B 278 -17.78 22.10 -19.26
C ARG B 278 -16.36 21.62 -19.00
N ARG B 279 -15.85 21.81 -17.78
CA ARG B 279 -14.47 21.46 -17.50
C ARG B 279 -14.30 19.99 -17.12
N LYS B 280 -15.30 19.38 -16.47
CA LYS B 280 -15.19 17.98 -16.10
C LYS B 280 -15.51 17.06 -17.27
N TYR B 281 -16.36 17.50 -18.20
CA TYR B 281 -16.78 16.69 -19.34
C TYR B 281 -16.68 17.52 -20.62
N PRO B 282 -15.46 17.84 -21.05
CA PRO B 282 -15.31 18.58 -22.33
C PRO B 282 -15.77 17.79 -23.54
N ASP B 283 -15.79 16.47 -23.46
CA ASP B 283 -16.19 15.61 -24.58
C ASP B 283 -17.68 15.35 -24.62
N VAL B 284 -18.47 16.03 -23.80
CA VAL B 284 -19.91 15.85 -23.74
C VAL B 284 -20.59 17.15 -24.14
N PHE B 285 -21.66 17.03 -24.93
CA PHE B 285 -22.48 18.18 -25.27
C PHE B 285 -23.09 18.77 -24.00
N ILE B 286 -22.81 20.05 -23.75
CA ILE B 286 -23.34 20.74 -22.58
C ILE B 286 -24.61 21.46 -23.02
N HIS B 287 -25.75 20.89 -22.66
CA HIS B 287 -27.06 21.41 -23.04
C HIS B 287 -27.49 22.43 -21.98
N PHE B 288 -27.48 23.71 -22.35
CA PHE B 288 -27.85 24.79 -21.44
C PHE B 288 -29.35 25.03 -21.56
N HIS B 289 -30.09 24.64 -20.54
CA HIS B 289 -31.49 25.00 -20.44
C HIS B 289 -31.62 26.26 -19.60
N ARG B 290 -32.36 27.24 -20.12
CA ARG B 290 -32.44 28.56 -19.50
C ARG B 290 -33.75 28.77 -18.76
N ALA B 291 -34.32 27.72 -18.20
CA ALA B 291 -35.53 27.87 -17.37
C ALA B 291 -35.26 28.83 -16.23
N GLY B 292 -36.05 29.89 -16.14
CA GLY B 292 -35.84 30.95 -15.18
C GLY B 292 -35.29 32.25 -15.76
N HIS B 293 -34.82 32.22 -17.00
CA HIS B 293 -34.25 33.41 -17.64
C HIS B 293 -35.27 34.52 -17.84
N GLY B 294 -36.57 34.20 -17.77
CA GLY B 294 -37.58 35.19 -18.11
C GLY B 294 -37.51 36.46 -17.28
N SER B 295 -37.09 36.35 -16.03
CA SER B 295 -36.97 37.55 -15.20
C SER B 295 -35.94 38.51 -15.78
N PHE B 296 -34.80 37.99 -16.24
CA PHE B 296 -33.80 38.85 -16.87
C PHE B 296 -34.25 39.32 -18.24
N THR B 297 -34.76 38.40 -19.07
CA THR B 297 -34.81 38.63 -20.50
C THR B 297 -36.15 39.11 -21.05
N ARG B 298 -37.24 38.95 -20.29
CA ARG B 298 -38.55 39.27 -20.84
C ARG B 298 -38.67 40.77 -21.12
N PRO B 299 -39.19 41.17 -22.28
CA PRO B 299 -39.32 42.61 -22.58
C PRO B 299 -40.21 43.34 -21.60
N GLU B 300 -41.19 42.67 -20.99
CA GLU B 300 -42.01 43.31 -19.98
C GLU B 300 -41.21 43.71 -18.74
N ASN B 301 -40.03 43.12 -18.55
CA ASN B 301 -39.18 43.42 -17.41
C ASN B 301 -38.17 44.47 -17.81
N PRO B 302 -38.26 45.71 -17.31
CA PRO B 302 -37.25 46.73 -17.66
C PRO B 302 -35.88 46.44 -17.10
N ILE B 303 -35.76 45.64 -16.05
CA ILE B 303 -34.50 45.37 -15.38
C ILE B 303 -34.08 43.94 -15.69
N GLY B 304 -32.86 43.79 -16.21
CA GLY B 304 -32.35 42.47 -16.52
C GLY B 304 -31.26 42.56 -17.58
N PHE B 305 -31.19 41.54 -18.42
CA PHE B 305 -30.33 41.55 -19.59
C PHE B 305 -31.01 40.80 -20.72
N SER B 306 -30.53 41.06 -21.94
CA SER B 306 -31.17 40.52 -23.13
C SER B 306 -30.86 39.03 -23.29
N VAL B 307 -31.63 38.37 -24.16
CA VAL B 307 -31.35 36.99 -24.51
C VAL B 307 -30.01 36.87 -25.21
N LEU B 308 -29.62 37.89 -25.96
CA LEU B 308 -28.31 37.88 -26.63
C LEU B 308 -27.18 37.84 -25.61
N VAL B 309 -27.29 38.63 -24.54
CA VAL B 309 -26.29 38.61 -23.47
C VAL B 309 -26.23 37.22 -22.83
N LEU B 310 -27.40 36.63 -22.56
CA LEU B 310 -27.43 35.31 -21.96
C LEU B 310 -26.79 34.26 -22.86
N SER B 311 -27.06 34.33 -24.16
CA SER B 311 -26.46 33.37 -25.09
C SER B 311 -24.95 33.56 -25.18
N LYS B 312 -24.49 34.82 -25.21
CA LYS B 312 -23.05 35.08 -25.26
C LYS B 312 -22.35 34.56 -24.00
N PHE B 313 -22.95 34.77 -22.83
CA PHE B 313 -22.32 34.28 -21.61
C PHE B 313 -22.42 32.77 -21.49
N ALA B 314 -23.48 32.15 -22.02
CA ALA B 314 -23.54 30.69 -22.08
C ALA B 314 -22.43 30.14 -22.95
N ARG B 315 -22.19 30.77 -24.11
CA ARG B 315 -21.09 30.37 -24.96
C ARG B 315 -19.76 30.54 -24.24
N LEU B 316 -19.58 31.68 -23.55
CA LEU B 316 -18.33 31.92 -22.82
C LEU B 316 -18.11 30.89 -21.73
N ALA B 317 -19.18 30.49 -21.04
CA ALA B 317 -19.06 29.51 -19.96
C ALA B 317 -18.77 28.11 -20.46
N GLY B 318 -19.03 27.83 -21.73
CA GLY B 318 -18.73 26.54 -22.32
C GLY B 318 -19.93 25.70 -22.70
N ALA B 319 -21.13 26.29 -22.77
CA ALA B 319 -22.30 25.52 -23.17
C ALA B 319 -22.20 25.14 -24.65
N SER B 320 -22.44 23.85 -24.94
CA SER B 320 -22.45 23.41 -26.33
C SER B 320 -23.65 23.97 -27.08
N GLY B 321 -24.78 24.08 -26.41
CA GLY B 321 -25.97 24.64 -27.00
C GLY B 321 -26.86 25.26 -25.95
N ILE B 322 -27.61 26.29 -26.34
CA ILE B 322 -28.53 26.97 -25.46
C ILE B 322 -29.86 27.15 -26.17
N HIS B 323 -30.94 27.05 -25.40
CA HIS B 323 -32.28 27.25 -25.96
C HIS B 323 -32.47 28.67 -26.46
N THR B 324 -33.21 28.80 -27.56
CA THR B 324 -33.48 30.10 -28.15
C THR B 324 -34.97 30.37 -28.37
N GLY B 325 -35.81 29.35 -28.47
CA GLY B 325 -37.24 29.56 -28.66
C GLY B 325 -37.70 29.32 -30.09
N HIS B 354 -26.30 43.31 -32.67
CA HIS B 354 -27.38 44.16 -32.18
C HIS B 354 -26.85 45.56 -31.83
N PHE B 355 -25.83 45.59 -30.98
CA PHE B 355 -25.16 46.82 -30.60
C PHE B 355 -23.66 46.79 -30.76
N PHE B 356 -23.04 45.61 -30.83
CA PHE B 356 -21.61 45.47 -31.00
C PHE B 356 -21.34 44.56 -32.20
N GLU B 357 -20.23 44.85 -32.89
CA GLU B 357 -19.75 43.96 -33.95
C GLU B 357 -18.81 42.94 -33.29
N GLN B 358 -19.42 41.92 -32.72
CA GLN B 358 -18.69 40.96 -31.89
C GLN B 358 -18.17 39.81 -32.74
N GLU B 359 -16.85 39.65 -32.76
CA GLU B 359 -16.19 38.51 -33.38
C GLU B 359 -15.62 37.63 -32.28
N TRP B 360 -15.91 36.33 -32.35
CA TRP B 360 -15.57 35.41 -31.27
C TRP B 360 -14.20 34.76 -31.44
N SER B 361 -13.28 35.46 -32.08
CA SER B 361 -11.85 35.30 -31.84
C SER B 361 -11.43 36.45 -30.94
N LYS B 362 -10.39 36.26 -30.11
CA LYS B 362 -9.24 35.39 -29.82
C LYS B 362 -8.09 35.75 -30.76
N ILE B 363 -8.38 36.58 -31.76
CA ILE B 363 -7.36 37.27 -32.55
C ILE B 363 -7.92 38.64 -32.90
N PHE B 364 -7.03 39.63 -32.96
CA PHE B 364 -7.45 40.97 -33.33
C PHE B 364 -7.66 41.06 -34.84
N TRP B 389 -7.86 26.69 -31.78
CA TRP B 389 -7.10 27.70 -31.07
C TRP B 389 -7.40 29.09 -31.63
N ARG B 390 -7.84 29.13 -32.89
CA ARG B 390 -7.99 30.41 -33.58
C ARG B 390 -9.12 31.24 -32.98
N GLY B 391 -10.19 30.59 -32.52
CA GLY B 391 -11.32 31.31 -31.96
C GLY B 391 -12.09 30.53 -30.93
N VAL B 392 -13.31 31.00 -30.64
CA VAL B 392 -14.20 30.35 -29.67
C VAL B 392 -15.21 29.51 -30.45
N LYS B 393 -15.38 28.27 -30.03
CA LYS B 393 -16.30 27.37 -30.71
C LYS B 393 -17.74 27.87 -30.57
N LYS B 394 -18.59 27.38 -31.47
CA LYS B 394 -19.95 27.87 -31.59
C LYS B 394 -20.84 27.26 -30.51
N CYS B 395 -21.82 28.04 -30.06
CA CYS B 395 -22.87 27.57 -29.19
C CYS B 395 -24.12 27.34 -30.03
N CYS B 396 -24.56 26.09 -30.11
CA CYS B 396 -25.64 25.74 -31.01
C CYS B 396 -26.97 26.30 -30.52
N PRO B 397 -27.77 26.92 -31.39
CA PRO B 397 -29.13 27.29 -30.99
C PRO B 397 -30.02 26.06 -30.86
N ILE B 398 -30.88 26.08 -29.85
CA ILE B 398 -31.85 25.01 -29.61
C ILE B 398 -33.24 25.63 -29.66
N ILE B 399 -34.08 25.11 -30.54
CA ILE B 399 -35.41 25.67 -30.78
C ILE B 399 -36.44 24.79 -30.10
N SER B 400 -37.40 25.44 -29.42
CA SER B 400 -38.42 24.73 -28.66
C SER B 400 -39.79 25.28 -29.01
N GLY B 401 -40.75 24.39 -29.23
CA GLY B 401 -42.14 24.79 -29.33
C GLY B 401 -42.79 24.67 -30.69
N GLY B 402 -43.56 23.59 -30.89
CA GLY B 402 -44.52 23.50 -31.98
C GLY B 402 -43.97 23.65 -33.39
N LEU B 403 -42.90 22.94 -33.73
CA LEU B 403 -42.33 23.00 -35.08
C LEU B 403 -42.73 21.73 -35.83
N ASN B 404 -43.90 21.77 -36.45
CA ASN B 404 -44.39 20.70 -37.31
C ASN B 404 -43.68 20.74 -38.66
N PRO B 405 -43.78 19.67 -39.46
CA PRO B 405 -43.14 19.69 -40.79
C PRO B 405 -43.64 20.79 -41.69
N THR B 406 -44.88 21.26 -41.51
CA THR B 406 -45.42 22.32 -42.36
C THR B 406 -44.62 23.62 -42.20
N LEU B 407 -44.25 23.96 -40.97
CA LEU B 407 -43.54 25.19 -40.66
C LEU B 407 -42.03 25.03 -40.66
N LEU B 408 -41.53 23.85 -41.04
CA LEU B 408 -40.09 23.59 -40.95
C LEU B 408 -39.31 24.43 -41.97
N LYS B 409 -39.76 24.43 -43.24
CA LYS B 409 -39.05 25.18 -44.26
C LYS B 409 -39.01 26.69 -43.99
N PRO B 410 -40.12 27.37 -43.66
CA PRO B 410 -40.01 28.79 -43.35
C PRO B 410 -39.09 29.09 -42.18
N PHE B 411 -39.06 28.21 -41.17
CA PHE B 411 -38.17 28.45 -40.04
C PHE B 411 -36.72 28.33 -40.44
N ILE B 412 -36.38 27.34 -41.26
CA ILE B 412 -35.01 27.23 -41.75
C ILE B 412 -34.64 28.43 -42.60
N ASP B 413 -35.60 28.94 -43.37
CA ASP B 413 -35.36 30.16 -44.13
C ASP B 413 -35.08 31.34 -43.21
N VAL B 414 -35.83 31.44 -42.11
CA VAL B 414 -35.65 32.55 -41.18
C VAL B 414 -34.30 32.47 -40.50
N MET B 415 -33.93 31.28 -40.00
CA MET B 415 -32.67 31.13 -39.28
C MET B 415 -31.48 31.42 -40.17
N GLY B 416 -31.52 30.97 -41.43
CA GLY B 416 -30.43 31.17 -42.35
C GLY B 416 -29.48 30.00 -42.47
N ASN B 417 -29.59 28.99 -41.61
CA ASN B 417 -28.74 27.81 -41.67
C ASN B 417 -29.49 26.64 -41.06
N ILE B 418 -28.88 25.46 -41.15
CA ILE B 418 -29.47 24.25 -40.60
C ILE B 418 -28.70 23.78 -39.37
N ASP B 419 -27.90 24.65 -38.77
CA ASP B 419 -27.06 24.28 -37.63
C ASP B 419 -27.76 24.64 -36.32
N PHE B 420 -28.81 23.89 -36.04
CA PHE B 420 -29.55 24.06 -34.79
C PHE B 420 -30.34 22.80 -34.49
N ILE B 421 -30.49 22.52 -33.20
CA ILE B 421 -31.39 21.49 -32.73
C ILE B 421 -32.77 22.11 -32.54
N THR B 422 -33.81 21.38 -32.93
CA THR B 422 -35.19 21.86 -32.82
C THR B 422 -36.01 20.83 -32.07
N THR B 423 -36.18 21.06 -30.77
CA THR B 423 -36.98 20.17 -29.91
C THR B 423 -38.44 20.59 -30.00
N MET B 424 -39.25 19.77 -30.67
CA MET B 424 -40.66 20.11 -30.86
C MET B 424 -41.42 19.99 -29.55
N GLY B 425 -42.34 20.93 -29.34
CA GLY B 425 -43.23 20.89 -28.19
C GLY B 425 -44.60 20.39 -28.58
N ALA B 426 -45.55 21.30 -28.74
CA ALA B 426 -46.93 20.97 -29.12
C ALA B 426 -47.10 20.71 -30.61
N GLY B 427 -46.01 20.52 -31.36
CA GLY B 427 -46.13 20.44 -32.81
C GLY B 427 -46.93 19.24 -33.28
N CYS B 428 -46.63 18.06 -32.75
CA CYS B 428 -47.27 16.85 -33.23
C CYS B 428 -47.62 15.86 -32.10
N HIS B 429 -47.42 16.23 -30.85
CA HIS B 429 -47.69 15.32 -29.74
C HIS B 429 -49.18 15.02 -29.62
N PRO B 432 -53.05 11.90 -34.27
CA PRO B 432 -53.50 10.57 -33.88
C PRO B 432 -52.85 9.46 -34.69
N LYS B 433 -51.97 9.84 -35.61
CA LYS B 433 -51.24 8.88 -36.43
C LYS B 433 -49.99 8.34 -35.76
N GLY B 434 -49.60 8.90 -34.64
CA GLY B 434 -48.49 8.36 -33.89
C GLY B 434 -47.30 9.30 -33.84
N THR B 435 -46.57 9.25 -32.72
CA THR B 435 -45.34 10.03 -32.60
C THR B 435 -44.31 9.57 -33.62
N THR B 436 -44.24 8.26 -33.88
CA THR B 436 -43.34 7.75 -34.91
C THR B 436 -43.71 8.32 -36.27
N ALA B 437 -45.01 8.37 -36.59
CA ALA B 437 -45.44 8.94 -37.86
C ALA B 437 -45.11 10.42 -37.94
N GLY B 438 -45.30 11.16 -36.85
CA GLY B 438 -44.94 12.57 -36.86
C GLY B 438 -43.45 12.80 -37.07
N ALA B 439 -42.62 11.99 -36.39
CA ALA B 439 -41.17 12.10 -36.60
C ALA B 439 -40.79 11.74 -38.02
N LYS B 440 -41.45 10.74 -38.59
CA LYS B 440 -41.19 10.37 -39.99
C LYS B 440 -41.57 11.51 -40.92
N ALA B 441 -42.69 12.18 -40.65
CA ALA B 441 -43.08 13.32 -41.46
C ALA B 441 -42.07 14.45 -41.34
N LEU B 442 -41.56 14.68 -40.12
CA LEU B 442 -40.53 15.71 -39.93
C LEU B 442 -39.26 15.37 -40.70
N VAL B 443 -38.84 14.11 -40.68
CA VAL B 443 -37.66 13.69 -41.42
C VAL B 443 -37.88 13.83 -42.91
N GLN B 444 -39.08 13.48 -43.38
CA GLN B 444 -39.40 13.63 -44.79
C GLN B 444 -39.37 15.09 -45.22
N ALA B 445 -39.89 15.99 -44.38
CA ALA B 445 -39.82 17.41 -44.69
C ALA B 445 -38.38 17.91 -44.72
N CYS B 446 -37.55 17.42 -43.79
CA CYS B 446 -36.13 17.79 -43.80
C CYS B 446 -35.46 17.34 -45.08
N GLU B 447 -35.73 16.10 -45.51
CA GLU B 447 -35.14 15.60 -46.75
C GLU B 447 -35.65 16.36 -47.96
N ALA B 448 -36.93 16.75 -47.95
CA ALA B 448 -37.47 17.55 -49.03
C ALA B 448 -36.78 18.90 -49.11
N TYR B 449 -36.54 19.53 -47.95
CA TYR B 449 -35.81 20.79 -47.93
C TYR B 449 -34.39 20.61 -48.45
N GLN B 450 -33.72 19.52 -48.06
CA GLN B 450 -32.38 19.27 -48.55
C GLN B 450 -32.38 19.06 -50.06
N LYS B 451 -33.33 18.27 -50.58
CA LYS B 451 -33.45 18.08 -52.02
C LYS B 451 -33.93 19.31 -52.75
N GLY B 452 -34.45 20.30 -52.03
CA GLY B 452 -35.02 21.48 -52.68
C GLY B 452 -36.44 21.29 -53.17
N ILE B 453 -37.03 20.12 -52.99
CA ILE B 453 -38.39 19.86 -53.43
C ILE B 453 -39.38 20.48 -52.44
N ASP B 454 -40.47 21.02 -52.95
CA ASP B 454 -41.50 21.60 -52.10
C ASP B 454 -42.18 20.50 -51.27
N ILE B 455 -42.70 20.90 -50.11
CA ILE B 455 -43.35 19.96 -49.21
C ILE B 455 -44.59 19.36 -49.88
N LYS B 456 -45.40 20.20 -50.53
CA LYS B 456 -46.60 19.70 -51.20
C LYS B 456 -46.23 18.72 -52.30
N GLU B 457 -45.21 19.04 -53.09
CA GLU B 457 -44.73 18.10 -54.11
C GLU B 457 -44.20 16.83 -53.47
N TYR B 458 -43.43 16.96 -52.38
CA TYR B 458 -42.89 15.80 -51.69
C TYR B 458 -43.97 14.98 -51.00
N ALA B 459 -45.13 15.56 -50.75
CA ALA B 459 -46.23 14.84 -50.11
C ALA B 459 -47.03 14.05 -51.12
N THR C 7 10.14 67.93 -27.18
CA THR C 7 9.34 68.51 -28.25
C THR C 7 10.00 68.30 -29.61
N GLN C 8 11.17 68.92 -29.80
CA GLN C 8 11.92 68.70 -31.03
C GLN C 8 12.38 67.25 -31.16
N LEU C 9 12.82 66.66 -30.06
CA LEU C 9 13.24 65.26 -30.07
C LEU C 9 12.07 64.34 -30.43
N ILE C 10 10.85 64.72 -30.06
CA ILE C 10 9.69 63.92 -30.41
C ILE C 10 9.51 63.86 -31.92
N LYS C 11 9.70 64.99 -32.61
CA LYS C 11 9.55 65.03 -34.05
C LYS C 11 10.57 64.13 -34.76
N THR C 12 11.69 63.84 -34.10
CA THR C 12 12.69 62.97 -34.70
C THR C 12 12.28 61.51 -34.68
N LEU C 13 11.25 61.16 -33.92
CA LEU C 13 10.82 59.78 -33.79
C LEU C 13 9.92 59.37 -34.97
N ASN C 14 10.05 58.12 -35.38
CA ASN C 14 9.08 57.53 -36.28
C ASN C 14 7.85 57.10 -35.48
N ILE C 15 6.80 56.67 -36.18
CA ILE C 15 5.54 56.35 -35.52
C ILE C 15 5.71 55.20 -34.54
N HIS C 16 6.48 54.18 -34.91
CA HIS C 16 6.73 53.06 -34.02
C HIS C 16 7.50 53.50 -32.78
N GLN C 17 8.48 54.40 -32.95
CA GLN C 17 9.18 54.96 -31.81
C GLN C 17 8.27 55.87 -31.01
N LYS C 18 7.40 56.62 -31.68
CA LYS C 18 6.43 57.46 -30.99
C LYS C 18 5.51 56.64 -30.09
N GLY C 19 5.23 55.39 -30.48
CA GLY C 19 4.40 54.53 -29.66
C GLY C 19 5.00 54.18 -28.31
N TYR C 20 6.29 54.42 -28.11
CA TYR C 20 6.96 54.09 -26.85
C TYR C 20 7.38 55.32 -26.06
N VAL C 21 6.95 56.50 -26.47
CA VAL C 21 7.28 57.75 -25.79
C VAL C 21 5.99 58.50 -25.49
N ASN C 22 5.77 58.81 -24.22
CA ASN C 22 4.60 59.60 -23.82
C ASN C 22 5.02 60.43 -22.60
N PHE C 23 5.48 61.66 -22.87
CA PHE C 23 5.83 62.57 -21.80
C PHE C 23 4.62 63.08 -21.05
N ASP C 24 3.41 62.91 -21.60
CA ASP C 24 2.17 63.30 -20.96
C ASP C 24 1.49 62.14 -20.25
N LEU C 25 2.27 61.19 -19.73
CA LEU C 25 1.70 60.12 -18.95
C LEU C 25 1.08 60.71 -17.69
N PRO C 26 -0.22 60.49 -17.45
CA PRO C 26 -0.89 61.23 -16.37
C PRO C 26 -0.31 60.98 -15.00
N ASN C 27 -0.15 59.71 -14.61
CA ASN C 27 0.36 59.35 -13.29
C ASN C 27 1.24 58.11 -13.44
N PRO C 28 2.56 58.28 -13.52
CA PRO C 28 3.44 57.10 -13.53
C PRO C 28 3.28 56.23 -12.29
N LYS C 29 2.96 56.82 -11.15
CA LYS C 29 2.77 56.09 -9.90
C LYS C 29 1.33 55.66 -9.68
N ASN C 30 0.54 55.52 -10.76
CA ASN C 30 -0.85 55.14 -10.63
C ASN C 30 -1.03 53.70 -10.18
N GLY C 31 0.03 52.90 -10.16
CA GLY C 31 -0.05 51.51 -9.75
C GLY C 31 0.06 50.51 -10.88
N GLU C 32 -0.02 50.96 -12.13
CA GLU C 32 0.05 50.07 -13.28
C GLU C 32 1.47 49.90 -13.82
N TYR C 33 2.40 50.76 -13.44
CA TYR C 33 3.72 50.82 -14.04
C TYR C 33 4.81 50.59 -13.02
N LEU C 34 5.73 49.70 -13.34
CA LEU C 34 7.06 49.74 -12.74
C LEU C 34 7.79 50.95 -13.33
N LEU C 35 8.43 51.73 -12.47
CA LEU C 35 9.14 52.91 -12.93
C LEU C 35 10.64 52.62 -12.93
N ALA C 36 11.31 52.98 -14.02
CA ALA C 36 12.73 52.72 -14.16
C ALA C 36 13.40 53.97 -14.72
N VAL C 37 14.50 54.38 -14.09
CA VAL C 37 15.30 55.51 -14.55
C VAL C 37 16.64 54.97 -15.05
N PHE C 38 16.97 55.30 -16.28
CA PHE C 38 18.20 54.85 -16.92
C PHE C 38 19.13 56.03 -17.16
N HIS C 39 20.43 55.80 -16.99
CA HIS C 39 21.44 56.68 -17.54
C HIS C 39 21.72 56.20 -18.96
N LEU C 40 21.35 57.00 -19.94
CA LEU C 40 21.36 56.56 -21.34
C LEU C 40 22.20 57.52 -22.17
N ILE C 41 23.13 56.95 -22.93
CA ILE C 41 23.85 57.66 -23.98
C ILE C 41 23.71 56.86 -25.26
N SER C 42 23.28 57.51 -26.33
CA SER C 42 22.96 56.79 -27.56
C SER C 42 24.23 56.33 -28.26
N GLY C 43 24.09 55.23 -29.00
CA GLY C 43 25.23 54.62 -29.68
C GLY C 43 25.43 55.10 -31.10
N GLY C 44 25.51 56.41 -31.31
CA GLY C 44 25.83 56.96 -32.61
C GLY C 44 24.65 57.07 -33.56
N LYS C 45 24.49 58.24 -34.16
CA LYS C 45 23.49 58.57 -35.17
C LYS C 45 22.07 58.62 -34.61
N LEU C 46 21.88 58.29 -33.34
CA LEU C 46 20.59 58.39 -32.67
C LEU C 46 20.67 59.45 -31.59
N ASN C 47 19.58 60.20 -31.40
CA ASN C 47 19.51 61.10 -30.26
C ASN C 47 19.08 60.32 -29.02
N ILE C 48 19.04 61.01 -27.89
CA ILE C 48 18.74 60.34 -26.63
C ILE C 48 17.31 59.79 -26.63
N LEU C 49 16.38 60.51 -27.27
CA LEU C 49 14.99 60.05 -27.25
C LEU C 49 14.78 58.85 -28.17
N GLN C 50 15.45 58.84 -29.32
CA GLN C 50 15.34 57.68 -30.21
C GLN C 50 15.89 56.43 -29.56
N ALA C 51 17.07 56.55 -28.93
CA ALA C 51 17.63 55.41 -28.21
C ALA C 51 16.76 55.00 -27.03
N ALA C 52 16.15 55.98 -26.36
CA ALA C 52 15.23 55.67 -25.26
C ALA C 52 14.03 54.89 -25.76
N ALA C 53 13.47 55.29 -26.91
CA ALA C 53 12.34 54.57 -27.48
C ALA C 53 12.75 53.16 -27.89
N GLU C 54 13.95 53.01 -28.46
CA GLU C 54 14.44 51.68 -28.79
C GLU C 54 14.58 50.82 -27.54
N VAL C 55 15.07 51.40 -26.44
CA VAL C 55 15.21 50.66 -25.19
C VAL C 55 13.83 50.25 -24.66
N ALA C 56 12.87 51.18 -24.69
CA ALA C 56 11.53 50.88 -24.21
C ALA C 56 10.88 49.78 -25.06
N ALA C 57 11.05 49.83 -26.38
CA ALA C 57 10.49 48.81 -27.24
C ALA C 57 11.13 47.45 -26.98
N GLU C 58 12.47 47.41 -26.97
CA GLU C 58 13.18 46.15 -26.78
C GLU C 58 12.96 45.58 -25.39
N SER C 59 12.61 46.41 -24.41
CA SER C 59 12.39 45.96 -23.05
C SER C 59 10.93 45.69 -22.73
N SER C 60 9.98 46.01 -23.61
CA SER C 60 8.60 45.62 -23.37
C SER C 60 8.00 44.75 -24.48
N THR C 61 7.89 45.28 -25.69
CA THR C 61 7.12 44.60 -26.74
C THR C 61 7.82 44.59 -28.10
N GLY C 62 8.87 45.38 -28.31
CA GLY C 62 9.69 45.26 -29.50
C GLY C 62 8.96 45.50 -30.80
N THR C 63 8.13 46.53 -30.87
CA THR C 63 7.48 46.91 -32.11
C THR C 63 8.06 48.25 -32.56
N ASN C 64 9.22 48.18 -33.21
CA ASN C 64 9.89 49.34 -33.77
C ASN C 64 9.78 49.40 -35.28
N PHE C 65 9.03 48.47 -35.89
CA PHE C 65 8.80 48.44 -37.32
C PHE C 65 7.33 48.16 -37.55
N ASN C 66 6.90 48.34 -38.80
CA ASN C 66 5.50 48.11 -39.16
C ASN C 66 5.26 46.61 -39.32
N VAL C 67 4.41 46.05 -38.47
CA VAL C 67 4.02 44.64 -38.56
C VAL C 67 2.50 44.57 -38.53
N ASN C 68 1.93 43.72 -39.39
CA ASN C 68 0.48 43.55 -39.42
C ASN C 68 -0.04 42.77 -38.22
N THR C 69 0.84 42.18 -37.41
CA THR C 69 0.46 41.46 -36.22
C THR C 69 0.30 42.36 -35.00
N GLU C 70 0.56 43.66 -35.15
CA GLU C 70 0.38 44.59 -34.04
C GLU C 70 -1.10 44.71 -33.67
N THR C 71 -1.38 44.68 -32.38
CA THR C 71 -2.73 44.78 -31.86
C THR C 71 -2.82 45.96 -30.89
N PRO C 72 -4.01 46.53 -30.71
CA PRO C 72 -4.15 47.61 -29.71
C PRO C 72 -3.80 47.20 -28.30
N PHE C 73 -4.04 45.94 -27.93
CA PHE C 73 -3.67 45.48 -26.60
C PHE C 73 -2.15 45.43 -26.43
N SER C 74 -1.44 44.94 -27.45
CA SER C 74 0.02 44.97 -27.39
C SER C 74 0.55 46.40 -27.34
N LYS C 75 -0.15 47.34 -27.98
CA LYS C 75 0.18 48.74 -27.82
C LYS C 75 -0.04 49.20 -26.39
N GLU C 76 -1.09 48.69 -25.74
CA GLU C 76 -1.31 49.01 -24.34
C GLU C 76 -0.17 48.49 -23.46
N MET C 77 0.41 47.35 -23.83
CA MET C 77 1.51 46.78 -23.05
C MET C 77 2.86 47.46 -23.30
N ASN C 78 2.91 48.53 -24.09
CA ASN C 78 4.17 49.20 -24.39
C ASN C 78 4.77 49.84 -23.14
N ALA C 79 6.08 49.73 -23.01
CA ALA C 79 6.82 50.56 -22.07
C ALA C 79 6.91 51.98 -22.62
N VAL C 80 6.75 52.96 -21.76
CA VAL C 80 6.60 54.35 -22.18
C VAL C 80 7.71 55.19 -21.54
N VAL C 81 8.44 55.90 -22.38
CA VAL C 81 9.36 56.93 -21.92
C VAL C 81 8.50 58.14 -21.53
N TYR C 82 8.48 58.46 -20.24
CA TYR C 82 7.63 59.53 -19.75
C TYR C 82 8.39 60.71 -19.18
N GLN C 83 9.71 60.60 -19.01
CA GLN C 83 10.52 61.71 -18.54
C GLN C 83 11.93 61.53 -19.04
N ILE C 84 12.55 62.63 -19.48
CA ILE C 84 13.93 62.63 -19.92
C ILE C 84 14.64 63.82 -19.29
N ASP C 85 15.95 63.67 -19.12
CA ASP C 85 16.80 64.73 -18.56
C ASP C 85 17.98 64.88 -19.51
N LEU C 86 17.91 65.87 -20.39
CA LEU C 86 18.92 66.02 -21.44
C LEU C 86 20.29 66.30 -20.84
N ASP C 87 20.35 67.16 -19.82
CA ASP C 87 21.64 67.51 -19.23
C ASP C 87 22.31 66.32 -18.57
N GLN C 88 21.54 65.52 -17.83
CA GLN C 88 22.08 64.39 -17.09
C GLN C 88 21.97 63.08 -17.86
N ASN C 89 21.43 63.09 -19.08
CA ASN C 89 21.27 61.89 -19.89
C ASN C 89 20.48 60.81 -19.14
N LEU C 90 19.38 61.23 -18.54
CA LEU C 90 18.52 60.33 -17.78
C LEU C 90 17.21 60.10 -18.52
N VAL C 91 16.73 58.87 -18.50
CA VAL C 91 15.50 58.47 -19.15
C VAL C 91 14.63 57.73 -18.15
N TRP C 92 13.38 58.14 -18.02
CA TRP C 92 12.40 57.47 -17.17
C TRP C 92 11.45 56.66 -18.06
N ILE C 93 11.34 55.37 -17.79
CA ILE C 93 10.50 54.47 -18.57
C ILE C 93 9.51 53.79 -17.64
N ALA C 94 8.24 53.81 -18.01
CA ALA C 94 7.17 53.17 -17.25
C ALA C 94 6.87 51.83 -17.88
N TYR C 95 7.06 50.75 -17.12
CA TYR C 95 6.80 49.41 -17.61
C TYR C 95 5.49 48.90 -17.02
N PRO C 96 4.46 48.67 -17.82
CA PRO C 96 3.26 48.02 -17.29
C PRO C 96 3.60 46.66 -16.71
N TRP C 97 3.42 46.47 -15.41
CA TRP C 97 3.90 45.23 -14.81
C TRP C 97 3.03 44.03 -15.15
N ARG C 98 2.00 44.20 -15.98
CA ARG C 98 1.34 43.06 -16.59
C ARG C 98 2.27 42.31 -17.55
N LEU C 99 3.32 42.98 -18.04
CA LEU C 99 4.32 42.32 -18.88
C LEU C 99 5.03 41.20 -18.15
N PHE C 100 5.16 41.31 -16.83
CA PHE C 100 6.03 40.41 -16.09
C PHE C 100 5.34 39.08 -15.80
N ASP C 101 6.15 38.02 -15.80
CA ASP C 101 5.63 36.68 -15.53
C ASP C 101 4.96 36.64 -14.17
N ARG C 102 3.81 35.99 -14.11
CA ARG C 102 3.07 35.86 -12.87
C ARG C 102 3.78 34.88 -11.94
N GLY C 103 3.33 34.86 -10.69
CA GLY C 103 3.94 34.00 -9.69
C GLY C 103 5.17 34.58 -9.03
N GLY C 104 5.35 35.89 -9.06
CA GLY C 104 6.51 36.52 -8.43
C GLY C 104 7.84 36.21 -9.07
N ASN C 105 7.91 36.27 -10.40
CA ASN C 105 9.14 35.97 -11.13
C ASN C 105 9.99 37.24 -11.21
N VAL C 106 11.11 37.26 -10.49
CA VAL C 106 12.00 38.42 -10.51
C VAL C 106 12.93 38.37 -11.71
N GLN C 107 13.45 37.19 -12.04
CA GLN C 107 14.31 37.06 -13.22
C GLN C 107 13.59 37.47 -14.48
N ASN C 108 12.27 37.35 -14.53
CA ASN C 108 11.52 37.82 -15.69
C ASN C 108 11.58 39.34 -15.82
N ILE C 109 11.44 40.05 -14.71
CA ILE C 109 11.59 41.50 -14.73
C ILE C 109 13.00 41.87 -15.17
N LEU C 110 14.00 41.16 -14.64
CA LEU C 110 15.38 41.48 -14.99
C LEU C 110 15.66 41.19 -16.46
N THR C 111 15.06 40.12 -16.98
CA THR C 111 15.16 39.81 -18.40
C THR C 111 14.54 40.93 -19.24
N TYR C 112 13.40 41.47 -18.79
CA TYR C 112 12.77 42.58 -19.48
C TYR C 112 13.66 43.81 -19.49
N ILE C 113 13.99 44.32 -18.30
CA ILE C 113 14.49 45.70 -18.19
C ILE C 113 16.01 45.82 -18.20
N VAL C 114 16.74 44.78 -17.82
CA VAL C 114 18.20 44.80 -17.92
C VAL C 114 18.66 43.58 -18.70
N GLY C 115 17.83 43.12 -19.64
CA GLY C 115 18.19 41.99 -20.46
C GLY C 115 18.81 42.39 -21.79
N ASN C 116 18.06 42.20 -22.88
CA ASN C 116 18.58 42.46 -24.21
C ASN C 116 18.92 43.93 -24.43
N VAL C 117 18.38 44.84 -23.62
CA VAL C 117 18.68 46.26 -23.79
C VAL C 117 20.17 46.53 -23.56
N LEU C 118 20.81 45.74 -22.70
CA LEU C 118 22.23 45.94 -22.43
C LEU C 118 23.09 45.68 -23.65
N GLY C 119 22.73 44.70 -24.48
CA GLY C 119 23.47 44.37 -25.66
C GLY C 119 23.13 45.17 -26.89
N MET C 120 22.21 46.13 -26.81
CA MET C 120 21.81 46.88 -27.99
C MET C 120 22.91 47.84 -28.42
N LYS C 121 23.20 47.84 -29.72
CA LYS C 121 24.13 48.79 -30.30
C LYS C 121 23.61 50.21 -30.27
N GLU C 122 22.31 50.41 -30.04
CA GLU C 122 21.71 51.74 -30.03
C GLU C 122 22.15 52.59 -28.85
N VAL C 123 22.76 51.99 -27.82
CA VAL C 123 23.20 52.71 -26.64
C VAL C 123 24.69 52.47 -26.44
N SER C 124 25.44 53.55 -26.22
CA SER C 124 26.82 53.41 -25.76
C SER C 124 26.88 53.28 -24.25
N ALA C 125 25.88 53.79 -23.55
CA ALA C 125 25.76 53.65 -22.10
C ALA C 125 24.31 53.41 -21.75
N LEU C 126 24.07 52.43 -20.88
CA LEU C 126 22.71 52.13 -20.41
C LEU C 126 22.83 51.55 -19.02
N LYS C 127 22.60 52.38 -18.01
CA LYS C 127 22.71 51.98 -16.61
C LYS C 127 21.37 52.21 -15.91
N LEU C 128 20.73 51.13 -15.50
CA LEU C 128 19.52 51.23 -14.70
C LEU C 128 19.89 51.70 -13.30
N LEU C 129 19.54 52.96 -12.99
CA LEU C 129 19.97 53.57 -11.74
C LEU C 129 19.01 53.26 -10.59
N ASP C 130 17.71 53.22 -10.86
CA ASP C 130 16.73 52.98 -9.82
C ASP C 130 15.45 52.45 -10.44
N VAL C 131 14.67 51.76 -9.62
CA VAL C 131 13.35 51.28 -10.00
C VAL C 131 12.38 51.62 -8.90
N TRP C 132 11.10 51.75 -9.26
CA TRP C 132 10.03 52.00 -8.31
C TRP C 132 8.93 50.97 -8.52
N PHE C 133 8.56 50.27 -7.45
CA PHE C 133 7.54 49.24 -7.52
C PHE C 133 6.23 49.76 -6.96
N PRO C 134 5.13 49.73 -7.71
CA PRO C 134 3.83 50.07 -7.14
C PRO C 134 3.36 49.00 -6.17
N PRO C 135 2.52 49.35 -5.20
CA PRO C 135 2.03 48.34 -4.25
C PRO C 135 1.30 47.18 -4.92
N ALA C 136 0.52 47.46 -5.97
CA ALA C 136 -0.20 46.40 -6.66
C ALA C 136 0.76 45.39 -7.27
N MET C 137 1.85 45.88 -7.85
CA MET C 137 2.91 44.98 -8.30
C MET C 137 3.57 44.27 -7.14
N LEU C 138 3.83 44.99 -6.04
CA LEU C 138 4.51 44.38 -4.89
C LEU C 138 3.69 43.24 -4.29
N GLU C 139 2.38 43.23 -4.51
CA GLU C 139 1.56 42.13 -4.03
C GLU C 139 1.97 40.80 -4.65
N GLN C 140 2.47 40.82 -5.88
CA GLN C 140 2.76 39.59 -6.60
C GLN C 140 4.02 38.88 -6.12
N TYR C 141 4.85 39.54 -5.31
CA TYR C 141 6.17 39.03 -4.98
C TYR C 141 6.27 38.76 -3.49
N ASP C 142 7.04 37.73 -3.16
CA ASP C 142 7.13 37.28 -1.77
C ASP C 142 7.79 38.33 -0.88
N GLY C 143 8.96 38.81 -1.27
CA GLY C 143 9.80 39.57 -0.37
C GLY C 143 10.44 38.63 0.64
N PRO C 144 11.24 39.18 1.55
CA PRO C 144 11.81 38.33 2.60
C PRO C 144 10.76 37.86 3.57
N SER C 145 10.94 36.64 4.06
CA SER C 145 10.12 36.09 5.14
C SER C 145 10.91 35.86 6.41
N TYR C 146 12.22 35.70 6.30
CA TYR C 146 13.13 35.66 7.43
C TYR C 146 13.99 36.92 7.37
N THR C 147 14.19 37.55 8.53
CA THR C 147 14.84 38.85 8.57
C THR C 147 16.00 38.82 9.55
N LEU C 148 16.73 39.93 9.59
CA LEU C 148 17.79 40.10 10.58
C LEU C 148 17.21 40.12 11.99
N ASP C 149 15.94 40.52 12.14
CA ASP C 149 15.32 40.50 13.46
C ASP C 149 15.11 39.07 13.95
N ASP C 150 14.79 38.14 13.05
CA ASP C 150 14.69 36.74 13.42
C ASP C 150 16.02 36.19 13.89
N MET C 151 17.10 36.52 13.18
CA MET C 151 18.43 36.09 13.60
C MET C 151 18.83 36.75 14.91
N ARG C 152 18.43 38.00 15.13
CA ARG C 152 18.68 38.66 16.41
C ARG C 152 17.94 37.97 17.54
N LYS C 153 16.71 37.52 17.27
CA LYS C 153 15.95 36.78 18.28
C LYS C 153 16.62 35.45 18.59
N TYR C 154 17.10 34.74 17.56
CA TYR C 154 17.80 33.48 17.82
C TYR C 154 19.09 33.70 18.59
N LEU C 155 19.85 34.72 18.20
CA LEU C 155 21.15 34.97 18.82
C LEU C 155 21.03 35.66 20.17
N ASN C 156 19.85 36.22 20.48
CA ASN C 156 19.66 37.09 21.64
C ASN C 156 20.73 38.18 21.61
N VAL C 157 20.80 38.86 20.46
CA VAL C 157 21.76 39.95 20.25
C VAL C 157 20.98 41.16 19.78
N TYR C 158 21.15 42.27 20.49
CA TYR C 158 20.54 43.55 20.12
C TYR C 158 21.51 44.65 20.50
N ASP C 159 21.18 45.87 20.08
CA ASP C 159 21.92 47.10 20.38
C ASP C 159 23.30 47.13 19.74
N ARG C 160 23.69 46.11 18.99
CA ARG C 160 24.94 46.11 18.25
C ARG C 160 24.74 45.40 16.92
N PRO C 161 25.56 45.70 15.92
CA PRO C 161 25.49 44.93 14.67
C PRO C 161 25.93 43.49 14.88
N ILE C 162 25.36 42.60 14.05
CA ILE C 162 25.75 41.20 14.08
C ILE C 162 27.20 41.08 13.61
N LEU C 163 28.02 40.37 14.38
CA LEU C 163 29.45 40.29 14.13
C LEU C 163 29.75 39.05 13.30
N GLY C 164 30.31 39.25 12.11
CA GLY C 164 30.56 38.15 11.20
C GLY C 164 32.01 38.14 10.74
N THR C 165 32.39 37.00 10.15
CA THR C 165 33.73 36.86 9.61
C THR C 165 33.70 35.92 8.41
N ILE C 166 34.69 36.09 7.54
CA ILE C 166 35.05 35.08 6.55
C ILE C 166 36.30 34.37 7.08
N ILE C 167 36.44 33.11 6.68
CA ILE C 167 37.59 32.31 7.10
C ILE C 167 38.71 32.48 6.09
N LYS C 168 39.89 32.86 6.58
CA LYS C 168 41.09 32.99 5.77
C LYS C 168 42.04 31.84 6.10
N PRO C 169 42.55 31.10 5.10
CA PRO C 169 42.35 31.24 3.65
C PRO C 169 40.92 30.98 3.21
N LYS C 170 40.50 31.61 2.10
CA LYS C 170 39.16 31.40 1.56
C LYS C 170 38.90 29.93 1.28
N MET C 171 39.86 29.28 0.62
CA MET C 171 39.74 27.89 0.21
C MET C 171 41.05 27.18 0.48
N GLY C 172 41.04 25.86 0.30
CA GLY C 172 42.19 25.04 0.55
C GLY C 172 42.31 24.50 1.96
N LEU C 173 41.40 24.85 2.85
CA LEU C 173 41.37 24.29 4.19
C LEU C 173 40.53 23.03 4.20
N THR C 174 40.86 22.12 5.10
CA THR C 174 40.04 20.95 5.31
C THR C 174 38.79 21.32 6.09
N SER C 175 37.82 20.39 6.12
CA SER C 175 36.62 20.62 6.91
C SER C 175 36.96 20.89 8.37
N ALA C 176 37.91 20.13 8.92
CA ALA C 176 38.31 20.33 10.31
C ALA C 176 39.01 21.67 10.50
N GLU C 177 39.89 22.06 9.57
CA GLU C 177 40.58 23.34 9.69
C GLU C 177 39.59 24.50 9.60
N TYR C 178 38.67 24.43 8.64
CA TYR C 178 37.65 25.47 8.50
C TYR C 178 36.76 25.55 9.74
N ALA C 179 36.35 24.39 10.25
CA ALA C 179 35.52 24.37 11.45
C ALA C 179 36.27 24.92 12.65
N GLU C 180 37.56 24.62 12.75
CA GLU C 180 38.37 25.14 13.84
C GLU C 180 38.49 26.66 13.76
N ALA C 181 38.67 27.20 12.56
CA ALA C 181 38.71 28.66 12.41
C ALA C 181 37.37 29.29 12.75
N ALA C 182 36.27 28.65 12.34
CA ALA C 182 34.95 29.15 12.68
C ALA C 182 34.73 29.14 14.19
N TYR C 183 35.16 28.06 14.85
CA TYR C 183 35.06 27.99 16.31
C TYR C 183 35.93 29.05 16.97
N ASP C 184 37.12 29.31 16.41
CA ASP C 184 37.99 30.33 16.98
C ASP C 184 37.33 31.70 16.93
N PHE C 185 36.68 32.02 15.81
CA PHE C 185 35.97 33.29 15.74
C PHE C 185 34.76 33.31 16.67
N TRP C 186 33.98 32.23 16.69
CA TRP C 186 32.76 32.20 17.48
C TRP C 186 33.05 32.32 18.98
N VAL C 187 34.02 31.55 19.46
CA VAL C 187 34.34 31.55 20.89
C VAL C 187 34.87 32.91 21.34
N GLY C 188 35.43 33.70 20.42
CA GLY C 188 35.87 35.04 20.75
C GLY C 188 34.75 36.05 20.86
N GLY C 189 33.50 35.61 20.75
CA GLY C 189 32.35 36.49 20.83
C GLY C 189 31.66 36.74 19.51
N GLY C 190 32.29 36.41 18.39
CA GLY C 190 31.64 36.59 17.11
C GLY C 190 30.44 35.69 16.94
N ASP C 191 29.39 36.23 16.32
CA ASP C 191 28.13 35.51 16.18
C ASP C 191 27.99 34.78 14.85
N PHE C 192 28.65 35.27 13.79
CA PHE C 192 28.32 34.89 12.42
C PHE C 192 29.57 34.44 11.68
N VAL C 193 29.49 33.27 11.06
CA VAL C 193 30.56 32.80 10.18
C VAL C 193 29.93 32.37 8.86
N KCX C 194 30.52 32.78 7.75
CA KCX C 194 29.98 32.43 6.45
CB KCX C 194 29.61 33.68 5.65
CG KCX C 194 30.77 34.63 5.40
CD KCX C 194 30.33 35.87 4.64
CE KCX C 194 29.81 35.51 3.26
NZ KCX C 194 30.84 34.75 2.48
C KCX C 194 30.97 31.58 5.64
O KCX C 194 32.19 31.76 5.73
CX KCX C 194 31.78 35.40 1.81
OQ1 KCX C 194 31.82 36.62 1.82
OQ2 KCX C 194 32.63 34.75 1.18
N ASN C 195 30.44 30.64 4.88
CA ASN C 195 31.22 29.94 3.88
C ASN C 195 31.72 30.95 2.86
N ASP C 196 32.89 30.68 2.28
CA ASP C 196 33.30 31.43 1.10
C ASP C 196 32.28 31.21 -0.01
N GLU C 197 32.04 32.25 -0.80
CA GLU C 197 31.00 32.15 -1.82
C GLU C 197 31.20 31.02 -2.84
N PRO C 198 32.41 30.57 -3.16
CA PRO C 198 32.53 29.31 -3.93
C PRO C 198 32.78 28.06 -3.09
N GLN C 199 32.69 28.14 -1.77
CA GLN C 199 32.95 26.99 -0.92
C GLN C 199 31.79 26.00 -1.02
N ALA C 200 32.09 24.80 -1.49
CA ALA C 200 31.08 23.81 -1.82
C ALA C 200 31.70 22.43 -1.63
N ASN C 201 31.11 21.42 -2.25
CA ASN C 201 31.61 20.05 -2.14
C ASN C 201 32.92 19.88 -2.90
N GLN C 202 33.99 20.53 -2.43
CA GLN C 202 35.32 20.29 -2.98
C GLN C 202 35.87 18.98 -2.43
N ASP C 203 36.77 18.37 -3.22
CA ASP C 203 37.28 17.05 -2.85
C ASP C 203 38.08 17.08 -1.55
N PHE C 204 38.85 18.14 -1.32
CA PHE C 204 39.64 18.25 -0.10
C PHE C 204 38.85 18.76 1.08
N CYS C 205 37.68 19.33 0.85
CA CYS C 205 36.78 19.80 1.91
C CYS C 205 35.36 19.37 1.57
N PRO C 206 35.05 18.08 1.72
CA PRO C 206 33.74 17.59 1.32
C PRO C 206 32.62 18.30 2.07
N TYR C 207 31.49 18.46 1.38
CA TYR C 207 30.41 19.28 1.91
C TYR C 207 29.81 18.67 3.18
N ASP C 208 29.54 17.36 3.16
CA ASP C 208 28.94 16.71 4.33
C ASP C 208 29.88 16.78 5.53
N LYS C 209 31.18 16.54 5.31
CA LYS C 209 32.14 16.63 6.39
C LYS C 209 32.26 18.06 6.90
N MET C 210 32.22 19.03 5.99
CA MET C 210 32.23 20.43 6.41
C MET C 210 31.03 20.75 7.28
N VAL C 211 29.85 20.27 6.90
CA VAL C 211 28.63 20.56 7.65
C VAL C 211 28.72 19.93 9.04
N ARG C 212 29.16 18.67 9.12
CA ARG C 212 29.29 18.01 10.42
C ARG C 212 30.32 18.70 11.30
N ASN C 213 31.47 19.07 10.73
CA ASN C 213 32.52 19.69 11.52
C ASN C 213 32.11 21.09 11.98
N VAL C 214 31.37 21.82 11.14
CA VAL C 214 30.87 23.13 11.54
C VAL C 214 29.83 22.99 12.63
N LYS C 215 28.99 21.96 12.56
CA LYS C 215 28.03 21.70 13.63
C LYS C 215 28.75 21.44 14.95
N ALA C 216 29.81 20.62 14.90
CA ALA C 216 30.60 20.38 16.10
C ALA C 216 31.24 21.66 16.61
N ALA C 217 31.83 22.46 15.72
CA ALA C 217 32.45 23.71 16.15
C ALA C 217 31.42 24.65 16.77
N MET C 218 30.21 24.69 16.19
CA MET C 218 29.11 25.45 16.77
C MET C 218 28.78 24.97 18.18
N ASP C 219 28.71 23.65 18.37
CA ASP C 219 28.38 23.10 19.67
C ASP C 219 29.41 23.50 20.72
N LYS C 220 30.70 23.29 20.43
CA LYS C 220 31.72 23.68 21.40
C LYS C 220 31.73 25.19 21.63
N ALA C 221 31.55 25.99 20.58
CA ALA C 221 31.52 27.44 20.77
C ALA C 221 30.36 27.87 21.67
N VAL C 222 29.18 27.27 21.46
CA VAL C 222 28.01 27.64 22.25
C VAL C 222 28.19 27.23 23.71
N LYS C 223 28.67 26.02 23.96
CA LYS C 223 28.90 25.62 25.36
C LYS C 223 29.99 26.46 26.02
N GLU C 224 31.08 26.74 25.29
CA GLU C 224 32.13 27.57 25.85
C GLU C 224 31.71 29.02 26.07
N THR C 225 30.66 29.47 25.37
CA THR C 225 30.23 30.87 25.47
C THR C 225 28.86 31.06 26.10
N GLY C 226 27.98 30.06 26.02
CA GLY C 226 26.59 30.22 26.38
C GLY C 226 25.75 30.87 25.31
N ASN C 227 26.35 31.69 24.44
CA ASN C 227 25.62 32.40 23.40
C ASN C 227 25.47 31.51 22.16
N LYS C 228 24.35 31.68 21.47
CA LYS C 228 24.12 30.96 20.22
C LYS C 228 24.96 31.57 19.10
N LYS C 229 25.22 30.76 18.08
CA LYS C 229 26.04 31.16 16.94
C LYS C 229 25.33 30.80 15.65
N VAL C 230 25.69 31.49 14.58
CA VAL C 230 25.09 31.30 13.26
C VAL C 230 26.19 31.07 12.25
N HIS C 231 26.04 30.02 11.44
CA HIS C 231 26.91 29.77 10.29
C HIS C 231 26.10 29.87 9.00
N SER C 232 26.67 30.54 8.01
CA SER C 232 26.04 30.69 6.70
C SER C 232 26.66 29.70 5.74
N PHE C 233 25.88 28.72 5.29
CA PHE C 233 26.35 27.67 4.40
C PHE C 233 26.05 28.03 2.96
N ASN C 234 27.09 27.99 2.13
CA ASN C 234 26.90 28.17 0.69
C ASN C 234 26.21 26.95 0.11
N VAL C 235 24.98 27.12 -0.36
CA VAL C 235 24.22 26.05 -0.96
C VAL C 235 24.17 26.18 -2.48
N SER C 236 24.93 27.11 -3.05
CA SER C 236 25.04 27.21 -4.50
C SER C 236 25.66 25.94 -5.06
N ALA C 237 24.97 25.33 -6.01
CA ALA C 237 25.33 24.00 -6.51
C ALA C 237 25.25 24.00 -8.03
N ALA C 238 25.53 22.84 -8.61
CA ALA C 238 25.42 22.69 -10.06
C ALA C 238 23.98 22.83 -10.52
N ASP C 239 23.03 22.23 -9.79
CA ASP C 239 21.66 22.17 -10.22
C ASP C 239 20.73 22.33 -9.03
N PHE C 240 19.43 22.33 -9.31
CA PHE C 240 18.40 22.49 -8.30
C PHE C 240 18.43 21.33 -7.31
N ASP C 241 18.58 20.10 -7.81
CA ASP C 241 18.60 18.93 -6.94
C ASP C 241 19.78 18.96 -5.98
N THR C 242 20.97 19.33 -6.45
CA THR C 242 22.14 19.35 -5.59
C THR C 242 22.02 20.41 -4.50
N MET C 243 21.51 21.59 -4.87
CA MET C 243 21.29 22.64 -3.88
C MET C 243 20.30 22.20 -2.82
N ILE C 244 19.20 21.57 -3.23
CA ILE C 244 18.21 21.12 -2.25
C ILE C 244 18.79 20.01 -1.39
N GLU C 245 19.62 19.14 -1.98
CA GLU C 245 20.26 18.08 -1.20
C GLU C 245 21.18 18.68 -0.13
N ARG C 246 21.94 19.71 -0.48
CA ARG C 246 22.82 20.35 0.49
C ARG C 246 22.00 21.07 1.57
N CYS C 247 20.90 21.71 1.18
CA CYS C 247 20.02 22.36 2.15
C CYS C 247 19.46 21.35 3.14
N GLU C 248 18.95 20.22 2.63
CA GLU C 248 18.40 19.18 3.49
C GLU C 248 19.48 18.58 4.38
N LEU C 249 20.69 18.43 3.85
CA LEU C 249 21.80 17.93 4.67
C LEU C 249 22.10 18.87 5.82
N ILE C 250 22.07 20.18 5.56
CA ILE C 250 22.23 21.14 6.65
C ILE C 250 21.09 21.00 7.66
N ARG C 251 19.86 20.83 7.16
CA ARG C 251 18.73 20.68 8.06
C ARG C 251 18.84 19.43 8.92
N ASN C 252 19.25 18.31 8.32
CA ASN C 252 19.29 17.02 9.00
C ASN C 252 20.63 16.73 9.65
N ALA C 253 21.47 17.76 9.86
CA ALA C 253 22.79 17.55 10.45
C ALA C 253 22.68 16.99 11.87
N GLY C 254 21.82 17.54 12.72
CA GLY C 254 20.85 18.62 12.59
C GLY C 254 21.10 19.82 13.49
N PHE C 255 21.26 20.98 12.87
CA PHE C 255 21.38 22.22 13.60
C PHE C 255 20.05 22.60 14.25
N GLU C 256 20.13 23.32 15.35
CA GLU C 256 18.93 23.95 15.89
C GLU C 256 18.47 25.05 14.94
N PRO C 257 17.15 25.21 14.75
CA PRO C 257 16.67 26.22 13.80
C PRO C 257 17.13 27.62 14.18
N GLY C 258 17.56 28.38 13.17
CA GLY C 258 18.14 29.68 13.38
C GLY C 258 19.65 29.72 13.39
N SER C 259 20.29 28.57 13.63
CA SER C 259 21.75 28.52 13.71
C SER C 259 22.42 28.47 12.34
N TYR C 260 21.67 28.18 11.29
CA TYR C 260 22.24 28.07 9.94
C TYR C 260 21.52 29.03 9.00
N ALA C 261 22.30 29.64 8.11
CA ALA C 261 21.78 30.45 7.02
C ALA C 261 22.19 29.81 5.71
N PHE C 262 21.34 29.96 4.69
CA PHE C 262 21.63 29.44 3.36
C PHE C 262 22.23 30.58 2.53
N LEU C 263 23.50 30.44 2.17
CA LEU C 263 24.17 31.39 1.30
C LEU C 263 23.99 30.96 -0.15
N ILE C 264 23.60 31.91 -1.00
CA ILE C 264 23.41 31.66 -2.42
C ILE C 264 24.18 32.71 -3.21
N ASP C 265 24.89 32.27 -4.23
CA ASP C 265 25.53 33.18 -5.17
C ASP C 265 24.44 33.68 -6.11
N GLY C 266 23.88 34.84 -5.79
CA GLY C 266 22.70 35.30 -6.51
C GLY C 266 22.95 35.58 -7.98
N ILE C 267 24.13 36.06 -8.31
CA ILE C 267 24.42 36.42 -9.70
C ILE C 267 24.78 35.19 -10.52
N THR C 268 25.76 34.41 -10.07
CA THR C 268 26.21 33.26 -10.85
C THR C 268 25.20 32.12 -10.81
N ALA C 269 24.74 31.76 -9.61
CA ALA C 269 23.76 30.67 -9.52
C ALA C 269 22.41 31.08 -10.07
N GLY C 270 22.03 32.33 -9.91
CA GLY C 270 20.87 32.86 -10.58
C GLY C 270 19.75 33.22 -9.61
N TRP C 271 18.86 34.09 -10.09
CA TRP C 271 17.73 34.55 -9.29
C TRP C 271 16.73 33.44 -9.04
N MET C 272 16.70 32.44 -9.92
CA MET C 272 15.80 31.31 -9.72
C MET C 272 16.18 30.52 -8.47
N ALA C 273 17.48 30.35 -8.23
CA ALA C 273 17.92 29.67 -7.02
C ALA C 273 17.56 30.48 -5.78
N VAL C 274 17.70 31.80 -5.85
CA VAL C 274 17.34 32.65 -4.71
C VAL C 274 15.86 32.51 -4.39
N GLN C 275 15.01 32.59 -5.41
CA GLN C 275 13.58 32.45 -5.19
C GLN C 275 13.21 31.05 -4.69
N THR C 276 13.87 30.02 -5.22
CA THR C 276 13.61 28.66 -4.77
C THR C 276 13.98 28.48 -3.31
N LEU C 277 15.13 29.05 -2.90
CA LEU C 277 15.51 28.99 -1.49
C LEU C 277 14.52 29.74 -0.62
N ARG C 278 14.06 30.91 -1.09
CA ARG C 278 13.11 31.69 -0.31
C ARG C 278 11.80 30.94 -0.13
N ARG C 279 11.32 30.27 -1.17
CA ARG C 279 10.01 29.63 -1.11
C ARG C 279 10.06 28.25 -0.48
N LYS C 280 11.20 27.55 -0.56
CA LYS C 280 11.30 26.23 0.04
C LYS C 280 11.74 26.30 1.50
N TYR C 281 12.45 27.36 1.87
CA TYR C 281 12.93 27.54 3.24
C TYR C 281 12.64 28.95 3.70
N PRO C 282 11.36 29.30 3.89
CA PRO C 282 11.03 30.64 4.38
C PRO C 282 11.49 30.89 5.80
N ASP C 283 11.76 29.85 6.58
CA ASP C 283 12.21 29.97 7.95
C ASP C 283 13.73 30.04 8.08
N VAL C 284 14.44 30.13 6.97
CA VAL C 284 15.90 30.19 6.96
C VAL C 284 16.33 31.54 6.39
N PHE C 285 17.35 32.12 7.03
CA PHE C 285 17.97 33.33 6.50
C PHE C 285 18.58 33.05 5.13
N ILE C 286 18.08 33.75 4.10
CA ILE C 286 18.58 33.60 2.74
C ILE C 286 19.69 34.63 2.56
N HIS C 287 20.93 34.15 2.57
CA HIS C 287 22.11 34.99 2.46
C HIS C 287 22.45 35.17 0.98
N PHE C 288 22.14 36.35 0.44
CA PHE C 288 22.39 36.64 -0.96
C PHE C 288 23.82 37.13 -1.12
N HIS C 289 24.68 36.30 -1.71
CA HIS C 289 26.01 36.72 -2.08
C HIS C 289 26.00 37.19 -3.53
N ARG C 290 26.52 38.39 -3.78
CA ARG C 290 26.44 39.03 -5.08
C ARG C 290 27.73 38.91 -5.89
N ALA C 291 28.47 37.82 -5.69
CA ALA C 291 29.68 37.60 -6.49
C ALA C 291 29.34 37.57 -7.97
N GLY C 292 30.03 38.40 -8.75
CA GLY C 292 29.74 38.57 -10.16
C GLY C 292 28.95 39.83 -10.48
N HIS C 293 28.45 40.53 -9.48
CA HIS C 293 27.66 41.74 -9.70
C HIS C 293 28.45 42.86 -10.35
N GLY C 294 29.78 42.81 -10.27
CA GLY C 294 30.60 43.93 -10.70
C GLY C 294 30.38 44.33 -12.15
N SER C 295 30.10 43.35 -13.01
CA SER C 295 29.83 43.68 -14.41
C SER C 295 28.62 44.59 -14.53
N PHE C 296 27.57 44.31 -13.76
CA PHE C 296 26.40 45.18 -13.78
C PHE C 296 26.66 46.50 -13.08
N THR C 297 27.30 46.46 -11.90
CA THR C 297 27.22 47.56 -10.96
C THR C 297 28.43 48.47 -10.91
N ARG C 298 29.58 48.05 -11.45
CA ARG C 298 30.79 48.84 -11.31
C ARG C 298 30.66 50.18 -12.04
N PRO C 299 31.05 51.28 -11.42
CA PRO C 299 30.93 52.59 -12.10
C PRO C 299 31.72 52.68 -13.39
N GLU C 300 32.83 51.95 -13.49
CA GLU C 300 33.60 51.93 -14.73
C GLU C 300 32.81 51.32 -15.88
N ASN C 301 31.81 50.50 -15.59
CA ASN C 301 30.99 49.87 -16.62
C ASN C 301 29.83 50.80 -16.96
N PRO C 302 29.79 51.38 -18.16
CA PRO C 302 28.64 52.23 -18.51
C PRO C 302 27.34 51.47 -18.67
N ILE C 303 27.38 50.16 -18.87
CA ILE C 303 26.20 49.35 -19.16
C ILE C 303 25.97 48.41 -17.99
N GLY C 304 24.77 48.45 -17.43
CA GLY C 304 24.42 47.58 -16.33
C GLY C 304 23.29 48.18 -15.51
N PHE C 305 23.31 47.88 -14.21
CA PHE C 305 22.40 48.49 -13.27
C PHE C 305 23.15 48.73 -11.96
N SER C 306 22.58 49.61 -11.14
CA SER C 306 23.25 50.06 -9.93
C SER C 306 23.16 48.99 -8.83
N VAL C 307 23.97 49.18 -7.79
CA VAL C 307 23.90 48.32 -6.62
C VAL C 307 22.56 48.46 -5.92
N LEU C 308 21.97 49.66 -5.96
CA LEU C 308 20.66 49.88 -5.36
C LEU C 308 19.60 49.02 -6.06
N VAL C 309 19.64 48.96 -7.39
CA VAL C 309 18.70 48.14 -8.13
C VAL C 309 18.87 46.68 -7.77
N LEU C 310 20.12 46.22 -7.68
CA LEU C 310 20.40 44.84 -7.28
C LEU C 310 19.85 44.55 -5.90
N SER C 311 20.04 45.47 -4.95
CA SER C 311 19.55 45.25 -3.60
C SER C 311 18.03 45.23 -3.56
N LYS C 312 17.38 46.12 -4.30
CA LYS C 312 15.92 46.14 -4.34
C LYS C 312 15.37 44.84 -4.93
N PHE C 313 15.99 44.34 -6.01
CA PHE C 313 15.50 43.11 -6.61
C PHE C 313 15.83 41.90 -5.75
N ALA C 314 16.94 41.93 -5.01
CA ALA C 314 17.24 40.86 -4.06
C ALA C 314 16.20 40.83 -2.94
N ARG C 315 15.81 42.01 -2.45
CA ARG C 315 14.74 42.09 -1.46
C ARG C 315 13.42 41.56 -2.05
N LEU C 316 13.13 41.93 -3.29
CA LEU C 316 11.91 41.45 -3.95
C LEU C 316 11.92 39.93 -4.08
N ALA C 317 13.06 39.35 -4.44
CA ALA C 317 13.16 37.90 -4.62
C ALA C 317 13.03 37.14 -3.32
N GLY C 318 13.22 37.79 -2.19
CA GLY C 318 13.09 37.15 -0.90
C GLY C 318 14.39 36.93 -0.15
N ALA C 319 15.48 37.60 -0.53
CA ALA C 319 16.73 37.45 0.20
C ALA C 319 16.62 38.11 1.57
N SER C 320 17.05 37.38 2.60
CA SER C 320 17.05 37.95 3.95
C SER C 320 18.13 39.01 4.10
N GLY C 321 19.28 38.78 3.49
CA GLY C 321 20.37 39.75 3.54
C GLY C 321 21.19 39.67 2.28
N ILE C 322 21.79 40.80 1.92
CA ILE C 322 22.62 40.90 0.73
C ILE C 322 23.85 41.73 1.08
N HIS C 323 24.97 41.38 0.46
CA HIS C 323 26.21 42.11 0.69
C HIS C 323 26.13 43.52 0.15
N THR C 324 26.79 44.44 0.85
CA THR C 324 26.84 45.85 0.45
C THR C 324 28.24 46.41 0.38
N GLY C 325 29.22 45.84 1.08
CA GLY C 325 30.59 46.34 1.03
C GLY C 325 30.98 47.15 2.24
N HIS C 354 17.57 57.38 -4.10
CA HIS C 354 18.53 57.91 -5.06
C HIS C 354 17.81 58.69 -6.16
N PHE C 355 16.83 58.04 -6.78
CA PHE C 355 16.02 58.66 -7.81
C PHE C 355 14.52 58.53 -7.60
N PHE C 356 14.07 57.55 -6.81
CA PHE C 356 12.66 57.36 -6.52
C PHE C 356 12.45 57.37 -5.01
N GLU C 357 11.30 57.90 -4.58
CA GLU C 357 10.90 57.83 -3.19
C GLU C 357 10.15 56.52 -2.98
N GLN C 358 10.92 55.45 -2.78
CA GLN C 358 10.38 54.10 -2.75
C GLN C 358 10.00 53.72 -1.32
N GLU C 359 8.72 53.42 -1.11
CA GLU C 359 8.22 52.87 0.14
C GLU C 359 7.81 51.43 -0.12
N TRP C 360 8.30 50.51 0.72
CA TRP C 360 8.15 49.08 0.46
C TRP C 360 6.88 48.50 1.07
N SER C 361 5.84 49.32 1.22
CA SER C 361 4.47 48.86 1.20
C SER C 361 3.94 49.09 -0.22
N LYS C 362 3.01 48.25 -0.69
CA LYS C 362 2.03 47.24 -0.31
C LYS C 362 0.77 47.90 0.25
N ILE C 363 0.86 49.22 0.47
CA ILE C 363 -0.30 50.07 0.68
C ILE C 363 0.02 51.42 0.04
N PHE C 364 -1.01 52.06 -0.49
CA PHE C 364 -0.83 53.38 -1.09
C PHE C 364 -0.71 54.44 0.01
N TRP C 389 1.95 41.79 6.99
CA TRP C 389 1.11 41.89 5.80
C TRP C 389 1.10 43.30 5.25
N ARG C 390 1.45 44.28 6.11
CA ARG C 390 1.33 45.68 5.71
C ARG C 390 2.35 46.04 4.64
N GLY C 391 3.54 45.45 4.70
CA GLY C 391 4.58 45.79 3.75
C GLY C 391 5.54 44.65 3.44
N VAL C 392 6.70 44.99 2.90
CA VAL C 392 7.73 44.02 2.56
C VAL C 392 8.82 44.08 3.62
N LYS C 393 9.21 42.90 4.12
CA LYS C 393 10.22 42.81 5.16
C LYS C 393 11.56 43.30 4.64
N LYS C 394 12.39 43.76 5.57
CA LYS C 394 13.67 44.37 5.25
C LYS C 394 14.67 43.32 4.77
N CYS C 395 15.59 43.77 3.91
CA CYS C 395 16.74 42.98 3.50
C CYS C 395 17.96 43.53 4.23
N CYS C 396 18.61 42.68 5.02
CA CYS C 396 19.69 43.14 5.89
C CYS C 396 20.93 43.46 5.07
N PRO C 397 21.57 44.61 5.27
CA PRO C 397 22.87 44.84 4.65
C PRO C 397 23.95 43.98 5.29
N ILE C 398 24.86 43.49 4.46
CA ILE C 398 25.98 42.68 4.92
C ILE C 398 27.26 43.37 4.48
N ILE C 399 28.10 43.72 5.46
CA ILE C 399 29.31 44.49 5.22
C ILE C 399 30.51 43.54 5.19
N SER C 400 31.37 43.72 4.19
CA SER C 400 32.53 42.86 4.01
C SER C 400 33.78 43.69 3.83
N GLY C 401 34.86 43.31 4.50
CA GLY C 401 36.17 43.87 4.24
C GLY C 401 36.76 44.76 5.32
N GLY C 402 37.66 44.19 6.12
CA GLY C 402 38.56 44.97 6.96
C GLY C 402 37.93 45.89 7.98
N LEU C 403 36.95 45.42 8.75
CA LEU C 403 36.31 46.24 9.77
C LEU C 403 36.85 45.82 11.14
N ASN C 404 37.96 46.45 11.54
CA ASN C 404 38.53 46.27 12.85
C ASN C 404 37.75 47.07 13.89
N PRO C 405 37.97 46.79 15.18
CA PRO C 405 37.26 47.57 16.21
C PRO C 405 37.54 49.06 16.17
N THR C 406 38.70 49.47 15.67
CA THR C 406 39.03 50.89 15.61
C THR C 406 38.07 51.64 14.69
N LEU C 407 37.72 51.05 13.55
CA LEU C 407 36.84 51.68 12.58
C LEU C 407 35.37 51.31 12.78
N LEU C 408 35.04 50.57 13.84
CA LEU C 408 33.67 50.11 14.03
C LEU C 408 32.72 51.27 14.31
N LYS C 409 33.08 52.14 15.27
CA LYS C 409 32.20 53.24 15.62
C LYS C 409 31.94 54.21 14.46
N PRO C 410 32.95 54.70 13.73
CA PRO C 410 32.65 55.58 12.60
C PRO C 410 31.77 54.92 11.54
N PHE C 411 31.92 53.61 11.34
CA PHE C 411 31.08 52.93 10.36
C PHE C 411 29.62 52.88 10.81
N ILE C 412 29.39 52.60 12.09
CA ILE C 412 28.03 52.61 12.62
C ILE C 412 27.44 54.02 12.51
N ASP C 413 28.28 55.03 12.73
CA ASP C 413 27.82 56.41 12.54
C ASP C 413 27.44 56.66 11.08
N VAL C 414 28.21 56.13 10.15
CA VAL C 414 27.94 56.34 8.73
C VAL C 414 26.64 55.67 8.32
N MET C 415 26.46 54.40 8.70
CA MET C 415 25.22 53.70 8.32
C MET C 415 24.00 54.36 8.94
N GLY C 416 24.09 54.77 10.20
CA GLY C 416 22.98 55.38 10.89
C GLY C 416 22.17 54.42 11.75
N ASN C 417 22.45 53.12 11.68
CA ASN C 417 21.76 52.14 12.51
C ASN C 417 22.70 50.97 12.74
N ILE C 418 22.23 50.00 13.51
CA ILE C 418 23.00 48.82 13.88
C ILE C 418 22.44 47.56 13.21
N ASP C 419 21.46 47.72 12.31
CA ASP C 419 20.77 46.58 11.72
C ASP C 419 21.50 46.11 10.47
N PHE C 420 22.68 45.53 10.70
CA PHE C 420 23.45 44.97 9.60
C PHE C 420 24.43 43.94 10.16
N ILE C 421 24.68 42.90 9.38
CA ILE C 421 25.75 41.96 9.63
C ILE C 421 27.02 42.51 9.02
N THR C 422 28.15 42.34 9.70
CA THR C 422 29.44 42.83 9.21
C THR C 422 30.45 41.69 9.26
N THR C 423 30.72 41.09 8.10
CA THR C 423 31.68 40.00 7.96
C THR C 423 33.05 40.59 7.68
N MET C 424 33.92 40.59 8.69
CA MET C 424 35.24 41.19 8.54
C MET C 424 36.11 40.35 7.61
N GLY C 425 36.91 41.03 6.79
CA GLY C 425 37.86 40.38 5.91
C GLY C 425 39.27 40.48 6.45
N ALA C 426 40.06 41.40 5.91
CA ALA C 426 41.44 41.62 6.32
C ALA C 426 41.57 42.43 7.60
N GLY C 427 40.49 42.59 8.37
CA GLY C 427 40.53 43.49 9.52
C GLY C 427 41.49 43.02 10.59
N CYS C 428 41.43 41.72 10.94
CA CYS C 428 42.26 41.21 12.03
C CYS C 428 42.85 39.85 11.74
N HIS C 429 42.68 39.31 10.53
CA HIS C 429 43.19 37.99 10.21
C HIS C 429 44.71 37.99 10.14
N PRO C 432 48.78 38.67 15.61
CA PRO C 432 49.49 37.57 16.27
C PRO C 432 48.90 37.22 17.64
N LYS C 433 47.91 37.99 18.08
CA LYS C 433 47.24 37.74 19.34
C LYS C 433 46.12 36.73 19.23
N GLY C 434 45.81 36.26 18.03
CA GLY C 434 44.81 35.22 17.85
C GLY C 434 43.51 35.79 17.30
N THR C 435 42.79 34.96 16.54
CA THR C 435 41.48 35.34 16.04
C THR C 435 40.49 35.56 17.18
N THR C 436 40.59 34.74 18.23
CA THR C 436 39.70 34.89 19.38
C THR C 436 39.90 36.25 20.05
N ALA C 437 41.15 36.69 20.18
CA ALA C 437 41.41 38.01 20.76
C ALA C 437 40.82 39.13 19.90
N GLY C 438 40.93 39.01 18.58
CA GLY C 438 40.35 40.01 17.70
C GLY C 438 38.84 40.06 17.78
N ALA C 439 38.19 38.89 17.85
CA ALA C 439 36.74 38.84 18.01
C ALA C 439 36.33 39.43 19.36
N LYS C 440 37.09 39.15 20.41
CA LYS C 440 36.81 39.73 21.72
C LYS C 440 36.96 41.25 21.68
N ALA C 441 37.97 41.75 20.98
CA ALA C 441 38.14 43.20 20.84
C ALA C 441 36.96 43.81 20.09
N LEU C 442 36.49 43.13 19.03
CA LEU C 442 35.34 43.62 18.29
C LEU C 442 34.09 43.66 19.17
N VAL C 443 33.88 42.62 19.97
CA VAL C 443 32.74 42.59 20.88
C VAL C 443 32.85 43.70 21.92
N GLN C 444 34.06 43.93 22.43
CA GLN C 444 34.27 45.00 23.41
C GLN C 444 34.00 46.36 22.80
N ALA C 445 34.41 46.57 21.54
CA ALA C 445 34.11 47.82 20.86
C ALA C 445 32.61 48.00 20.67
N CYS C 446 31.91 46.91 20.31
CA CYS C 446 30.46 46.99 20.18
C CYS C 446 29.80 47.37 21.49
N GLU C 447 30.24 46.76 22.60
CA GLU C 447 29.68 47.08 23.91
C GLU C 447 30.01 48.51 24.32
N ALA C 448 31.21 48.98 23.99
CA ALA C 448 31.57 50.37 24.26
C ALA C 448 30.67 51.33 23.49
N TYR C 449 30.40 51.02 22.22
CA TYR C 449 29.48 51.85 21.45
C TYR C 449 28.08 51.83 22.05
N GLN C 450 27.61 50.66 22.48
CA GLN C 450 26.30 50.59 23.12
C GLN C 450 26.27 51.40 24.41
N LYS C 451 27.33 51.29 25.23
CA LYS C 451 27.41 52.08 26.45
C LYS C 451 27.66 53.56 26.18
N GLY C 452 28.07 53.92 24.96
CA GLY C 452 28.40 55.29 24.67
C GLY C 452 29.80 55.71 25.06
N ILE C 453 30.59 54.80 25.63
CA ILE C 453 31.94 55.10 26.05
C ILE C 453 32.87 55.11 24.84
N ASP C 454 33.84 56.02 24.84
CA ASP C 454 34.82 56.08 23.77
C ASP C 454 35.70 54.83 23.78
N ILE C 455 36.23 54.49 22.60
CA ILE C 455 37.05 53.29 22.46
C ILE C 455 38.32 53.42 23.28
N LYS C 456 38.98 54.58 23.22
CA LYS C 456 40.21 54.77 23.98
C LYS C 456 39.96 54.67 25.48
N GLU C 457 38.88 55.28 25.96
CA GLU C 457 38.52 55.15 27.37
C GLU C 457 38.19 53.70 27.72
N TYR C 458 37.46 53.01 26.85
CA TYR C 458 37.12 51.62 27.08
C TYR C 458 38.34 50.70 27.00
N ALA C 459 39.43 51.15 26.41
CA ALA C 459 40.64 50.35 26.29
C ALA C 459 41.47 50.46 27.56
N THR D 7 60.26 40.45 -13.80
CA THR D 7 61.45 40.46 -12.97
C THR D 7 61.39 41.62 -11.97
N GLN D 8 61.41 42.85 -12.49
CA GLN D 8 61.27 44.01 -11.62
C GLN D 8 59.91 44.05 -10.96
N LEU D 9 58.86 43.71 -11.71
CA LEU D 9 57.52 43.67 -11.13
C LEU D 9 57.39 42.63 -10.03
N ILE D 10 58.17 41.54 -10.14
CA ILE D 10 58.15 40.52 -9.09
C ILE D 10 58.65 41.09 -7.78
N LYS D 11 59.72 41.89 -7.82
CA LYS D 11 60.26 42.46 -6.60
C LYS D 11 59.29 43.41 -5.92
N THR D 12 58.31 43.93 -6.67
CA THR D 12 57.32 44.82 -6.07
C THR D 12 56.28 44.06 -5.25
N LEU D 13 56.23 42.74 -5.38
CA LEU D 13 55.24 41.94 -4.67
C LEU D 13 55.69 41.66 -3.24
N ASN D 14 54.72 41.61 -2.34
CA ASN D 14 54.96 41.08 -1.01
C ASN D 14 54.92 39.55 -1.07
N ILE D 15 55.26 38.91 0.04
CA ILE D 15 55.38 37.44 0.04
C ILE D 15 54.02 36.80 -0.26
N HIS D 16 52.95 37.34 0.31
CA HIS D 16 51.62 36.79 0.03
C HIS D 16 51.25 36.95 -1.43
N GLN D 17 51.58 38.10 -2.02
CA GLN D 17 51.37 38.28 -3.45
C GLN D 17 52.29 37.39 -4.27
N LYS D 18 53.53 37.20 -3.80
CA LYS D 18 54.45 36.30 -4.47
C LYS D 18 53.92 34.87 -4.52
N GLY D 19 53.13 34.48 -3.51
CA GLY D 19 52.53 33.16 -3.50
C GLY D 19 51.55 32.90 -4.62
N TYR D 20 51.09 33.94 -5.32
CA TYR D 20 50.11 33.80 -6.39
C TYR D 20 50.70 34.10 -7.77
N VAL D 21 52.01 34.29 -7.86
CA VAL D 21 52.68 34.57 -9.13
C VAL D 21 53.80 33.56 -9.32
N ASN D 22 53.76 32.85 -10.44
CA ASN D 22 54.82 31.91 -10.79
C ASN D 22 54.94 31.90 -12.31
N PHE D 23 55.83 32.75 -12.83
CA PHE D 23 56.09 32.78 -14.26
C PHE D 23 56.84 31.55 -14.74
N ASP D 24 57.42 30.77 -13.83
CA ASP D 24 58.12 29.54 -14.15
C ASP D 24 57.24 28.31 -13.95
N LEU D 25 55.95 28.45 -14.16
CA LEU D 25 55.06 27.29 -14.11
C LEU D 25 55.45 26.33 -15.22
N PRO D 26 55.79 25.08 -14.91
CA PRO D 26 56.37 24.21 -15.94
C PRO D 26 55.46 23.95 -17.12
N ASN D 27 54.22 23.54 -16.87
CA ASN D 27 53.27 23.23 -17.93
C ASN D 27 51.88 23.69 -17.49
N PRO D 28 51.43 24.86 -17.92
CA PRO D 28 50.06 25.27 -17.62
C PRO D 28 49.02 24.30 -18.16
N LYS D 29 49.30 23.65 -19.28
CA LYS D 29 48.38 22.69 -19.89
C LYS D 29 48.63 21.26 -19.41
N ASN D 30 49.21 21.09 -18.22
CA ASN D 30 49.49 19.77 -17.69
C ASN D 30 48.24 19.00 -17.31
N GLY D 31 47.08 19.66 -17.28
CA GLY D 31 45.83 19.00 -16.91
C GLY D 31 45.32 19.36 -15.54
N GLU D 32 46.12 20.03 -14.71
CA GLU D 32 45.71 20.39 -13.37
C GLU D 32 45.08 21.78 -13.29
N TYR D 33 45.25 22.61 -14.31
CA TYR D 33 44.87 24.01 -14.25
C TYR D 33 43.86 24.36 -15.32
N LEU D 34 42.80 25.03 -14.92
CA LEU D 34 42.03 25.85 -15.84
C LEU D 34 42.88 27.08 -16.18
N LEU D 35 42.96 27.42 -17.46
CA LEU D 35 43.76 28.55 -17.88
C LEU D 35 42.83 29.72 -18.21
N ALA D 36 43.16 30.90 -17.70
CA ALA D 36 42.34 32.08 -17.90
C ALA D 36 43.24 33.25 -18.26
N VAL D 37 42.88 33.97 -19.32
CA VAL D 37 43.59 35.17 -19.74
C VAL D 37 42.68 36.37 -19.49
N PHE D 38 43.19 37.34 -18.75
CA PHE D 38 42.44 38.54 -18.40
C PHE D 38 43.07 39.76 -19.06
N HIS D 39 42.23 40.69 -19.51
CA HIS D 39 42.67 42.04 -19.79
C HIS D 39 42.58 42.82 -18.49
N LEU D 40 43.73 43.22 -17.95
CA LEU D 40 43.81 43.77 -16.61
C LEU D 40 44.47 45.14 -16.65
N ILE D 41 43.80 46.13 -16.05
CA ILE D 41 44.41 47.43 -15.77
C ILE D 41 44.19 47.70 -14.29
N SER D 42 45.28 48.03 -13.59
CA SER D 42 45.21 48.18 -12.15
C SER D 42 44.46 49.44 -11.75
N GLY D 43 43.84 49.39 -10.57
CA GLY D 43 43.03 50.50 -10.09
C GLY D 43 43.78 51.49 -9.22
N GLY D 44 44.90 52.00 -9.73
CA GLY D 44 45.63 53.06 -9.04
C GLY D 44 46.56 52.58 -7.96
N LYS D 45 47.80 53.04 -7.99
CA LYS D 45 48.86 52.81 -7.01
C LYS D 45 49.39 51.38 -7.04
N LEU D 46 48.78 50.49 -7.83
CA LEU D 46 49.26 49.13 -8.00
C LEU D 46 49.76 48.95 -9.43
N ASN D 47 50.82 48.18 -9.59
CA ASN D 47 51.24 47.81 -10.93
C ASN D 47 50.39 46.65 -11.44
N ILE D 48 50.63 46.25 -12.68
CA ILE D 48 49.81 45.21 -13.30
C ILE D 48 50.01 43.87 -12.58
N LEU D 49 51.24 43.60 -12.12
CA LEU D 49 51.50 42.31 -11.47
C LEU D 49 50.88 42.25 -10.07
N GLN D 50 50.93 43.36 -9.33
CA GLN D 50 50.30 43.38 -8.01
C GLN D 50 48.80 43.17 -8.11
N ALA D 51 48.16 43.87 -9.06
CA ALA D 51 46.72 43.68 -9.26
C ALA D 51 46.42 42.27 -9.75
N ALA D 52 47.29 41.71 -10.59
CA ALA D 52 47.12 40.34 -11.05
C ALA D 52 47.18 39.36 -9.88
N ALA D 53 48.13 39.57 -8.96
CA ALA D 53 48.23 38.71 -7.80
C ALA D 53 47.01 38.85 -6.90
N GLU D 54 46.50 40.08 -6.74
CA GLU D 54 45.27 40.27 -5.98
C GLU D 54 44.10 39.55 -6.63
N VAL D 55 44.02 39.59 -7.97
CA VAL D 55 42.95 38.89 -8.67
C VAL D 55 43.08 37.38 -8.47
N ALA D 56 44.30 36.85 -8.60
CA ALA D 56 44.52 35.43 -8.42
C ALA D 56 44.18 34.99 -7.00
N ALA D 57 44.55 35.78 -6.00
CA ALA D 57 44.23 35.45 -4.62
C ALA D 57 42.73 35.49 -4.39
N GLU D 58 42.07 36.58 -4.79
CA GLU D 58 40.63 36.72 -4.57
C GLU D 58 39.83 35.71 -5.35
N SER D 59 40.37 35.18 -6.44
CA SER D 59 39.67 34.21 -7.26
C SER D 59 40.01 32.76 -6.94
N SER D 60 41.00 32.49 -6.07
CA SER D 60 41.24 31.11 -5.64
C SER D 60 41.14 30.92 -4.14
N THR D 61 42.02 31.56 -3.36
CA THR D 61 42.14 31.24 -1.94
C THR D 61 42.23 32.46 -1.04
N GLY D 62 42.47 33.65 -1.58
CA GLY D 62 42.35 34.88 -0.79
C GLY D 62 43.31 34.97 0.38
N THR D 63 44.57 34.63 0.18
CA THR D 63 45.58 34.79 1.22
C THR D 63 46.56 35.86 0.74
N ASN D 64 46.18 37.12 0.95
CA ASN D 64 47.01 38.27 0.63
C ASN D 64 47.58 38.92 1.87
N PHE D 65 47.34 38.34 3.04
CA PHE D 65 47.86 38.83 4.30
C PHE D 65 48.38 37.65 5.10
N ASN D 66 49.13 37.94 6.15
CA ASN D 66 49.69 36.89 6.99
C ASN D 66 48.62 36.37 7.93
N VAL D 67 48.26 35.09 7.78
CA VAL D 67 47.31 34.43 8.65
C VAL D 67 47.95 33.14 9.16
N ASN D 68 47.73 32.84 10.43
CA ASN D 68 48.27 31.61 11.01
C ASN D 68 47.50 30.37 10.59
N THR D 69 46.36 30.54 9.91
CA THR D 69 45.57 29.42 9.42
C THR D 69 46.00 28.95 8.04
N GLU D 70 47.01 29.60 7.45
CA GLU D 70 47.51 29.17 6.15
C GLU D 70 48.18 27.81 6.26
N THR D 71 47.87 26.94 5.30
CA THR D 71 48.43 25.59 5.24
C THR D 71 49.13 25.37 3.92
N PRO D 72 50.11 24.45 3.86
CA PRO D 72 50.76 24.17 2.57
C PRO D 72 49.81 23.66 1.51
N PHE D 73 48.75 22.94 1.89
CA PHE D 73 47.79 22.46 0.90
C PHE D 73 46.99 23.62 0.31
N SER D 74 46.58 24.57 1.16
CA SER D 74 45.92 25.76 0.65
C SER D 74 46.84 26.58 -0.25
N LYS D 75 48.14 26.55 0.03
CA LYS D 75 49.11 27.15 -0.89
C LYS D 75 49.13 26.40 -2.21
N GLU D 76 48.99 25.08 -2.16
CA GLU D 76 48.90 24.31 -3.40
C GLU D 76 47.67 24.69 -4.21
N MET D 77 46.57 25.03 -3.55
CA MET D 77 45.36 25.43 -4.26
C MET D 77 45.38 26.85 -4.79
N ASN D 78 46.50 27.56 -4.67
CA ASN D 78 46.58 28.93 -5.15
C ASN D 78 46.45 29.02 -6.67
N ALA D 79 45.69 30.00 -7.14
CA ALA D 79 45.75 30.39 -8.54
C ALA D 79 47.06 31.12 -8.80
N VAL D 80 47.68 30.84 -9.93
CA VAL D 80 49.03 31.31 -10.21
C VAL D 80 49.01 32.15 -11.48
N VAL D 81 49.53 33.38 -11.38
CA VAL D 81 49.82 34.20 -12.55
C VAL D 81 51.09 33.64 -13.17
N TYR D 82 50.97 33.09 -14.37
CA TYR D 82 52.09 32.44 -15.03
C TYR D 82 52.55 33.13 -16.31
N GLN D 83 51.79 34.10 -16.80
CA GLN D 83 52.20 34.86 -17.97
C GLN D 83 51.55 36.22 -17.93
N ILE D 84 52.32 37.25 -18.29
CA ILE D 84 51.82 38.61 -18.36
C ILE D 84 52.28 39.23 -19.67
N ASP D 85 51.50 40.18 -20.17
CA ASP D 85 51.82 40.92 -21.39
C ASP D 85 51.69 42.40 -21.07
N LEU D 86 52.82 43.04 -20.79
CA LEU D 86 52.81 44.43 -20.34
C LEU D 86 52.23 45.36 -21.41
N ASP D 87 52.60 45.15 -22.67
CA ASP D 87 52.11 46.02 -23.73
C ASP D 87 50.60 45.92 -23.90
N GLN D 88 50.05 44.71 -23.89
CA GLN D 88 48.63 44.49 -24.10
C GLN D 88 47.83 44.40 -22.82
N ASN D 89 48.48 44.54 -21.65
CA ASN D 89 47.81 44.48 -20.35
C ASN D 89 47.05 43.16 -20.18
N LEU D 90 47.70 42.06 -20.54
CA LEU D 90 47.12 40.73 -20.45
C LEU D 90 47.77 39.95 -19.32
N VAL D 91 46.95 39.20 -18.58
CA VAL D 91 47.41 38.38 -17.47
C VAL D 91 46.87 36.97 -17.66
N TRP D 92 47.75 35.98 -17.57
CA TRP D 92 47.37 34.58 -17.64
C TRP D 92 47.42 34.00 -16.22
N ILE D 93 46.31 33.40 -15.78
CA ILE D 93 46.20 32.84 -14.44
C ILE D 93 45.80 31.38 -14.57
N ALA D 94 46.52 30.51 -13.87
CA ALA D 94 46.24 29.08 -13.85
C ALA D 94 45.46 28.75 -12.59
N TYR D 95 44.24 28.25 -12.76
CA TYR D 95 43.40 27.90 -11.62
C TYR D 95 43.40 26.39 -11.45
N PRO D 96 43.93 25.85 -10.36
CA PRO D 96 43.79 24.42 -10.10
C PRO D 96 42.32 24.04 -10.02
N TRP D 97 41.83 23.21 -10.94
CA TRP D 97 40.39 22.98 -10.98
C TRP D 97 39.90 22.09 -9.85
N ARG D 98 40.78 21.67 -8.93
CA ARG D 98 40.32 21.11 -7.67
C ARG D 98 39.58 22.14 -6.83
N LEU D 99 39.81 23.42 -7.08
CA LEU D 99 39.06 24.48 -6.38
C LEU D 99 37.58 24.40 -6.66
N PHE D 100 37.19 23.91 -7.83
CA PHE D 100 35.81 24.03 -8.27
C PHE D 100 34.94 22.95 -7.65
N ASP D 101 33.68 23.31 -7.39
CA ASP D 101 32.72 22.39 -6.81
C ASP D 101 32.57 21.16 -7.69
N ARG D 102 32.54 19.99 -7.05
CA ARG D 102 32.39 18.75 -7.78
C ARG D 102 30.96 18.60 -8.29
N GLY D 103 30.76 17.63 -9.16
CA GLY D 103 29.46 17.41 -9.75
C GLY D 103 29.16 18.27 -10.96
N GLY D 104 30.17 18.80 -11.63
CA GLY D 104 29.96 19.63 -12.80
C GLY D 104 29.28 20.96 -12.55
N ASN D 105 29.71 21.68 -11.51
CA ASN D 105 29.12 22.96 -11.17
C ASN D 105 29.81 24.06 -11.97
N VAL D 106 29.09 24.66 -12.92
CA VAL D 106 29.65 25.72 -13.75
C VAL D 106 29.56 27.07 -13.03
N GLN D 107 28.44 27.32 -12.35
CA GLN D 107 28.31 28.58 -11.60
C GLN D 107 29.38 28.71 -10.54
N ASN D 108 29.90 27.59 -10.02
CA ASN D 108 31.01 27.67 -9.07
C ASN D 108 32.27 28.20 -9.72
N ILE D 109 32.59 27.74 -10.93
CA ILE D 109 33.73 28.28 -11.66
C ILE D 109 33.53 29.77 -11.92
N LEU D 110 32.31 30.14 -12.33
CA LEU D 110 32.04 31.55 -12.62
C LEU D 110 32.13 32.41 -11.37
N THR D 111 31.68 31.87 -10.23
CA THR D 111 31.83 32.55 -8.96
C THR D 111 33.31 32.75 -8.62
N TYR D 112 34.13 31.74 -8.90
CA TYR D 112 35.56 31.85 -8.67
C TYR D 112 36.19 32.94 -9.55
N ILE D 113 36.08 32.79 -10.86
CA ILE D 113 36.96 33.53 -11.76
C ILE D 113 36.36 34.83 -12.29
N VAL D 114 35.04 34.96 -12.34
CA VAL D 114 34.42 36.23 -12.72
C VAL D 114 33.44 36.65 -11.64
N GLY D 115 33.74 36.29 -10.40
CA GLY D 115 32.89 36.67 -9.28
C GLY D 115 33.36 37.94 -8.58
N ASN D 116 33.89 37.79 -7.37
CA ASN D 116 34.29 38.93 -6.57
C ASN D 116 35.41 39.74 -7.20
N VAL D 117 36.16 39.15 -8.14
CA VAL D 117 37.25 39.87 -8.78
C VAL D 117 36.72 41.07 -9.57
N LEU D 118 35.50 40.97 -10.09
CA LEU D 118 34.93 42.07 -10.85
C LEU D 118 34.70 43.30 -10.00
N GLY D 119 34.32 43.12 -8.73
CA GLY D 119 34.07 44.22 -7.83
C GLY D 119 35.28 44.77 -7.12
N MET D 120 36.47 44.24 -7.36
CA MET D 120 37.65 44.69 -6.64
C MET D 120 38.07 46.08 -7.10
N LYS D 121 38.34 46.94 -6.12
CA LYS D 121 38.89 48.26 -6.41
C LYS D 121 40.31 48.20 -6.95
N GLU D 122 40.98 47.06 -6.82
CA GLU D 122 42.36 46.92 -7.29
C GLU D 122 42.49 46.95 -8.81
N VAL D 123 41.40 46.80 -9.55
CA VAL D 123 41.43 46.80 -11.00
C VAL D 123 40.48 47.87 -11.51
N SER D 124 40.96 48.69 -12.45
CA SER D 124 40.06 49.57 -13.18
C SER D 124 39.45 48.86 -14.38
N ALA D 125 40.11 47.83 -14.89
CA ALA D 125 39.60 46.99 -15.96
C ALA D 125 39.95 45.55 -15.67
N LEU D 126 38.98 44.65 -15.83
CA LEU D 126 39.21 43.22 -15.64
C LEU D 126 38.23 42.47 -16.53
N LYS D 127 38.71 42.03 -17.69
CA LYS D 127 37.90 41.34 -18.68
C LYS D 127 38.48 39.96 -18.94
N LEU D 128 37.75 38.92 -18.55
CA LEU D 128 38.14 37.56 -18.87
C LEU D 128 37.93 37.32 -20.36
N LEU D 129 39.03 37.23 -21.12
CA LEU D 129 38.94 37.15 -22.56
C LEU D 129 38.77 35.71 -23.06
N ASP D 130 39.42 34.76 -22.40
CA ASP D 130 39.35 33.37 -22.84
C ASP D 130 39.70 32.46 -21.67
N VAL D 131 39.22 31.22 -21.76
CA VAL D 131 39.55 30.18 -20.80
C VAL D 131 39.94 28.93 -21.56
N TRP D 132 40.75 28.08 -20.93
CA TRP D 132 41.15 26.80 -21.49
C TRP D 132 40.86 25.71 -20.48
N PHE D 133 40.13 24.68 -20.90
CA PHE D 133 39.75 23.59 -20.02
C PHE D 133 40.62 22.37 -20.33
N PRO D 134 41.33 21.82 -19.36
CA PRO D 134 42.02 20.55 -19.58
C PRO D 134 41.04 19.40 -19.70
N PRO D 135 41.41 18.33 -20.40
CA PRO D 135 40.51 17.17 -20.52
C PRO D 135 40.10 16.58 -19.18
N ALA D 136 41.02 16.51 -18.22
CA ALA D 136 40.69 15.96 -16.91
C ALA D 136 39.61 16.79 -16.24
N MET D 137 39.68 18.11 -16.35
CA MET D 137 38.60 18.95 -15.87
C MET D 137 37.33 18.76 -16.70
N LEU D 138 37.46 18.68 -18.02
CA LEU D 138 36.29 18.52 -18.89
C LEU D 138 35.53 17.24 -18.56
N GLU D 139 36.19 16.26 -17.95
CA GLU D 139 35.52 15.04 -17.56
C GLU D 139 34.41 15.30 -16.55
N GLN D 140 34.58 16.29 -15.68
CA GLN D 140 33.65 16.53 -14.58
C GLN D 140 32.33 17.13 -15.04
N TYR D 141 32.25 17.61 -16.28
CA TYR D 141 31.10 18.40 -16.72
C TYR D 141 30.37 17.68 -17.85
N ASP D 142 29.05 17.86 -17.86
CA ASP D 142 28.20 17.14 -18.81
C ASP D 142 28.50 17.54 -20.25
N GLY D 143 28.48 18.85 -20.54
CA GLY D 143 28.44 19.32 -21.90
C GLY D 143 27.06 19.10 -22.47
N PRO D 144 26.85 19.48 -23.73
CA PRO D 144 25.56 19.22 -24.36
C PRO D 144 25.34 17.73 -24.60
N SER D 145 24.10 17.31 -24.45
CA SER D 145 23.68 15.95 -24.81
C SER D 145 22.73 15.94 -26.00
N TYR D 146 22.02 17.02 -26.23
CA TYR D 146 21.21 17.23 -27.43
C TYR D 146 21.89 18.31 -28.25
N THR D 147 21.95 18.11 -29.56
CA THR D 147 22.71 18.99 -30.43
C THR D 147 21.85 19.46 -31.58
N LEU D 148 22.43 20.35 -32.39
CA LEU D 148 21.76 20.79 -33.61
C LEU D 148 21.60 19.64 -34.59
N ASP D 149 22.46 18.62 -34.51
CA ASP D 149 22.32 17.46 -35.38
C ASP D 149 21.09 16.65 -35.02
N ASP D 150 20.76 16.57 -33.74
CA ASP D 150 19.51 15.90 -33.33
C ASP D 150 18.30 16.64 -33.87
N MET D 151 18.31 17.98 -33.78
CA MET D 151 17.21 18.76 -34.34
C MET D 151 17.15 18.64 -35.85
N ARG D 152 18.30 18.53 -36.51
CA ARG D 152 18.32 18.31 -37.94
C ARG D 152 17.73 16.96 -38.30
N LYS D 153 18.02 15.94 -37.48
CA LYS D 153 17.44 14.62 -37.70
C LYS D 153 15.93 14.66 -37.53
N TYR D 154 15.44 15.35 -36.50
CA TYR D 154 14.00 15.45 -36.31
C TYR D 154 13.34 16.22 -37.46
N LEU D 155 13.96 17.33 -37.87
CA LEU D 155 13.38 18.18 -38.91
C LEU D 155 13.58 17.61 -40.31
N ASN D 156 14.47 16.63 -40.46
CA ASN D 156 14.92 16.15 -41.76
C ASN D 156 15.34 17.36 -42.60
N VAL D 157 16.24 18.16 -42.02
CA VAL D 157 16.77 19.35 -42.67
C VAL D 157 18.29 19.27 -42.61
N TYR D 158 18.93 19.39 -43.77
CA TYR D 158 20.38 19.39 -43.86
C TYR D 158 20.79 20.33 -44.97
N ASP D 159 22.08 20.61 -45.05
CA ASP D 159 22.73 21.41 -46.09
C ASP D 159 22.34 22.89 -46.04
N ARG D 160 21.47 23.29 -45.10
CA ARG D 160 21.10 24.68 -44.94
C ARG D 160 21.00 24.98 -43.45
N PRO D 161 21.16 26.24 -43.06
CA PRO D 161 20.92 26.61 -41.66
C PRO D 161 19.47 26.45 -41.27
N ILE D 162 19.24 26.14 -40.00
CA ILE D 162 17.88 26.04 -39.49
C ILE D 162 17.27 27.43 -39.49
N LEU D 163 16.06 27.55 -40.06
CA LEU D 163 15.43 28.83 -40.26
C LEU D 163 14.51 29.13 -39.09
N GLY D 164 14.80 30.22 -38.37
CA GLY D 164 14.06 30.56 -37.17
C GLY D 164 13.53 31.98 -37.25
N THR D 165 12.60 32.28 -36.35
CA THR D 165 12.03 33.61 -36.25
C THR D 165 11.62 33.90 -34.81
N ILE D 166 11.59 35.18 -34.49
CA ILE D 166 10.91 35.69 -33.32
C ILE D 166 9.58 36.27 -33.78
N ILE D 167 8.58 36.22 -32.90
CA ILE D 167 7.26 36.75 -33.22
C ILE D 167 7.20 38.22 -32.83
N LYS D 168 6.83 39.06 -33.78
CA LYS D 168 6.63 40.49 -33.56
C LYS D 168 5.14 40.80 -33.58
N PRO D 169 4.60 41.50 -32.57
CA PRO D 169 5.27 42.07 -31.38
C PRO D 169 5.84 41.02 -30.44
N LYS D 170 6.91 41.39 -29.71
CA LYS D 170 7.52 40.48 -28.75
C LYS D 170 6.52 40.01 -27.72
N MET D 171 5.73 40.93 -27.17
CA MET D 171 4.77 40.65 -26.12
C MET D 171 3.49 41.41 -26.41
N GLY D 172 2.45 41.12 -25.63
CA GLY D 172 1.16 41.73 -25.79
C GLY D 172 0.22 40.99 -26.72
N LEU D 173 0.66 39.91 -27.34
CA LEU D 173 -0.21 39.08 -28.15
C LEU D 173 -0.88 38.03 -27.29
N THR D 174 -2.08 37.62 -27.70
CA THR D 174 -2.74 36.51 -27.05
C THR D 174 -2.09 35.19 -27.47
N SER D 175 -2.42 34.12 -26.73
CA SER D 175 -1.93 32.80 -27.11
C SER D 175 -2.31 32.45 -28.53
N ALA D 176 -3.55 32.76 -28.92
CA ALA D 176 -4.00 32.48 -30.28
C ALA D 176 -3.28 33.34 -31.30
N GLU D 177 -3.09 34.62 -31.01
CA GLU D 177 -2.37 35.50 -31.93
C GLU D 177 -0.92 35.04 -32.11
N TYR D 178 -0.25 34.71 -31.00
CA TYR D 178 1.13 34.24 -31.08
C TYR D 178 1.21 32.93 -31.85
N ALA D 179 0.29 32.00 -31.58
CA ALA D 179 0.28 30.73 -32.28
C ALA D 179 0.00 30.92 -33.77
N GLU D 180 -0.88 31.87 -34.10
CA GLU D 180 -1.16 32.16 -35.50
C GLU D 180 0.07 32.71 -36.21
N ALA D 181 0.82 33.60 -35.55
CA ALA D 181 2.05 34.11 -36.14
C ALA D 181 3.09 33.00 -36.31
N ALA D 182 3.19 32.12 -35.32
CA ALA D 182 4.12 30.99 -35.42
C ALA D 182 3.72 30.08 -36.58
N TYR D 183 2.42 29.82 -36.74
CA TYR D 183 1.95 29.02 -37.87
C TYR D 183 2.23 29.72 -39.19
N ASP D 184 2.07 31.03 -39.23
CA ASP D 184 2.33 31.77 -40.46
C ASP D 184 3.79 31.62 -40.87
N PHE D 185 4.70 31.70 -39.91
CA PHE D 185 6.11 31.50 -40.24
C PHE D 185 6.39 30.04 -40.63
N TRP D 186 5.84 29.09 -39.88
CA TRP D 186 6.13 27.68 -40.11
C TRP D 186 5.63 27.23 -41.48
N VAL D 187 4.38 27.55 -41.81
CA VAL D 187 3.79 27.12 -43.07
C VAL D 187 4.51 27.72 -44.27
N GLY D 188 5.19 28.86 -44.08
CA GLY D 188 6.00 29.44 -45.12
C GLY D 188 7.32 28.76 -45.35
N GLY D 189 7.58 27.65 -44.67
CA GLY D 189 8.82 26.91 -44.80
C GLY D 189 9.77 27.06 -43.64
N GLY D 190 9.55 28.03 -42.76
CA GLY D 190 10.41 28.17 -41.60
C GLY D 190 10.27 27.00 -40.64
N ASP D 191 11.39 26.58 -40.08
CA ASP D 191 11.43 25.41 -39.21
C ASP D 191 11.31 25.74 -37.73
N PHE D 192 11.74 26.93 -37.31
CA PHE D 192 12.00 27.21 -35.91
C PHE D 192 11.28 28.48 -35.47
N VAL D 193 10.55 28.40 -34.38
CA VAL D 193 9.94 29.57 -33.76
C VAL D 193 10.29 29.57 -32.28
N KCX D 194 10.71 30.71 -31.75
CA KCX D 194 11.07 30.79 -30.35
CB KCX D 194 12.53 31.22 -30.19
CG KCX D 194 12.86 32.56 -30.81
CD KCX D 194 14.33 32.91 -30.64
CE KCX D 194 14.71 33.05 -29.17
NZ KCX D 194 13.85 34.06 -28.50
C KCX D 194 10.16 31.77 -29.60
O KCX D 194 9.73 32.78 -30.14
CX KCX D 194 14.16 35.35 -28.57
OQ1 KCX D 194 13.43 36.19 -28.01
OQ2 KCX D 194 15.17 35.73 -29.18
N ASN D 195 9.87 31.43 -28.35
CA ASN D 195 9.24 32.37 -27.44
C ASN D 195 10.17 33.56 -27.25
N ASP D 196 9.58 34.73 -27.02
CA ASP D 196 10.39 35.85 -26.54
C ASP D 196 11.03 35.48 -25.21
N GLU D 197 12.25 35.96 -24.99
CA GLU D 197 12.97 35.55 -23.78
C GLU D 197 12.26 35.89 -22.47
N PRO D 198 11.42 36.94 -22.36
CA PRO D 198 10.57 37.06 -21.17
C PRO D 198 9.15 36.52 -21.33
N GLN D 199 8.84 35.82 -22.42
CA GLN D 199 7.50 35.30 -22.64
C GLN D 199 7.25 34.12 -21.71
N ALA D 200 6.26 34.26 -20.84
CA ALA D 200 6.01 33.30 -19.77
C ALA D 200 4.52 33.34 -19.47
N ASN D 201 4.14 32.87 -18.28
CA ASN D 201 2.75 32.85 -17.86
C ASN D 201 2.24 34.26 -17.57
N GLN D 202 2.13 35.10 -18.60
CA GLN D 202 1.50 36.40 -18.46
C GLN D 202 -0.01 36.24 -18.45
N ASP D 203 -0.70 37.19 -17.80
CA ASP D 203 -2.14 37.07 -17.62
C ASP D 203 -2.89 37.11 -18.95
N PHE D 204 -2.44 37.93 -19.90
CA PHE D 204 -3.10 38.03 -21.19
C PHE D 204 -2.67 36.94 -22.16
N CYS D 205 -1.58 36.24 -21.87
CA CYS D 205 -1.10 35.12 -22.68
C CYS D 205 -0.71 33.99 -21.74
N PRO D 206 -1.68 33.29 -21.16
CA PRO D 206 -1.36 32.26 -20.17
C PRO D 206 -0.50 31.16 -20.79
N TYR D 207 0.38 30.60 -19.95
CA TYR D 207 1.39 29.67 -20.44
C TYR D 207 0.76 28.40 -20.99
N ASP D 208 -0.19 27.81 -20.26
CA ASP D 208 -0.83 26.59 -20.72
C ASP D 208 -1.58 26.80 -22.02
N LYS D 209 -2.31 27.91 -22.13
CA LYS D 209 -3.03 28.23 -23.36
C LYS D 209 -2.04 28.48 -24.50
N MET D 210 -0.93 29.15 -24.22
CA MET D 210 0.10 29.35 -25.23
C MET D 210 0.64 28.01 -25.73
N VAL D 211 0.90 27.08 -24.81
CA VAL D 211 1.46 25.79 -25.20
C VAL D 211 0.46 25.02 -26.06
N ARG D 212 -0.81 24.99 -25.65
CA ARG D 212 -1.84 24.30 -26.43
C ARG D 212 -2.02 24.92 -27.80
N ASN D 213 -2.06 26.25 -27.87
CA ASN D 213 -2.28 26.92 -29.16
C ASN D 213 -1.08 26.74 -30.07
N VAL D 214 0.13 26.74 -29.51
CA VAL D 214 1.33 26.49 -30.31
C VAL D 214 1.34 25.05 -30.81
N LYS D 215 0.87 24.11 -29.99
CA LYS D 215 0.76 22.72 -30.44
C LYS D 215 -0.21 22.61 -31.61
N ALA D 216 -1.35 23.29 -31.52
CA ALA D 216 -2.30 23.29 -32.62
C ALA D 216 -1.70 23.92 -33.88
N ALA D 217 -1.00 25.05 -33.73
CA ALA D 217 -0.36 25.69 -34.87
C ALA D 217 0.70 24.78 -35.48
N MET D 218 1.47 24.07 -34.64
CA MET D 218 2.43 23.08 -35.12
C MET D 218 1.75 21.99 -35.93
N ASP D 219 0.64 21.46 -35.41
CA ASP D 219 -0.07 20.39 -36.12
C ASP D 219 -0.55 20.86 -37.48
N LYS D 220 -1.16 22.05 -37.53
CA LYS D 220 -1.64 22.56 -38.82
C LYS D 220 -0.49 22.86 -39.77
N ALA D 221 0.60 23.42 -39.27
CA ALA D 221 1.74 23.73 -40.14
C ALA D 221 2.35 22.46 -40.71
N VAL D 222 2.51 21.43 -39.87
CA VAL D 222 3.06 20.16 -40.33
C VAL D 222 2.13 19.51 -41.35
N LYS D 223 0.82 19.55 -41.11
CA LYS D 223 -0.12 18.94 -42.05
C LYS D 223 -0.11 19.68 -43.39
N GLU D 224 -0.10 21.01 -43.36
CA GLU D 224 -0.08 21.78 -44.59
C GLU D 224 1.27 21.74 -45.29
N THR D 225 2.33 21.33 -44.60
CA THR D 225 3.67 21.31 -45.20
C THR D 225 4.25 19.92 -45.37
N GLY D 226 3.86 18.97 -44.52
CA GLY D 226 4.53 17.69 -44.45
C GLY D 226 5.81 17.70 -43.65
N ASN D 227 6.48 18.84 -43.54
CA ASN D 227 7.73 18.96 -42.81
C ASN D 227 7.46 19.19 -41.33
N LYS D 228 8.34 18.64 -40.49
CA LYS D 228 8.24 18.85 -39.06
C LYS D 228 8.71 20.26 -38.69
N LYS D 229 8.22 20.75 -37.55
CA LYS D 229 8.54 22.09 -37.08
C LYS D 229 8.97 22.02 -35.62
N VAL D 230 9.72 23.04 -35.20
CA VAL D 230 10.25 23.12 -33.83
C VAL D 230 9.87 24.47 -33.23
N HIS D 231 9.32 24.43 -32.02
CA HIS D 231 9.07 25.64 -31.24
C HIS D 231 9.92 25.62 -29.98
N SER D 232 10.54 26.77 -29.68
CA SER D 232 11.36 26.92 -28.48
C SER D 232 10.55 27.63 -27.41
N PHE D 233 10.24 26.91 -26.33
CA PHE D 233 9.44 27.44 -25.24
C PHE D 233 10.33 27.99 -24.14
N ASN D 234 10.09 29.25 -23.76
CA ASN D 234 10.78 29.83 -22.62
C ASN D 234 10.25 29.19 -21.34
N VAL D 235 11.11 28.45 -20.65
CA VAL D 235 10.76 27.82 -19.40
C VAL D 235 11.36 28.55 -18.19
N SER D 236 11.95 29.72 -18.42
CA SER D 236 12.46 30.54 -17.32
C SER D 236 11.30 30.97 -16.43
N ALA D 237 11.42 30.69 -15.13
CA ALA D 237 10.33 30.87 -14.20
C ALA D 237 10.83 31.54 -12.93
N ALA D 238 9.93 31.75 -11.98
CA ALA D 238 10.32 32.32 -10.70
C ALA D 238 11.24 31.38 -9.93
N ASP D 239 10.87 30.10 -9.87
CA ASP D 239 11.61 29.11 -9.10
C ASP D 239 11.77 27.86 -9.94
N PHE D 240 12.50 26.88 -9.39
CA PHE D 240 12.76 25.66 -10.14
C PHE D 240 11.48 24.81 -10.26
N ASP D 241 10.63 24.86 -9.25
CA ASP D 241 9.36 24.13 -9.32
C ASP D 241 8.50 24.60 -10.49
N THR D 242 8.40 25.93 -10.66
CA THR D 242 7.60 26.46 -11.76
C THR D 242 8.20 26.13 -13.12
N MET D 243 9.53 26.21 -13.23
CA MET D 243 10.18 25.84 -14.47
C MET D 243 9.95 24.37 -14.82
N ILE D 244 10.07 23.49 -13.83
CA ILE D 244 9.84 22.07 -14.07
C ILE D 244 8.39 21.82 -14.42
N GLU D 245 7.47 22.55 -13.78
CA GLU D 245 6.06 22.41 -14.11
C GLU D 245 5.79 22.81 -15.55
N ARG D 246 6.39 23.91 -16.01
CA ARG D 246 6.22 24.34 -17.39
C ARG D 246 6.85 23.36 -18.37
N CYS D 247 8.02 22.81 -18.01
CA CYS D 247 8.65 21.79 -18.84
C CYS D 247 7.76 20.57 -18.99
N GLU D 248 7.21 20.08 -17.87
CA GLU D 248 6.34 18.91 -17.90
C GLU D 248 5.06 19.21 -18.67
N LEU D 249 4.54 20.43 -18.55
CA LEU D 249 3.37 20.82 -19.32
C LEU D 249 3.64 20.78 -20.81
N ILE D 250 4.83 21.24 -21.22
CA ILE D 250 5.20 21.11 -22.62
C ILE D 250 5.30 19.65 -23.02
N ARG D 251 5.88 18.81 -22.15
CA ARG D 251 6.00 17.39 -22.46
C ARG D 251 4.64 16.73 -22.58
N ASN D 252 3.71 17.05 -21.68
CA ASN D 252 2.41 16.39 -21.62
C ASN D 252 1.34 17.10 -22.43
N ALA D 253 1.73 17.97 -23.37
CA ALA D 253 0.77 18.71 -24.16
C ALA D 253 -0.11 17.78 -25.02
N GLY D 254 0.50 16.81 -25.71
CA GLY D 254 1.89 16.38 -25.82
C GLY D 254 2.47 16.49 -27.21
N PHE D 255 3.56 17.25 -27.31
CA PHE D 255 4.31 17.35 -28.56
C PHE D 255 5.04 16.05 -28.84
N GLU D 256 5.25 15.77 -30.11
CA GLU D 256 6.15 14.69 -30.49
C GLU D 256 7.59 15.07 -30.11
N PRO D 257 8.39 14.13 -29.61
CA PRO D 257 9.75 14.46 -29.18
C PRO D 257 10.56 15.05 -30.32
N GLY D 258 11.31 16.10 -29.99
CA GLY D 258 12.08 16.85 -30.97
C GLY D 258 11.39 18.10 -31.47
N SER D 259 10.08 18.21 -31.32
CA SER D 259 9.34 19.37 -31.81
C SER D 259 9.42 20.57 -30.88
N TYR D 260 9.86 20.38 -29.64
CA TYR D 260 9.93 21.46 -28.67
C TYR D 260 11.35 21.59 -28.13
N ALA D 261 11.78 22.84 -27.95
CA ALA D 261 13.03 23.17 -27.30
C ALA D 261 12.73 23.97 -26.04
N PHE D 262 13.55 23.77 -25.01
CA PHE D 262 13.41 24.52 -23.76
C PHE D 262 14.34 25.74 -23.82
N LEU D 263 13.76 26.92 -23.86
CA LEU D 263 14.51 28.17 -23.82
C LEU D 263 14.69 28.60 -22.37
N ILE D 264 15.92 28.95 -22.01
CA ILE D 264 16.24 29.40 -20.67
C ILE D 264 17.01 30.72 -20.78
N ASP D 265 16.64 31.69 -19.95
CA ASP D 265 17.39 32.92 -19.82
C ASP D 265 18.60 32.61 -18.95
N GLY D 266 19.73 32.31 -19.61
CA GLY D 266 20.88 31.82 -18.87
C GLY D 266 21.46 32.80 -17.88
N ILE D 267 21.42 34.08 -18.21
CA ILE D 267 22.02 35.09 -17.35
C ILE D 267 21.10 35.44 -16.19
N THR D 268 19.85 35.82 -16.49
CA THR D 268 18.94 36.25 -15.44
C THR D 268 18.44 35.08 -14.60
N ALA D 269 17.98 34.02 -15.26
CA ALA D 269 17.49 32.85 -14.50
C ALA D 269 18.63 32.11 -13.83
N GLY D 270 19.80 32.07 -14.44
CA GLY D 270 20.98 31.57 -13.79
C GLY D 270 21.49 30.28 -14.41
N TRP D 271 22.77 30.02 -14.16
CA TRP D 271 23.42 28.82 -14.67
C TRP D 271 22.88 27.56 -14.03
N MET D 272 22.34 27.68 -12.82
CA MET D 272 21.74 26.53 -12.15
C MET D 272 20.53 26.03 -12.91
N ALA D 273 19.71 26.94 -13.43
CA ALA D 273 18.57 26.53 -14.24
C ALA D 273 19.02 25.86 -15.53
N VAL D 274 20.07 26.38 -16.15
CA VAL D 274 20.58 25.75 -17.38
C VAL D 274 21.05 24.33 -17.10
N GLN D 275 21.82 24.14 -16.03
CA GLN D 275 22.29 22.81 -15.70
C GLN D 275 21.15 21.88 -15.31
N THR D 276 20.15 22.40 -14.58
CA THR D 276 18.99 21.59 -14.22
C THR D 276 18.22 21.15 -15.45
N LEU D 277 18.04 22.04 -16.42
CA LEU D 277 17.38 21.66 -17.67
C LEU D 277 18.19 20.62 -18.42
N ARG D 278 19.51 20.80 -18.47
CA ARG D 278 20.36 19.86 -19.17
C ARG D 278 20.28 18.46 -18.55
N ARG D 279 20.29 18.39 -17.22
CA ARG D 279 20.34 17.10 -16.55
C ARG D 279 18.97 16.45 -16.42
N LYS D 280 17.89 17.23 -16.36
CA LYS D 280 16.55 16.66 -16.26
C LYS D 280 15.96 16.33 -17.62
N TYR D 281 16.38 17.04 -18.66
CA TYR D 281 15.88 16.83 -20.01
C TYR D 281 17.04 16.76 -20.99
N PRO D 282 17.87 15.70 -20.91
CA PRO D 282 18.98 15.56 -21.85
C PRO D 282 18.52 15.33 -23.28
N ASP D 283 17.29 14.89 -23.49
CA ASP D 283 16.75 14.63 -24.81
C ASP D 283 16.07 15.85 -25.43
N VAL D 284 16.17 17.01 -24.79
CA VAL D 284 15.55 18.23 -25.26
C VAL D 284 16.64 19.24 -25.60
N PHE D 285 16.46 19.94 -26.71
CA PHE D 285 17.34 21.05 -27.06
C PHE D 285 17.26 22.14 -25.99
N ILE D 286 18.39 22.42 -25.34
CA ILE D 286 18.46 23.45 -24.32
C ILE D 286 18.86 24.74 -25.01
N HIS D 287 17.89 25.64 -25.17
CA HIS D 287 18.08 26.90 -25.86
C HIS D 287 18.53 27.94 -24.85
N PHE D 288 19.82 28.27 -24.87
CA PHE D 288 20.40 29.24 -23.95
C PHE D 288 20.19 30.64 -24.51
N HIS D 289 19.29 31.40 -23.89
CA HIS D 289 19.15 32.81 -24.21
C HIS D 289 19.99 33.63 -23.24
N ARG D 290 20.82 34.52 -23.79
CA ARG D 290 21.81 35.26 -23.02
C ARG D 290 21.35 36.68 -22.70
N ALA D 291 20.06 36.91 -22.57
CA ALA D 291 19.57 38.23 -22.19
C ALA D 291 20.16 38.66 -20.86
N GLY D 292 20.78 39.83 -20.84
CA GLY D 292 21.50 40.33 -19.68
C GLY D 292 23.00 40.18 -19.77
N HIS D 293 23.51 39.47 -20.78
CA HIS D 293 24.95 39.26 -20.93
C HIS D 293 25.71 40.54 -21.19
N GLY D 294 25.04 41.59 -21.64
CA GLY D 294 25.72 42.79 -22.10
C GLY D 294 26.60 43.42 -21.03
N SER D 295 26.20 43.33 -19.77
CA SER D 295 27.03 43.88 -18.70
C SER D 295 28.39 43.18 -18.66
N PHE D 296 28.40 41.86 -18.82
CA PHE D 296 29.66 41.14 -18.86
C PHE D 296 30.41 41.39 -20.16
N THR D 297 29.72 41.34 -21.30
CA THR D 297 30.38 41.12 -22.57
C THR D 297 30.55 42.36 -23.43
N ARG D 298 29.84 43.45 -23.15
CA ARG D 298 29.90 44.61 -24.03
C ARG D 298 31.29 45.23 -24.04
N PRO D 299 31.84 45.57 -25.21
CA PRO D 299 33.19 46.15 -25.24
C PRO D 299 33.31 47.45 -24.49
N GLU D 300 32.23 48.23 -24.39
CA GLU D 300 32.24 49.45 -23.60
C GLU D 300 32.46 49.19 -22.13
N ASN D 301 32.15 47.98 -21.66
CA ASN D 301 32.32 47.63 -20.26
C ASN D 301 33.74 47.08 -20.06
N PRO D 302 34.62 47.80 -19.34
CA PRO D 302 35.97 47.25 -19.10
C PRO D 302 35.98 46.03 -18.20
N ILE D 303 34.94 45.80 -17.42
CA ILE D 303 34.90 44.74 -16.42
C ILE D 303 33.86 43.72 -16.85
N GLY D 304 34.27 42.46 -16.95
CA GLY D 304 33.36 41.40 -17.32
C GLY D 304 34.13 40.23 -17.93
N PHE D 305 33.46 39.53 -18.84
CA PHE D 305 34.09 38.50 -19.63
C PHE D 305 33.54 38.55 -21.05
N SER D 306 34.27 37.93 -21.96
CA SER D 306 33.95 38.02 -23.38
C SER D 306 32.76 37.12 -23.73
N VAL D 307 32.22 37.34 -24.93
CA VAL D 307 31.17 36.48 -25.45
C VAL D 307 31.69 35.07 -25.67
N LEU D 308 32.96 34.93 -26.03
CA LEU D 308 33.56 33.62 -26.21
C LEU D 308 33.56 32.84 -24.89
N VAL D 309 33.90 33.50 -23.79
CA VAL D 309 33.89 32.84 -22.49
C VAL D 309 32.48 32.41 -22.14
N LEU D 310 31.50 33.27 -22.38
CA LEU D 310 30.10 32.93 -22.12
C LEU D 310 29.68 31.72 -22.94
N SER D 311 30.06 31.68 -24.22
CA SER D 311 29.68 30.55 -25.07
C SER D 311 30.34 29.26 -24.61
N LYS D 312 31.62 29.33 -24.23
CA LYS D 312 32.32 28.15 -23.74
C LYS D 312 31.69 27.62 -22.46
N PHE D 313 31.32 28.51 -21.54
CA PHE D 313 30.71 28.06 -20.30
C PHE D 313 29.28 27.57 -20.52
N ALA D 314 28.57 28.14 -21.49
CA ALA D 314 27.25 27.63 -21.84
C ALA D 314 27.35 26.22 -22.42
N ARG D 315 28.35 25.99 -23.27
CA ARG D 315 28.60 24.65 -23.77
C ARG D 315 28.95 23.69 -22.63
N LEU D 316 29.78 24.14 -21.69
CA LEU D 316 30.15 23.32 -20.55
C LEU D 316 28.93 22.97 -19.70
N ALA D 317 28.04 23.93 -19.49
CA ALA D 317 26.85 23.71 -18.68
C ALA D 317 25.86 22.75 -19.33
N GLY D 318 25.96 22.55 -20.63
CA GLY D 318 25.08 21.64 -21.33
C GLY D 318 24.07 22.29 -22.25
N ALA D 319 24.23 23.56 -22.60
CA ALA D 319 23.31 24.21 -23.52
C ALA D 319 23.47 23.64 -24.93
N SER D 320 22.35 23.29 -25.56
CA SER D 320 22.40 22.79 -26.92
C SER D 320 22.74 23.92 -27.90
N GLY D 321 22.23 25.11 -27.65
CA GLY D 321 22.50 26.25 -28.50
C GLY D 321 22.45 27.52 -27.69
N ILE D 322 23.22 28.51 -28.13
CA ILE D 322 23.29 29.80 -27.47
C ILE D 322 23.31 30.89 -28.54
N HIS D 323 22.69 32.02 -28.22
CA HIS D 323 22.65 33.14 -29.15
C HIS D 323 24.04 33.71 -29.36
N THR D 324 24.27 34.19 -30.58
CA THR D 324 25.54 34.82 -30.93
C THR D 324 25.38 36.17 -31.61
N GLY D 325 24.23 36.49 -32.18
CA GLY D 325 24.02 37.78 -32.82
C GLY D 325 24.16 37.74 -34.33
N HIS D 354 40.87 32.47 -29.91
CA HIS D 354 41.16 33.89 -29.70
C HIS D 354 42.47 34.05 -28.93
N PHE D 355 42.58 33.36 -27.80
CA PHE D 355 43.79 33.36 -26.98
C PHE D 355 44.29 31.98 -26.63
N PHE D 356 43.45 30.95 -26.66
CA PHE D 356 43.86 29.58 -26.37
C PHE D 356 43.47 28.69 -27.54
N GLU D 357 44.30 27.67 -27.78
CA GLU D 357 43.99 26.64 -28.77
C GLU D 357 43.18 25.55 -28.06
N GLN D 358 41.88 25.81 -27.94
CA GLN D 358 40.99 24.97 -27.15
C GLN D 358 40.41 23.86 -28.01
N GLU D 359 40.68 22.62 -27.65
CA GLU D 359 40.05 21.45 -28.24
C GLU D 359 39.12 20.83 -27.20
N TRP D 360 37.88 20.57 -27.60
CA TRP D 360 36.83 20.18 -26.67
C TRP D 360 36.74 18.68 -26.48
N SER D 361 37.84 17.96 -26.64
CA SER D 361 38.08 16.71 -25.94
C SER D 361 38.97 17.02 -24.74
N LYS D 362 38.86 16.25 -23.66
CA LYS D 362 38.35 14.97 -23.16
C LYS D 362 39.30 13.84 -23.54
N ILE D 363 40.27 14.16 -24.39
CA ILE D 363 41.44 13.33 -24.63
C ILE D 363 42.62 14.26 -24.87
N PHE D 364 43.79 13.85 -24.42
CA PHE D 364 45.00 14.63 -24.65
C PHE D 364 45.48 14.45 -26.09
N TRP D 389 31.58 9.86 -26.52
CA TRP D 389 32.41 9.75 -25.32
C TRP D 389 33.76 10.41 -25.53
N ARG D 390 34.17 10.54 -26.80
CA ARG D 390 35.51 11.03 -27.11
C ARG D 390 35.67 12.50 -26.73
N GLY D 391 34.61 13.29 -26.87
CA GLY D 391 34.71 14.71 -26.59
C GLY D 391 33.42 15.33 -26.11
N VAL D 392 33.33 16.66 -26.21
CA VAL D 392 32.17 17.42 -25.78
C VAL D 392 31.38 17.81 -27.02
N LYS D 393 30.07 17.56 -26.98
CA LYS D 393 29.21 17.89 -28.10
C LYS D 393 29.15 19.39 -28.34
N LYS D 394 28.83 19.75 -29.58
CA LYS D 394 28.87 21.14 -30.02
C LYS D 394 27.69 21.92 -29.44
N CYS D 395 27.91 23.21 -29.24
CA CYS D 395 26.86 24.16 -28.90
C CYS D 395 26.52 24.96 -30.14
N CYS D 396 25.27 24.88 -30.58
CA CYS D 396 24.89 25.49 -31.85
C CYS D 396 24.84 27.02 -31.72
N PRO D 397 25.43 27.76 -32.65
CA PRO D 397 25.22 29.21 -32.67
C PRO D 397 23.80 29.55 -33.10
N ILE D 398 23.23 30.57 -32.48
CA ILE D 398 21.90 31.05 -32.80
C ILE D 398 22.01 32.52 -33.18
N ILE D 399 21.62 32.84 -34.41
CA ILE D 399 21.78 34.18 -34.96
C ILE D 399 20.46 34.91 -34.86
N SER D 400 20.51 36.17 -34.41
CA SER D 400 19.32 36.97 -34.21
C SER D 400 19.50 38.34 -34.86
N GLY D 401 18.46 38.79 -35.58
CA GLY D 401 18.42 40.15 -36.05
C GLY D 401 18.54 40.36 -37.55
N GLY D 402 17.40 40.55 -38.21
CA GLY D 402 17.36 41.09 -39.55
C GLY D 402 18.11 40.33 -40.64
N LEU D 403 17.92 39.02 -40.73
CA LEU D 403 18.58 38.22 -41.76
C LEU D 403 17.55 37.90 -42.85
N ASN D 404 17.45 38.78 -43.82
CA ASN D 404 16.61 38.58 -44.99
C ASN D 404 17.30 37.65 -45.99
N PRO D 405 16.57 37.12 -46.98
CA PRO D 405 17.20 36.25 -47.97
C PRO D 405 18.33 36.91 -48.75
N THR D 406 18.29 38.24 -48.90
CA THR D 406 19.35 38.93 -49.64
C THR D 406 20.71 38.79 -48.96
N LEU D 407 20.72 38.88 -47.63
CA LEU D 407 21.96 38.79 -46.85
C LEU D 407 22.26 37.38 -46.37
N LEU D 408 21.47 36.39 -46.78
CA LEU D 408 21.65 35.04 -46.27
C LEU D 408 22.96 34.42 -46.76
N LYS D 409 23.22 34.50 -48.06
CA LYS D 409 24.44 33.91 -48.62
C LYS D 409 25.72 34.52 -48.06
N PRO D 410 25.88 35.85 -48.02
CA PRO D 410 27.11 36.39 -47.41
C PRO D 410 27.29 35.99 -45.97
N PHE D 411 26.21 35.87 -45.20
CA PHE D 411 26.33 35.45 -43.81
C PHE D 411 26.83 34.01 -43.70
N ILE D 412 26.31 33.13 -44.55
CA ILE D 412 26.80 31.74 -44.56
C ILE D 412 28.26 31.71 -44.97
N ASP D 413 28.65 32.58 -45.90
CA ASP D 413 30.06 32.67 -46.27
C ASP D 413 30.91 33.12 -45.09
N VAL D 414 30.40 34.07 -44.30
CA VAL D 414 31.15 34.58 -43.15
C VAL D 414 31.31 33.50 -42.09
N MET D 415 30.21 32.82 -41.74
CA MET D 415 30.29 31.78 -40.71
C MET D 415 31.18 30.63 -41.13
N GLY D 416 31.09 30.22 -42.40
CA GLY D 416 31.87 29.12 -42.92
C GLY D 416 31.18 27.77 -42.88
N ASN D 417 29.99 27.69 -42.28
CA ASN D 417 29.23 26.45 -42.26
C ASN D 417 27.75 26.80 -42.16
N ILE D 418 26.91 25.79 -42.33
CA ILE D 418 25.46 25.94 -42.25
C ILE D 418 24.91 25.35 -40.95
N ASP D 419 25.77 25.10 -39.97
CA ASP D 419 25.34 24.49 -38.72
C ASP D 419 25.04 25.59 -37.68
N PHE D 420 23.93 26.28 -37.93
CA PHE D 420 23.47 27.30 -36.99
C PHE D 420 21.99 27.58 -37.24
N ILE D 421 21.28 27.86 -36.17
CA ILE D 421 19.92 28.38 -36.24
C ILE D 421 20.00 29.89 -36.40
N THR D 422 19.12 30.45 -37.22
CA THR D 422 19.09 31.89 -37.46
C THR D 422 17.66 32.39 -37.27
N THR D 423 17.41 33.00 -36.12
CA THR D 423 16.10 33.56 -35.77
C THR D 423 16.04 35.01 -36.27
N MET D 424 15.33 35.23 -37.36
CA MET D 424 15.26 36.56 -37.94
C MET D 424 14.45 37.51 -37.06
N GLY D 425 14.91 38.74 -36.98
CA GLY D 425 14.19 39.78 -36.25
C GLY D 425 13.45 40.73 -37.18
N ALA D 426 14.03 41.89 -37.42
CA ALA D 426 13.44 42.90 -38.29
C ALA D 426 13.64 42.62 -39.78
N GLY D 427 14.05 41.40 -40.14
CA GLY D 427 14.41 41.13 -41.53
C GLY D 427 13.24 41.27 -42.49
N CYS D 428 12.09 40.68 -42.12
CA CYS D 428 10.94 40.68 -43.03
C CYS D 428 9.62 40.92 -42.31
N HIS D 429 9.62 41.20 -41.02
CA HIS D 429 8.39 41.40 -40.27
C HIS D 429 7.67 42.67 -40.71
N PRO D 432 4.69 43.65 -46.80
CA PRO D 432 3.25 43.64 -47.04
C PRO D 432 2.79 42.36 -47.77
N LYS D 433 3.75 41.54 -48.20
CA LYS D 433 3.45 40.29 -48.88
C LYS D 433 3.16 39.15 -47.92
N GLY D 434 3.30 39.36 -46.63
CA GLY D 434 2.98 38.36 -45.65
C GLY D 434 4.22 37.68 -45.08
N THR D 435 4.10 37.23 -43.83
CA THR D 435 5.19 36.48 -43.20
C THR D 435 5.46 35.18 -43.93
N THR D 436 4.40 34.52 -44.42
CA THR D 436 4.56 33.27 -45.16
C THR D 436 5.39 33.48 -46.41
N ALA D 437 5.15 34.59 -47.13
CA ALA D 437 5.93 34.88 -48.33
C ALA D 437 7.41 35.11 -47.98
N GLY D 438 7.67 35.82 -46.88
CA GLY D 438 9.05 36.04 -46.48
C GLY D 438 9.76 34.75 -46.09
N ALA D 439 9.05 33.87 -45.36
CA ALA D 439 9.63 32.57 -45.02
C ALA D 439 9.91 31.74 -46.26
N LYS D 440 8.98 31.78 -47.23
CA LYS D 440 9.19 31.05 -48.48
C LYS D 440 10.38 31.61 -49.24
N ALA D 441 10.55 32.94 -49.23
CA ALA D 441 11.72 33.54 -49.86
C ALA D 441 13.00 33.11 -49.18
N LEU D 442 12.99 33.03 -47.85
CA LEU D 442 14.17 32.58 -47.12
C LEU D 442 14.50 31.13 -47.45
N VAL D 443 13.47 30.28 -47.54
CA VAL D 443 13.69 28.88 -47.90
C VAL D 443 14.23 28.77 -49.33
N GLN D 444 13.70 29.60 -50.24
CA GLN D 444 14.18 29.59 -51.61
C GLN D 444 15.64 30.04 -51.69
N ALA D 445 16.01 31.04 -50.89
CA ALA D 445 17.41 31.46 -50.85
C ALA D 445 18.30 30.36 -50.30
N CYS D 446 17.83 29.64 -49.27
CA CYS D 446 18.59 28.52 -48.74
C CYS D 446 18.79 27.44 -49.79
N GLU D 447 17.74 27.11 -50.54
CA GLU D 447 17.84 26.11 -51.59
C GLU D 447 18.76 26.57 -52.71
N ALA D 448 18.72 27.87 -53.05
CA ALA D 448 19.62 28.40 -54.06
C ALA D 448 21.07 28.29 -53.61
N TYR D 449 21.34 28.59 -52.34
CA TYR D 449 22.69 28.43 -51.81
C TYR D 449 23.13 26.96 -51.86
N GLN D 450 22.24 26.05 -51.49
CA GLN D 450 22.58 24.63 -51.55
C GLN D 450 22.86 24.20 -52.98
N LYS D 451 22.02 24.62 -53.93
CA LYS D 451 22.26 24.29 -55.34
C LYS D 451 23.45 25.04 -55.92
N GLY D 452 23.94 26.07 -55.24
CA GLY D 452 25.01 26.89 -55.78
C GLY D 452 24.56 27.96 -56.74
N ILE D 453 23.27 28.07 -57.02
CA ILE D 453 22.76 29.06 -57.95
C ILE D 453 22.72 30.42 -57.26
N ASP D 454 23.03 31.48 -58.02
CA ASP D 454 23.00 32.83 -57.49
C ASP D 454 21.57 33.23 -57.14
N ILE D 455 21.44 34.15 -56.19
CA ILE D 455 20.13 34.61 -55.74
C ILE D 455 19.38 35.29 -56.88
N LYS D 456 20.06 36.18 -57.61
CA LYS D 456 19.40 36.89 -58.71
C LYS D 456 18.96 35.92 -59.79
N GLU D 457 19.80 34.94 -60.13
CA GLU D 457 19.40 33.92 -61.10
C GLU D 457 18.24 33.09 -60.59
N TYR D 458 18.28 32.71 -59.30
CA TYR D 458 17.20 31.94 -58.71
C TYR D 458 15.91 32.72 -58.59
N ALA D 459 15.98 34.05 -58.67
CA ALA D 459 14.78 34.88 -58.59
C ALA D 459 14.12 35.03 -59.96
N THR E 7 72.89 10.79 -7.47
CA THR E 7 73.36 11.51 -8.65
C THR E 7 73.70 10.53 -9.77
N GLN E 8 74.67 9.65 -9.52
CA GLN E 8 75.02 8.64 -10.51
C GLN E 8 73.88 7.66 -10.72
N LEU E 9 73.20 7.28 -9.64
CA LEU E 9 72.01 6.45 -9.76
C LEU E 9 70.94 7.11 -10.61
N ILE E 10 70.83 8.44 -10.53
CA ILE E 10 69.91 9.16 -11.40
C ILE E 10 70.33 8.99 -12.86
N LYS E 11 71.62 9.13 -13.15
CA LYS E 11 72.10 8.94 -14.52
C LYS E 11 71.85 7.53 -15.01
N THR E 12 71.82 6.55 -14.10
CA THR E 12 71.58 5.18 -14.50
C THR E 12 70.16 4.96 -15.00
N LEU E 13 69.20 5.76 -14.54
CA LEU E 13 67.80 5.57 -14.91
C LEU E 13 67.54 5.93 -16.35
N ASN E 14 66.54 5.28 -16.94
CA ASN E 14 65.99 5.72 -18.21
C ASN E 14 64.94 6.81 -17.96
N ILE E 15 64.47 7.44 -19.04
CA ILE E 15 63.62 8.62 -18.89
C ILE E 15 62.27 8.24 -18.28
N HIS E 16 61.74 7.08 -18.65
CA HIS E 16 60.50 6.60 -18.04
C HIS E 16 60.70 6.38 -16.53
N GLN E 17 61.84 5.82 -16.15
CA GLN E 17 62.17 5.70 -14.73
C GLN E 17 62.42 7.09 -14.12
N LYS E 18 63.03 7.99 -14.89
CA LYS E 18 63.27 9.34 -14.40
C LYS E 18 61.96 10.06 -14.06
N GLY E 19 60.88 9.70 -14.74
CA GLY E 19 59.59 10.29 -14.45
C GLY E 19 59.01 9.91 -13.09
N TYR E 20 59.63 8.95 -12.39
CA TYR E 20 59.15 8.50 -11.09
C TYR E 20 60.13 8.81 -9.97
N VAL E 21 61.19 9.56 -10.25
CA VAL E 21 62.19 9.92 -9.25
C VAL E 21 62.34 11.44 -9.26
N ASN E 22 62.15 12.05 -8.09
CA ASN E 22 62.35 13.50 -7.94
C ASN E 22 62.87 13.75 -6.53
N PHE E 23 64.20 13.79 -6.40
CA PHE E 23 64.81 14.11 -5.12
C PHE E 23 64.65 15.58 -4.76
N ASP E 24 64.28 16.42 -5.72
CA ASP E 24 64.04 17.84 -5.48
C ASP E 24 62.56 18.15 -5.28
N LEU E 25 61.80 17.22 -4.73
CA LEU E 25 60.41 17.48 -4.41
C LEU E 25 60.35 18.59 -3.37
N PRO E 26 59.69 19.72 -3.65
CA PRO E 26 59.82 20.87 -2.76
C PRO E 26 59.35 20.62 -1.34
N ASN E 27 58.21 19.95 -1.18
CA ASN E 27 57.64 19.69 0.14
C ASN E 27 56.81 18.41 0.07
N PRO E 28 57.37 17.28 0.49
CA PRO E 28 56.59 16.03 0.51
C PRO E 28 55.36 16.12 1.42
N LYS E 29 55.42 16.93 2.47
CA LYS E 29 54.32 17.07 3.42
C LYS E 29 53.37 18.21 3.06
N ASN E 30 53.39 18.64 1.79
CA ASN E 30 52.56 19.76 1.38
C ASN E 30 51.06 19.46 1.42
N GLY E 31 50.68 18.19 1.58
CA GLY E 31 49.28 17.83 1.66
C GLY E 31 48.75 17.08 0.47
N GLU E 32 49.52 16.97 -0.61
CA GLU E 32 49.09 16.28 -1.82
C GLU E 32 49.55 14.82 -1.87
N TYR E 33 50.47 14.42 -1.00
CA TYR E 33 51.12 13.13 -1.10
C TYR E 33 50.92 12.29 0.15
N LEU E 34 50.55 11.04 -0.03
CA LEU E 34 50.80 10.03 0.99
C LEU E 34 52.28 9.68 0.95
N LEU E 35 52.94 9.75 2.09
CA LEU E 35 54.37 9.47 2.16
C LEU E 35 54.58 8.04 2.62
N ALA E 36 55.41 7.30 1.90
CA ALA E 36 55.68 5.90 2.20
C ALA E 36 57.17 5.66 2.16
N VAL E 37 57.70 5.02 3.19
CA VAL E 37 59.10 4.62 3.25
C VAL E 37 59.16 3.10 3.16
N PHE E 38 59.99 2.60 2.25
CA PHE E 38 60.13 1.17 2.02
C PHE E 38 61.55 0.74 2.37
N HIS E 39 61.68 -0.47 2.90
CA HIS E 39 62.95 -1.18 2.89
C HIS E 39 63.03 -1.92 1.58
N LEU E 40 64.00 -1.57 0.74
CA LEU E 40 64.05 -2.05 -0.63
C LEU E 40 65.43 -2.60 -0.94
N ILE E 41 65.48 -3.82 -1.47
CA ILE E 41 66.68 -4.39 -2.06
C ILE E 41 66.31 -4.89 -3.45
N SER E 42 67.08 -4.48 -4.45
CA SER E 42 66.75 -4.80 -5.83
C SER E 42 66.93 -6.29 -6.11
N GLY E 43 66.12 -6.79 -7.04
CA GLY E 43 66.14 -8.20 -7.39
C GLY E 43 67.07 -8.56 -8.53
N GLY E 44 68.33 -8.15 -8.42
CA GLY E 44 69.34 -8.54 -9.39
C GLY E 44 69.36 -7.69 -10.64
N LYS E 45 70.56 -7.24 -11.02
CA LYS E 45 70.85 -6.47 -12.24
C LYS E 45 70.29 -5.06 -12.20
N LEU E 46 69.53 -4.70 -11.18
CA LEU E 46 69.03 -3.34 -11.00
C LEU E 46 69.64 -2.77 -9.72
N ASN E 47 69.84 -1.46 -9.71
CA ASN E 47 70.26 -0.82 -8.47
C ASN E 47 69.04 -0.42 -7.65
N ILE E 48 69.30 0.18 -6.49
CA ILE E 48 68.21 0.54 -5.58
C ILE E 48 67.32 1.61 -6.19
N LEU E 49 67.90 2.54 -6.96
CA LEU E 49 67.09 3.61 -7.53
C LEU E 49 66.25 3.12 -8.70
N GLN E 50 66.79 2.23 -9.53
CA GLN E 50 66.01 1.65 -10.62
C GLN E 50 64.84 0.84 -10.07
N ALA E 51 65.09 0.00 -9.06
CA ALA E 51 64.03 -0.77 -8.45
C ALA E 51 63.01 0.15 -7.77
N ALA E 52 63.48 1.23 -7.15
CA ALA E 52 62.57 2.19 -6.53
C ALA E 52 61.67 2.85 -7.58
N ALA E 53 62.24 3.21 -8.73
CA ALA E 53 61.45 3.79 -9.80
C ALA E 53 60.43 2.79 -10.33
N GLU E 54 60.82 1.52 -10.46
CA GLU E 54 59.88 0.49 -10.88
C GLU E 54 58.75 0.33 -9.86
N VAL E 55 59.08 0.38 -8.57
CA VAL E 55 58.07 0.24 -7.53
C VAL E 55 57.12 1.43 -7.56
N ALA E 56 57.65 2.64 -7.71
CA ALA E 56 56.80 3.83 -7.80
C ALA E 56 55.90 3.78 -9.04
N ALA E 57 56.43 3.29 -10.16
CA ALA E 57 55.62 3.18 -11.37
C ALA E 57 54.51 2.16 -11.19
N GLU E 58 54.86 0.95 -10.73
CA GLU E 58 53.87 -0.11 -10.58
C GLU E 58 52.84 0.19 -9.51
N SER E 59 53.15 1.09 -8.58
CA SER E 59 52.22 1.42 -7.51
C SER E 59 51.47 2.73 -7.75
N SER E 60 51.77 3.47 -8.82
CA SER E 60 50.97 4.65 -9.16
C SER E 60 50.34 4.57 -10.54
N THR E 61 51.15 4.51 -11.59
CA THR E 61 50.65 4.66 -12.96
C THR E 61 51.25 3.68 -13.95
N GLY E 62 52.33 2.99 -13.62
CA GLY E 62 52.85 1.93 -14.47
C GLY E 62 53.27 2.36 -15.85
N THR E 63 54.00 3.48 -15.96
CA THR E 63 54.51 3.93 -17.25
C THR E 63 56.02 3.86 -17.20
N ASN E 64 56.54 2.66 -17.46
CA ASN E 64 57.98 2.40 -17.49
C ASN E 64 58.47 2.16 -18.91
N PHE E 65 57.61 2.33 -19.90
CA PHE E 65 57.96 2.16 -21.31
C PHE E 65 57.31 3.29 -22.10
N ASN E 66 57.70 3.41 -23.36
CA ASN E 66 57.18 4.47 -24.22
C ASN E 66 55.81 4.05 -24.73
N VAL E 67 54.78 4.80 -24.32
CA VAL E 67 53.42 4.59 -24.80
C VAL E 67 52.88 5.93 -25.30
N ASN E 68 52.25 5.90 -26.47
CA ASN E 68 51.68 7.12 -27.03
C ASN E 68 50.44 7.59 -26.29
N THR E 69 49.91 6.78 -25.37
CA THR E 69 48.76 7.15 -24.56
C THR E 69 49.14 7.94 -23.32
N GLU E 70 50.43 8.15 -23.07
CA GLU E 70 50.86 8.93 -21.93
C GLU E 70 50.39 10.38 -22.07
N THR E 71 49.85 10.92 -20.98
CA THR E 71 49.36 12.29 -20.94
C THR E 71 50.10 13.06 -19.85
N PRO E 72 50.19 14.38 -19.96
CA PRO E 72 50.83 15.16 -18.89
C PRO E 72 50.13 15.01 -17.55
N PHE E 73 48.81 14.82 -17.54
CA PHE E 73 48.10 14.64 -16.28
C PHE E 73 48.47 13.31 -15.62
N SER E 74 48.58 12.24 -16.41
CA SER E 74 49.04 10.97 -15.86
C SER E 74 50.46 11.09 -15.32
N LYS E 75 51.29 11.94 -15.93
CA LYS E 75 52.59 12.24 -15.37
C LYS E 75 52.45 12.98 -14.05
N GLU E 76 51.45 13.86 -13.93
CA GLU E 76 51.18 14.51 -12.66
C GLU E 76 50.77 13.52 -11.59
N MET E 77 50.18 12.38 -12.00
CA MET E 77 49.75 11.38 -11.04
C MET E 77 50.87 10.39 -10.65
N ASN E 78 52.07 10.56 -11.18
CA ASN E 78 53.17 9.66 -10.86
C ASN E 78 53.51 9.68 -9.37
N ALA E 79 53.80 8.49 -8.83
CA ALA E 79 54.45 8.42 -7.54
C ALA E 79 55.93 8.76 -7.71
N VAL E 80 56.48 9.48 -6.75
CA VAL E 80 57.81 10.05 -6.88
C VAL E 80 58.70 9.54 -5.76
N VAL E 81 59.83 8.95 -6.12
CA VAL E 81 60.89 8.65 -5.17
C VAL E 81 61.62 9.95 -4.87
N TYR E 82 61.42 10.49 -3.66
CA TYR E 82 61.97 11.78 -3.30
C TYR E 82 63.12 11.71 -2.31
N GLN E 83 63.33 10.56 -1.68
CA GLN E 83 64.44 10.41 -0.74
C GLN E 83 64.87 8.95 -0.73
N ILE E 84 66.18 8.73 -0.67
CA ILE E 84 66.74 7.38 -0.64
C ILE E 84 67.83 7.35 0.43
N ASP E 85 68.04 6.16 0.99
CA ASP E 85 69.08 5.92 1.99
C ASP E 85 69.86 4.70 1.54
N LEU E 86 71.02 4.93 0.91
CA LEU E 86 71.80 3.83 0.34
C LEU E 86 72.30 2.89 1.42
N ASP E 87 72.77 3.43 2.55
CA ASP E 87 73.32 2.57 3.60
C ASP E 87 72.26 1.66 4.20
N GLN E 88 71.08 2.20 4.46
CA GLN E 88 70.00 1.43 5.09
C GLN E 88 69.02 0.83 4.09
N ASN E 89 69.27 0.99 2.79
CA ASN E 89 68.39 0.46 1.75
C ASN E 89 66.95 0.93 1.93
N LEU E 90 66.79 2.23 2.16
CA LEU E 90 65.49 2.83 2.38
C LEU E 90 65.12 3.73 1.22
N VAL E 91 63.85 3.69 0.84
CA VAL E 91 63.32 4.50 -0.26
C VAL E 91 62.05 5.20 0.22
N TRP E 92 61.99 6.51 0.00
CA TRP E 92 60.81 7.29 0.31
C TRP E 92 60.08 7.63 -0.99
N ILE E 93 58.80 7.27 -1.05
CA ILE E 93 57.98 7.49 -2.24
C ILE E 93 56.78 8.33 -1.85
N ALA E 94 56.51 9.38 -2.62
CA ALA E 94 55.36 10.24 -2.42
C ALA E 94 54.26 9.85 -3.39
N TYR E 95 53.10 9.48 -2.85
CA TYR E 95 51.98 9.07 -3.67
C TYR E 95 50.94 10.18 -3.68
N PRO E 96 50.66 10.82 -4.82
CA PRO E 96 49.55 11.76 -4.88
C PRO E 96 48.24 11.07 -4.51
N TRP E 97 47.63 11.43 -3.39
CA TRP E 97 46.48 10.66 -2.93
C TRP E 97 45.24 10.88 -3.78
N ARG E 98 45.33 11.67 -4.85
CA ARG E 98 44.29 11.65 -5.88
C ARG E 98 44.22 10.31 -6.58
N LEU E 99 45.30 9.53 -6.56
CA LEU E 99 45.28 8.19 -7.13
C LEU E 99 44.24 7.30 -6.46
N PHE E 100 43.93 7.57 -5.20
CA PHE E 100 43.15 6.62 -4.40
C PHE E 100 41.66 6.76 -4.65
N ASP E 101 40.97 5.63 -4.60
CA ASP E 101 39.53 5.60 -4.78
C ASP E 101 38.84 6.48 -3.75
N ARG E 102 37.89 7.27 -4.21
CA ARG E 102 37.17 8.17 -3.33
C ARG E 102 36.21 7.39 -2.43
N GLY E 103 35.69 8.07 -1.42
CA GLY E 103 34.82 7.43 -0.45
C GLY E 103 35.53 6.71 0.67
N GLY E 104 36.76 7.09 0.99
CA GLY E 104 37.49 6.47 2.07
C GLY E 104 37.84 5.01 1.84
N ASN E 105 38.33 4.68 0.64
CA ASN E 105 38.66 3.31 0.28
C ASN E 105 40.08 2.99 0.76
N VAL E 106 40.19 2.14 1.79
CA VAL E 106 41.49 1.79 2.33
C VAL E 106 42.14 0.67 1.51
N GLN E 107 41.36 -0.35 1.14
CA GLN E 107 41.91 -1.44 0.35
C GLN E 107 42.44 -0.94 -0.98
N ASN E 108 41.90 0.17 -1.49
CA ASN E 108 42.46 0.76 -2.70
C ASN E 108 43.89 1.27 -2.48
N ILE E 109 44.12 1.93 -1.34
CA ILE E 109 45.47 2.37 -1.01
C ILE E 109 46.39 1.17 -0.88
N LEU E 110 45.92 0.12 -0.21
CA LEU E 110 46.77 -1.05 -0.02
C LEU E 110 47.06 -1.75 -1.34
N THR E 111 46.05 -1.79 -2.22
CA THR E 111 46.25 -2.29 -3.58
C THR E 111 47.32 -1.51 -4.31
N TYR E 112 47.31 -0.19 -4.16
CA TYR E 112 48.34 0.65 -4.78
C TYR E 112 49.72 0.32 -4.20
N ILE E 113 49.91 0.57 -2.91
CA ILE E 113 51.25 0.65 -2.34
C ILE E 113 51.81 -0.67 -1.84
N VAL E 114 50.96 -1.63 -1.46
CA VAL E 114 51.44 -2.94 -1.06
C VAL E 114 50.72 -4.01 -1.87
N GLY E 115 50.37 -3.68 -3.11
CA GLY E 115 49.72 -4.63 -3.99
C GLY E 115 50.69 -5.36 -4.90
N ASN E 116 50.65 -5.03 -6.19
CA ASN E 116 51.47 -5.72 -7.18
C ASN E 116 52.97 -5.52 -6.97
N VAL E 117 53.36 -4.48 -6.23
CA VAL E 117 54.79 -4.25 -6.01
C VAL E 117 55.41 -5.38 -5.21
N LEU E 118 54.61 -6.06 -4.38
CA LEU E 118 55.13 -7.17 -3.59
C LEU E 118 55.49 -8.36 -4.46
N GLY E 119 54.82 -8.52 -5.59
CA GLY E 119 55.10 -9.60 -6.51
C GLY E 119 56.12 -9.29 -7.58
N MET E 120 56.72 -8.11 -7.56
CA MET E 120 57.67 -7.75 -8.60
C MET E 120 58.98 -8.50 -8.43
N LYS E 121 59.49 -9.04 -9.54
CA LYS E 121 60.82 -9.63 -9.55
C LYS E 121 61.92 -8.60 -9.41
N GLU E 122 61.62 -7.31 -9.63
CA GLU E 122 62.62 -6.25 -9.55
C GLU E 122 63.15 -6.05 -8.14
N VAL E 123 62.46 -6.54 -7.12
CA VAL E 123 62.86 -6.37 -5.73
C VAL E 123 63.05 -7.74 -5.11
N SER E 124 64.16 -7.93 -4.39
CA SER E 124 64.31 -9.11 -3.55
C SER E 124 63.75 -8.90 -2.16
N ALA E 125 63.61 -7.63 -1.76
CA ALA E 125 62.98 -7.26 -0.50
C ALA E 125 62.21 -5.96 -0.72
N LEU E 126 60.99 -5.91 -0.19
CA LEU E 126 60.17 -4.70 -0.28
C LEU E 126 59.23 -4.70 0.92
N LYS E 127 59.60 -3.95 1.95
CA LYS E 127 58.83 -3.87 3.18
C LYS E 127 58.41 -2.43 3.42
N LEU E 128 57.11 -2.17 3.34
CA LEU E 128 56.58 -0.85 3.67
C LEU E 128 56.69 -0.64 5.18
N LEU E 129 57.67 0.16 5.60
CA LEU E 129 57.95 0.35 7.02
C LEU E 129 57.00 1.34 7.67
N ASP E 130 56.63 2.41 6.97
CA ASP E 130 55.80 3.45 7.56
C ASP E 130 55.11 4.23 6.45
N VAL E 131 53.98 4.82 6.80
CA VAL E 131 53.25 5.73 5.91
C VAL E 131 52.93 6.98 6.68
N TRP E 132 52.73 8.08 5.95
CA TRP E 132 52.34 9.36 6.53
C TRP E 132 51.16 9.89 5.73
N PHE E 133 50.08 10.25 6.44
CA PHE E 133 48.89 10.76 5.80
C PHE E 133 48.82 12.26 5.99
N PRO E 134 48.65 13.04 4.93
CA PRO E 134 48.42 14.48 5.10
C PRO E 134 47.01 14.73 5.62
N PRO E 135 46.78 15.87 6.28
CA PRO E 135 45.43 16.16 6.77
C PRO E 135 44.38 16.20 5.67
N ALA E 136 44.72 16.71 4.49
CA ALA E 136 43.75 16.76 3.39
C ALA E 136 43.33 15.36 2.97
N MET E 137 44.27 14.41 2.97
CA MET E 137 43.92 13.02 2.69
C MET E 137 43.09 12.42 3.82
N LEU E 138 43.46 12.71 5.07
CA LEU E 138 42.74 12.14 6.21
C LEU E 138 41.27 12.55 6.21
N GLU E 139 40.94 13.64 5.53
CA GLU E 139 39.55 14.08 5.46
C GLU E 139 38.66 13.07 4.75
N GLN E 140 39.22 12.32 3.79
CA GLN E 140 38.43 11.42 2.98
C GLN E 140 38.04 10.13 3.72
N TYR E 141 38.67 9.85 4.85
CA TYR E 141 38.53 8.56 5.51
C TYR E 141 37.85 8.71 6.86
N ASP E 142 37.09 7.68 7.23
CA ASP E 142 36.28 7.75 8.44
C ASP E 142 37.14 7.80 9.70
N GLY E 143 37.96 6.79 9.91
CA GLY E 143 38.61 6.59 11.18
C GLY E 143 37.64 5.92 12.14
N PRO E 144 38.10 5.62 13.35
CA PRO E 144 37.20 5.03 14.33
C PRO E 144 36.13 6.02 14.77
N SER E 145 34.93 5.49 15.00
CA SER E 145 33.84 6.26 15.59
C SER E 145 33.46 5.77 16.98
N TYR E 146 33.80 4.53 17.30
CA TYR E 146 33.69 3.98 18.64
C TYR E 146 35.10 3.72 19.14
N THR E 147 35.35 4.09 20.39
CA THR E 147 36.70 4.04 20.94
C THR E 147 36.72 3.23 22.21
N LEU E 148 37.93 3.02 22.73
CA LEU E 148 38.09 2.38 24.02
C LEU E 148 37.52 3.26 25.14
N ASP E 149 37.46 4.57 24.91
CA ASP E 149 36.83 5.46 25.89
C ASP E 149 35.33 5.21 25.98
N ASP E 150 34.68 4.93 24.84
CA ASP E 150 33.27 4.57 24.87
C ASP E 150 33.04 3.28 25.64
N MET E 151 33.90 2.28 25.41
CA MET E 151 33.79 1.03 26.16
C MET E 151 34.07 1.24 27.65
N ARG E 152 35.00 2.14 27.97
CA ARG E 152 35.26 2.48 29.36
C ARG E 152 34.05 3.14 30.00
N LYS E 153 33.37 4.00 29.25
CA LYS E 153 32.15 4.63 29.75
C LYS E 153 31.06 3.60 30.00
N TYR E 154 30.89 2.65 29.07
CA TYR E 154 29.89 1.60 29.28
C TYR E 154 30.26 0.71 30.48
N LEU E 155 31.53 0.36 30.59
CA LEU E 155 31.99 -0.56 31.62
C LEU E 155 32.18 0.10 32.98
N ASN E 156 32.21 1.43 33.02
CA ASN E 156 32.56 2.19 34.22
C ASN E 156 33.91 1.73 34.76
N VAL E 157 34.83 1.48 33.85
CA VAL E 157 36.18 1.03 34.18
C VAL E 157 37.17 2.10 33.73
N TYR E 158 38.00 2.56 34.66
CA TYR E 158 39.04 3.54 34.36
C TYR E 158 40.25 3.20 35.23
N ASP E 159 41.36 3.89 34.94
CA ASP E 159 42.61 3.83 35.69
C ASP E 159 43.31 2.47 35.58
N ARG E 160 42.74 1.52 34.86
CA ARG E 160 43.36 0.22 34.64
C ARG E 160 43.08 -0.22 33.21
N PRO E 161 43.92 -1.08 32.65
CA PRO E 161 43.60 -1.65 31.33
C PRO E 161 42.36 -2.52 31.38
N ILE E 162 41.64 -2.55 30.27
CA ILE E 162 40.48 -3.43 30.14
C ILE E 162 40.97 -4.88 30.15
N LEU E 163 40.46 -5.68 31.07
CA LEU E 163 40.91 -7.05 31.24
C LEU E 163 40.08 -7.98 30.37
N GLY E 164 40.74 -8.67 29.44
CA GLY E 164 40.06 -9.54 28.51
C GLY E 164 40.66 -10.93 28.54
N THR E 165 39.95 -11.86 27.90
CA THR E 165 40.41 -13.23 27.83
C THR E 165 39.97 -13.86 26.53
N ILE E 166 40.70 -14.90 26.11
CA ILE E 166 40.24 -15.85 25.12
C ILE E 166 39.78 -17.09 25.87
N ILE E 167 38.85 -17.82 25.28
CA ILE E 167 38.34 -19.04 25.89
C ILE E 167 39.17 -20.22 25.39
N LYS E 168 39.65 -21.03 26.31
CA LYS E 168 40.40 -22.24 26.00
C LYS E 168 39.57 -23.46 26.37
N PRO E 169 39.41 -24.45 25.47
CA PRO E 169 39.95 -24.53 24.10
C PRO E 169 39.40 -23.45 23.16
N LYS E 170 40.19 -23.08 22.15
CA LYS E 170 39.75 -22.09 21.16
C LYS E 170 38.44 -22.53 20.52
N MET E 171 38.38 -23.79 20.08
CA MET E 171 37.24 -24.32 19.36
C MET E 171 36.92 -25.70 19.92
N GLY E 172 35.80 -26.25 19.46
CA GLY E 172 35.35 -27.55 19.91
C GLY E 172 34.46 -27.53 21.13
N LEU E 173 34.29 -26.38 21.76
CA LEU E 173 33.35 -26.23 22.86
C LEU E 173 31.96 -25.97 22.33
N THR E 174 30.97 -26.42 23.09
CA THR E 174 29.58 -26.13 22.75
C THR E 174 29.24 -24.69 23.13
N SER E 175 28.08 -24.24 22.66
CA SER E 175 27.63 -22.90 23.00
C SER E 175 27.50 -22.73 24.51
N ALA E 176 26.93 -23.73 25.19
CA ALA E 176 26.80 -23.66 26.64
C ALA E 176 28.17 -23.71 27.33
N GLU E 177 29.07 -24.55 26.83
CA GLU E 177 30.40 -24.63 27.44
C GLU E 177 31.17 -23.32 27.26
N TYR E 178 31.11 -22.75 26.06
CA TYR E 178 31.79 -21.48 25.80
C TYR E 178 31.19 -20.36 26.65
N ALA E 179 29.86 -20.32 26.73
CA ALA E 179 29.20 -19.31 27.56
C ALA E 179 29.56 -19.50 29.03
N GLU E 180 29.67 -20.74 29.49
CA GLU E 180 30.05 -20.99 30.88
C GLU E 180 31.47 -20.51 31.15
N ALA E 181 32.40 -20.75 30.22
CA ALA E 181 33.76 -20.25 30.40
C ALA E 181 33.79 -18.73 30.39
N ALA E 182 33.01 -18.10 29.51
CA ALA E 182 32.93 -16.65 29.48
C ALA E 182 32.40 -16.10 30.80
N TYR E 183 31.35 -16.73 31.33
CA TYR E 183 30.80 -16.32 32.61
C TYR E 183 31.81 -16.52 33.73
N ASP E 184 32.57 -17.61 33.68
CA ASP E 184 33.59 -17.86 34.70
C ASP E 184 34.62 -16.75 34.71
N PHE E 185 35.05 -16.30 33.53
CA PHE E 185 35.99 -15.19 33.49
C PHE E 185 35.33 -13.88 33.94
N TRP E 186 34.10 -13.65 33.50
CA TRP E 186 33.43 -12.37 33.79
C TRP E 186 33.17 -12.21 35.28
N VAL E 187 32.61 -13.24 35.92
CA VAL E 187 32.27 -13.18 37.34
C VAL E 187 33.52 -13.04 38.20
N GLY E 188 34.67 -13.46 37.70
CA GLY E 188 35.91 -13.26 38.43
C GLY E 188 36.46 -11.85 38.34
N GLY E 189 35.74 -10.94 37.69
CA GLY E 189 36.16 -9.56 37.57
C GLY E 189 36.60 -9.15 36.18
N GLY E 190 36.77 -10.10 35.26
CA GLY E 190 37.17 -9.75 33.91
C GLY E 190 36.06 -9.02 33.16
N ASP E 191 36.47 -8.03 32.37
CA ASP E 191 35.53 -7.17 31.67
C ASP E 191 35.24 -7.62 30.24
N PHE E 192 36.16 -8.35 29.61
CA PHE E 192 36.14 -8.55 28.16
C PHE E 192 36.31 -10.02 27.83
N VAL E 193 35.44 -10.54 26.97
CA VAL E 193 35.59 -11.90 26.45
C VAL E 193 35.42 -11.85 24.94
N KCX E 194 36.34 -12.47 24.21
CA KCX E 194 36.27 -12.46 22.76
CB KCX E 194 37.53 -11.85 22.16
CG KCX E 194 38.81 -12.57 22.53
CD KCX E 194 40.04 -11.87 21.95
CE KCX E 194 40.01 -11.88 20.43
NZ KCX E 194 39.96 -13.26 19.90
C KCX E 194 36.04 -13.86 22.19
O KCX E 194 36.54 -14.85 22.72
CX KCX E 194 41.07 -13.97 19.74
OQ1 KCX E 194 42.17 -13.48 20.04
OQ2 KCX E 194 41.02 -15.12 19.30
N ASN E 195 35.31 -13.92 21.08
CA ASN E 195 35.24 -15.13 20.28
C ASN E 195 36.63 -15.40 19.72
N ASP E 196 36.97 -16.66 19.53
CA ASP E 196 38.15 -17.00 18.75
C ASP E 196 37.99 -16.44 17.35
N GLU E 197 39.11 -16.06 16.74
CA GLU E 197 39.03 -15.41 15.44
C GLU E 197 38.39 -16.26 14.33
N PRO E 198 38.41 -17.60 14.36
CA PRO E 198 37.55 -18.36 13.44
C PRO E 198 36.24 -18.84 14.03
N GLN E 199 35.95 -18.53 15.29
CA GLN E 199 34.72 -18.99 15.93
C GLN E 199 33.52 -18.37 15.24
N ALA E 200 32.67 -19.22 14.66
CA ALA E 200 31.59 -18.78 13.78
C ALA E 200 30.46 -19.79 13.90
N ASN E 201 29.59 -19.82 12.90
CA ASN E 201 28.49 -20.79 12.88
C ASN E 201 29.00 -22.19 12.61
N GLN E 202 29.75 -22.76 13.54
CA GLN E 202 30.13 -24.16 13.46
C GLN E 202 28.95 -25.04 13.86
N ASP E 203 28.95 -26.27 13.34
CA ASP E 203 27.81 -27.16 13.56
C ASP E 203 27.68 -27.57 15.02
N PHE E 204 28.80 -27.73 15.72
CA PHE E 204 28.77 -28.12 17.13
C PHE E 204 28.65 -26.94 18.07
N CYS E 205 28.73 -25.72 17.55
CA CYS E 205 28.55 -24.49 18.33
C CYS E 205 27.84 -23.48 17.44
N PRO E 206 26.54 -23.66 17.21
CA PRO E 206 25.82 -22.78 16.28
C PRO E 206 25.89 -21.33 16.73
N TYR E 207 25.90 -20.44 15.75
CA TYR E 207 26.13 -19.03 16.04
C TYR E 207 25.01 -18.43 16.87
N ASP E 208 23.76 -18.71 16.49
CA ASP E 208 22.62 -18.16 17.22
C ASP E 208 22.54 -18.71 18.63
N LYS E 209 22.77 -20.03 18.80
CA LYS E 209 22.79 -20.60 20.14
C LYS E 209 23.94 -20.03 20.96
N MET E 210 25.10 -19.83 20.34
CA MET E 210 26.22 -19.23 21.05
C MET E 210 25.90 -17.82 21.50
N VAL E 211 25.24 -17.03 20.64
CA VAL E 211 24.89 -15.66 21.00
C VAL E 211 23.91 -15.65 22.16
N ARG E 212 22.88 -16.51 22.10
CA ARG E 212 21.90 -16.56 23.19
C ARG E 212 22.55 -17.02 24.50
N ASN E 213 23.41 -18.03 24.44
CA ASN E 213 24.03 -18.54 25.66
C ASN E 213 25.00 -17.52 26.24
N VAL E 214 25.71 -16.80 25.37
CA VAL E 214 26.61 -15.75 25.85
C VAL E 214 25.82 -14.61 26.48
N LYS E 215 24.67 -14.26 25.89
CA LYS E 215 23.82 -13.24 26.49
C LYS E 215 23.37 -13.66 27.88
N ALA E 216 22.94 -14.91 28.02
CA ALA E 216 22.51 -15.40 29.34
C ALA E 216 23.67 -15.38 30.33
N ALA E 217 24.85 -15.82 29.90
CA ALA E 217 26.01 -15.84 30.79
C ALA E 217 26.42 -14.44 31.19
N MET E 218 26.37 -13.50 30.25
CA MET E 218 26.71 -12.10 30.57
C MET E 218 25.70 -11.52 31.54
N ASP E 219 24.41 -11.79 31.35
CA ASP E 219 23.40 -11.34 32.29
C ASP E 219 23.68 -11.87 33.68
N LYS E 220 23.96 -13.18 33.78
CA LYS E 220 24.22 -13.77 35.08
C LYS E 220 25.46 -13.17 35.73
N ALA E 221 26.51 -12.96 34.95
CA ALA E 221 27.73 -12.37 35.49
C ALA E 221 27.50 -10.94 35.96
N VAL E 222 26.69 -10.18 35.22
CA VAL E 222 26.38 -8.81 35.61
C VAL E 222 25.62 -8.78 36.91
N LYS E 223 24.62 -9.67 37.06
CA LYS E 223 23.88 -9.71 38.33
C LYS E 223 24.77 -10.13 39.49
N GLU E 224 25.60 -11.15 39.29
CA GLU E 224 26.48 -11.59 40.38
C GLU E 224 27.59 -10.60 40.67
N THR E 225 27.88 -9.67 39.76
CA THR E 225 28.97 -8.71 39.98
C THR E 225 28.51 -7.28 40.13
N GLY E 226 27.38 -6.90 39.55
CA GLY E 226 26.98 -5.51 39.44
C GLY E 226 27.66 -4.76 38.31
N ASN E 227 28.85 -5.19 37.89
CA ASN E 227 29.60 -4.53 36.85
C ASN E 227 29.19 -5.03 35.47
N LYS E 228 29.16 -4.12 34.50
CA LYS E 228 28.83 -4.49 33.14
C LYS E 228 29.99 -5.27 32.51
N LYS E 229 29.66 -6.06 31.49
CA LYS E 229 30.62 -6.91 30.81
C LYS E 229 30.49 -6.73 29.30
N VAL E 230 31.58 -7.03 28.59
CA VAL E 230 31.64 -6.87 27.13
C VAL E 230 32.09 -8.19 26.51
N HIS E 231 31.35 -8.65 25.51
CA HIS E 231 31.75 -9.79 24.71
C HIS E 231 32.00 -9.37 23.27
N SER E 232 33.06 -9.89 22.68
CA SER E 232 33.44 -9.60 21.29
C SER E 232 33.07 -10.78 20.41
N PHE E 233 32.07 -10.58 19.55
CA PHE E 233 31.57 -11.62 18.66
C PHE E 233 32.27 -11.55 17.32
N ASN E 234 32.79 -12.68 16.87
CA ASN E 234 33.34 -12.76 15.51
C ASN E 234 32.20 -12.74 14.51
N VAL E 235 32.15 -11.70 13.68
CA VAL E 235 31.13 -11.55 12.66
C VAL E 235 31.69 -11.83 11.27
N SER E 236 32.94 -12.29 11.18
CA SER E 236 33.50 -12.67 9.89
C SER E 236 32.73 -13.85 9.33
N ALA E 237 32.30 -13.74 8.07
CA ALA E 237 31.43 -14.71 7.45
C ALA E 237 31.90 -14.99 6.03
N ALA E 238 31.17 -15.86 5.34
CA ALA E 238 31.48 -16.14 3.94
C ALA E 238 31.26 -14.90 3.07
N ASP E 239 30.15 -14.21 3.26
CA ASP E 239 29.78 -13.07 2.44
C ASP E 239 29.29 -11.94 3.33
N PHE E 240 29.03 -10.79 2.71
CA PHE E 240 28.61 -9.62 3.48
C PHE E 240 27.19 -9.80 4.03
N ASP E 241 26.35 -10.53 3.31
CA ASP E 241 25.00 -10.78 3.80
C ASP E 241 25.01 -11.58 5.09
N THR E 242 25.84 -12.63 5.16
CA THR E 242 25.91 -13.44 6.38
C THR E 242 26.52 -12.64 7.53
N MET E 243 27.50 -11.79 7.23
CA MET E 243 28.07 -10.92 8.25
C MET E 243 27.03 -9.96 8.81
N ILE E 244 26.23 -9.35 7.94
CA ILE E 244 25.19 -8.45 8.39
C ILE E 244 24.14 -9.22 9.18
N GLU E 245 23.83 -10.44 8.75
CA GLU E 245 22.87 -11.27 9.49
C GLU E 245 23.36 -11.57 10.89
N ARG E 246 24.65 -11.89 11.04
CA ARG E 246 25.19 -12.19 12.35
C ARG E 246 25.26 -10.94 13.23
N CYS E 247 25.60 -9.79 12.63
CA CYS E 247 25.58 -8.54 13.36
C CYS E 247 24.19 -8.22 13.88
N GLU E 248 23.18 -8.35 13.00
CA GLU E 248 21.81 -8.07 13.41
C GLU E 248 21.32 -9.06 14.45
N LEU E 249 21.75 -10.31 14.35
CA LEU E 249 21.40 -11.31 15.36
C LEU E 249 21.97 -10.94 16.71
N ILE E 250 23.22 -10.45 16.74
CA ILE E 250 23.79 -9.96 17.99
C ILE E 250 22.97 -8.78 18.51
N ARG E 251 22.60 -7.86 17.62
CA ARG E 251 21.83 -6.69 18.05
C ARG E 251 20.48 -7.09 18.62
N ASN E 252 19.77 -8.01 17.96
CA ASN E 252 18.42 -8.39 18.35
C ASN E 252 18.39 -9.55 19.33
N ALA E 253 19.51 -9.83 20.02
CA ALA E 253 19.54 -10.93 20.96
C ALA E 253 18.54 -10.74 22.11
N GLY E 254 18.50 -9.54 22.71
CA GLY E 254 19.19 -8.29 22.49
C GLY E 254 20.06 -7.82 23.64
N PHE E 255 21.35 -7.66 23.35
CA PHE E 255 22.27 -7.11 24.33
C PHE E 255 21.99 -5.61 24.52
N GLU E 256 22.35 -5.11 25.68
CA GLU E 256 22.35 -3.66 25.89
C GLU E 256 23.49 -3.04 25.08
N PRO E 257 23.27 -1.86 24.51
CA PRO E 257 24.34 -1.24 23.69
C PRO E 257 25.60 -1.02 24.50
N GLY E 258 26.74 -1.38 23.89
CA GLY E 258 28.02 -1.34 24.55
C GLY E 258 28.49 -2.68 25.08
N SER E 259 27.58 -3.63 25.31
CA SER E 259 27.94 -4.92 25.85
C SER E 259 28.55 -5.86 24.82
N TYR E 260 28.36 -5.58 23.53
CA TYR E 260 28.86 -6.45 22.47
C TYR E 260 29.82 -5.68 21.57
N ALA E 261 30.89 -6.36 21.16
CA ALA E 261 31.83 -5.85 20.17
C ALA E 261 31.82 -6.77 18.97
N PHE E 262 32.03 -6.20 17.78
CA PHE E 262 32.09 -6.97 16.54
C PHE E 262 33.55 -7.27 16.23
N LEU E 263 33.91 -8.55 16.27
CA LEU E 263 35.24 -8.99 15.88
C LEU E 263 35.26 -9.30 14.39
N ILE E 264 36.26 -8.79 13.69
CA ILE E 264 36.41 -9.02 12.26
C ILE E 264 37.85 -9.45 12.00
N ASP E 265 38.02 -10.45 11.14
CA ASP E 265 39.34 -10.87 10.67
C ASP E 265 39.71 -9.96 9.52
N GLY E 266 40.37 -8.84 9.84
CA GLY E 266 40.62 -7.81 8.85
C GLY E 266 41.49 -8.29 7.69
N ILE E 267 42.39 -9.23 7.96
CA ILE E 267 43.27 -9.72 6.90
C ILE E 267 42.53 -10.71 6.00
N THR E 268 42.04 -11.81 6.57
CA THR E 268 41.41 -12.84 5.75
C THR E 268 40.07 -12.37 5.21
N ALA E 269 39.22 -11.80 6.07
CA ALA E 269 37.91 -11.34 5.62
C ALA E 269 38.04 -10.10 4.75
N GLY E 270 39.05 -9.28 4.99
CA GLY E 270 39.36 -8.18 4.11
C GLY E 270 38.97 -6.83 4.69
N TRP E 271 39.63 -5.80 4.14
CA TRP E 271 39.40 -4.43 4.60
C TRP E 271 38.01 -3.93 4.27
N MET E 272 37.39 -4.50 3.24
CA MET E 272 36.03 -4.12 2.89
C MET E 272 35.05 -4.48 4.01
N ALA E 273 35.24 -5.64 4.63
CA ALA E 273 34.40 -6.02 5.76
C ALA E 273 34.61 -5.09 6.95
N VAL E 274 35.86 -4.70 7.21
CA VAL E 274 36.15 -3.78 8.30
C VAL E 274 35.44 -2.45 8.06
N GLN E 275 35.55 -1.92 6.85
CA GLN E 275 34.91 -0.63 6.54
C GLN E 275 33.39 -0.75 6.56
N THR E 276 32.85 -1.89 6.11
CA THR E 276 31.41 -2.11 6.16
C THR E 276 30.90 -2.14 7.60
N LEU E 277 31.64 -2.82 8.48
CA LEU E 277 31.27 -2.80 9.90
C LEU E 277 31.36 -1.39 10.47
N ARG E 278 32.41 -0.65 10.10
CA ARG E 278 32.58 0.70 10.64
C ARG E 278 31.45 1.61 10.22
N ARG E 279 30.99 1.50 8.97
CA ARG E 279 29.97 2.41 8.47
C ARG E 279 28.56 1.96 8.82
N LYS E 280 28.31 0.65 8.90
CA LYS E 280 26.98 0.17 9.25
C LYS E 280 26.74 0.22 10.75
N TYR E 281 27.78 0.09 11.56
CA TYR E 281 27.67 0.06 13.02
C TYR E 281 28.71 0.99 13.63
N PRO E 282 28.54 2.31 13.45
CA PRO E 282 29.49 3.24 14.08
C PRO E 282 29.43 3.23 15.59
N ASP E 283 28.31 2.80 16.19
CA ASP E 283 28.14 2.78 17.63
C ASP E 283 28.61 1.48 18.26
N VAL E 284 29.30 0.62 17.50
CA VAL E 284 29.79 -0.65 18.00
C VAL E 284 31.31 -0.66 17.91
N PHE E 285 31.95 -1.19 18.94
CA PHE E 285 33.39 -1.40 18.92
C PHE E 285 33.76 -2.35 17.79
N ILE E 286 34.61 -1.88 16.88
CA ILE E 286 35.06 -2.69 15.75
C ILE E 286 36.38 -3.33 16.16
N HIS E 287 36.32 -4.61 16.51
CA HIS E 287 37.47 -5.37 16.98
C HIS E 287 38.18 -5.95 15.75
N PHE E 288 39.35 -5.42 15.44
CA PHE E 288 40.13 -5.85 14.28
C PHE E 288 41.07 -6.98 14.73
N HIS E 289 40.76 -8.20 14.32
CA HIS E 289 41.68 -9.31 14.51
C HIS E 289 42.52 -9.47 13.25
N ARG E 290 43.83 -9.55 13.43
CA ARG E 290 44.77 -9.56 12.32
C ARG E 290 45.32 -10.94 12.01
N ALA E 291 44.54 -11.98 12.25
CA ALA E 291 44.96 -13.34 11.89
C ALA E 291 45.26 -13.40 10.39
N GLY E 292 46.49 -13.81 10.06
CA GLY E 292 46.97 -13.80 8.69
C GLY E 292 47.98 -12.71 8.37
N HIS E 293 48.12 -11.72 9.25
CA HIS E 293 49.05 -10.61 9.02
C HIS E 293 50.51 -11.05 8.96
N GLY E 294 50.82 -12.25 9.47
CA GLY E 294 52.21 -12.66 9.59
C GLY E 294 52.98 -12.64 8.28
N SER E 295 52.30 -12.93 7.17
CA SER E 295 52.98 -12.89 5.88
C SER E 295 53.48 -11.49 5.56
N PHE E 296 52.67 -10.47 5.84
CA PHE E 296 53.12 -9.10 5.61
C PHE E 296 54.15 -8.67 6.65
N THR E 297 53.88 -8.95 7.93
CA THR E 297 54.54 -8.24 9.01
C THR E 297 55.72 -8.96 9.65
N ARG E 298 55.86 -10.27 9.44
CA ARG E 298 56.91 -11.00 10.15
C ARG E 298 58.29 -10.55 9.69
N PRO E 299 59.23 -10.31 10.61
CA PRO E 299 60.58 -9.88 10.20
C PRO E 299 61.29 -10.89 9.32
N GLU E 300 60.99 -12.18 9.45
CA GLU E 300 61.58 -13.17 8.57
C GLU E 300 61.15 -12.99 7.13
N ASN E 301 60.06 -12.27 6.88
CA ASN E 301 59.56 -12.04 5.54
C ASN E 301 60.10 -10.71 5.04
N PRO E 302 61.01 -10.68 4.06
CA PRO E 302 61.50 -9.39 3.54
C PRO E 302 60.45 -8.60 2.79
N ILE E 303 59.40 -9.23 2.29
CA ILE E 303 58.38 -8.58 1.46
C ILE E 303 57.10 -8.48 2.28
N GLY E 304 56.58 -7.27 2.40
CA GLY E 304 55.34 -7.05 3.13
C GLY E 304 55.25 -5.61 3.61
N PHE E 305 54.63 -5.44 4.77
CA PHE E 305 54.61 -4.15 5.45
C PHE E 305 54.66 -4.38 6.95
N SER E 306 55.04 -3.32 7.67
CA SER E 306 55.25 -3.42 9.10
C SER E 306 53.93 -3.50 9.86
N VAL E 307 54.01 -3.91 11.12
CA VAL E 307 52.84 -3.89 12.00
C VAL E 307 52.35 -2.48 12.20
N LEU E 308 53.25 -1.50 12.20
CA LEU E 308 52.85 -0.10 12.34
C LEU E 308 51.97 0.34 11.17
N VAL E 309 52.34 -0.05 9.95
CA VAL E 309 51.53 0.26 8.78
C VAL E 309 50.15 -0.38 8.90
N LEU E 310 50.11 -1.65 9.33
CA LEU E 310 48.84 -2.34 9.49
C LEU E 310 47.96 -1.66 10.53
N SER E 311 48.55 -1.23 11.65
CA SER E 311 47.77 -0.55 12.68
C SER E 311 47.26 0.80 12.19
N LYS E 312 48.10 1.54 11.46
CA LYS E 312 47.67 2.83 10.92
C LYS E 312 46.52 2.66 9.93
N PHE E 313 46.60 1.65 9.06
CA PHE E 313 45.52 1.45 8.10
C PHE E 313 44.28 0.89 8.76
N ALA E 314 44.42 0.10 9.83
CA ALA E 314 43.25 -0.33 10.59
C ALA E 314 42.56 0.86 11.23
N ARG E 315 43.33 1.79 11.80
CA ARG E 315 42.76 3.01 12.34
C ARG E 315 42.07 3.81 11.25
N LEU E 316 42.71 3.95 10.08
CA LEU E 316 42.11 4.69 8.98
C LEU E 316 40.80 4.06 8.51
N ALA E 317 40.74 2.73 8.48
CA ALA E 317 39.54 2.03 8.03
C ALA E 317 38.41 2.13 9.04
N GLY E 318 38.69 2.47 10.28
CA GLY E 318 37.68 2.63 11.30
C GLY E 318 37.64 1.58 12.39
N ALA E 319 38.70 0.78 12.54
CA ALA E 319 38.73 -0.21 13.60
C ALA E 319 38.83 0.48 14.96
N SER E 320 37.97 0.07 15.89
CA SER E 320 38.04 0.60 17.25
C SER E 320 39.30 0.12 17.97
N GLY E 321 39.70 -1.11 17.71
CA GLY E 321 40.91 -1.64 18.31
C GLY E 321 41.49 -2.73 17.43
N ILE E 322 42.81 -2.88 17.49
CA ILE E 322 43.53 -3.88 16.72
C ILE E 322 44.51 -4.59 17.64
N HIS E 323 44.69 -5.88 17.39
CA HIS E 323 45.64 -6.67 18.18
C HIS E 323 47.06 -6.18 17.96
N THR E 324 47.86 -6.25 19.03
CA THR E 324 49.25 -5.83 18.96
C THR E 324 50.23 -6.87 19.49
N GLY E 325 49.80 -7.81 20.33
CA GLY E 325 50.69 -8.83 20.83
C GLY E 325 51.20 -8.56 22.23
N HIS E 354 58.32 5.98 14.00
CA HIS E 354 59.38 5.10 13.54
C HIS E 354 60.18 5.76 12.42
N PHE E 355 59.48 6.21 11.38
CA PHE E 355 60.08 6.94 10.28
C PHE E 355 59.39 8.24 9.95
N PHE E 356 58.15 8.45 10.38
CA PHE E 356 57.42 9.68 10.14
C PHE E 356 56.92 10.23 11.47
N GLU E 357 56.89 11.56 11.57
CA GLU E 357 56.26 12.24 12.71
C GLU E 357 54.79 12.43 12.37
N GLN E 358 54.02 11.35 12.57
CA GLN E 358 52.64 11.29 12.12
C GLN E 358 51.71 11.81 13.20
N GLU E 359 50.97 12.87 12.88
CA GLU E 359 49.91 13.40 13.73
C GLU E 359 48.58 13.09 13.08
N TRP E 360 47.65 12.53 13.87
CA TRP E 360 46.40 12.02 13.32
C TRP E 360 45.28 13.05 13.35
N SER E 361 45.63 14.34 13.24
CA SER E 361 44.77 15.34 12.66
C SER E 361 45.26 15.58 11.24
N LYS E 362 44.37 15.99 10.32
CA LYS E 362 43.03 16.56 10.13
C LYS E 362 43.08 18.07 10.37
N ILE E 363 44.21 18.55 10.89
CA ILE E 363 44.55 19.97 10.90
C ILE E 363 46.06 20.05 10.69
N PHE E 364 46.48 21.10 9.99
CA PHE E 364 47.91 21.32 9.78
C PHE E 364 48.56 21.90 11.04
N TRP E 389 35.81 16.33 15.61
CA TRP E 389 36.05 16.86 14.27
C TRP E 389 37.52 17.25 14.12
N ARG E 390 38.19 17.51 15.24
CA ARG E 390 39.55 18.03 15.18
C ARG E 390 40.52 17.03 14.59
N GLY E 391 40.36 15.74 14.92
CA GLY E 391 41.27 14.73 14.44
C GLY E 391 40.64 13.36 14.26
N VAL E 392 41.50 12.33 14.22
CA VAL E 392 41.07 10.95 14.04
C VAL E 392 41.09 10.26 15.40
N LYS E 393 39.99 9.60 15.74
CA LYS E 393 39.88 8.90 17.01
C LYS E 393 40.92 7.78 17.11
N LYS E 394 41.27 7.44 18.33
CA LYS E 394 42.32 6.48 18.61
C LYS E 394 41.86 5.06 18.27
N CYS E 395 42.81 4.23 17.85
CA CYS E 395 42.59 2.80 17.69
C CYS E 395 43.24 2.10 18.89
N CYS E 396 42.42 1.43 19.69
CA CYS E 396 42.91 0.88 20.95
C CYS E 396 43.85 -0.31 20.68
N PRO E 397 44.99 -0.39 21.36
CA PRO E 397 45.80 -1.61 21.28
C PRO E 397 45.14 -2.76 22.04
N ILE E 398 45.26 -3.96 21.48
CA ILE E 398 44.74 -5.17 22.12
C ILE E 398 45.90 -6.12 22.28
N ILE E 399 46.14 -6.56 23.53
CA ILE E 399 47.29 -7.38 23.87
C ILE E 399 46.84 -8.82 24.05
N SER E 400 47.59 -9.75 23.49
CA SER E 400 47.25 -11.17 23.53
C SER E 400 48.45 -11.97 23.96
N GLY E 401 48.22 -12.92 24.88
CA GLY E 401 49.24 -13.92 25.20
C GLY E 401 49.86 -13.84 26.57
N GLY E 402 49.39 -14.69 27.49
CA GLY E 402 50.10 -14.97 28.72
C GLY E 402 50.42 -13.82 29.64
N LEU E 403 49.44 -12.95 29.92
CA LEU E 403 49.65 -11.81 30.81
C LEU E 403 49.03 -12.14 32.16
N ASN E 404 49.80 -12.79 33.02
CA ASN E 404 49.40 -13.08 34.38
C ASN E 404 49.54 -11.83 35.26
N PRO E 405 48.94 -11.82 36.45
CA PRO E 405 49.08 -10.64 37.32
C PRO E 405 50.52 -10.31 37.70
N THR E 406 51.41 -11.31 37.71
CA THR E 406 52.80 -11.04 38.06
C THR E 406 53.47 -10.11 37.05
N LEU E 407 53.19 -10.30 35.76
CA LEU E 407 53.80 -9.51 34.70
C LEU E 407 52.96 -8.30 34.31
N LEU E 408 51.87 -8.03 35.02
CA LEU E 408 50.99 -6.94 34.62
C LEU E 408 51.65 -5.58 34.80
N LYS E 409 52.25 -5.33 35.97
CA LYS E 409 52.87 -4.04 36.23
C LYS E 409 54.01 -3.71 35.27
N PRO E 410 54.98 -4.61 35.01
CA PRO E 410 56.02 -4.26 34.03
C PRO E 410 55.46 -3.98 32.65
N PHE E 411 54.40 -4.69 32.24
CA PHE E 411 53.83 -4.44 30.93
C PHE E 411 53.17 -3.07 30.85
N ILE E 412 52.46 -2.67 31.91
CA ILE E 412 51.88 -1.33 31.93
C ILE E 412 52.99 -0.27 31.93
N ASP E 413 54.09 -0.56 32.61
CA ASP E 413 55.24 0.36 32.57
C ASP E 413 55.79 0.48 31.16
N VAL E 414 55.88 -0.65 30.44
CA VAL E 414 56.41 -0.64 29.08
C VAL E 414 55.49 0.13 28.15
N MET E 415 54.19 -0.13 28.21
CA MET E 415 53.26 0.52 27.30
C MET E 415 53.22 2.02 27.52
N GLY E 416 53.26 2.47 28.77
CA GLY E 416 53.21 3.87 29.09
C GLY E 416 51.84 4.40 29.45
N ASN E 417 50.79 3.60 29.27
CA ASN E 417 49.44 4.02 29.64
C ASN E 417 48.62 2.77 29.94
N ILE E 418 47.39 2.98 30.39
CA ILE E 418 46.47 1.90 30.71
C ILE E 418 45.34 1.81 29.69
N ASP E 419 45.52 2.43 28.52
CA ASP E 419 44.46 2.48 27.52
C ASP E 419 44.65 1.36 26.49
N PHE E 420 44.42 0.13 26.95
CA PHE E 420 44.52 -1.03 26.08
C PHE E 420 43.73 -2.17 26.69
N ILE E 421 43.16 -3.00 25.83
CA ILE E 421 42.57 -4.27 26.22
C ILE E 421 43.68 -5.32 26.21
N THR E 422 43.66 -6.21 27.19
CA THR E 422 44.67 -7.27 27.31
C THR E 422 43.96 -8.60 27.45
N THR E 423 43.82 -9.32 26.33
CA THR E 423 43.19 -10.64 26.30
C THR E 423 44.24 -11.68 26.63
N MET E 424 44.14 -12.27 27.83
CA MET E 424 45.14 -13.24 28.25
C MET E 424 44.99 -14.56 27.49
N GLY E 425 46.11 -15.16 27.16
CA GLY E 425 46.14 -16.47 26.53
C GLY E 425 46.48 -17.56 27.52
N ALA E 426 47.74 -18.00 27.51
CA ALA E 426 48.21 -19.05 28.38
C ALA E 426 48.58 -18.56 29.78
N GLY E 427 48.17 -17.34 30.15
CA GLY E 427 48.61 -16.77 31.40
C GLY E 427 48.12 -17.54 32.62
N CYS E 428 46.82 -17.86 32.65
CA CYS E 428 46.25 -18.51 33.82
C CYS E 428 45.26 -19.61 33.49
N HIS E 429 45.08 -19.95 32.21
CA HIS E 429 44.11 -20.97 31.83
C HIS E 429 44.55 -22.35 32.32
N PRO E 432 45.08 -24.26 38.87
CA PRO E 432 44.09 -25.21 39.39
C PRO E 432 43.14 -24.57 40.39
N LYS E 433 43.31 -23.27 40.64
CA LYS E 433 42.45 -22.53 41.54
C LYS E 433 41.20 -21.98 40.85
N GLY E 434 41.08 -22.17 39.55
CA GLY E 434 39.89 -21.75 38.83
C GLY E 434 40.14 -20.49 38.01
N THR E 435 39.40 -20.38 36.90
CA THR E 435 39.49 -19.19 36.06
C THR E 435 39.00 -17.96 36.81
N THR E 436 37.96 -18.11 37.63
CA THR E 436 37.46 -17.00 38.41
C THR E 436 38.52 -16.47 39.38
N ALA E 437 39.27 -17.38 40.01
CA ALA E 437 40.34 -16.96 40.91
C ALA E 437 41.43 -16.22 40.15
N GLY E 438 41.78 -16.67 38.94
CA GLY E 438 42.78 -15.98 38.16
C GLY E 438 42.32 -14.59 37.73
N ALA E 439 41.06 -14.46 37.34
CA ALA E 439 40.53 -13.15 36.98
C ALA E 439 40.50 -12.23 38.20
N LYS E 440 40.15 -12.78 39.37
CA LYS E 440 40.18 -11.98 40.60
C LYS E 440 41.59 -11.52 40.93
N ALA E 441 42.58 -12.40 40.73
CA ALA E 441 43.97 -12.02 40.96
C ALA E 441 44.40 -10.91 39.98
N LEU E 442 43.96 -11.01 38.72
CA LEU E 442 44.28 -9.97 37.75
C LEU E 442 43.65 -8.63 38.16
N VAL E 443 42.40 -8.66 38.61
CA VAL E 443 41.74 -7.44 39.05
C VAL E 443 42.44 -6.86 40.28
N GLN E 444 42.85 -7.73 41.19
CA GLN E 444 43.58 -7.27 42.38
C GLN E 444 44.90 -6.64 42.00
N ALA E 445 45.61 -7.22 41.03
CA ALA E 445 46.86 -6.64 40.56
C ALA E 445 46.63 -5.28 39.91
N CYS E 446 45.55 -5.16 39.13
CA CYS E 446 45.22 -3.87 38.52
C CYS E 446 44.94 -2.82 39.59
N GLU E 447 44.18 -3.20 40.63
CA GLU E 447 43.87 -2.25 41.71
C GLU E 447 45.14 -1.89 42.49
N ALA E 448 46.04 -2.85 42.69
CA ALA E 448 47.30 -2.56 43.35
C ALA E 448 48.14 -1.58 42.54
N TYR E 449 48.18 -1.76 41.21
CA TYR E 449 48.90 -0.82 40.37
C TYR E 449 48.27 0.56 40.43
N GLN E 450 46.94 0.63 40.42
CA GLN E 450 46.26 1.93 40.53
C GLN E 450 46.59 2.60 41.85
N LYS E 451 46.55 1.86 42.95
CA LYS E 451 46.89 2.42 44.25
C LYS E 451 48.38 2.73 44.39
N GLY E 452 49.23 2.20 43.51
CA GLY E 452 50.65 2.36 43.64
C GLY E 452 51.32 1.37 44.58
N ILE E 453 50.56 0.45 45.17
CA ILE E 453 51.12 -0.54 46.08
C ILE E 453 51.77 -1.65 45.28
N ASP E 454 52.88 -2.18 45.79
CA ASP E 454 53.57 -3.29 45.14
C ASP E 454 52.72 -4.55 45.21
N ILE E 455 52.94 -5.43 44.23
CA ILE E 455 52.17 -6.67 44.14
C ILE E 455 52.43 -7.54 45.36
N LYS E 456 53.69 -7.67 45.77
CA LYS E 456 54.02 -8.50 46.94
C LYS E 456 53.39 -7.94 48.20
N GLU E 457 53.41 -6.62 48.37
CA GLU E 457 52.74 -6.00 49.51
C GLU E 457 51.23 -6.21 49.43
N TYR E 458 50.66 -6.06 48.24
CA TYR E 458 49.21 -6.27 48.07
C TYR E 458 48.81 -7.73 48.22
N ALA E 459 49.76 -8.66 48.12
CA ALA E 459 49.46 -10.07 48.26
C ALA E 459 49.45 -10.48 49.73
N THR F 7 -73.89 1.79 2.88
CA THR F 7 -74.58 2.99 3.34
C THR F 7 -74.84 2.91 4.84
N GLN F 8 -75.68 1.96 5.24
CA GLN F 8 -75.93 1.76 6.66
C GLN F 8 -74.68 1.31 7.39
N LEU F 9 -73.89 0.44 6.76
CA LEU F 9 -72.61 0.03 7.34
C LEU F 9 -71.70 1.24 7.54
N ILE F 10 -71.76 2.22 6.64
CA ILE F 10 -71.00 3.46 6.82
C ILE F 10 -71.49 4.19 8.07
N LYS F 11 -72.82 4.30 8.23
CA LYS F 11 -73.37 4.95 9.41
C LYS F 11 -72.96 4.23 10.69
N THR F 12 -72.70 2.92 10.60
CA THR F 12 -72.25 2.17 11.76
C THR F 12 -70.88 2.61 12.24
N LEU F 13 -69.98 3.00 11.32
CA LEU F 13 -68.60 3.30 11.65
C LEU F 13 -68.49 4.56 12.51
N ASN F 14 -67.44 4.61 13.33
CA ASN F 14 -67.06 5.83 14.01
C ASN F 14 -66.17 6.67 13.08
N ILE F 15 -65.83 7.88 13.53
CA ILE F 15 -65.13 8.82 12.65
C ILE F 15 -63.74 8.29 12.28
N HIS F 16 -63.02 7.72 13.25
CA HIS F 16 -61.71 7.16 12.97
C HIS F 16 -61.82 6.01 11.97
N GLN F 17 -62.84 5.16 12.13
CA GLN F 17 -63.09 4.12 11.16
C GLN F 17 -63.55 4.71 9.82
N LYS F 18 -64.31 5.80 9.86
CA LYS F 18 -64.73 6.46 8.63
C LYS F 18 -63.54 6.97 7.84
N GLY F 19 -62.46 7.35 8.52
CA GLY F 19 -61.26 7.80 7.85
C GLY F 19 -60.56 6.75 7.00
N TYR F 20 -60.90 5.49 7.16
CA TYR F 20 -60.28 4.41 6.41
C TYR F 20 -61.23 3.76 5.41
N VAL F 21 -62.39 4.36 5.17
CA VAL F 21 -63.38 3.84 4.23
C VAL F 21 -63.74 4.96 3.26
N ASN F 22 -63.62 4.68 1.97
CA ASN F 22 -64.02 5.65 0.94
C ASN F 22 -64.51 4.84 -0.27
N PHE F 23 -65.83 4.60 -0.30
CA PHE F 23 -66.43 3.93 -1.45
C PHE F 23 -66.49 4.82 -2.67
N ASP F 24 -66.22 6.11 -2.52
CA ASP F 24 -66.20 7.06 -3.62
C ASP F 24 -64.79 7.42 -4.06
N LEU F 25 -63.84 6.49 -3.89
CA LEU F 25 -62.49 6.71 -4.37
C LEU F 25 -62.54 6.87 -5.89
N PRO F 26 -62.06 7.98 -6.45
CA PRO F 26 -62.33 8.26 -7.87
C PRO F 26 -61.74 7.21 -8.80
N ASN F 27 -60.45 6.92 -8.69
CA ASN F 27 -59.78 5.95 -9.53
C ASN F 27 -58.83 5.13 -8.68
N PRO F 28 -59.24 3.93 -8.25
CA PRO F 28 -58.31 3.06 -7.50
C PRO F 28 -57.06 2.69 -8.29
N LYS F 29 -57.15 2.66 -9.61
CA LYS F 29 -56.02 2.35 -10.48
C LYS F 29 -55.32 3.59 -10.99
N ASN F 30 -55.47 4.72 -10.30
CA ASN F 30 -54.84 5.96 -10.73
C ASN F 30 -53.32 5.91 -10.65
N GLY F 31 -52.76 4.90 -9.98
CA GLY F 31 -51.33 4.72 -9.87
C GLY F 31 -50.76 5.03 -8.50
N GLU F 32 -51.54 5.65 -7.62
CA GLU F 32 -51.07 5.97 -6.27
C GLU F 32 -51.26 4.82 -5.29
N TYR F 33 -52.07 3.83 -5.63
CA TYR F 33 -52.50 2.80 -4.69
C TYR F 33 -52.08 1.42 -5.15
N LEU F 34 -51.53 0.63 -4.23
CA LEU F 34 -51.57 -0.80 -4.35
C LEU F 34 -52.97 -1.27 -4.01
N LEU F 35 -53.55 -2.11 -4.86
CA LEU F 35 -54.91 -2.59 -4.63
C LEU F 35 -54.84 -4.00 -4.08
N ALA F 36 -55.64 -4.25 -3.04
CA ALA F 36 -55.67 -5.54 -2.37
C ALA F 36 -57.11 -5.92 -2.06
N VAL F 37 -57.48 -7.15 -2.38
CA VAL F 37 -58.81 -7.68 -2.10
C VAL F 37 -58.67 -8.79 -1.06
N PHE F 38 -59.45 -8.70 0.01
CA PHE F 38 -59.41 -9.64 1.11
C PHE F 38 -60.72 -10.40 1.20
N HIS F 39 -60.65 -11.68 1.58
CA HIS F 39 -61.81 -12.40 2.08
C HIS F 39 -61.86 -12.16 3.58
N LEU F 40 -62.88 -11.44 4.04
CA LEU F 40 -62.94 -10.94 5.40
C LEU F 40 -64.22 -11.37 6.07
N ILE F 41 -64.09 -12.00 7.23
CA ILE F 41 -65.21 -12.26 8.13
C ILE F 41 -64.85 -11.71 9.50
N SER F 42 -65.73 -10.87 10.05
CA SER F 42 -65.40 -10.16 11.27
C SER F 42 -65.38 -11.12 12.47
N GLY F 43 -64.58 -10.76 13.47
CA GLY F 43 -64.41 -11.60 14.65
C GLY F 43 -65.33 -11.25 15.79
N GLY F 44 -66.64 -11.25 15.55
CA GLY F 44 -67.62 -11.07 16.60
C GLY F 44 -67.88 -9.63 16.99
N LYS F 45 -69.16 -9.27 17.05
CA LYS F 45 -69.67 -7.96 17.48
C LYS F 45 -69.33 -6.84 16.50
N LEU F 46 -68.56 -7.11 15.45
CA LEU F 46 -68.27 -6.15 14.40
C LEU F 46 -68.89 -6.63 13.10
N ASN F 47 -69.34 -5.70 12.28
CA ASN F 47 -69.76 -6.09 10.94
C ASN F 47 -68.57 -6.08 10.00
N ILE F 48 -68.84 -6.38 8.73
CA ILE F 48 -67.76 -6.53 7.76
C ILE F 48 -67.05 -5.21 7.52
N LEU F 49 -67.80 -4.10 7.52
CA LEU F 49 -67.17 -2.81 7.25
C LEU F 49 -66.36 -2.32 8.43
N GLN F 50 -66.82 -2.56 9.66
CA GLN F 50 -66.03 -2.19 10.83
C GLN F 50 -64.70 -2.94 10.85
N ALA F 51 -64.74 -4.25 10.64
CA ALA F 51 -63.51 -5.04 10.61
C ALA F 51 -62.64 -4.64 9.43
N ALA F 52 -63.25 -4.30 8.30
CA ALA F 52 -62.49 -3.83 7.15
C ALA F 52 -61.75 -2.53 7.45
N ALA F 53 -62.42 -1.60 8.12
CA ALA F 53 -61.77 -0.34 8.52
C ALA F 53 -60.65 -0.60 9.52
N GLU F 54 -60.88 -1.53 10.46
CA GLU F 54 -59.81 -1.89 11.39
C GLU F 54 -58.61 -2.49 10.66
N VAL F 55 -58.86 -3.34 9.67
CA VAL F 55 -57.78 -3.93 8.89
C VAL F 55 -57.03 -2.86 8.12
N ALA F 56 -57.76 -1.94 7.49
CA ALA F 56 -57.12 -0.86 6.74
C ALA F 56 -56.29 0.04 7.66
N ALA F 57 -56.79 0.30 8.87
CA ALA F 57 -56.03 1.12 9.81
C ALA F 57 -54.77 0.40 10.27
N GLU F 58 -54.90 -0.85 10.70
CA GLU F 58 -53.75 -1.61 11.19
C GLU F 58 -52.73 -1.87 10.09
N SER F 59 -53.16 -1.92 8.84
CA SER F 59 -52.24 -2.20 7.74
C SER F 59 -51.69 -0.95 7.07
N SER F 60 -52.14 0.25 7.43
CA SER F 60 -51.51 1.47 6.91
C SER F 60 -50.96 2.38 7.99
N THR F 61 -51.81 2.91 8.88
CA THR F 61 -51.41 3.99 9.78
C THR F 61 -51.89 3.81 11.20
N GLY F 62 -52.84 2.92 11.47
CA GLY F 62 -53.21 2.59 12.83
C GLY F 62 -53.78 3.74 13.64
N THR F 63 -54.66 4.54 13.04
CA THR F 63 -55.32 5.62 13.75
C THR F 63 -56.80 5.27 13.85
N ASN F 64 -57.14 4.45 14.83
CA ASN F 64 -58.51 4.05 15.10
C ASN F 64 -59.05 4.67 16.37
N PHE F 65 -58.29 5.57 16.99
CA PHE F 65 -58.69 6.28 18.20
C PHE F 65 -58.27 7.73 18.05
N ASN F 66 -58.86 8.58 18.90
CA ASN F 66 -58.57 10.01 18.85
C ASN F 66 -57.19 10.25 19.46
N VAL F 67 -56.24 10.70 18.64
CA VAL F 67 -54.90 11.04 19.09
C VAL F 67 -54.59 12.46 18.66
N ASN F 68 -53.96 13.23 19.55
CA ASN F 68 -53.60 14.60 19.24
C ASN F 68 -52.43 14.70 18.27
N THR F 69 -51.78 13.58 17.95
CA THR F 69 -50.66 13.57 17.02
C THR F 69 -51.08 13.32 15.58
N GLU F 70 -52.37 13.15 15.32
CA GLU F 70 -52.84 12.94 13.96
C GLU F 70 -52.59 14.17 13.11
N THR F 71 -52.04 13.95 11.91
CA THR F 71 -51.79 15.01 10.95
C THR F 71 -52.60 14.76 9.67
N PRO F 72 -52.92 15.81 8.92
CA PRO F 72 -53.61 15.60 7.64
C PRO F 72 -52.81 14.76 6.66
N PHE F 73 -51.48 14.85 6.69
CA PHE F 73 -50.66 14.00 5.83
C PHE F 73 -50.78 12.53 6.21
N SER F 74 -50.82 12.24 7.51
CA SER F 74 -51.06 10.87 7.94
C SER F 74 -52.42 10.37 7.50
N LYS F 75 -53.41 11.26 7.46
CA LYS F 75 -54.70 10.91 6.88
C LYS F 75 -54.58 10.64 5.38
N GLU F 76 -53.67 11.34 4.72
CA GLU F 76 -53.41 11.07 3.31
C GLU F 76 -52.82 9.69 3.11
N MET F 77 -52.00 9.23 4.05
CA MET F 77 -51.40 7.90 3.95
C MET F 77 -52.33 6.78 4.38
N ASN F 78 -53.57 7.08 4.74
CA ASN F 78 -54.53 6.06 5.14
C ASN F 78 -54.81 5.08 4.02
N ALA F 79 -54.85 3.79 4.35
CA ALA F 79 -55.42 2.81 3.45
C ALA F 79 -56.94 2.92 3.46
N VAL F 80 -57.55 2.78 2.30
CA VAL F 80 -58.96 3.07 2.12
C VAL F 80 -59.67 1.81 1.65
N VAL F 81 -60.72 1.41 2.37
CA VAL F 81 -61.67 0.44 1.87
C VAL F 81 -62.55 1.15 0.84
N TYR F 82 -62.45 0.72 -0.42
CA TYR F 82 -63.18 1.38 -1.49
C TYR F 82 -64.22 0.49 -2.15
N GLN F 83 -64.19 -0.82 -1.90
CA GLN F 83 -65.18 -1.72 -2.46
C GLN F 83 -65.42 -2.85 -1.48
N ILE F 84 -66.69 -3.22 -1.32
CA ILE F 84 -67.06 -4.33 -0.46
C ILE F 84 -68.06 -5.20 -1.21
N ASP F 85 -68.06 -6.49 -0.88
CA ASP F 85 -68.99 -7.46 -1.44
C ASP F 85 -69.61 -8.22 -0.27
N LEU F 86 -70.82 -7.83 0.11
CA LEU F 86 -71.45 -8.40 1.30
C LEU F 86 -71.72 -9.89 1.14
N ASP F 87 -72.19 -10.30 -0.04
CA ASP F 87 -72.51 -11.70 -0.26
C ASP F 87 -71.27 -12.59 -0.18
N GLN F 88 -70.18 -12.15 -0.79
CA GLN F 88 -68.97 -12.95 -0.87
C GLN F 88 -67.94 -12.60 0.21
N ASN F 89 -68.26 -11.66 1.11
CA ASN F 89 -67.37 -11.26 2.19
C ASN F 89 -66.02 -10.79 1.65
N LEU F 90 -66.06 -9.95 0.61
CA LEU F 90 -64.87 -9.45 -0.03
C LEU F 90 -64.70 -7.97 0.27
N VAL F 91 -63.46 -7.57 0.57
CA VAL F 91 -63.12 -6.19 0.89
C VAL F 91 -61.95 -5.77 0.02
N TRP F 92 -62.12 -4.67 -0.71
CA TRP F 92 -61.06 -4.07 -1.51
C TRP F 92 -60.47 -2.91 -0.73
N ILE F 93 -59.15 -2.89 -0.57
CA ILE F 93 -58.46 -1.85 0.18
C ILE F 93 -57.37 -1.26 -0.72
N ALA F 94 -57.34 0.05 -0.81
CA ALA F 94 -56.33 0.77 -1.58
C ALA F 94 -55.23 1.24 -0.64
N TYR F 95 -54.02 0.76 -0.86
CA TYR F 95 -52.87 1.16 -0.05
C TYR F 95 -52.04 2.15 -0.82
N PRO F 96 -51.95 3.42 -0.39
CA PRO F 96 -50.99 4.34 -1.01
C PRO F 96 -49.58 3.77 -0.92
N TRP F 97 -48.96 3.44 -2.05
CA TRP F 97 -47.70 2.72 -1.97
C TRP F 97 -46.55 3.61 -1.51
N ARG F 98 -46.81 4.88 -1.19
CA ARG F 98 -45.85 5.68 -0.46
C ARG F 98 -45.60 5.15 0.94
N LEU F 99 -46.55 4.39 1.49
CA LEU F 99 -46.35 3.73 2.78
C LEU F 99 -45.16 2.79 2.76
N PHE F 100 -44.89 2.17 1.62
CA PHE F 100 -43.93 1.09 1.57
C PHE F 100 -42.50 1.61 1.53
N ASP F 101 -41.60 0.86 2.18
CA ASP F 101 -40.19 1.23 2.25
C ASP F 101 -39.61 1.37 0.84
N ARG F 102 -38.78 2.40 0.67
CA ARG F 102 -38.14 2.61 -0.62
C ARG F 102 -37.01 1.63 -0.83
N GLY F 103 -36.57 1.53 -2.08
CA GLY F 103 -35.54 0.58 -2.44
C GLY F 103 -36.03 -0.79 -2.82
N GLY F 104 -37.29 -0.92 -3.24
CA GLY F 104 -37.83 -2.20 -3.64
C GLY F 104 -37.97 -3.20 -2.52
N ASN F 105 -38.46 -2.77 -1.37
CA ASN F 105 -38.59 -3.64 -0.20
C ASN F 105 -39.92 -4.39 -0.27
N VAL F 106 -39.86 -5.69 -0.54
CA VAL F 106 -41.06 -6.50 -0.66
C VAL F 106 -41.57 -6.93 0.72
N GLN F 107 -40.66 -7.31 1.62
CA GLN F 107 -41.07 -7.73 2.95
C GLN F 107 -41.76 -6.59 3.68
N ASN F 108 -41.44 -5.33 3.35
CA ASN F 108 -42.15 -4.21 3.96
C ASN F 108 -43.61 -4.19 3.53
N ILE F 109 -43.89 -4.43 2.25
CA ILE F 109 -45.28 -4.51 1.79
C ILE F 109 -45.99 -5.65 2.49
N LEU F 110 -45.32 -6.81 2.60
CA LEU F 110 -45.95 -7.94 3.26
C LEU F 110 -46.20 -7.64 4.75
N THR F 111 -45.28 -6.92 5.38
CA THR F 111 -45.45 -6.50 6.76
C THR F 111 -46.67 -5.60 6.90
N TYR F 112 -46.87 -4.70 5.94
CA TYR F 112 -48.05 -3.86 5.95
C TYR F 112 -49.33 -4.68 5.80
N ILE F 113 -49.47 -5.37 4.67
CA ILE F 113 -50.78 -5.88 4.25
C ILE F 113 -51.10 -7.29 4.74
N VAL F 114 -50.10 -8.12 4.99
CA VAL F 114 -50.35 -9.44 5.58
C VAL F 114 -49.56 -9.59 6.86
N GLY F 115 -49.36 -8.48 7.57
CA GLY F 115 -48.63 -8.52 8.83
C GLY F 115 -49.52 -8.65 10.04
N ASN F 116 -49.59 -7.59 10.84
CA ASN F 116 -50.36 -7.61 12.08
C ASN F 116 -51.85 -7.82 11.86
N VAL F 117 -52.34 -7.59 10.64
CA VAL F 117 -53.76 -7.79 10.37
C VAL F 117 -54.14 -9.25 10.53
N LEU F 118 -53.21 -10.16 10.26
CA LEU F 118 -53.49 -11.59 10.40
C LEU F 118 -53.71 -11.97 11.86
N GLY F 119 -53.12 -11.23 12.79
CA GLY F 119 -53.28 -11.48 14.21
C GLY F 119 -54.42 -10.76 14.87
N MET F 120 -55.19 -9.97 14.13
CA MET F 120 -56.23 -9.16 14.73
C MET F 120 -57.44 -10.00 15.13
N LYS F 121 -57.86 -9.85 16.39
CA LYS F 121 -59.08 -10.51 16.85
C LYS F 121 -60.33 -9.98 16.17
N GLU F 122 -60.25 -8.82 15.51
CA GLU F 122 -61.39 -8.23 14.83
C GLU F 122 -61.86 -9.05 13.63
N VAL F 123 -61.02 -9.94 13.11
CA VAL F 123 -61.37 -10.77 11.97
C VAL F 123 -61.29 -12.23 12.38
N SER F 124 -62.32 -13.00 12.04
CA SER F 124 -62.25 -14.45 12.17
C SER F 124 -61.61 -15.07 10.93
N ALA F 125 -61.74 -14.41 9.79
CA ALA F 125 -61.10 -14.83 8.56
C ALA F 125 -60.55 -13.60 7.85
N LEU F 126 -59.32 -13.70 7.34
CA LEU F 126 -58.71 -12.60 6.60
C LEU F 126 -57.70 -13.21 5.63
N LYS F 127 -58.11 -13.37 4.38
CA LYS F 127 -57.29 -14.00 3.35
C LYS F 127 -57.09 -13.01 2.22
N LEU F 128 -55.84 -12.56 2.03
CA LEU F 128 -55.50 -11.71 0.90
C LEU F 128 -55.53 -12.55 -0.38
N LEU F 129 -56.57 -12.34 -1.19
CA LEU F 129 -56.78 -13.16 -2.38
C LEU F 129 -55.97 -12.67 -3.57
N ASP F 130 -55.86 -11.35 -3.75
CA ASP F 130 -55.16 -10.82 -4.91
C ASP F 130 -54.65 -9.42 -4.58
N VAL F 131 -53.60 -9.02 -5.29
CA VAL F 131 -53.08 -7.66 -5.22
C VAL F 131 -52.93 -7.14 -6.64
N TRP F 132 -52.92 -5.82 -6.77
CA TRP F 132 -52.72 -5.16 -8.06
C TRP F 132 -51.67 -4.06 -7.89
N PHE F 133 -50.62 -4.14 -8.68
CA PHE F 133 -49.53 -3.17 -8.60
C PHE F 133 -49.66 -2.14 -9.71
N PRO F 134 -49.74 -0.85 -9.39
CA PRO F 134 -49.68 0.17 -10.44
C PRO F 134 -48.29 0.24 -11.04
N PRO F 135 -48.18 0.67 -12.30
CA PRO F 135 -46.85 0.77 -12.92
C PRO F 135 -45.89 1.68 -12.16
N ALA F 136 -46.39 2.78 -11.59
CA ALA F 136 -45.53 3.70 -10.86
C ALA F 136 -44.91 3.00 -9.65
N MET F 137 -45.68 2.16 -8.97
CA MET F 137 -45.12 1.36 -7.88
C MET F 137 -44.20 0.27 -8.41
N LEU F 138 -44.59 -0.40 -9.50
CA LEU F 138 -43.76 -1.44 -10.09
C LEU F 138 -42.39 -0.90 -10.48
N GLU F 139 -42.29 0.40 -10.73
CA GLU F 139 -41.00 1.01 -11.03
C GLU F 139 -39.99 0.83 -9.90
N GLN F 140 -40.46 0.75 -8.66
CA GLN F 140 -39.58 0.72 -7.50
C GLN F 140 -38.93 -0.63 -7.28
N TYR F 141 -39.39 -1.68 -7.92
CA TYR F 141 -38.99 -3.05 -7.60
C TYR F 141 -38.24 -3.67 -8.77
N ASP F 142 -37.29 -4.55 -8.43
CA ASP F 142 -36.41 -5.14 -9.43
C ASP F 142 -37.16 -6.05 -10.38
N GLY F 143 -37.94 -6.99 -9.84
CA GLY F 143 -38.49 -8.06 -10.63
C GLY F 143 -37.40 -9.05 -10.98
N PRO F 144 -37.76 -10.12 -11.69
CA PRO F 144 -36.73 -11.08 -12.12
C PRO F 144 -35.80 -10.46 -13.15
N SER F 145 -34.54 -10.90 -13.11
CA SER F 145 -33.56 -10.53 -14.12
C SER F 145 -33.05 -11.72 -14.91
N TYR F 146 -32.99 -12.90 -14.29
CA TYR F 146 -32.75 -14.16 -14.97
C TYR F 146 -34.06 -14.89 -15.08
N THR F 147 -34.35 -15.44 -16.26
CA THR F 147 -35.65 -16.03 -16.52
C THR F 147 -35.49 -17.46 -17.01
N LEU F 148 -36.62 -18.12 -17.22
CA LEU F 148 -36.61 -19.45 -17.81
C LEU F 148 -36.11 -19.41 -19.25
N ASP F 149 -36.25 -18.26 -19.92
CA ASP F 149 -35.71 -18.12 -21.27
C ASP F 149 -34.20 -18.14 -21.25
N ASP F 150 -33.58 -17.53 -20.24
CA ASP F 150 -32.12 -17.58 -20.11
C ASP F 150 -31.63 -19.00 -19.90
N MET F 151 -32.32 -19.76 -19.04
CA MET F 151 -31.95 -21.16 -18.81
C MET F 151 -32.23 -22.02 -20.04
N ARG F 152 -33.27 -21.68 -20.80
CA ARG F 152 -33.52 -22.36 -22.07
C ARG F 152 -32.39 -22.08 -23.06
N LYS F 153 -31.89 -20.85 -23.09
CA LYS F 153 -30.77 -20.53 -23.96
C LYS F 153 -29.52 -21.28 -23.54
N TYR F 154 -29.25 -21.36 -22.23
CA TYR F 154 -28.09 -22.12 -21.77
C TYR F 154 -28.25 -23.61 -22.08
N LEU F 155 -29.43 -24.16 -21.85
CA LEU F 155 -29.67 -25.59 -22.06
C LEU F 155 -29.87 -25.93 -23.53
N ASN F 156 -30.09 -24.93 -24.37
CA ASN F 156 -30.46 -25.13 -25.77
C ASN F 156 -31.68 -26.06 -25.84
N VAL F 157 -32.64 -25.80 -24.97
CA VAL F 157 -33.87 -26.59 -24.88
C VAL F 157 -35.05 -25.67 -25.15
N TYR F 158 -35.86 -26.03 -26.14
CA TYR F 158 -37.09 -25.32 -26.45
C TYR F 158 -38.13 -26.35 -26.86
N ASP F 159 -39.36 -25.87 -27.08
CA ASP F 159 -40.50 -26.65 -27.56
C ASP F 159 -40.97 -27.71 -26.56
N ARG F 160 -40.32 -27.82 -25.40
CA ARG F 160 -40.75 -28.74 -24.35
C ARG F 160 -40.51 -28.09 -23.00
N PRO F 161 -41.26 -28.46 -21.97
CA PRO F 161 -40.96 -27.97 -20.63
C PRO F 161 -39.63 -28.49 -20.13
N ILE F 162 -38.99 -27.68 -19.29
CA ILE F 162 -37.73 -28.09 -18.67
C ILE F 162 -38.02 -29.26 -17.73
N LEU F 163 -37.28 -30.34 -17.90
CA LEU F 163 -37.52 -31.57 -17.13
C LEU F 163 -36.62 -31.60 -15.92
N GLY F 164 -37.22 -31.58 -14.73
CA GLY F 164 -36.48 -31.56 -13.49
C GLY F 164 -36.84 -32.75 -12.62
N THR F 165 -36.08 -32.90 -11.54
CA THR F 165 -36.33 -33.98 -10.60
C THR F 165 -35.86 -33.57 -9.21
N ILE F 166 -36.43 -34.20 -8.20
CA ILE F 166 -35.90 -34.22 -6.86
C ILE F 166 -35.22 -35.58 -6.67
N ILE F 167 -34.22 -35.60 -5.80
CA ILE F 167 -33.48 -36.83 -5.51
C ILE F 167 -34.12 -37.53 -4.32
N LYS F 168 -34.45 -38.81 -4.50
CA LYS F 168 -35.03 -39.63 -3.44
C LYS F 168 -34.02 -40.68 -3.02
N PRO F 169 -33.72 -40.82 -1.72
CA PRO F 169 -34.28 -40.11 -0.56
C PRO F 169 -33.96 -38.61 -0.55
N LYS F 170 -34.85 -37.80 0.02
CA LYS F 170 -34.65 -36.36 0.11
C LYS F 170 -33.31 -36.04 0.76
N MET F 171 -33.01 -36.70 1.87
CA MET F 171 -31.80 -36.46 2.64
C MET F 171 -31.30 -37.78 3.20
N GLY F 172 -30.13 -37.73 3.82
CA GLY F 172 -29.48 -38.93 4.32
C GLY F 172 -28.54 -39.59 3.34
N LEU F 173 -28.45 -39.07 2.11
CA LEU F 173 -27.48 -39.57 1.14
C LEU F 173 -26.17 -38.82 1.29
N THR F 174 -25.08 -39.51 0.94
CA THR F 174 -23.79 -38.86 0.91
C THR F 174 -23.69 -37.95 -0.31
N SER F 175 -22.65 -37.12 -0.34
CA SER F 175 -22.45 -36.23 -1.48
C SER F 175 -22.28 -37.05 -2.77
N ALA F 176 -21.54 -38.15 -2.70
CA ALA F 176 -21.36 -39.00 -3.86
C ALA F 176 -22.66 -39.67 -4.26
N GLU F 177 -23.45 -40.16 -3.29
CA GLU F 177 -24.71 -40.80 -3.63
C GLU F 177 -25.69 -39.83 -4.27
N TYR F 178 -25.80 -38.62 -3.70
CA TYR F 178 -26.68 -37.61 -4.28
C TYR F 178 -26.22 -37.20 -5.66
N ALA F 179 -24.92 -37.00 -5.83
CA ALA F 179 -24.39 -36.64 -7.15
C ALA F 179 -24.60 -37.76 -8.15
N GLU F 180 -24.52 -39.01 -7.70
CA GLU F 180 -24.77 -40.14 -8.60
C GLU F 180 -26.22 -40.18 -9.04
N ALA F 181 -27.16 -39.93 -8.13
CA ALA F 181 -28.56 -39.88 -8.52
C ALA F 181 -28.83 -38.72 -9.49
N ALA F 182 -28.20 -37.56 -9.22
CA ALA F 182 -28.33 -36.43 -10.13
C ALA F 182 -27.78 -36.78 -11.52
N TYR F 183 -26.62 -37.43 -11.57
CA TYR F 183 -26.06 -37.88 -12.83
C TYR F 183 -26.97 -38.86 -13.54
N ASP F 184 -27.59 -39.78 -12.79
CA ASP F 184 -28.49 -40.74 -13.40
C ASP F 184 -29.65 -40.03 -14.08
N PHE F 185 -30.27 -39.08 -13.39
CA PHE F 185 -31.36 -38.33 -14.01
C PHE F 185 -30.88 -37.53 -15.21
N TRP F 186 -29.72 -36.87 -15.08
CA TRP F 186 -29.21 -36.03 -16.16
C TRP F 186 -28.90 -36.85 -17.40
N VAL F 187 -28.13 -37.92 -17.25
CA VAL F 187 -27.76 -38.80 -18.35
C VAL F 187 -28.99 -39.51 -18.92
N GLY F 188 -30.05 -39.66 -18.13
CA GLY F 188 -31.28 -40.16 -18.70
C GLY F 188 -32.00 -39.19 -19.60
N GLY F 189 -31.47 -37.96 -19.74
CA GLY F 189 -32.08 -36.94 -20.56
C GLY F 189 -32.64 -35.76 -19.79
N GLY F 190 -32.77 -35.88 -18.48
CA GLY F 190 -33.27 -34.77 -17.69
C GLY F 190 -32.29 -33.61 -17.64
N ASP F 191 -32.84 -32.40 -17.62
CA ASP F 191 -32.05 -31.19 -17.66
C ASP F 191 -31.79 -30.58 -16.29
N PHE F 192 -32.64 -30.84 -15.31
CA PHE F 192 -32.70 -30.05 -14.08
C PHE F 192 -32.69 -30.96 -12.88
N VAL F 193 -31.79 -30.70 -11.93
CA VAL F 193 -31.81 -31.38 -10.65
C VAL F 193 -31.74 -30.33 -9.55
N KCX F 194 -32.59 -30.47 -8.54
CA KCX F 194 -32.59 -29.52 -7.44
CB KCX F 194 -33.96 -28.85 -7.31
CG KCX F 194 -35.11 -29.82 -7.10
CD KCX F 194 -36.44 -29.08 -6.90
CE KCX F 194 -36.42 -28.23 -5.65
NZ KCX F 194 -36.20 -29.04 -4.42
C KCX F 194 -32.21 -30.16 -6.12
O KCX F 194 -32.56 -31.31 -5.85
CX KCX F 194 -37.23 -29.59 -3.79
OQ1 KCX F 194 -37.05 -30.27 -2.77
OQ2 KCX F 194 -38.38 -29.42 -4.22
N ASN F 195 -31.48 -29.41 -5.30
CA ASN F 195 -31.27 -29.78 -3.91
C ASN F 195 -32.63 -29.84 -3.21
N ASP F 196 -32.78 -30.74 -2.25
CA ASP F 196 -33.93 -30.67 -1.37
C ASP F 196 -33.94 -29.34 -0.65
N GLU F 197 -35.13 -28.82 -0.38
CA GLU F 197 -35.22 -27.49 0.22
C GLU F 197 -34.52 -27.36 1.58
N PRO F 198 -34.38 -28.40 2.41
CA PRO F 198 -33.48 -28.27 3.58
C PRO F 198 -32.09 -28.86 3.36
N GLN F 199 -31.76 -29.31 2.15
CA GLN F 199 -30.43 -29.86 1.88
C GLN F 199 -29.40 -28.75 1.95
N ALA F 200 -28.46 -28.87 2.89
CA ALA F 200 -27.52 -27.82 3.20
C ALA F 200 -26.24 -28.48 3.69
N ASN F 201 -25.41 -27.73 4.40
CA ASN F 201 -24.18 -28.28 4.96
C ASN F 201 -24.47 -29.22 6.12
N GLN F 202 -25.09 -30.36 5.84
CA GLN F 202 -25.26 -31.39 6.84
C GLN F 202 -23.96 -32.16 7.01
N ASP F 203 -23.78 -32.74 8.20
CA ASP F 203 -22.51 -33.36 8.54
C ASP F 203 -22.21 -34.57 7.67
N PHE F 204 -23.21 -35.34 7.29
CA PHE F 204 -23.02 -36.52 6.46
C PHE F 204 -23.01 -36.21 4.97
N CYS F 205 -23.44 -35.01 4.58
CA CYS F 205 -23.39 -34.55 3.20
C CYS F 205 -22.87 -33.13 3.19
N PRO F 206 -21.56 -32.95 3.42
CA PRO F 206 -21.01 -31.60 3.52
C PRO F 206 -21.26 -30.80 2.25
N TYR F 207 -21.48 -29.49 2.45
CA TYR F 207 -21.92 -28.65 1.34
C TYR F 207 -20.86 -28.55 0.26
N ASP F 208 -19.60 -28.34 0.65
CA ASP F 208 -18.52 -28.24 -0.33
C ASP F 208 -18.33 -29.54 -1.09
N LYS F 209 -18.37 -30.67 -0.38
CA LYS F 209 -18.27 -31.96 -1.04
C LYS F 209 -19.46 -32.21 -1.97
N MET F 210 -20.66 -31.82 -1.55
CA MET F 210 -21.82 -31.97 -2.41
C MET F 210 -21.69 -31.12 -3.67
N VAL F 211 -21.20 -29.89 -3.52
CA VAL F 211 -21.04 -29.02 -4.69
C VAL F 211 -20.02 -29.60 -5.65
N ARG F 212 -18.87 -30.07 -5.14
CA ARG F 212 -17.85 -30.63 -6.02
C ARG F 212 -18.34 -31.90 -6.69
N ASN F 213 -19.01 -32.78 -5.94
CA ASN F 213 -19.50 -34.03 -6.52
C ASN F 213 -20.58 -33.77 -7.57
N VAL F 214 -21.45 -32.79 -7.32
CA VAL F 214 -22.44 -32.42 -8.31
C VAL F 214 -21.77 -31.86 -9.55
N LYS F 215 -20.71 -31.07 -9.37
CA LYS F 215 -19.98 -30.55 -10.52
C LYS F 215 -19.40 -31.68 -11.36
N ALA F 216 -18.78 -32.66 -10.70
CA ALA F 216 -18.20 -33.78 -11.43
C ALA F 216 -19.29 -34.59 -12.15
N ALA F 217 -20.41 -34.84 -11.47
CA ALA F 217 -21.49 -35.60 -12.07
C ALA F 217 -22.08 -34.86 -13.26
N MET F 218 -22.26 -33.53 -13.14
CA MET F 218 -22.77 -32.74 -14.25
C MET F 218 -21.80 -32.73 -15.42
N ASP F 219 -20.50 -32.62 -15.14
CA ASP F 219 -19.51 -32.64 -16.21
C ASP F 219 -19.56 -33.97 -16.96
N LYS F 220 -19.62 -35.07 -16.23
CA LYS F 220 -19.64 -36.37 -16.91
C LYS F 220 -20.96 -36.59 -17.63
N ALA F 221 -22.07 -36.10 -17.09
CA ALA F 221 -23.35 -36.23 -17.78
C ALA F 221 -23.38 -35.41 -19.06
N VAL F 222 -22.80 -34.20 -19.02
CA VAL F 222 -22.70 -33.38 -20.23
C VAL F 222 -21.83 -34.08 -21.26
N LYS F 223 -20.72 -34.68 -20.83
CA LYS F 223 -19.85 -35.39 -21.77
C LYS F 223 -20.57 -36.58 -22.38
N GLU F 224 -21.31 -37.34 -21.57
CA GLU F 224 -22.03 -38.51 -22.07
C GLU F 224 -23.23 -38.13 -22.93
N THR F 225 -23.77 -36.92 -22.78
CA THR F 225 -24.97 -36.52 -23.51
C THR F 225 -24.72 -35.47 -24.57
N GLY F 226 -23.69 -34.63 -24.40
CA GLY F 226 -23.52 -33.45 -25.21
C GLY F 226 -24.40 -32.28 -24.82
N ASN F 227 -25.51 -32.54 -24.13
CA ASN F 227 -26.42 -31.49 -23.69
C ASN F 227 -25.99 -30.93 -22.35
N LYS F 228 -26.17 -29.62 -22.19
CA LYS F 228 -25.88 -28.98 -20.93
C LYS F 228 -26.91 -29.37 -19.87
N LYS F 229 -26.51 -29.24 -18.60
CA LYS F 229 -27.35 -29.63 -17.48
C LYS F 229 -27.35 -28.52 -16.44
N VAL F 230 -28.43 -28.45 -15.66
CA VAL F 230 -28.61 -27.42 -14.64
C VAL F 230 -28.89 -28.09 -13.31
N HIS F 231 -28.18 -27.66 -12.26
CA HIS F 231 -28.46 -28.07 -10.90
C HIS F 231 -28.85 -26.87 -10.06
N SER F 232 -29.87 -27.05 -9.21
CA SER F 232 -30.37 -26.00 -8.34
C SER F 232 -29.86 -26.25 -6.92
N PHE F 233 -28.98 -25.38 -6.45
CA PHE F 233 -28.36 -25.52 -5.14
C PHE F 233 -29.14 -24.72 -4.10
N ASN F 234 -29.48 -25.38 -3.00
CA ASN F 234 -30.07 -24.67 -1.86
C ASN F 234 -29.00 -23.84 -1.17
N VAL F 235 -29.15 -22.52 -1.22
CA VAL F 235 -28.21 -21.61 -0.58
C VAL F 235 -28.78 -21.03 0.71
N SER F 236 -29.97 -21.48 1.12
CA SER F 236 -30.55 -21.04 2.39
C SER F 236 -29.63 -21.45 3.54
N ALA F 237 -29.33 -20.51 4.42
CA ALA F 237 -28.34 -20.71 5.46
C ALA F 237 -28.83 -20.08 6.75
N ALA F 238 -27.99 -20.16 7.79
CA ALA F 238 -28.31 -19.54 9.07
C ALA F 238 -28.36 -18.01 8.95
N ASP F 239 -27.33 -17.43 8.34
CA ASP F 239 -27.23 -15.98 8.22
C ASP F 239 -26.86 -15.64 6.79
N PHE F 240 -26.79 -14.34 6.51
CA PHE F 240 -26.49 -13.88 5.17
C PHE F 240 -25.06 -14.25 4.74
N ASP F 241 -24.11 -14.20 5.69
CA ASP F 241 -22.73 -14.52 5.36
C ASP F 241 -22.58 -15.95 4.87
N THR F 242 -23.24 -16.90 5.54
CA THR F 242 -23.15 -18.30 5.11
C THR F 242 -23.82 -18.51 3.76
N MET F 243 -24.94 -17.85 3.52
CA MET F 243 -25.59 -17.93 2.21
C MET F 243 -24.69 -17.40 1.11
N ILE F 244 -24.04 -16.25 1.35
CA ILE F 244 -23.16 -15.68 0.34
C ILE F 244 -21.94 -16.56 0.14
N GLU F 245 -21.42 -17.15 1.23
CA GLU F 245 -20.28 -18.05 1.13
C GLU F 245 -20.63 -19.27 0.28
N ARG F 246 -21.80 -19.86 0.49
CA ARG F 246 -22.21 -21.01 -0.29
C ARG F 246 -22.43 -20.63 -1.76
N CYS F 247 -23.01 -19.46 -1.99
CA CYS F 247 -23.15 -18.96 -3.37
C CYS F 247 -21.79 -18.86 -4.04
N GLU F 248 -20.84 -18.18 -3.39
CA GLU F 248 -19.51 -18.00 -3.97
C GLU F 248 -18.82 -19.34 -4.18
N LEU F 249 -19.03 -20.30 -3.26
CA LEU F 249 -18.48 -21.63 -3.44
C LEU F 249 -19.04 -22.29 -4.70
N ILE F 250 -20.33 -22.10 -4.96
CA ILE F 250 -20.91 -22.62 -6.21
C ILE F 250 -20.26 -21.93 -7.41
N ARG F 251 -20.10 -20.61 -7.36
CA ARG F 251 -19.48 -19.90 -8.47
C ARG F 251 -18.04 -20.37 -8.69
N ASN F 252 -17.27 -20.51 -7.61
CA ASN F 252 -15.85 -20.82 -7.69
C ASN F 252 -15.56 -22.32 -7.71
N ALA F 253 -16.57 -23.14 -7.98
CA ALA F 253 -16.37 -24.59 -8.00
C ALA F 253 -15.36 -25.02 -9.07
N GLY F 254 -15.47 -24.48 -10.29
CA GLY F 254 -16.38 -23.51 -10.88
C GLY F 254 -17.24 -24.06 -12.00
N PHE F 255 -18.55 -23.96 -11.81
CA PHE F 255 -19.49 -24.33 -12.85
C PHE F 255 -19.43 -23.32 -14.00
N GLU F 256 -19.84 -23.78 -15.18
CA GLU F 256 -20.06 -22.86 -16.27
C GLU F 256 -21.33 -22.04 -16.00
N PRO F 257 -21.31 -20.73 -16.31
CA PRO F 257 -22.49 -19.91 -16.00
C PRO F 257 -23.75 -20.44 -16.69
N GLY F 258 -24.84 -20.44 -15.95
CA GLY F 258 -26.09 -21.03 -16.39
C GLY F 258 -26.32 -22.45 -15.93
N SER F 259 -25.27 -23.16 -15.52
CA SER F 259 -25.41 -24.55 -15.09
C SER F 259 -25.91 -24.69 -13.66
N TYR F 260 -25.89 -23.62 -12.88
CA TYR F 260 -26.30 -23.68 -11.49
C TYR F 260 -27.40 -22.65 -11.22
N ALA F 261 -28.38 -23.07 -10.43
CA ALA F 261 -29.44 -22.19 -9.94
C ALA F 261 -29.37 -22.13 -8.43
N PHE F 262 -29.65 -20.94 -7.88
CA PHE F 262 -29.66 -20.75 -6.43
C PHE F 262 -31.07 -20.99 -5.92
N LEU F 263 -31.24 -22.02 -5.10
CA LEU F 263 -32.50 -22.29 -4.44
C LEU F 263 -32.54 -21.56 -3.10
N ILE F 264 -33.66 -20.93 -2.80
CA ILE F 264 -33.86 -20.22 -1.56
C ILE F 264 -35.23 -20.57 -1.01
N ASP F 265 -35.29 -20.84 0.29
CA ASP F 265 -36.56 -21.10 0.97
C ASP F 265 -37.17 -19.76 1.32
N GLY F 266 -37.93 -19.20 0.37
CA GLY F 266 -38.39 -17.82 0.50
C GLY F 266 -39.23 -17.57 1.74
N ILE F 267 -39.93 -18.60 2.22
CA ILE F 267 -40.77 -18.43 3.41
C ILE F 267 -39.93 -18.48 4.68
N THR F 268 -39.25 -19.61 4.91
CA THR F 268 -38.49 -19.76 6.16
C THR F 268 -37.25 -18.88 6.15
N ALA F 269 -36.47 -18.92 5.07
CA ALA F 269 -35.27 -18.09 4.99
C ALA F 269 -35.61 -16.61 4.91
N GLY F 270 -36.73 -16.28 4.27
CA GLY F 270 -37.24 -14.93 4.30
C GLY F 270 -37.10 -14.23 2.96
N TRP F 271 -37.91 -13.18 2.80
CA TRP F 271 -37.90 -12.40 1.56
C TRP F 271 -36.63 -11.60 1.41
N MET F 272 -36.00 -11.21 2.51
CA MET F 272 -34.74 -10.48 2.43
C MET F 272 -33.67 -11.30 1.75
N ALA F 273 -33.61 -12.60 2.05
CA ALA F 273 -32.65 -13.47 1.38
C ALA F 273 -32.94 -13.56 -0.11
N VAL F 274 -34.22 -13.64 -0.49
CA VAL F 274 -34.58 -13.69 -1.91
C VAL F 274 -34.11 -12.44 -2.62
N GLN F 275 -34.37 -11.27 -2.03
CA GLN F 275 -33.96 -10.02 -2.65
C GLN F 275 -32.45 -9.88 -2.70
N THR F 276 -31.76 -10.34 -1.65
CA THR F 276 -30.30 -10.31 -1.64
C THR F 276 -29.73 -11.20 -2.74
N LEU F 277 -30.30 -12.39 -2.94
CA LEU F 277 -29.85 -13.26 -4.02
C LEU F 277 -30.13 -12.62 -5.38
N ARG F 278 -31.30 -11.98 -5.53
CA ARG F 278 -31.64 -11.34 -6.79
C ARG F 278 -30.65 -10.21 -7.11
N ARG F 279 -30.30 -9.41 -6.11
CA ARG F 279 -29.50 -8.22 -6.36
C ARG F 279 -28.00 -8.52 -6.42
N LYS F 280 -27.54 -9.57 -5.71
CA LYS F 280 -26.14 -9.92 -5.75
C LYS F 280 -25.80 -10.83 -6.92
N TYR F 281 -26.76 -11.62 -7.38
CA TYR F 281 -26.56 -12.55 -8.48
C TYR F 281 -27.71 -12.41 -9.48
N PRO F 282 -27.78 -11.27 -10.19
CA PRO F 282 -28.83 -11.11 -11.21
C PRO F 282 -28.67 -12.06 -12.39
N ASP F 283 -27.48 -12.61 -12.60
CA ASP F 283 -27.21 -13.52 -13.71
C ASP F 283 -27.46 -14.97 -13.34
N VAL F 284 -28.00 -15.25 -12.17
CA VAL F 284 -28.25 -16.61 -11.70
C VAL F 284 -29.74 -16.79 -11.54
N PHE F 285 -30.24 -17.96 -11.95
CA PHE F 285 -31.64 -18.30 -11.74
C PHE F 285 -31.93 -18.39 -10.24
N ILE F 286 -32.90 -17.61 -9.79
CA ILE F 286 -33.28 -17.58 -8.37
C ILE F 286 -34.45 -18.53 -8.20
N HIS F 287 -34.19 -19.70 -7.63
CA HIS F 287 -35.18 -20.75 -7.45
C HIS F 287 -35.87 -20.53 -6.12
N PHE F 288 -37.11 -20.03 -6.16
CA PHE F 288 -37.88 -19.73 -4.96
C PHE F 288 -38.61 -20.99 -4.52
N HIS F 289 -38.12 -21.62 -3.47
CA HIS F 289 -38.84 -22.72 -2.83
C HIS F 289 -39.72 -22.14 -1.73
N ARG F 290 -40.99 -22.55 -1.71
CA ARG F 290 -41.98 -21.97 -0.82
C ARG F 290 -42.35 -22.90 0.32
N ALA F 291 -41.41 -23.71 0.80
CA ALA F 291 -41.68 -24.56 1.95
C ALA F 291 -42.08 -23.70 3.15
N GLY F 292 -43.20 -24.04 3.77
CA GLY F 292 -43.78 -23.25 4.84
C GLY F 292 -44.93 -22.36 4.43
N HIS F 293 -45.16 -22.19 3.12
CA HIS F 293 -46.24 -21.34 2.63
C HIS F 293 -47.61 -21.84 3.03
N GLY F 294 -47.73 -23.11 3.43
CA GLY F 294 -49.04 -23.69 3.68
C GLY F 294 -49.86 -22.95 4.70
N SER F 295 -49.21 -22.36 5.71
CA SER F 295 -49.95 -21.59 6.70
C SER F 295 -50.65 -20.40 6.06
N PHE F 296 -49.98 -19.71 5.14
CA PHE F 296 -50.60 -18.57 4.47
C PHE F 296 -51.63 -19.03 3.45
N THR F 297 -51.31 -20.07 2.67
CA THR F 297 -52.00 -20.32 1.42
C THR F 297 -53.02 -21.44 1.46
N ARG F 298 -52.96 -22.33 2.44
CA ARG F 298 -53.83 -23.52 2.42
C ARG F 298 -55.30 -23.09 2.55
N PRO F 299 -56.20 -23.66 1.75
CA PRO F 299 -57.62 -23.27 1.85
C PRO F 299 -58.23 -23.55 3.21
N GLU F 300 -57.73 -24.56 3.93
CA GLU F 300 -58.23 -24.83 5.28
C GLU F 300 -57.89 -23.72 6.26
N ASN F 301 -56.95 -22.84 5.91
CA ASN F 301 -56.57 -21.74 6.78
C ASN F 301 -57.34 -20.50 6.36
N PRO F 302 -58.32 -20.02 7.15
CA PRO F 302 -59.04 -18.79 6.77
C PRO F 302 -58.18 -17.55 6.79
N ILE F 303 -57.05 -17.56 7.48
CA ILE F 303 -56.20 -16.38 7.66
C ILE F 303 -54.90 -16.60 6.91
N GLY F 304 -54.59 -15.71 5.98
CA GLY F 304 -53.36 -15.81 5.22
C GLY F 304 -53.47 -15.02 3.93
N PHE F 305 -52.76 -15.51 2.91
CA PHE F 305 -52.87 -14.97 1.57
C PHE F 305 -52.77 -16.11 0.57
N SER F 306 -53.28 -15.86 -0.63
CA SER F 306 -53.41 -16.91 -1.64
C SER F 306 -52.05 -17.27 -2.24
N VAL F 307 -52.04 -18.39 -2.98
CA VAL F 307 -50.85 -18.78 -3.73
C VAL F 307 -50.55 -17.76 -4.83
N LEU F 308 -51.60 -17.18 -5.41
CA LEU F 308 -51.41 -16.15 -6.43
C LEU F 308 -50.69 -14.94 -5.86
N VAL F 309 -51.08 -14.51 -4.65
CA VAL F 309 -50.41 -13.38 -4.01
C VAL F 309 -48.94 -13.71 -3.76
N LEU F 310 -48.67 -14.93 -3.28
CA LEU F 310 -47.29 -15.33 -3.01
C LEU F 310 -46.46 -15.34 -4.29
N SER F 311 -47.04 -15.86 -5.38
CA SER F 311 -46.31 -15.88 -6.65
C SER F 311 -46.07 -14.48 -7.18
N LYS F 312 -47.05 -13.59 -7.06
CA LYS F 312 -46.87 -12.21 -7.51
C LYS F 312 -45.78 -11.52 -6.71
N PHE F 313 -45.76 -11.72 -5.39
CA PHE F 313 -44.72 -11.08 -4.59
C PHE F 313 -43.36 -11.73 -4.80
N ALA F 314 -43.32 -13.03 -5.11
CA ALA F 314 -42.05 -13.66 -5.47
C ALA F 314 -41.50 -13.08 -6.76
N ARG F 315 -42.38 -12.86 -7.75
CA ARG F 315 -41.96 -12.20 -8.98
C ARG F 315 -41.47 -10.78 -8.70
N LEU F 316 -42.18 -10.05 -7.85
CA LEU F 316 -41.77 -8.70 -7.48
C LEU F 316 -40.40 -8.70 -6.82
N ALA F 317 -40.15 -9.66 -5.93
CA ALA F 317 -38.88 -9.74 -5.22
C ALA F 317 -37.72 -10.10 -6.13
N GLY F 318 -37.99 -10.66 -7.31
CA GLY F 318 -36.95 -11.00 -8.24
C GLY F 318 -36.68 -12.48 -8.43
N ALA F 319 -37.54 -13.36 -7.92
CA ALA F 319 -37.35 -14.79 -8.11
C ALA F 319 -37.51 -15.15 -9.58
N SER F 320 -36.58 -15.97 -10.08
CA SER F 320 -36.67 -16.44 -11.45
C SER F 320 -37.78 -17.47 -11.61
N GLY F 321 -37.97 -18.31 -10.61
CA GLY F 321 -39.01 -19.33 -10.65
C GLY F 321 -39.49 -19.64 -9.26
N ILE F 322 -40.75 -20.03 -9.17
CA ILE F 322 -41.38 -20.38 -7.90
C ILE F 322 -42.22 -21.63 -8.10
N HIS F 323 -42.28 -22.46 -7.06
CA HIS F 323 -43.07 -23.68 -7.12
C HIS F 323 -44.55 -23.37 -7.19
N THR F 324 -45.27 -24.20 -7.94
CA THR F 324 -46.71 -24.05 -8.10
C THR F 324 -47.51 -25.30 -7.75
N GLY F 325 -47.02 -26.50 -8.06
CA GLY F 325 -47.73 -27.72 -7.74
C GLY F 325 -48.44 -28.33 -8.93
N HIS F 354 -57.59 -13.33 -11.28
CA HIS F 354 -58.55 -13.89 -10.34
C HIS F 354 -59.53 -12.82 -9.89
N PHE F 355 -59.00 -11.75 -9.31
CA PHE F 355 -59.80 -10.59 -8.92
C PHE F 355 -59.34 -9.29 -9.55
N PHE F 356 -58.12 -9.22 -10.09
CA PHE F 356 -57.59 -8.03 -10.73
C PHE F 356 -57.10 -8.39 -12.12
N GLU F 357 -57.26 -7.46 -13.06
CA GLU F 357 -56.67 -7.59 -14.39
C GLU F 357 -55.26 -7.01 -14.33
N GLN F 358 -54.33 -7.85 -13.89
CA GLN F 358 -52.97 -7.40 -13.59
C GLN F 358 -52.08 -7.57 -14.82
N GLU F 359 -51.55 -6.47 -15.32
CA GLU F 359 -50.51 -6.46 -16.33
C GLU F 359 -49.20 -6.06 -15.67
N TRP F 360 -48.13 -6.82 -15.93
CA TRP F 360 -46.88 -6.62 -15.20
C TRP F 360 -45.93 -5.68 -15.93
N SER F 361 -46.47 -4.74 -16.68
CA SER F 361 -45.83 -3.47 -16.95
C SER F 361 -46.45 -2.43 -16.01
N LYS F 362 -45.69 -1.40 -15.61
CA LYS F 362 -44.47 -0.64 -15.91
C LYS F 362 -44.72 0.31 -17.07
N ILE F 363 -45.88 0.17 -17.71
CA ILE F 363 -46.45 1.18 -18.60
C ILE F 363 -47.96 1.14 -18.42
N PHE F 364 -48.58 2.30 -18.54
CA PHE F 364 -50.03 2.38 -18.43
C PHE F 364 -50.70 1.93 -19.72
N TRP F 389 -37.16 -3.39 -20.45
CA TRP F 389 -37.45 -2.17 -19.71
C TRP F 389 -38.94 -1.89 -19.72
N ARG F 390 -39.63 -2.42 -20.73
CA ARG F 390 -41.05 -2.12 -20.90
C ARG F 390 -41.87 -2.68 -19.74
N GLY F 391 -41.49 -3.84 -19.22
CA GLY F 391 -42.25 -4.46 -18.16
C GLY F 391 -41.40 -5.30 -17.21
N VAL F 392 -42.05 -6.17 -16.45
CA VAL F 392 -41.39 -7.03 -15.48
C VAL F 392 -41.26 -8.42 -16.09
N LYS F 393 -40.08 -9.01 -15.98
CA LYS F 393 -39.83 -10.33 -16.54
C LYS F 393 -40.68 -11.39 -15.83
N LYS F 394 -40.87 -12.51 -16.51
CA LYS F 394 -41.72 -13.58 -16.01
C LYS F 394 -41.03 -14.32 -14.86
N CYS F 395 -41.86 -14.88 -13.98
CA CYS F 395 -41.41 -15.83 -12.97
C CYS F 395 -41.89 -17.21 -13.38
N CYS F 396 -40.95 -18.11 -13.62
CA CYS F 396 -41.28 -19.41 -14.18
C CYS F 396 -42.02 -20.27 -13.17
N PRO F 397 -43.12 -20.92 -13.55
CA PRO F 397 -43.74 -21.90 -12.67
C PRO F 397 -42.89 -23.16 -12.57
N ILE F 398 -42.80 -23.71 -11.37
CA ILE F 398 -42.06 -24.95 -11.12
C ILE F 398 -43.06 -25.96 -10.59
N ILE F 399 -43.15 -27.11 -11.26
CA ILE F 399 -44.14 -28.13 -10.93
C ILE F 399 -43.45 -29.26 -10.18
N SER F 400 -44.08 -29.72 -9.10
CA SER F 400 -43.52 -30.76 -8.25
C SER F 400 -44.57 -31.82 -7.98
N GLY F 401 -44.18 -33.08 -8.08
CA GLY F 401 -45.01 -34.18 -7.62
C GLY F 401 -45.58 -35.11 -8.67
N GLY F 402 -44.94 -36.26 -8.86
CA GLY F 402 -45.53 -37.38 -9.56
C GLY F 402 -45.95 -37.15 -11.00
N LEU F 403 -45.08 -36.58 -11.83
CA LEU F 403 -45.39 -36.32 -13.23
C LEU F 403 -44.64 -37.32 -14.10
N ASN F 404 -45.28 -38.47 -14.33
CA ASN F 404 -44.76 -39.49 -15.23
C ASN F 404 -45.07 -39.11 -16.67
N PRO F 405 -44.41 -39.75 -17.64
CA PRO F 405 -44.69 -39.42 -19.06
C PRO F 405 -46.13 -39.65 -19.47
N THR F 406 -46.85 -40.55 -18.79
CA THR F 406 -48.25 -40.79 -19.14
C THR F 406 -49.10 -39.55 -18.94
N LEU F 407 -48.85 -38.79 -17.87
CA LEU F 407 -49.63 -37.61 -17.53
C LEU F 407 -48.99 -36.32 -18.06
N LEU F 408 -47.91 -36.42 -18.84
CA LEU F 408 -47.22 -35.21 -19.30
C LEU F 408 -48.07 -34.41 -20.27
N LYS F 409 -48.64 -35.08 -21.28
CA LYS F 409 -49.45 -34.36 -22.27
C LYS F 409 -50.67 -33.68 -21.67
N PRO F 410 -51.50 -34.35 -20.86
CA PRO F 410 -52.64 -33.63 -20.27
C PRO F 410 -52.23 -32.45 -19.41
N PHE F 411 -51.10 -32.53 -18.73
CA PHE F 411 -50.66 -31.40 -17.90
C PHE F 411 -50.26 -30.21 -18.76
N ILE F 412 -49.51 -30.45 -19.84
CA ILE F 412 -49.15 -29.36 -20.75
C ILE F 412 -50.41 -28.77 -21.37
N ASP F 413 -51.40 -29.61 -21.66
CA ASP F 413 -52.68 -29.10 -22.14
C ASP F 413 -53.35 -28.21 -21.09
N VAL F 414 -53.25 -28.61 -19.81
CA VAL F 414 -53.91 -27.87 -18.75
C VAL F 414 -53.28 -26.49 -18.58
N MET F 415 -51.95 -26.43 -18.49
CA MET F 415 -51.29 -25.14 -18.34
C MET F 415 -51.51 -24.26 -19.56
N GLY F 416 -51.42 -24.83 -20.76
CA GLY F 416 -51.57 -24.09 -21.99
C GLY F 416 -50.28 -23.59 -22.59
N ASN F 417 -49.15 -23.84 -21.94
CA ASN F 417 -47.85 -23.43 -22.46
C ASN F 417 -46.79 -24.42 -21.97
N ILE F 418 -45.57 -24.27 -22.49
CA ILE F 418 -44.47 -25.15 -22.19
C ILE F 418 -43.43 -24.47 -21.29
N ASP F 419 -43.70 -23.24 -20.88
CA ASP F 419 -42.69 -22.44 -20.18
C ASP F 419 -42.80 -22.68 -18.67
N PHE F 420 -42.39 -23.89 -18.27
CA PHE F 420 -42.38 -24.25 -16.87
C PHE F 420 -41.39 -25.39 -16.65
N ILE F 421 -40.82 -25.43 -15.45
CA ILE F 421 -40.00 -26.55 -15.01
C ILE F 421 -40.88 -27.52 -14.24
N THR F 422 -40.67 -28.82 -14.45
CA THR F 422 -41.46 -29.86 -13.80
C THR F 422 -40.52 -30.82 -13.09
N THR F 423 -40.34 -30.60 -11.78
CA THR F 423 -39.50 -31.46 -10.95
C THR F 423 -40.36 -32.63 -10.46
N MET F 424 -40.14 -33.81 -11.04
CA MET F 424 -40.94 -34.97 -10.67
C MET F 424 -40.63 -35.42 -9.26
N GLY F 425 -41.67 -35.85 -8.55
CA GLY F 425 -41.51 -36.41 -7.21
C GLY F 425 -41.59 -37.93 -7.24
N ALA F 426 -42.74 -38.48 -6.88
CA ALA F 426 -42.97 -39.92 -6.87
C ALA F 426 -43.32 -40.47 -8.25
N GLY F 427 -43.08 -39.72 -9.33
CA GLY F 427 -43.55 -40.14 -10.64
C GLY F 427 -42.91 -41.42 -11.13
N CYS F 428 -41.58 -41.51 -11.00
CA CYS F 428 -40.86 -42.65 -11.54
C CYS F 428 -39.74 -43.15 -10.64
N HIS F 429 -39.59 -42.58 -9.44
CA HIS F 429 -38.51 -42.99 -8.56
C HIS F 429 -38.71 -44.41 -8.03
N PRO F 432 -38.51 -50.14 -11.85
CA PRO F 432 -37.32 -50.97 -11.65
C PRO F 432 -36.38 -50.97 -12.85
N LYS F 433 -36.73 -50.19 -13.88
CA LYS F 433 -35.91 -50.08 -15.07
C LYS F 433 -34.82 -49.02 -14.95
N GLY F 434 -34.77 -48.30 -13.85
CA GLY F 434 -33.73 -47.32 -13.61
C GLY F 434 -34.24 -45.90 -13.78
N THR F 435 -33.62 -44.97 -13.05
CA THR F 435 -33.96 -43.56 -13.18
C THR F 435 -33.62 -43.04 -14.57
N THR F 436 -32.53 -43.54 -15.16
CA THR F 436 -32.16 -43.14 -16.51
C THR F 436 -33.24 -43.51 -17.51
N ALA F 437 -33.81 -44.72 -17.38
CA ALA F 437 -34.89 -45.14 -18.26
C ALA F 437 -36.12 -44.25 -18.10
N GLY F 438 -36.45 -43.88 -16.86
CA GLY F 438 -37.58 -42.99 -16.65
C GLY F 438 -37.37 -41.62 -17.24
N ALA F 439 -36.16 -41.07 -17.09
CA ALA F 439 -35.87 -39.77 -17.69
C ALA F 439 -35.91 -39.86 -19.21
N LYS F 440 -35.42 -40.96 -19.78
CA LYS F 440 -35.50 -41.15 -21.22
C LYS F 440 -36.94 -41.24 -21.68
N ALA F 441 -37.80 -41.92 -20.91
CA ALA F 441 -39.21 -41.98 -21.25
C ALA F 441 -39.85 -40.59 -21.19
N LEU F 442 -39.48 -39.79 -20.19
CA LEU F 442 -40.00 -38.43 -20.10
C LEU F 442 -39.56 -37.59 -21.30
N VAL F 443 -38.30 -37.71 -21.71
CA VAL F 443 -37.81 -36.98 -22.87
C VAL F 443 -38.53 -37.43 -24.14
N GLN F 444 -38.75 -38.75 -24.26
CA GLN F 444 -39.48 -39.27 -25.42
C GLN F 444 -40.90 -38.75 -25.46
N ALA F 445 -41.56 -38.68 -24.30
CA ALA F 445 -42.90 -38.12 -24.23
C ALA F 445 -42.92 -36.65 -24.63
N CYS F 446 -41.91 -35.89 -24.17
CA CYS F 446 -41.81 -34.49 -24.56
C CYS F 446 -41.62 -34.34 -26.07
N GLU F 447 -40.77 -35.18 -26.66
CA GLU F 447 -40.55 -35.13 -28.10
C GLU F 447 -41.80 -35.55 -28.87
N ALA F 448 -42.54 -36.51 -28.34
CA ALA F 448 -43.81 -36.90 -28.96
C ALA F 448 -44.82 -35.76 -28.93
N TYR F 449 -44.89 -35.05 -27.80
CA TYR F 449 -45.79 -33.90 -27.72
C TYR F 449 -45.36 -32.81 -28.70
N GLN F 450 -44.06 -32.55 -28.81
CA GLN F 450 -43.58 -31.55 -29.75
C GLN F 450 -43.91 -31.94 -31.19
N LYS F 451 -43.71 -33.21 -31.55
CA LYS F 451 -44.05 -33.68 -32.88
C LYS F 451 -45.55 -33.78 -33.10
N GLY F 452 -46.36 -33.72 -32.04
CA GLY F 452 -47.78 -33.92 -32.17
C GLY F 452 -48.23 -35.36 -32.21
N ILE F 453 -47.30 -36.32 -32.11
CA ILE F 453 -47.64 -37.73 -32.15
C ILE F 453 -48.17 -38.15 -30.79
N ASP F 454 -49.16 -39.05 -30.80
CA ASP F 454 -49.73 -39.56 -29.57
C ASP F 454 -48.71 -40.43 -28.83
N ILE F 455 -48.89 -40.53 -27.50
CA ILE F 455 -47.96 -41.29 -26.68
C ILE F 455 -47.98 -42.77 -27.06
N LYS F 456 -49.18 -43.34 -27.22
CA LYS F 456 -49.28 -44.75 -27.58
C LYS F 456 -48.66 -45.02 -28.94
N GLU F 457 -48.89 -44.13 -29.91
CA GLU F 457 -48.26 -44.27 -31.21
C GLU F 457 -46.75 -44.14 -31.11
N TYR F 458 -46.27 -43.19 -30.29
CA TYR F 458 -44.84 -43.00 -30.11
C TYR F 458 -44.20 -44.14 -29.31
N ALA F 459 -45.00 -44.92 -28.60
CA ALA F 459 -44.48 -46.05 -27.84
C ALA F 459 -44.43 -47.31 -28.69
N THR G 7 -51.38 -50.20 17.12
CA THR G 7 -51.20 -51.60 16.77
C THR G 7 -51.86 -51.92 15.43
N GLN G 8 -53.19 -51.78 15.38
CA GLN G 8 -53.90 -51.97 14.12
C GLN G 8 -53.52 -50.90 13.11
N LEU G 9 -53.36 -49.66 13.57
CA LEU G 9 -52.89 -48.59 12.70
C LEU G 9 -51.51 -48.90 12.14
N ILE G 10 -50.66 -49.56 12.93
CA ILE G 10 -49.37 -50.01 12.42
C ILE G 10 -49.58 -51.03 11.30
N LYS G 11 -50.51 -51.97 11.49
CA LYS G 11 -50.80 -52.96 10.46
C LYS G 11 -51.31 -52.30 9.20
N THR G 12 -51.97 -51.14 9.33
CA THR G 12 -52.45 -50.42 8.15
C THR G 12 -51.30 -49.87 7.31
N LEU G 13 -50.17 -49.53 7.93
CA LEU G 13 -49.06 -48.90 7.23
C LEU G 13 -48.39 -49.86 6.26
N ASN G 14 -47.87 -49.29 5.17
CA ASN G 14 -46.97 -50.02 4.29
C ASN G 14 -45.54 -49.96 4.86
N ILE G 15 -44.62 -50.67 4.21
CA ILE G 15 -43.27 -50.80 4.75
C ILE G 15 -42.56 -49.45 4.77
N HIS G 16 -42.72 -48.66 3.71
CA HIS G 16 -42.11 -47.34 3.67
C HIS G 16 -42.67 -46.45 4.76
N GLN G 17 -43.97 -46.52 5.00
CA GLN G 17 -44.57 -45.81 6.12
C GLN G 17 -44.12 -46.40 7.45
N LYS G 18 -43.93 -47.72 7.49
CA LYS G 18 -43.45 -48.37 8.70
C LYS G 18 -42.07 -47.87 9.09
N GLY G 19 -41.26 -47.49 8.11
CA GLY G 19 -39.92 -46.97 8.39
C GLY G 19 -39.91 -45.62 9.08
N TYR G 20 -41.07 -44.96 9.22
CA TYR G 20 -41.16 -43.68 9.90
C TYR G 20 -41.99 -43.74 11.17
N VAL G 21 -42.34 -44.94 11.63
CA VAL G 21 -43.10 -45.12 12.85
C VAL G 21 -42.34 -46.08 13.76
N ASN G 22 -42.08 -45.66 14.99
CA ASN G 22 -41.44 -46.51 15.99
C ASN G 22 -41.98 -46.10 17.36
N PHE G 23 -43.04 -46.78 17.79
CA PHE G 23 -43.60 -46.54 19.11
C PHE G 23 -42.74 -47.13 20.21
N ASP G 24 -41.80 -48.01 19.86
CA ASP G 24 -40.86 -48.60 20.81
C ASP G 24 -39.52 -47.86 20.82
N LEU G 25 -39.53 -46.57 20.49
CA LEU G 25 -38.33 -45.76 20.56
C LEU G 25 -37.86 -45.72 22.01
N PRO G 26 -36.62 -46.15 22.30
CA PRO G 26 -36.25 -46.33 23.73
C PRO G 26 -36.27 -45.05 24.53
N ASN G 27 -35.55 -44.02 24.09
CA ASN G 27 -35.48 -42.75 24.81
C ASN G 27 -35.53 -41.62 23.80
N PRO G 28 -36.71 -41.02 23.58
CA PRO G 28 -36.78 -39.85 22.68
C PRO G 28 -35.94 -38.69 23.16
N LYS G 29 -35.67 -38.60 24.46
CA LYS G 29 -34.86 -37.53 25.04
C LYS G 29 -33.40 -37.93 25.20
N ASN G 30 -32.94 -38.95 24.46
CA ASN G 30 -31.56 -39.39 24.56
C ASN G 30 -30.56 -38.35 24.08
N GLY G 31 -31.03 -37.30 23.41
CA GLY G 31 -30.16 -36.24 22.92
C GLY G 31 -29.94 -36.25 21.43
N GLU G 32 -30.41 -37.28 20.73
CA GLU G 32 -30.25 -37.38 19.29
C GLU G 32 -31.40 -36.77 18.52
N TYR G 33 -32.52 -36.47 19.16
CA TYR G 33 -33.74 -36.10 18.49
C TYR G 33 -34.27 -34.76 18.95
N LEU G 34 -34.64 -33.92 18.00
CA LEU G 34 -35.60 -32.86 18.28
C LEU G 34 -36.97 -33.50 18.40
N LEU G 35 -37.68 -33.21 19.48
CA LEU G 35 -39.01 -33.78 19.69
C LEU G 35 -40.06 -32.76 19.30
N ALA G 36 -41.04 -33.20 18.52
CA ALA G 36 -42.10 -32.33 18.02
C ALA G 36 -43.43 -33.03 18.18
N VAL G 37 -44.40 -32.32 18.76
CA VAL G 37 -45.76 -32.83 18.91
C VAL G 37 -46.66 -32.02 17.99
N PHE G 38 -47.40 -32.72 17.14
CA PHE G 38 -48.30 -32.10 16.17
C PHE G 38 -49.74 -32.41 16.52
N HIS G 39 -50.63 -31.45 16.29
CA HIS G 39 -52.05 -31.73 16.19
C HIS G 39 -52.32 -32.10 14.74
N LEU G 40 -52.72 -33.35 14.52
CA LEU G 40 -52.82 -33.90 13.16
C LEU G 40 -54.21 -34.46 12.93
N ILE G 41 -54.81 -34.06 11.81
CA ILE G 41 -56.02 -34.68 11.29
C ILE G 41 -55.77 -35.02 9.83
N SER G 42 -55.93 -36.29 9.48
CA SER G 42 -55.61 -36.74 8.13
C SER G 42 -56.58 -36.16 7.11
N GLY G 43 -56.08 -35.95 5.90
CA GLY G 43 -56.86 -35.36 4.84
C GLY G 43 -57.57 -36.36 3.95
N GLY G 44 -58.43 -37.19 4.55
CA GLY G 44 -59.27 -38.09 3.77
C GLY G 44 -58.61 -39.37 3.33
N LYS G 45 -59.28 -40.50 3.58
CA LYS G 45 -58.89 -41.85 3.17
C LYS G 45 -57.65 -42.35 3.89
N LEU G 46 -57.01 -41.54 4.72
CA LEU G 46 -55.87 -41.95 5.53
C LEU G 46 -56.26 -41.87 6.99
N ASN G 47 -55.76 -42.80 7.79
CA ASN G 47 -55.92 -42.65 9.23
C ASN G 47 -54.83 -41.75 9.78
N ILE G 48 -54.87 -41.53 11.10
CA ILE G 48 -53.93 -40.60 11.71
C ILE G 48 -52.50 -41.12 11.57
N LEU G 49 -52.31 -42.45 11.61
CA LEU G 49 -50.95 -42.98 11.59
C LEU G 49 -50.33 -42.90 10.19
N GLN G 50 -51.12 -43.15 9.14
CA GLN G 50 -50.55 -43.02 7.79
C GLN G 50 -50.18 -41.57 7.51
N ALA G 51 -51.05 -40.63 7.88
CA ALA G 51 -50.75 -39.22 7.70
C ALA G 51 -49.54 -38.80 8.54
N ALA G 52 -49.43 -39.34 9.76
CA ALA G 52 -48.28 -39.04 10.60
C ALA G 52 -46.99 -39.56 9.96
N ALA G 53 -47.03 -40.77 9.40
CA ALA G 53 -45.86 -41.31 8.72
C ALA G 53 -45.49 -40.49 7.49
N GLU G 54 -46.51 -40.04 6.74
CA GLU G 54 -46.24 -39.17 5.60
C GLU G 54 -45.61 -37.85 6.04
N VAL G 55 -46.11 -37.27 7.14
CA VAL G 55 -45.54 -36.03 7.65
C VAL G 55 -44.10 -36.24 8.09
N ALA G 56 -43.82 -37.36 8.77
CA ALA G 56 -42.46 -37.67 9.21
C ALA G 56 -41.53 -37.89 8.01
N ALA G 57 -42.03 -38.55 6.97
CA ALA G 57 -41.21 -38.77 5.77
C ALA G 57 -40.92 -37.44 5.07
N GLU G 58 -41.95 -36.65 4.81
CA GLU G 58 -41.79 -35.40 4.10
C GLU G 58 -40.97 -34.38 4.89
N SER G 59 -40.90 -34.54 6.21
CA SER G 59 -40.15 -33.60 7.04
C SER G 59 -38.77 -34.13 7.42
N SER G 60 -38.41 -35.37 7.07
CA SER G 60 -37.04 -35.82 7.28
C SER G 60 -36.34 -36.26 6.00
N THR G 61 -36.85 -37.30 5.33
CA THR G 61 -36.11 -37.94 4.24
C THR G 61 -36.96 -38.27 3.03
N GLY G 62 -38.29 -38.24 3.13
CA GLY G 62 -39.14 -38.36 1.96
C GLY G 62 -39.01 -39.68 1.22
N THR G 63 -38.96 -40.78 1.96
CA THR G 63 -38.90 -42.11 1.34
C THR G 63 -40.19 -42.84 1.71
N ASN G 64 -41.24 -42.57 0.93
CA ASN G 64 -42.53 -43.22 1.08
C ASN G 64 -42.81 -44.17 -0.07
N PHE G 65 -41.84 -44.38 -0.94
CA PHE G 65 -41.96 -45.29 -2.07
C PHE G 65 -40.67 -46.09 -2.18
N ASN G 66 -40.70 -47.14 -2.99
CA ASN G 66 -39.53 -48.00 -3.18
C ASN G 66 -38.57 -47.31 -4.14
N VAL G 67 -37.40 -46.92 -3.63
CA VAL G 67 -36.36 -46.31 -4.44
C VAL G 67 -35.08 -47.12 -4.25
N ASN G 68 -34.40 -47.41 -5.36
CA ASN G 68 -33.16 -48.18 -5.32
C ASN G 68 -32.00 -47.39 -4.72
N THR G 69 -32.16 -46.08 -4.53
CA THR G 69 -31.13 -45.24 -3.93
C THR G 69 -31.22 -45.20 -2.41
N GLU G 70 -32.22 -45.83 -1.82
CA GLU G 70 -32.35 -45.87 -0.37
C GLU G 70 -31.16 -46.58 0.26
N THR G 71 -30.60 -45.95 1.30
CA THR G 71 -29.45 -46.48 2.01
C THR G 71 -29.80 -46.68 3.49
N PRO G 72 -29.11 -47.59 4.18
CA PRO G 72 -29.35 -47.75 5.62
C PRO G 72 -29.10 -46.49 6.42
N PHE G 73 -28.15 -45.65 6.00
CA PHE G 73 -27.88 -44.42 6.73
C PHE G 73 -29.02 -43.43 6.57
N SER G 74 -29.59 -43.31 5.37
CA SER G 74 -30.78 -42.48 5.20
C SER G 74 -31.94 -43.00 6.03
N LYS G 75 -32.02 -44.33 6.21
CA LYS G 75 -32.99 -44.89 7.14
C LYS G 75 -32.70 -44.46 8.57
N GLU G 76 -31.41 -44.41 8.93
CA GLU G 76 -31.05 -43.91 10.25
C GLU G 76 -31.47 -42.46 10.43
N MET G 77 -31.53 -41.70 9.33
CA MET G 77 -31.95 -40.31 9.43
C MET G 77 -33.46 -40.12 9.38
N ASN G 78 -34.24 -41.19 9.30
CA ASN G 78 -35.70 -41.06 9.29
C ASN G 78 -36.20 -40.40 10.56
N ALA G 79 -37.13 -39.45 10.39
CA ALA G 79 -37.93 -39.00 11.52
C ALA G 79 -38.92 -40.09 11.89
N VAL G 80 -39.20 -40.22 13.18
CA VAL G 80 -39.98 -41.36 13.68
C VAL G 80 -41.15 -40.83 14.48
N VAL G 81 -42.35 -41.27 14.13
CA VAL G 81 -43.52 -41.13 14.98
C VAL G 81 -43.37 -42.12 16.13
N TYR G 82 -43.19 -41.61 17.34
CA TYR G 82 -42.97 -42.47 18.49
C TYR G 82 -44.11 -42.44 19.50
N GLN G 83 -45.03 -41.48 19.40
CA GLN G 83 -46.16 -41.40 20.29
C GLN G 83 -47.34 -40.80 19.55
N ILE G 84 -48.52 -41.35 19.78
CA ILE G 84 -49.75 -40.85 19.18
C ILE G 84 -50.82 -40.79 20.25
N ASP G 85 -51.76 -39.87 20.07
CA ASP G 85 -52.88 -39.68 20.98
C ASP G 85 -54.15 -39.65 20.13
N LEU G 86 -54.86 -40.77 20.06
CA LEU G 86 -55.99 -40.89 19.17
C LEU G 86 -57.11 -39.93 19.55
N ASP G 87 -57.41 -39.81 20.84
CA ASP G 87 -58.51 -38.95 21.27
C ASP G 87 -58.23 -37.48 20.95
N GLN G 88 -57.03 -37.02 21.24
CA GLN G 88 -56.66 -35.62 21.04
C GLN G 88 -56.04 -35.36 19.68
N ASN G 89 -55.89 -36.39 18.84
CA ASN G 89 -55.31 -36.26 17.50
C ASN G 89 -53.90 -35.63 17.57
N LEU G 90 -53.09 -36.14 18.47
CA LEU G 90 -51.73 -35.66 18.68
C LEU G 90 -50.73 -36.69 18.17
N VAL G 91 -49.67 -36.21 17.54
CA VAL G 91 -48.60 -37.06 17.01
C VAL G 91 -47.27 -36.51 17.49
N TRP G 92 -46.44 -37.38 18.06
CA TRP G 92 -45.09 -37.03 18.48
C TRP G 92 -44.10 -37.59 17.48
N ILE G 93 -43.24 -36.74 16.93
CA ILE G 93 -42.25 -37.13 15.94
C ILE G 93 -40.87 -36.75 16.46
N ALA G 94 -39.92 -37.68 16.38
CA ALA G 94 -38.55 -37.44 16.78
C ALA G 94 -37.71 -37.21 15.53
N TYR G 95 -37.10 -36.03 15.43
CA TYR G 95 -36.26 -35.69 14.30
C TYR G 95 -34.81 -35.81 14.72
N PRO G 96 -34.03 -36.74 14.16
CA PRO G 96 -32.58 -36.73 14.39
C PRO G 96 -31.99 -35.39 14.00
N TRP G 97 -31.47 -34.63 14.95
CA TRP G 97 -31.10 -33.25 14.62
C TRP G 97 -29.85 -33.16 13.77
N ARG G 98 -29.24 -34.30 13.44
CA ARG G 98 -28.21 -34.31 12.39
C ARG G 98 -28.79 -33.95 11.03
N LEU G 99 -30.12 -34.09 10.86
CA LEU G 99 -30.76 -33.65 9.62
C LEU G 99 -30.57 -32.16 9.38
N PHE G 100 -30.38 -31.40 10.45
CA PHE G 100 -30.43 -29.94 10.34
C PHE G 100 -29.09 -29.38 9.90
N ASP G 101 -29.17 -28.29 9.14
CA ASP G 101 -27.98 -27.61 8.64
C ASP G 101 -27.08 -27.18 9.79
N ARG G 102 -25.78 -27.42 9.63
CA ARG G 102 -24.83 -27.07 10.67
C ARG G 102 -24.60 -25.56 10.70
N GLY G 103 -24.09 -25.08 11.82
CA GLY G 103 -23.87 -23.67 12.00
C GLY G 103 -25.01 -22.91 12.65
N GLY G 104 -25.88 -23.59 13.39
CA GLY G 104 -27.00 -22.94 14.03
C GLY G 104 -28.04 -22.39 13.09
N ASN G 105 -28.41 -23.16 12.07
CA ASN G 105 -29.39 -22.71 11.07
C ASN G 105 -30.79 -23.00 11.59
N VAL G 106 -31.53 -21.95 11.94
CA VAL G 106 -32.89 -22.12 12.47
C VAL G 106 -33.90 -22.26 11.33
N GLN G 107 -33.74 -21.46 10.27
CA GLN G 107 -34.63 -21.57 9.12
C GLN G 107 -34.58 -22.97 8.52
N ASN G 108 -33.45 -23.67 8.62
CA ASN G 108 -33.37 -25.03 8.14
C ASN G 108 -34.29 -25.96 8.95
N ILE G 109 -34.29 -25.83 10.27
CA ILE G 109 -35.20 -26.62 11.09
C ILE G 109 -36.64 -26.32 10.73
N LEU G 110 -36.98 -25.04 10.56
CA LEU G 110 -38.36 -24.69 10.24
C LEU G 110 -38.74 -25.22 8.86
N THR G 111 -37.81 -25.14 7.90
CA THR G 111 -38.02 -25.74 6.59
C THR G 111 -38.33 -27.23 6.70
N TYR G 112 -37.60 -27.92 7.57
CA TYR G 112 -37.85 -29.35 7.80
C TYR G 112 -39.25 -29.57 8.38
N ILE G 113 -39.51 -29.04 9.58
CA ILE G 113 -40.64 -29.52 10.38
C ILE G 113 -41.93 -28.74 10.17
N VAL G 114 -41.87 -27.48 9.76
CA VAL G 114 -43.08 -26.73 9.41
C VAL G 114 -42.97 -26.21 7.99
N GLY G 115 -42.30 -26.95 7.12
CA GLY G 115 -42.17 -26.53 5.74
C GLY G 115 -43.20 -27.17 4.82
N ASN G 116 -42.74 -28.05 3.95
CA ASN G 116 -43.62 -28.68 2.97
C ASN G 116 -44.74 -29.50 3.61
N VAL G 117 -44.58 -29.90 4.87
CA VAL G 117 -45.62 -30.67 5.53
C VAL G 117 -46.91 -29.88 5.65
N LEU G 118 -46.81 -28.55 5.76
CA LEU G 118 -48.00 -27.71 5.83
C LEU G 118 -48.80 -27.75 4.54
N GLY G 119 -48.13 -27.87 3.40
CA GLY G 119 -48.79 -27.95 2.12
C GLY G 119 -49.22 -29.33 1.69
N MET G 120 -49.03 -30.35 2.52
CA MET G 120 -49.40 -31.71 2.14
C MET G 120 -50.91 -31.88 2.15
N LYS G 121 -51.44 -32.49 1.10
CA LYS G 121 -52.86 -32.84 1.05
C LYS G 121 -53.21 -33.97 2.00
N GLU G 122 -52.22 -34.72 2.49
CA GLU G 122 -52.46 -35.84 3.40
C GLU G 122 -53.06 -35.41 4.73
N VAL G 123 -52.87 -34.15 5.13
CA VAL G 123 -53.39 -33.64 6.40
C VAL G 123 -54.40 -32.55 6.11
N SER G 124 -55.54 -32.61 6.81
CA SER G 124 -56.47 -31.49 6.80
C SER G 124 -56.14 -30.49 7.88
N ALA G 125 -55.51 -30.95 8.97
CA ALA G 125 -55.01 -30.09 10.03
C ALA G 125 -53.64 -30.58 10.44
N LEU G 126 -52.70 -29.65 10.58
CA LEU G 126 -51.35 -29.98 11.02
C LEU G 126 -50.79 -28.76 11.74
N LYS G 127 -50.85 -28.78 13.07
CA LYS G 127 -50.38 -27.68 13.90
C LYS G 127 -49.25 -28.18 14.79
N LEU G 128 -48.05 -27.64 14.61
CA LEU G 128 -46.94 -27.94 15.49
C LEU G 128 -47.16 -27.22 16.82
N LEU G 129 -47.50 -27.97 17.86
CA LEU G 129 -47.86 -27.39 19.14
C LEU G 129 -46.64 -27.07 20.02
N ASP G 130 -45.64 -27.93 20.00
CA ASP G 130 -44.48 -27.75 20.85
C ASP G 130 -43.30 -28.52 20.27
N VAL G 131 -42.10 -28.06 20.63
CA VAL G 131 -40.87 -28.75 20.28
C VAL G 131 -40.04 -28.88 21.55
N TRP G 132 -39.11 -29.84 21.53
CA TRP G 132 -38.19 -30.06 22.63
C TRP G 132 -36.78 -30.17 22.05
N PHE G 133 -35.88 -29.32 22.53
CA PHE G 133 -34.51 -29.29 22.03
C PHE G 133 -33.59 -30.00 23.01
N PRO G 134 -32.91 -31.06 22.61
CA PRO G 134 -31.92 -31.69 23.49
C PRO G 134 -30.71 -30.79 23.69
N PRO G 135 -30.00 -30.91 24.81
CA PRO G 135 -28.83 -30.06 25.04
C PRO G 135 -27.76 -30.18 23.96
N ALA G 136 -27.53 -31.39 23.44
CA ALA G 136 -26.54 -31.56 22.39
C ALA G 136 -26.91 -30.78 21.15
N MET G 137 -28.21 -30.75 20.81
CA MET G 137 -28.67 -29.90 19.72
C MET G 137 -28.60 -28.43 20.11
N LEU G 138 -28.95 -28.09 21.35
CA LEU G 138 -28.91 -26.70 21.79
C LEU G 138 -27.49 -26.13 21.72
N GLU G 139 -26.49 -27.01 21.72
CA GLU G 139 -25.11 -26.55 21.58
C GLU G 139 -24.88 -25.83 20.27
N GLN G 140 -25.48 -26.31 19.18
CA GLN G 140 -25.21 -25.79 17.84
C GLN G 140 -25.73 -24.38 17.61
N TYR G 141 -26.60 -23.87 18.48
CA TYR G 141 -27.32 -22.63 18.22
C TYR G 141 -26.90 -21.56 19.21
N ASP G 142 -26.87 -20.32 18.74
CA ASP G 142 -26.37 -19.21 19.55
C ASP G 142 -27.26 -18.96 20.76
N GLY G 143 -28.56 -18.79 20.54
CA GLY G 143 -29.43 -18.26 21.55
C GLY G 143 -29.21 -16.76 21.67
N PRO G 144 -29.97 -16.10 22.54
CA PRO G 144 -29.74 -14.66 22.76
C PRO G 144 -28.40 -14.41 23.42
N SER G 145 -27.80 -13.28 23.07
CA SER G 145 -26.59 -12.81 23.71
C SER G 145 -26.78 -11.49 24.45
N TYR G 146 -27.74 -10.68 24.01
CA TYR G 146 -28.19 -9.50 24.71
C TYR G 146 -29.57 -9.78 25.27
N THR G 147 -29.79 -9.43 26.53
CA THR G 147 -31.02 -9.82 27.22
C THR G 147 -31.71 -8.59 27.79
N LEU G 148 -32.89 -8.83 28.36
CA LEU G 148 -33.60 -7.76 29.05
C LEU G 148 -32.84 -7.30 30.28
N ASP G 149 -32.01 -8.18 30.86
CA ASP G 149 -31.19 -7.77 31.99
C ASP G 149 -30.13 -6.76 31.57
N ASP G 150 -29.57 -6.93 30.37
CA ASP G 150 -28.63 -5.93 29.85
C ASP G 150 -29.30 -4.59 29.65
N MET G 151 -30.51 -4.58 29.09
CA MET G 151 -31.24 -3.33 28.92
C MET G 151 -31.62 -2.73 30.27
N ARG G 152 -31.93 -3.57 31.26
CA ARG G 152 -32.19 -3.08 32.61
C ARG G 152 -30.95 -2.43 33.20
N LYS G 153 -29.78 -3.03 32.98
CA LYS G 153 -28.53 -2.45 33.46
C LYS G 153 -28.27 -1.11 32.80
N TYR G 154 -28.51 -1.02 31.49
CA TYR G 154 -28.33 0.26 30.81
C TYR G 154 -29.32 1.31 31.32
N LEU G 155 -30.58 0.90 31.51
CA LEU G 155 -31.63 1.84 31.92
C LEU G 155 -31.60 2.14 33.40
N ASN G 156 -30.87 1.34 34.19
CA ASN G 156 -30.92 1.40 35.65
C ASN G 156 -32.37 1.33 36.11
N VAL G 157 -33.09 0.35 35.54
CA VAL G 157 -34.49 0.12 35.87
C VAL G 157 -34.64 -1.32 36.32
N TYR G 158 -35.21 -1.52 37.50
CA TYR G 158 -35.47 -2.83 38.05
C TYR G 158 -36.78 -2.78 38.82
N ASP G 159 -37.24 -3.96 39.23
CA ASP G 159 -38.42 -4.15 40.07
C ASP G 159 -39.73 -3.78 39.38
N ARG G 160 -39.68 -3.32 38.14
CA ARG G 160 -40.87 -3.00 37.37
C ARG G 160 -40.65 -3.41 35.92
N PRO G 161 -41.72 -3.70 35.18
CA PRO G 161 -41.57 -3.98 33.76
C PRO G 161 -41.08 -2.75 32.99
N ILE G 162 -40.33 -3.01 31.92
CA ILE G 162 -39.86 -1.93 31.07
C ILE G 162 -41.06 -1.30 30.38
N LEU G 163 -41.16 0.02 30.46
CA LEU G 163 -42.33 0.75 29.97
C LEU G 163 -42.08 1.18 28.53
N GLY G 164 -42.90 0.66 27.60
CA GLY G 164 -42.71 0.90 26.20
C GLY G 164 -43.97 1.47 25.56
N THR G 165 -43.80 2.03 24.37
CA THR G 165 -44.92 2.57 23.63
C THR G 165 -44.68 2.41 22.14
N ILE G 166 -45.78 2.36 21.40
CA ILE G 166 -45.79 2.59 19.96
C ILE G 166 -46.26 4.00 19.73
N ILE G 167 -45.82 4.59 18.62
CA ILE G 167 -46.20 5.96 18.28
C ILE G 167 -47.43 5.92 17.39
N LYS G 168 -48.46 6.67 17.78
CA LYS G 168 -49.68 6.80 17.02
C LYS G 168 -49.78 8.21 16.44
N PRO G 169 -50.02 8.36 15.13
CA PRO G 169 -50.25 7.33 14.10
C PRO G 169 -49.04 6.45 13.84
N LYS G 170 -49.28 5.22 13.41
CA LYS G 170 -48.20 4.28 13.11
C LYS G 170 -47.27 4.83 12.04
N MET G 171 -47.85 5.37 10.97
CA MET G 171 -47.11 5.90 9.84
C MET G 171 -47.78 7.20 9.40
N GLY G 172 -47.11 7.90 8.48
CA GLY G 172 -47.60 9.17 8.01
C GLY G 172 -47.08 10.37 8.79
N LEU G 173 -46.31 10.15 9.84
CA LEU G 173 -45.68 11.23 10.58
C LEU G 173 -44.30 11.51 9.98
N THR G 174 -43.87 12.75 10.12
CA THR G 174 -42.53 13.12 9.72
C THR G 174 -41.52 12.65 10.77
N SER G 175 -40.24 12.72 10.42
CA SER G 175 -39.20 12.34 11.37
C SER G 175 -39.27 13.20 12.62
N ALA G 176 -39.49 14.51 12.44
CA ALA G 176 -39.61 15.39 13.59
C ALA G 176 -40.85 15.09 14.41
N GLU G 177 -41.98 14.81 13.74
CA GLU G 177 -43.21 14.49 14.48
C GLU G 177 -43.05 13.19 15.26
N TYR G 178 -42.48 12.16 14.63
CA TYR G 178 -42.26 10.89 15.31
C TYR G 178 -41.30 11.06 16.48
N ALA G 179 -40.22 11.81 16.27
CA ALA G 179 -39.26 12.04 17.35
C ALA G 179 -39.90 12.83 18.49
N GLU G 180 -40.76 13.79 18.16
CA GLU G 180 -41.46 14.55 19.19
C GLU G 180 -42.38 13.66 20.01
N ALA G 181 -43.11 12.75 19.35
CA ALA G 181 -43.96 11.83 20.09
C ALA G 181 -43.14 10.89 20.97
N ALA G 182 -42.01 10.40 20.45
CA ALA G 182 -41.12 9.57 21.25
C ALA G 182 -40.60 10.32 22.47
N TYR G 183 -40.21 11.59 22.27
CA TYR G 183 -39.77 12.42 23.39
C TYR G 183 -40.91 12.64 24.39
N ASP G 184 -42.13 12.82 23.91
CA ASP G 184 -43.26 13.03 24.80
C ASP G 184 -43.48 11.82 25.70
N PHE G 185 -43.35 10.62 25.12
CA PHE G 185 -43.46 9.42 25.95
C PHE G 185 -42.26 9.27 26.90
N TRP G 186 -41.05 9.54 26.39
CA TRP G 186 -39.85 9.33 27.18
C TRP G 186 -39.79 10.26 28.39
N VAL G 187 -40.04 11.55 28.16
CA VAL G 187 -39.96 12.54 29.24
C VAL G 187 -41.03 12.31 30.29
N GLY G 188 -42.12 11.64 29.93
CA GLY G 188 -43.14 11.29 30.91
C GLY G 188 -42.77 10.10 31.78
N GLY G 189 -41.57 9.56 31.63
CA GLY G 189 -41.12 8.43 32.42
C GLY G 189 -40.99 7.14 31.66
N GLY G 190 -41.56 7.06 30.45
CA GLY G 190 -41.42 5.85 29.67
C GLY G 190 -39.99 5.61 29.23
N ASP G 191 -39.59 4.34 29.24
CA ASP G 191 -38.22 3.98 28.93
C ASP G 191 -38.00 3.55 27.49
N PHE G 192 -39.04 3.04 26.82
CA PHE G 192 -38.88 2.29 25.58
C PHE G 192 -39.81 2.84 24.51
N VAL G 193 -39.26 3.12 23.33
CA VAL G 193 -40.06 3.52 22.18
C VAL G 193 -39.64 2.68 20.98
N KCX G 194 -40.60 2.10 20.28
CA KCX G 194 -40.29 1.28 19.11
CB KCX G 194 -40.84 -0.14 19.30
CG KCX G 194 -42.34 -0.20 19.50
CD KCX G 194 -42.84 -1.64 19.61
CE KCX G 194 -42.60 -2.41 18.33
NZ KCX G 194 -43.29 -1.79 17.16
C KCX G 194 -40.83 1.89 17.83
O KCX G 194 -41.92 2.44 17.80
CX KCX G 194 -44.56 -2.09 16.91
OQ1 KCX G 194 -45.18 -2.87 17.63
OQ2 KCX G 194 -45.13 -1.57 15.93
N ASN G 195 -40.04 1.78 16.76
CA ASN G 195 -40.53 2.06 15.43
C ASN G 195 -41.67 1.11 15.12
N ASP G 196 -42.63 1.55 14.32
CA ASP G 196 -43.64 0.64 13.81
C ASP G 196 -42.96 -0.45 12.99
N GLU G 197 -43.56 -1.64 12.99
CA GLU G 197 -42.92 -2.76 12.31
C GLU G 197 -42.67 -2.56 10.82
N PRO G 198 -43.44 -1.76 10.07
CA PRO G 198 -43.00 -1.40 8.72
C PRO G 198 -42.30 -0.05 8.59
N GLN G 199 -42.05 0.65 9.70
CA GLN G 199 -41.42 1.96 9.64
C GLN G 199 -39.98 1.84 9.16
N ALA G 200 -39.69 2.47 8.03
CA ALA G 200 -38.43 2.27 7.32
C ALA G 200 -38.13 3.56 6.57
N ASN G 201 -37.26 3.46 5.55
CA ASN G 201 -36.93 4.62 4.74
C ASN G 201 -38.08 5.04 3.84
N GLN G 202 -39.18 5.51 4.43
CA GLN G 202 -40.26 6.10 3.66
C GLN G 202 -39.86 7.49 3.19
N ASP G 203 -40.44 7.92 2.07
CA ASP G 203 -40.04 9.19 1.48
C ASP G 203 -40.41 10.38 2.37
N PHE G 204 -41.53 10.30 3.09
CA PHE G 204 -41.94 11.38 3.97
C PHE G 204 -41.33 11.30 5.36
N CYS G 205 -40.68 10.18 5.68
CA CYS G 205 -39.98 10.00 6.94
C CYS G 205 -38.67 9.26 6.65
N PRO G 206 -37.69 9.93 6.06
CA PRO G 206 -36.46 9.25 5.68
C PRO G 206 -35.76 8.63 6.89
N TYR G 207 -35.14 7.47 6.66
CA TYR G 207 -34.60 6.69 7.76
C TYR G 207 -33.48 7.44 8.48
N ASP G 208 -32.57 8.05 7.72
CA ASP G 208 -31.48 8.79 8.34
C ASP G 208 -31.99 9.97 9.16
N LYS G 209 -32.96 10.70 8.60
CA LYS G 209 -33.56 11.82 9.33
C LYS G 209 -34.30 11.35 10.56
N MET G 210 -35.01 10.23 10.46
CA MET G 210 -35.69 9.67 11.62
C MET G 210 -34.70 9.29 12.70
N VAL G 211 -33.58 8.68 12.32
CA VAL G 211 -32.57 8.28 13.28
C VAL G 211 -31.98 9.50 13.98
N ARG G 212 -31.64 10.54 13.21
CA ARG G 212 -31.06 11.74 13.80
C ARG G 212 -32.05 12.45 14.72
N ASN G 213 -33.30 12.58 14.28
CA ASN G 213 -34.31 13.26 15.10
C ASN G 213 -34.61 12.47 16.36
N VAL G 214 -34.63 11.14 16.26
CA VAL G 214 -34.84 10.31 17.44
C VAL G 214 -33.66 10.43 18.40
N LYS G 215 -32.44 10.52 17.86
CA LYS G 215 -31.28 10.73 18.73
C LYS G 215 -31.39 12.05 19.48
N ALA G 216 -31.79 13.12 18.78
CA ALA G 216 -31.94 14.41 19.44
C ALA G 216 -33.04 14.37 20.49
N ALA G 217 -34.16 13.73 20.18
CA ALA G 217 -35.25 13.64 21.14
C ALA G 217 -34.85 12.82 22.36
N MET G 218 -34.12 11.72 22.14
CA MET G 218 -33.66 10.89 23.26
C MET G 218 -32.67 11.65 24.14
N ASP G 219 -31.76 12.39 23.52
CA ASP G 219 -30.83 13.20 24.30
C ASP G 219 -31.56 14.23 25.14
N LYS G 220 -32.57 14.89 24.54
CA LYS G 220 -33.33 15.89 25.28
C LYS G 220 -34.10 15.25 26.42
N ALA G 221 -34.71 14.08 26.18
CA ALA G 221 -35.46 13.40 27.23
C ALA G 221 -34.56 12.94 28.35
N VAL G 222 -33.36 12.45 28.02
CA VAL G 222 -32.41 12.03 29.04
C VAL G 222 -31.97 13.21 29.89
N LYS G 223 -31.69 14.35 29.24
CA LYS G 223 -31.31 15.53 30.01
C LYS G 223 -32.45 16.01 30.91
N GLU G 224 -33.67 16.02 30.38
CA GLU G 224 -34.81 16.48 31.17
C GLU G 224 -35.17 15.51 32.29
N THR G 225 -34.81 14.24 32.17
CA THR G 225 -35.20 13.23 33.17
C THR G 225 -34.04 12.71 33.99
N GLY G 226 -32.81 12.77 33.47
CA GLY G 226 -31.69 12.09 34.07
C GLY G 226 -31.64 10.60 33.79
N ASN G 227 -32.76 9.98 33.47
CA ASN G 227 -32.84 8.55 33.20
C ASN G 227 -32.52 8.27 31.74
N LYS G 228 -31.84 7.16 31.50
CA LYS G 228 -31.55 6.73 30.13
C LYS G 228 -32.82 6.21 29.45
N LYS G 229 -32.81 6.25 28.12
CA LYS G 229 -33.96 5.85 27.31
C LYS G 229 -33.52 4.91 26.21
N VAL G 230 -34.45 4.09 25.74
CA VAL G 230 -34.18 3.09 24.71
C VAL G 230 -35.16 3.29 23.57
N HIS G 231 -34.65 3.32 22.33
CA HIS G 231 -35.48 3.29 21.14
C HIS G 231 -35.20 2.04 20.33
N SER G 232 -36.27 1.41 19.82
CA SER G 232 -36.16 0.22 18.99
C SER G 232 -36.36 0.63 17.54
N PHE G 233 -35.30 0.52 16.74
CA PHE G 233 -35.31 0.90 15.35
C PHE G 233 -35.62 -0.30 14.47
N ASN G 234 -36.63 -0.17 13.61
CA ASN G 234 -36.91 -1.20 12.63
C ASN G 234 -35.81 -1.21 11.58
N VAL G 235 -35.03 -2.28 11.55
CA VAL G 235 -33.94 -2.43 10.58
C VAL G 235 -34.31 -3.41 9.47
N SER G 236 -35.58 -3.82 9.40
CA SER G 236 -36.02 -4.66 8.29
C SER G 236 -35.93 -3.87 7.00
N ALA G 237 -35.35 -4.49 5.98
CA ALA G 237 -35.05 -3.81 4.73
C ALA G 237 -35.34 -4.74 3.57
N ALA G 238 -34.90 -4.32 2.37
CA ALA G 238 -35.05 -5.17 1.20
C ALA G 238 -34.05 -6.32 1.22
N ASP G 239 -32.80 -6.05 1.60
CA ASP G 239 -31.74 -7.04 1.47
C ASP G 239 -30.76 -6.92 2.63
N PHE G 240 -29.72 -7.76 2.58
CA PHE G 240 -28.62 -7.69 3.55
C PHE G 240 -28.10 -6.27 3.69
N ASP G 241 -27.64 -5.69 2.57
CA ASP G 241 -26.83 -4.49 2.63
C ASP G 241 -27.61 -3.31 3.17
N THR G 242 -28.89 -3.17 2.79
CA THR G 242 -29.68 -2.06 3.30
C THR G 242 -29.92 -2.21 4.81
N MET G 243 -30.17 -3.43 5.28
CA MET G 243 -30.38 -3.64 6.72
C MET G 243 -29.12 -3.32 7.51
N ILE G 244 -27.97 -3.79 7.05
CA ILE G 244 -26.73 -3.52 7.78
C ILE G 244 -26.32 -2.06 7.64
N GLU G 245 -26.64 -1.43 6.51
CA GLU G 245 -26.41 0.01 6.37
C GLU G 245 -27.23 0.79 7.39
N ARG G 246 -28.49 0.42 7.56
CA ARG G 246 -29.33 1.09 8.55
C ARG G 246 -28.84 0.82 9.97
N CYS G 247 -28.39 -0.41 10.23
CA CYS G 247 -27.80 -0.73 11.52
C CYS G 247 -26.59 0.16 11.81
N GLU G 248 -25.65 0.20 10.87
CA GLU G 248 -24.43 1.00 11.04
C GLU G 248 -24.77 2.48 11.18
N LEU G 249 -25.78 2.95 10.45
CA LEU G 249 -26.24 4.32 10.61
C LEU G 249 -26.73 4.58 12.02
N ILE G 250 -27.44 3.61 12.61
CA ILE G 250 -27.84 3.75 14.01
C ILE G 250 -26.63 3.79 14.92
N ARG G 251 -25.67 2.88 14.69
CA ARG G 251 -24.47 2.85 15.52
C ARG G 251 -23.67 4.14 15.40
N ASN G 252 -23.49 4.63 14.17
CA ASN G 252 -22.68 5.81 13.89
C ASN G 252 -23.48 7.11 13.97
N ALA G 253 -24.64 7.09 14.62
CA ALA G 253 -25.45 8.31 14.72
C ALA G 253 -24.72 9.41 15.51
N GLY G 254 -24.16 9.08 16.67
CA GLY G 254 -24.03 7.84 17.40
C GLY G 254 -24.72 7.81 18.75
N PHE G 255 -25.61 6.83 18.91
CA PHE G 255 -26.24 6.59 20.20
C PHE G 255 -25.23 5.97 21.17
N GLU G 256 -25.45 6.20 22.45
CA GLU G 256 -24.69 5.47 23.46
C GLU G 256 -25.12 4.00 23.43
N PRO G 257 -24.18 3.06 23.60
CA PRO G 257 -24.54 1.64 23.56
C PRO G 257 -25.59 1.30 24.61
N GLY G 258 -26.58 0.50 24.20
CA GLY G 258 -27.71 0.18 25.03
C GLY G 258 -28.94 1.04 24.80
N SER G 259 -28.77 2.22 24.20
CA SER G 259 -29.90 3.12 23.98
C SER G 259 -30.73 2.73 22.76
N TYR G 260 -30.22 1.88 21.90
CA TYR G 260 -30.92 1.49 20.67
C TYR G 260 -31.07 -0.02 20.61
N ALA G 261 -32.24 -0.46 20.16
CA ALA G 261 -32.51 -1.86 19.87
C ALA G 261 -32.83 -2.00 18.39
N PHE G 262 -32.46 -3.13 17.81
CA PHE G 262 -32.75 -3.42 16.42
C PHE G 262 -34.04 -4.23 16.33
N LEU G 263 -35.06 -3.65 15.70
CA LEU G 263 -36.31 -4.36 15.44
C LEU G 263 -36.23 -5.03 14.07
N ILE G 264 -36.61 -6.29 14.01
CA ILE G 264 -36.64 -7.04 12.77
C ILE G 264 -37.97 -7.75 12.67
N ASP G 265 -38.59 -7.68 11.49
CA ASP G 265 -39.82 -8.42 11.22
C ASP G 265 -39.43 -9.87 10.92
N GLY G 266 -39.35 -10.68 11.97
CA GLY G 266 -38.81 -12.01 11.83
C GLY G 266 -39.57 -12.90 10.86
N ILE G 267 -40.87 -12.69 10.74
CA ILE G 267 -41.67 -13.51 9.82
C ILE G 267 -41.47 -13.06 8.38
N THR G 268 -41.66 -11.77 8.10
CA THR G 268 -41.58 -11.31 6.72
C THR G 268 -40.13 -11.14 6.27
N ALA G 269 -39.31 -10.48 7.07
CA ALA G 269 -37.90 -10.33 6.71
C ALA G 269 -37.17 -11.66 6.72
N GLY G 270 -37.56 -12.56 7.60
CA GLY G 270 -37.04 -13.91 7.58
C GLY G 270 -36.08 -14.19 8.72
N TRP G 271 -35.86 -15.48 8.96
CA TRP G 271 -35.04 -15.91 10.08
C TRP G 271 -33.55 -15.67 9.84
N MET G 272 -33.11 -15.67 8.57
CA MET G 272 -31.71 -15.34 8.32
C MET G 272 -31.40 -13.90 8.72
N ALA G 273 -32.36 -12.99 8.55
CA ALA G 273 -32.15 -11.62 9.00
C ALA G 273 -32.01 -11.56 10.52
N VAL G 274 -32.83 -12.32 11.24
CA VAL G 274 -32.74 -12.35 12.70
C VAL G 274 -31.39 -12.90 13.13
N GLN G 275 -30.96 -14.01 12.52
CA GLN G 275 -29.68 -14.62 12.88
C GLN G 275 -28.52 -13.71 12.51
N THR G 276 -28.60 -13.03 11.37
CA THR G 276 -27.56 -12.09 10.97
C THR G 276 -27.45 -10.93 11.94
N LEU G 277 -28.59 -10.40 12.40
CA LEU G 277 -28.55 -9.35 13.41
C LEU G 277 -27.96 -9.88 14.71
N ARG G 278 -28.33 -11.10 15.10
CA ARG G 278 -27.80 -11.67 16.33
C ARG G 278 -26.29 -11.84 16.26
N ARG G 279 -25.78 -12.31 15.12
CA ARG G 279 -24.35 -12.63 15.03
C ARG G 279 -23.49 -11.41 14.69
N LYS G 280 -24.05 -10.42 14.00
CA LYS G 280 -23.28 -9.21 13.69
C LYS G 280 -23.36 -8.19 14.80
N TYR G 281 -24.44 -8.21 15.59
CA TYR G 281 -24.63 -7.26 16.68
C TYR G 281 -25.06 -8.01 17.94
N PRO G 282 -24.17 -8.83 18.51
CA PRO G 282 -24.51 -9.51 19.77
C PRO G 282 -24.68 -8.56 20.94
N ASP G 283 -24.11 -7.36 20.86
CA ASP G 283 -24.20 -6.36 21.93
C ASP G 283 -25.43 -5.48 21.80
N VAL G 284 -26.33 -5.79 20.87
CA VAL G 284 -27.54 -5.01 20.65
C VAL G 284 -28.75 -5.89 20.93
N PHE G 285 -29.75 -5.30 21.60
CA PHE G 285 -31.02 -5.98 21.79
C PHE G 285 -31.68 -6.25 20.45
N ILE G 286 -31.94 -7.53 20.17
CA ILE G 286 -32.57 -7.93 18.93
C ILE G 286 -34.07 -8.04 19.20
N HIS G 287 -34.82 -7.05 18.72
CA HIS G 287 -36.26 -6.97 18.93
C HIS G 287 -36.94 -7.74 17.80
N PHE G 288 -37.55 -8.87 18.14
CA PHE G 288 -38.20 -9.74 17.17
C PHE G 288 -39.67 -9.34 17.07
N HIS G 289 -40.02 -8.68 15.97
CA HIS G 289 -41.42 -8.39 15.68
C HIS G 289 -41.98 -9.52 14.83
N ARG G 290 -43.14 -10.05 15.23
CA ARG G 290 -43.72 -11.22 14.60
C ARG G 290 -44.88 -10.89 13.69
N ALA G 291 -44.87 -9.72 13.05
CA ALA G 291 -45.91 -9.38 12.10
C ALA G 291 -45.94 -10.40 10.96
N GLY G 292 -47.11 -10.98 10.71
CA GLY G 292 -47.26 -12.07 9.77
C GLY G 292 -47.39 -13.44 10.40
N HIS G 293 -47.09 -13.56 11.70
CA HIS G 293 -47.18 -14.85 12.39
C HIS G 293 -48.60 -15.42 12.42
N GLY G 294 -49.61 -14.57 12.21
CA GLY G 294 -50.98 -15.02 12.39
C GLY G 294 -51.36 -16.21 11.53
N SER G 295 -50.77 -16.32 10.34
CA SER G 295 -51.07 -17.46 9.49
C SER G 295 -50.64 -18.77 10.15
N PHE G 296 -49.46 -18.77 10.78
CA PHE G 296 -49.00 -19.97 11.47
C PHE G 296 -49.77 -20.18 12.77
N THR G 297 -49.96 -19.12 13.55
CA THR G 297 -50.28 -19.27 14.97
C THR G 297 -51.75 -19.08 15.33
N ARG G 298 -52.56 -18.52 14.45
CA ARG G 298 -53.94 -18.23 14.83
C ARG G 298 -54.71 -19.51 15.08
N PRO G 299 -55.51 -19.59 16.14
CA PRO G 299 -56.29 -20.82 16.39
C PRO G 299 -57.27 -21.16 15.29
N GLU G 300 -57.77 -20.16 14.56
CA GLU G 300 -58.66 -20.43 13.44
C GLU G 300 -57.95 -21.13 12.30
N ASN G 301 -56.62 -21.13 12.28
CA ASN G 301 -55.86 -21.78 11.23
C ASN G 301 -55.45 -23.17 11.71
N PRO G 302 -56.03 -24.25 11.17
CA PRO G 302 -55.64 -25.59 11.61
C PRO G 302 -54.21 -25.97 11.22
N ILE G 303 -53.61 -25.29 10.25
CA ILE G 303 -52.30 -25.64 9.73
C ILE G 303 -51.32 -24.55 10.13
N GLY G 304 -50.25 -24.93 10.81
CA GLY G 304 -49.22 -23.98 11.19
C GLY G 304 -48.44 -24.48 12.39
N PHE G 305 -48.03 -23.53 13.23
CA PHE G 305 -47.42 -23.85 14.51
C PHE G 305 -47.83 -22.82 15.54
N SER G 306 -47.72 -23.20 16.81
CA SER G 306 -48.22 -22.38 17.90
C SER G 306 -47.29 -21.20 18.17
N VAL G 307 -47.78 -20.26 18.98
CA VAL G 307 -46.98 -19.11 19.39
C VAL G 307 -45.80 -19.56 20.23
N LEU G 308 -45.98 -20.63 21.02
CA LEU G 308 -44.88 -21.15 21.84
C LEU G 308 -43.73 -21.64 20.98
N VAL G 309 -44.03 -22.34 19.89
CA VAL G 309 -42.99 -22.80 18.97
C VAL G 309 -42.26 -21.61 18.36
N LEU G 310 -43.01 -20.58 17.95
CA LEU G 310 -42.39 -19.40 17.37
C LEU G 310 -41.48 -18.70 18.37
N SER G 311 -41.92 -18.60 19.63
CA SER G 311 -41.08 -17.95 20.64
C SER G 311 -39.84 -18.78 20.93
N LYS G 312 -39.97 -20.11 20.99
CA LYS G 312 -38.81 -20.97 21.21
C LYS G 312 -37.81 -20.84 20.08
N PHE G 313 -38.28 -20.79 18.83
CA PHE G 313 -37.35 -20.67 17.72
C PHE G 313 -36.77 -19.27 17.61
N ALA G 314 -37.52 -18.25 18.01
CA ALA G 314 -36.94 -16.90 18.09
C ALA G 314 -35.84 -16.84 19.13
N ARG G 315 -36.05 -17.49 20.28
CA ARG G 315 -35.02 -17.58 21.29
C ARG G 315 -33.80 -18.33 20.76
N LEU G 316 -34.03 -19.44 20.05
CA LEU G 316 -32.93 -20.22 19.48
C LEU G 316 -32.14 -19.40 18.47
N ALA G 317 -32.84 -18.61 17.65
CA ALA G 317 -32.17 -17.80 16.62
C ALA G 317 -31.36 -16.66 17.22
N GLY G 318 -31.59 -16.30 18.47
CA GLY G 318 -30.87 -15.25 19.13
C GLY G 318 -31.63 -13.96 19.38
N ALA G 319 -32.95 -13.97 19.25
CA ALA G 319 -33.72 -12.77 19.50
C ALA G 319 -33.70 -12.42 20.99
N SER G 320 -33.40 -11.16 21.30
CA SER G 320 -33.40 -10.71 22.69
C SER G 320 -34.82 -10.68 23.24
N GLY G 321 -35.78 -10.26 22.44
CA GLY G 321 -37.16 -10.22 22.87
C GLY G 321 -38.09 -10.41 21.70
N ILE G 322 -39.24 -11.03 21.97
CA ILE G 322 -40.26 -11.27 20.96
C ILE G 322 -41.60 -10.83 21.52
N HIS G 323 -42.48 -10.40 20.62
CA HIS G 323 -43.82 -9.98 21.02
C HIS G 323 -44.65 -11.17 21.49
N THR G 324 -45.51 -10.92 22.48
CA THR G 324 -46.39 -11.96 23.01
C THR G 324 -47.86 -11.57 23.01
N GLY G 325 -48.21 -10.32 23.30
CA GLY G 325 -49.59 -9.89 23.30
C GLY G 325 -50.19 -9.77 24.70
N HIS G 354 -46.13 -26.69 27.93
CA HIS G 354 -47.42 -27.01 27.32
C HIS G 354 -47.51 -28.50 27.02
N PHE G 355 -46.53 -29.01 26.27
CA PHE G 355 -46.44 -30.43 25.96
C PHE G 355 -45.11 -31.06 26.31
N PHE G 356 -44.04 -30.28 26.44
CA PHE G 356 -42.73 -30.78 26.80
C PHE G 356 -42.23 -30.05 28.03
N GLU G 357 -41.46 -30.76 28.87
CA GLU G 357 -40.78 -30.15 30.01
C GLU G 357 -39.42 -29.67 29.53
N GLN G 358 -39.42 -28.49 28.91
CA GLN G 358 -38.25 -27.97 28.22
C GLN G 358 -37.41 -27.12 29.17
N GLU G 359 -36.17 -27.53 29.39
CA GLU G 359 -35.17 -26.74 30.10
C GLU G 359 -34.15 -26.25 29.09
N TRP G 360 -33.84 -24.95 29.12
CA TRP G 360 -33.01 -24.34 28.09
C TRP G 360 -31.54 -24.35 28.42
N SER G 361 -31.09 -25.34 29.18
CA SER G 361 -29.72 -25.84 29.11
C SER G 361 -29.76 -27.11 28.27
N LYS G 362 -28.67 -27.43 27.56
CA LYS G 362 -27.23 -27.15 27.41
C LYS G 362 -26.45 -27.92 28.48
N ILE G 363 -27.18 -28.51 29.42
CA ILE G 363 -26.66 -29.55 30.31
C ILE G 363 -27.80 -30.53 30.56
N PHE G 364 -27.44 -31.81 30.69
CA PHE G 364 -28.44 -32.83 30.98
C PHE G 364 -28.84 -32.78 32.45
N TRP G 389 -22.83 -19.75 30.02
CA TRP G 389 -22.48 -20.90 29.20
C TRP G 389 -23.29 -22.12 29.63
N ARG G 390 -23.82 -22.06 30.85
CA ARG G 390 -24.57 -23.20 31.39
C ARG G 390 -25.82 -23.48 30.58
N GLY G 391 -26.48 -22.43 30.09
CA GLY G 391 -27.69 -22.59 29.33
C GLY G 391 -27.90 -21.52 28.27
N VAL G 392 -29.13 -21.39 27.80
CA VAL G 392 -29.49 -20.42 26.79
C VAL G 392 -30.11 -19.21 27.47
N LYS G 393 -29.66 -18.02 27.09
CA LYS G 393 -30.18 -16.79 27.69
C LYS G 393 -31.66 -16.62 27.34
N LYS G 394 -32.32 -15.79 28.15
CA LYS G 394 -33.77 -15.64 28.07
C LYS G 394 -34.16 -14.74 26.89
N CYS G 395 -35.35 -15.00 26.36
CA CYS G 395 -35.98 -14.12 25.38
C CYS G 395 -37.09 -13.35 26.07
N CYS G 396 -36.98 -12.03 26.07
CA CYS G 396 -37.91 -11.21 26.83
C CYS G 396 -39.28 -11.17 26.16
N PRO G 397 -40.36 -11.38 26.90
CA PRO G 397 -41.69 -11.14 26.33
C PRO G 397 -41.94 -9.65 26.14
N ILE G 398 -42.60 -9.31 25.04
CA ILE G 398 -42.95 -7.93 24.72
C ILE G 398 -44.45 -7.84 24.56
N ILE G 399 -45.09 -7.07 25.42
CA ILE G 399 -46.55 -7.00 25.48
C ILE G 399 -47.01 -5.78 24.69
N SER G 400 -48.04 -5.96 23.87
CA SER G 400 -48.54 -4.90 23.00
C SER G 400 -50.05 -4.80 23.14
N GLY G 401 -50.55 -3.57 23.28
CA GLY G 401 -51.98 -3.33 23.19
C GLY G 401 -52.68 -2.92 24.47
N GLY G 402 -52.93 -1.61 24.61
CA GLY G 402 -53.88 -1.10 25.59
C GLY G 402 -53.63 -1.44 27.05
N LEU G 403 -52.41 -1.25 27.54
CA LEU G 403 -52.09 -1.51 28.95
C LEU G 403 -51.98 -0.17 29.67
N ASN G 404 -53.12 0.34 30.13
CA ASN G 404 -53.18 1.54 30.95
C ASN G 404 -52.80 1.22 32.39
N PRO G 405 -52.52 2.24 33.22
CA PRO G 405 -52.15 1.97 34.62
C PRO G 405 -53.21 1.21 35.41
N THR G 406 -54.48 1.33 35.02
CA THR G 406 -55.54 0.63 35.75
C THR G 406 -55.37 -0.88 35.65
N LEU G 407 -54.99 -1.38 34.47
CA LEU G 407 -54.84 -2.80 34.22
C LEU G 407 -53.43 -3.31 34.43
N LEU G 408 -52.51 -2.46 34.91
CA LEU G 408 -51.11 -2.84 35.01
C LEU G 408 -50.90 -3.91 36.08
N LYS G 409 -51.45 -3.69 37.28
CA LYS G 409 -51.23 -4.63 38.37
C LYS G 409 -51.79 -6.02 38.09
N PRO G 410 -53.05 -6.18 37.63
CA PRO G 410 -53.52 -7.54 37.32
C PRO G 410 -52.70 -8.23 36.26
N PHE G 411 -52.20 -7.49 35.27
CA PHE G 411 -51.37 -8.11 34.24
C PHE G 411 -50.05 -8.61 34.80
N ILE G 412 -49.42 -7.82 35.68
CA ILE G 412 -48.20 -8.27 36.34
C ILE G 412 -48.47 -9.50 37.19
N ASP G 413 -49.65 -9.54 37.83
CA ASP G 413 -50.04 -10.74 38.56
C ASP G 413 -50.16 -11.94 37.63
N VAL G 414 -50.73 -11.72 36.44
CA VAL G 414 -50.93 -12.82 35.50
C VAL G 414 -49.60 -13.36 35.00
N MET G 415 -48.68 -12.47 34.59
CA MET G 415 -47.39 -12.93 34.10
C MET G 415 -46.59 -13.64 35.20
N GLY G 416 -46.64 -13.13 36.42
CA GLY G 416 -45.90 -13.69 37.53
C GLY G 416 -44.52 -13.10 37.74
N ASN G 417 -44.08 -12.21 36.87
CA ASN G 417 -42.79 -11.54 37.04
C ASN G 417 -42.85 -10.21 36.30
N ILE G 418 -41.87 -9.35 36.57
CA ILE G 418 -41.79 -8.03 35.97
C ILE G 418 -40.75 -7.98 34.87
N ASP G 419 -40.33 -9.14 34.36
CA ASP G 419 -39.27 -9.20 33.35
C ASP G 419 -39.89 -9.26 31.96
N PHE G 420 -40.47 -8.13 31.56
CA PHE G 420 -41.04 -8.00 30.23
C PHE G 420 -41.16 -6.52 29.87
N ILE G 421 -41.08 -6.24 28.58
CA ILE G 421 -41.38 -4.93 28.04
C ILE G 421 -42.85 -4.89 27.66
N THR G 422 -43.51 -3.76 27.90
CA THR G 422 -44.94 -3.61 27.61
C THR G 422 -45.13 -2.34 26.78
N THR G 423 -45.24 -2.51 25.46
CA THR G 423 -45.46 -1.40 24.55
C THR G 423 -46.95 -1.14 24.44
N MET G 424 -47.42 -0.05 25.05
CA MET G 424 -48.85 0.24 25.05
C MET G 424 -49.31 0.70 23.67
N GLY G 425 -50.51 0.27 23.29
CA GLY G 425 -51.14 0.70 22.06
C GLY G 425 -52.21 1.74 22.31
N ALA G 426 -53.47 1.31 22.30
CA ALA G 426 -54.62 2.19 22.51
C ALA G 426 -54.85 2.52 23.98
N GLY G 427 -53.90 2.23 24.87
CA GLY G 427 -54.14 2.38 26.28
C GLY G 427 -54.40 3.82 26.70
N CYS G 428 -53.56 4.75 26.23
CA CYS G 428 -53.68 6.14 26.65
C CYS G 428 -53.45 7.13 25.50
N HIS G 429 -53.28 6.66 24.28
CA HIS G 429 -53.01 7.55 23.15
C HIS G 429 -54.21 8.43 22.84
N PRO G 432 -56.93 13.22 27.18
CA PRO G 432 -56.58 14.56 26.69
C PRO G 432 -55.61 15.29 27.61
N LYS G 433 -55.11 14.59 28.63
CA LYS G 433 -54.14 15.16 29.56
C LYS G 433 -52.71 15.08 29.06
N GLY G 434 -52.46 14.35 28.00
CA GLY G 434 -51.13 14.34 27.40
C GLY G 434 -50.47 12.97 27.48
N THR G 435 -49.66 12.66 26.47
CA THR G 435 -48.87 11.43 26.48
C THR G 435 -47.88 11.43 27.64
N THR G 436 -47.28 12.58 27.93
CA THR G 436 -46.39 12.69 29.08
C THR G 436 -47.12 12.38 30.37
N ALA G 437 -48.35 12.91 30.52
CA ALA G 437 -49.13 12.63 31.72
C ALA G 437 -49.49 11.15 31.81
N GLY G 438 -49.85 10.53 30.69
CA GLY G 438 -50.15 9.11 30.69
C GLY G 438 -48.95 8.26 31.06
N ALA G 439 -47.78 8.60 30.54
CA ALA G 439 -46.56 7.88 30.89
C ALA G 439 -46.23 8.07 32.36
N LYS G 440 -46.44 9.29 32.89
CA LYS G 440 -46.21 9.53 34.31
C LYS G 440 -47.17 8.70 35.16
N ALA G 441 -48.42 8.60 34.73
CA ALA G 441 -49.38 7.75 35.47
C ALA G 441 -48.95 6.29 35.43
N LEU G 442 -48.45 5.82 34.28
CA LEU G 442 -47.97 4.44 34.19
C LEU G 442 -46.78 4.20 35.11
N VAL G 443 -45.85 5.16 35.16
CA VAL G 443 -44.70 5.04 36.04
C VAL G 443 -45.14 5.06 37.50
N GLN G 444 -46.11 5.90 37.84
CA GLN G 444 -46.63 5.95 39.20
C GLN G 444 -47.29 4.64 39.58
N ALA G 445 -48.02 4.03 38.65
CA ALA G 445 -48.62 2.72 38.90
C ALA G 445 -47.54 1.66 39.11
N CYS G 446 -46.48 1.71 38.32
CA CYS G 446 -45.38 0.77 38.49
C CYS G 446 -44.73 0.92 39.87
N GLU G 447 -44.52 2.17 40.30
CA GLU G 447 -43.92 2.41 41.62
C GLU G 447 -44.86 1.99 42.73
N ALA G 448 -46.17 2.18 42.54
CA ALA G 448 -47.14 1.72 43.52
C ALA G 448 -47.11 0.20 43.64
N TYR G 449 -47.00 -0.51 42.52
CA TYR G 449 -46.88 -1.96 42.56
C TYR G 449 -45.59 -2.36 43.28
N GLN G 450 -44.48 -1.68 42.98
CA GLN G 450 -43.22 -1.99 43.66
C GLN G 450 -43.33 -1.73 45.15
N LYS G 451 -43.94 -0.62 45.56
CA LYS G 451 -44.13 -0.34 46.97
C LYS G 451 -45.18 -1.24 47.62
N GLY G 452 -45.99 -1.93 46.81
CA GLY G 452 -47.07 -2.74 47.34
C GLY G 452 -48.33 -1.98 47.66
N ILE G 453 -48.34 -0.67 47.44
CA ILE G 453 -49.52 0.16 47.72
C ILE G 453 -50.53 -0.06 46.61
N ASP G 454 -51.82 -0.05 46.99
CA ASP G 454 -52.88 -0.19 46.00
C ASP G 454 -52.96 1.06 45.12
N ILE G 455 -53.48 0.87 43.91
CA ILE G 455 -53.55 1.97 42.94
C ILE G 455 -54.44 3.08 43.46
N LYS G 456 -55.61 2.73 43.99
CA LYS G 456 -56.52 3.74 44.51
C LYS G 456 -55.90 4.52 45.67
N GLU G 457 -55.21 3.81 46.57
CA GLU G 457 -54.51 4.49 47.65
C GLU G 457 -53.41 5.38 47.11
N TYR G 458 -52.65 4.89 46.13
CA TYR G 458 -51.58 5.68 45.54
C TYR G 458 -52.11 6.87 44.73
N ALA G 459 -53.38 6.85 44.35
CA ALA G 459 -53.96 7.94 43.59
C ALA G 459 -54.51 9.02 44.52
N THR H 7 -23.51 -64.76 26.30
CA THR H 7 -24.60 -64.96 27.25
C THR H 7 -24.07 -65.08 28.67
N GLN H 8 -23.30 -66.13 28.93
CA GLN H 8 -22.67 -66.30 30.23
C GLN H 8 -21.69 -65.17 30.52
N LEU H 9 -20.90 -64.77 29.49
CA LEU H 9 -19.95 -63.69 29.68
C LEU H 9 -20.64 -62.35 29.92
N ILE H 10 -21.86 -62.18 29.38
CA ILE H 10 -22.61 -60.95 29.61
C ILE H 10 -22.94 -60.79 31.09
N LYS H 11 -23.33 -61.88 31.74
CA LYS H 11 -23.68 -61.81 33.16
C LYS H 11 -22.47 -61.46 34.01
N THR H 12 -21.26 -61.72 33.52
CA THR H 12 -20.07 -61.34 34.25
C THR H 12 -19.82 -59.83 34.24
N LEU H 13 -20.40 -59.13 33.28
CA LEU H 13 -20.21 -57.69 33.15
C LEU H 13 -21.00 -56.93 34.21
N ASN H 14 -20.42 -55.83 34.68
CA ASN H 14 -21.18 -54.87 35.47
C ASN H 14 -21.99 -53.98 34.52
N ILE H 15 -22.82 -53.11 35.10
CA ILE H 15 -23.72 -52.29 34.28
C ILE H 15 -22.95 -51.35 33.38
N HIS H 16 -21.88 -50.74 33.91
CA HIS H 16 -21.06 -49.84 33.09
C HIS H 16 -20.40 -50.60 31.95
N GLN H 17 -19.93 -51.82 32.21
CA GLN H 17 -19.41 -52.66 31.14
C GLN H 17 -20.53 -53.11 30.20
N LYS H 18 -21.72 -53.35 30.75
CA LYS H 18 -22.86 -53.71 29.91
C LYS H 18 -23.21 -52.61 28.92
N GLY H 19 -22.95 -51.36 29.28
CA GLY H 19 -23.21 -50.25 28.38
C GLY H 19 -22.33 -50.21 27.16
N TYR H 20 -21.31 -51.05 27.09
CA TYR H 20 -20.41 -51.09 25.94
C TYR H 20 -20.47 -52.42 25.20
N VAL H 21 -21.46 -53.27 25.50
CA VAL H 21 -21.63 -54.54 24.83
C VAL H 21 -23.06 -54.62 24.32
N ASN H 22 -23.21 -54.89 23.03
CA ASN H 22 -24.54 -55.07 22.42
C ASN H 22 -24.37 -56.08 21.28
N PHE H 23 -24.59 -57.35 21.60
CA PHE H 23 -24.55 -58.39 20.58
C PHE H 23 -25.77 -58.35 19.68
N ASP H 24 -26.83 -57.65 20.10
CA ASP H 24 -28.04 -57.49 19.31
C ASP H 24 -28.04 -56.18 18.53
N LEU H 25 -26.86 -55.67 18.19
CA LEU H 25 -26.78 -54.48 17.35
C LEU H 25 -27.41 -54.78 16.00
N PRO H 26 -28.43 -54.03 15.58
CA PRO H 26 -29.20 -54.44 14.39
C PRO H 26 -28.38 -54.49 13.12
N ASN H 27 -27.72 -53.39 12.75
CA ASN H 27 -26.93 -53.33 11.53
C ASN H 27 -25.64 -52.57 11.83
N PRO H 28 -24.54 -53.27 12.08
CA PRO H 28 -23.25 -52.58 12.27
C PRO H 28 -22.83 -51.78 11.05
N LYS H 29 -23.28 -52.16 9.86
CA LYS H 29 -22.95 -51.47 8.62
C LYS H 29 -24.01 -50.45 8.22
N ASN H 30 -24.83 -49.99 9.18
CA ASN H 30 -25.87 -49.02 8.87
C ASN H 30 -25.31 -47.67 8.44
N GLY H 31 -24.01 -47.44 8.63
CA GLY H 31 -23.38 -46.19 8.25
C GLY H 31 -23.02 -45.29 9.40
N GLU H 32 -23.44 -45.63 10.62
CA GLU H 32 -23.15 -44.83 11.79
C GLU H 32 -21.87 -45.23 12.49
N TYR H 33 -21.31 -46.39 12.16
CA TYR H 33 -20.22 -46.99 12.93
C TYR H 33 -19.02 -47.27 12.06
N LEU H 34 -17.85 -46.89 12.55
CA LEU H 34 -16.61 -47.52 12.12
C LEU H 34 -16.55 -48.90 12.76
N LEU H 35 -16.32 -49.92 11.96
CA LEU H 35 -16.25 -51.29 12.48
C LEU H 35 -14.79 -51.69 12.64
N ALA H 36 -14.46 -52.25 13.80
CA ALA H 36 -13.10 -52.64 14.12
C ALA H 36 -13.11 -54.03 14.74
N VAL H 37 -12.26 -54.91 14.23
CA VAL H 37 -12.10 -56.25 14.78
C VAL H 37 -10.72 -56.33 15.43
N PHE H 38 -10.70 -56.73 16.69
CA PHE H 38 -9.47 -56.84 17.46
C PHE H 38 -9.17 -58.29 17.78
N HIS H 39 -7.89 -58.64 17.78
CA HIS H 39 -7.43 -59.86 18.45
C HIS H 39 -7.17 -59.49 19.89
N LEU H 40 -7.95 -60.05 20.81
CA LEU H 40 -7.93 -59.63 22.21
C LEU H 40 -7.68 -60.83 23.11
N ILE H 41 -6.72 -60.68 24.02
CA ILE H 41 -6.52 -61.60 25.12
C ILE H 41 -6.45 -60.78 26.40
N SER H 42 -7.33 -61.10 27.36
CA SER H 42 -7.43 -60.32 28.57
C SER H 42 -6.17 -60.46 29.42
N GLY H 43 -5.86 -59.40 30.16
CA GLY H 43 -4.66 -59.37 30.99
C GLY H 43 -4.89 -59.81 32.42
N GLY H 44 -5.38 -61.03 32.61
CA GLY H 44 -5.48 -61.61 33.93
C GLY H 44 -6.73 -61.20 34.70
N LYS H 45 -7.43 -62.20 35.26
CA LYS H 45 -8.60 -62.06 36.12
C LYS H 45 -9.82 -61.51 35.39
N LEU H 46 -9.70 -61.16 34.11
CA LEU H 46 -10.82 -60.71 33.30
C LEU H 46 -11.06 -61.73 32.19
N ASN H 47 -12.32 -61.95 31.84
CA ASN H 47 -12.59 -62.75 30.65
C ASN H 47 -12.50 -61.85 29.42
N ILE H 48 -12.69 -62.47 28.26
CA ILE H 48 -12.54 -61.73 27.01
C ILE H 48 -13.59 -60.62 26.91
N LEU H 49 -14.78 -60.84 27.47
CA LEU H 49 -15.84 -59.85 27.31
C LEU H 49 -15.64 -58.65 28.21
N GLN H 50 -15.16 -58.84 29.44
CA GLN H 50 -14.89 -57.69 30.30
C GLN H 50 -13.76 -56.84 29.72
N ALA H 51 -12.70 -57.49 29.23
CA ALA H 51 -11.61 -56.76 28.61
C ALA H 51 -12.06 -56.06 27.34
N ALA H 52 -12.95 -56.70 26.57
CA ALA H 52 -13.49 -56.06 25.38
C ALA H 52 -14.31 -54.83 25.74
N ALA H 53 -15.12 -54.93 26.80
CA ALA H 53 -15.91 -53.77 27.24
C ALA H 53 -15.00 -52.65 27.74
N GLU H 54 -13.92 -53.00 28.44
CA GLU H 54 -12.96 -51.99 28.88
C GLU H 54 -12.29 -51.32 27.68
N VAL H 55 -11.93 -52.10 26.66
CA VAL H 55 -11.33 -51.53 25.46
C VAL H 55 -12.31 -50.60 24.75
N ALA H 56 -13.57 -51.02 24.65
CA ALA H 56 -14.58 -50.18 24.01
C ALA H 56 -14.82 -48.90 24.79
N ALA H 57 -14.82 -48.98 26.13
CA ALA H 57 -14.99 -47.79 26.95
C ALA H 57 -13.82 -46.84 26.79
N GLU H 58 -12.60 -47.35 26.94
CA GLU H 58 -11.41 -46.51 26.87
C GLU H 58 -11.20 -45.94 25.49
N SER H 59 -11.77 -46.56 24.46
CA SER H 59 -11.61 -46.06 23.09
C SER H 59 -12.79 -45.25 22.60
N SER H 60 -13.87 -45.12 23.37
CA SER H 60 -14.95 -44.23 22.99
C SER H 60 -15.24 -43.15 24.03
N THR H 61 -15.65 -43.53 25.24
CA THR H 61 -16.19 -42.58 26.20
C THR H 61 -15.69 -42.79 27.62
N GLY H 62 -15.07 -43.92 27.94
CA GLY H 62 -14.42 -44.11 29.22
C GLY H 62 -15.34 -44.01 30.42
N THR H 63 -16.51 -44.62 30.34
CA THR H 63 -17.43 -44.64 31.47
C THR H 63 -17.57 -46.10 31.92
N ASN H 64 -16.61 -46.52 32.74
CA ASN H 64 -16.60 -47.85 33.35
C ASN H 64 -16.91 -47.80 34.84
N PHE H 65 -17.26 -46.61 35.35
CA PHE H 65 -17.61 -46.43 36.74
C PHE H 65 -18.84 -45.53 36.81
N ASN H 66 -19.47 -45.49 37.98
CA ASN H 66 -20.65 -44.65 38.17
C ASN H 66 -20.22 -43.20 38.34
N VAL H 67 -20.58 -42.36 37.38
CA VAL H 67 -20.31 -40.93 37.43
C VAL H 67 -21.61 -40.19 37.26
N ASN H 68 -21.82 -39.17 38.10
CA ASN H 68 -23.05 -38.37 38.04
C ASN H 68 -23.11 -37.48 36.82
N THR H 69 -22.02 -37.35 36.08
CA THR H 69 -21.98 -36.54 34.85
C THR H 69 -22.38 -37.32 33.61
N GLU H 70 -22.63 -38.63 33.74
CA GLU H 70 -23.07 -39.44 32.62
C GLU H 70 -24.39 -38.93 32.07
N THR H 71 -24.46 -38.79 30.75
CA THR H 71 -25.65 -38.33 30.05
C THR H 71 -26.11 -39.39 29.06
N PRO H 72 -27.40 -39.41 28.72
CA PRO H 72 -27.87 -40.36 27.70
C PRO H 72 -27.21 -40.18 26.36
N PHE H 73 -26.82 -38.95 26.00
CA PHE H 73 -26.14 -38.74 24.72
C PHE H 73 -24.75 -39.34 24.72
N SER H 74 -24.01 -39.20 25.83
CA SER H 74 -22.72 -39.86 25.94
C SER H 74 -22.87 -41.38 25.89
N LYS H 75 -23.98 -41.90 26.40
CA LYS H 75 -24.29 -43.32 26.23
C LYS H 75 -24.53 -43.65 24.75
N GLU H 76 -25.19 -42.74 24.03
CA GLU H 76 -25.36 -42.94 22.59
C GLU H 76 -24.01 -42.95 21.88
N MET H 77 -23.01 -42.27 22.43
CA MET H 77 -21.68 -42.26 21.83
C MET H 77 -20.82 -43.44 22.24
N ASN H 78 -21.33 -44.37 23.04
CA ASN H 78 -20.55 -45.54 23.45
C ASN H 78 -20.16 -46.38 22.25
N ALA H 79 -18.90 -46.81 22.22
CA ALA H 79 -18.51 -47.90 21.33
C ALA H 79 -19.07 -49.21 21.87
N VAL H 80 -19.46 -50.10 20.97
CA VAL H 80 -20.20 -51.29 21.36
C VAL H 80 -19.47 -52.51 20.81
N VAL H 81 -19.18 -53.45 21.70
CA VAL H 81 -18.78 -54.80 21.30
C VAL H 81 -20.04 -55.50 20.80
N TYR H 82 -20.08 -55.80 19.51
CA TYR H 82 -21.25 -56.42 18.90
C TYR H 82 -21.01 -57.85 18.42
N GLN H 83 -19.76 -58.28 18.35
CA GLN H 83 -19.45 -59.64 17.93
C GLN H 83 -18.18 -60.09 18.62
N ILE H 84 -18.17 -61.33 19.07
CA ILE H 84 -17.01 -61.92 19.71
C ILE H 84 -16.79 -63.31 19.13
N ASP H 85 -15.54 -63.75 19.13
CA ASP H 85 -15.15 -65.08 18.64
C ASP H 85 -14.27 -65.70 19.72
N LEU H 86 -14.86 -66.57 20.53
CA LEU H 86 -14.15 -67.11 21.68
C LEU H 86 -12.96 -67.96 21.26
N ASP H 87 -13.13 -68.80 20.23
CA ASP H 87 -12.05 -69.68 19.81
C ASP H 87 -10.86 -68.90 19.27
N GLN H 88 -11.12 -67.90 18.43
CA GLN H 88 -10.07 -67.11 17.81
C GLN H 88 -9.71 -65.86 18.60
N ASN H 89 -10.37 -65.61 19.73
CA ASN H 89 -10.11 -64.45 20.58
C ASN H 89 -10.26 -63.15 19.79
N LEU H 90 -11.34 -63.05 19.04
CA LEU H 90 -11.62 -61.88 18.21
C LEU H 90 -12.78 -61.10 18.81
N VAL H 91 -12.67 -59.77 18.76
CA VAL H 91 -13.70 -58.87 19.27
C VAL H 91 -14.01 -57.84 18.19
N TRP H 92 -15.30 -57.67 17.89
CA TRP H 92 -15.76 -56.65 16.95
C TRP H 92 -16.37 -55.51 17.73
N ILE H 93 -15.89 -54.28 17.49
CA ILE H 93 -16.36 -53.10 18.18
C ILE H 93 -16.84 -52.09 17.14
N ALA H 94 -18.02 -51.53 17.36
CA ALA H 94 -18.59 -50.52 16.49
C ALA H 94 -18.38 -49.15 17.13
N TYR H 95 -17.66 -48.27 16.44
CA TYR H 95 -17.42 -46.93 16.93
C TYR H 95 -18.31 -45.95 16.20
N PRO H 96 -19.27 -45.31 16.87
CA PRO H 96 -19.99 -44.21 16.22
C PRO H 96 -19.03 -43.16 15.71
N TRP H 97 -18.93 -42.98 14.39
CA TRP H 97 -17.86 -42.13 13.88
C TRP H 97 -18.10 -40.65 14.14
N ARG H 98 -19.22 -40.29 14.77
CA ARG H 98 -19.37 -38.95 15.31
C ARG H 98 -18.37 -38.67 16.43
N LEU H 99 -17.84 -39.71 17.07
CA LEU H 99 -16.79 -39.54 18.06
C LEU H 99 -15.57 -38.85 17.47
N PHE H 100 -15.34 -39.00 16.17
CA PHE H 100 -14.09 -38.59 15.56
C PHE H 100 -14.09 -37.10 15.24
N ASP H 101 -12.91 -36.49 15.36
CA ASP H 101 -12.74 -35.08 15.07
C ASP H 101 -13.17 -34.78 13.64
N ARG H 102 -13.91 -33.68 13.47
CA ARG H 102 -14.38 -33.30 12.16
C ARG H 102 -13.24 -32.70 11.34
N GLY H 103 -13.43 -32.68 10.02
CA GLY H 103 -12.41 -32.20 9.12
C GLY H 103 -11.46 -33.24 8.58
N GLY H 104 -11.86 -34.51 8.58
CA GLY H 104 -11.01 -35.57 8.10
C GLY H 104 -9.77 -35.83 8.92
N ASN H 105 -9.91 -35.85 10.24
CA ASN H 105 -8.78 -36.05 11.15
C ASN H 105 -8.54 -37.56 11.31
N VAL H 106 -7.44 -38.05 10.75
CA VAL H 106 -7.12 -39.47 10.83
C VAL H 106 -6.42 -39.80 12.14
N GLN H 107 -5.50 -38.94 12.57
CA GLN H 107 -4.82 -39.15 13.84
C GLN H 107 -5.81 -39.21 14.99
N ASN H 108 -6.95 -38.51 14.88
CA ASN H 108 -7.96 -38.60 15.92
C ASN H 108 -8.56 -39.99 16.00
N ILE H 109 -8.86 -40.61 14.84
CA ILE H 109 -9.36 -41.98 14.84
C ILE H 109 -8.34 -42.92 15.46
N LEU H 110 -7.07 -42.76 15.07
CA LEU H 110 -6.05 -43.65 15.61
C LEU H 110 -5.87 -43.45 17.11
N THR H 111 -5.94 -42.20 17.57
CA THR H 111 -5.92 -41.90 18.99
C THR H 111 -7.06 -42.61 19.71
N TYR H 112 -8.25 -42.62 19.11
CA TYR H 112 -9.38 -43.34 19.70
C TYR H 112 -9.11 -44.84 19.77
N ILE H 113 -8.92 -45.48 18.62
CA ILE H 113 -9.05 -46.93 18.55
C ILE H 113 -7.74 -47.69 18.75
N VAL H 114 -6.59 -47.08 18.46
CA VAL H 114 -5.31 -47.73 18.75
C VAL H 114 -4.47 -46.82 19.62
N GLY H 115 -5.12 -46.03 20.49
CA GLY H 115 -4.41 -45.15 21.38
C GLY H 115 -4.15 -45.73 22.75
N ASN H 116 -4.84 -45.18 23.75
CA ASN H 116 -4.64 -45.62 25.13
C ASN H 116 -5.00 -47.08 25.35
N VAL H 117 -5.80 -47.67 24.47
CA VAL H 117 -6.17 -49.07 24.63
C VAL H 117 -4.96 -49.98 24.55
N LEU H 118 -3.93 -49.57 23.79
CA LEU H 118 -2.72 -50.37 23.69
C LEU H 118 -1.97 -50.42 25.02
N GLY H 119 -2.03 -49.35 25.80
CA GLY H 119 -1.39 -49.30 27.09
C GLY H 119 -2.19 -49.83 28.25
N MET H 120 -3.40 -50.35 28.00
CA MET H 120 -4.22 -50.86 29.09
C MET H 120 -3.68 -52.17 29.63
N LYS H 121 -3.61 -52.26 30.95
CA LYS H 121 -3.23 -53.52 31.60
C LYS H 121 -4.31 -54.59 31.49
N GLU H 122 -5.54 -54.20 31.14
CA GLU H 122 -6.64 -55.15 31.01
C GLU H 122 -6.43 -56.17 29.90
N VAL H 123 -5.59 -55.86 28.91
CA VAL H 123 -5.34 -56.76 27.78
C VAL H 123 -3.87 -57.16 27.81
N SER H 124 -3.61 -58.46 27.63
CA SER H 124 -2.25 -58.92 27.39
C SER H 124 -1.91 -58.89 25.91
N ALA H 125 -2.92 -59.02 25.05
CA ALA H 125 -2.78 -58.88 23.62
C ALA H 125 -3.94 -58.08 23.09
N LEU H 126 -3.65 -57.10 22.22
CA LEU H 126 -4.68 -56.29 21.60
C LEU H 126 -4.16 -55.83 20.25
N LYS H 127 -4.56 -56.53 19.19
CA LYS H 127 -4.12 -56.23 17.83
C LYS H 127 -5.34 -55.87 16.99
N LEU H 128 -5.39 -54.63 16.51
CA LEU H 128 -6.43 -54.22 15.58
C LEU H 128 -6.15 -54.84 14.22
N LEU H 129 -6.94 -55.84 13.83
CA LEU H 129 -6.68 -56.59 12.61
C LEU H 129 -7.26 -55.92 11.38
N ASP H 130 -8.45 -55.32 11.49
CA ASP H 130 -9.08 -54.72 10.33
C ASP H 130 -10.08 -53.68 10.80
N VAL H 131 -10.37 -52.72 9.92
CA VAL H 131 -11.39 -51.72 10.14
C VAL H 131 -12.29 -51.68 8.92
N TRP H 132 -13.51 -51.17 9.10
CA TRP H 132 -14.46 -51.00 8.02
C TRP H 132 -15.02 -49.58 8.11
N PHE H 133 -14.88 -48.83 7.02
CA PHE H 133 -15.33 -47.44 6.99
C PHE H 133 -16.65 -47.35 6.24
N PRO H 134 -17.72 -46.89 6.87
CA PRO H 134 -18.97 -46.66 6.14
C PRO H 134 -18.84 -45.50 5.17
N PRO H 135 -19.63 -45.50 4.08
CA PRO H 135 -19.53 -44.40 3.11
C PRO H 135 -19.78 -43.03 3.71
N ALA H 136 -20.73 -42.92 4.65
CA ALA H 136 -21.00 -41.63 5.28
C ALA H 136 -19.78 -41.13 6.04
N MET H 137 -19.06 -42.03 6.70
CA MET H 137 -17.79 -41.65 7.33
C MET H 137 -16.72 -41.37 6.28
N LEU H 138 -16.67 -42.18 5.21
CA LEU H 138 -15.68 -41.97 4.17
C LEU H 138 -15.83 -40.61 3.50
N GLU H 139 -17.02 -40.01 3.61
CA GLU H 139 -17.23 -38.68 3.06
C GLU H 139 -16.32 -37.65 3.71
N GLN H 140 -16.13 -37.74 5.03
CA GLN H 140 -15.41 -36.72 5.78
C GLN H 140 -13.92 -36.65 5.45
N TYR H 141 -13.36 -37.65 4.79
CA TYR H 141 -11.93 -37.77 4.62
C TYR H 141 -11.54 -37.62 3.17
N ASP H 142 -10.36 -37.02 2.95
CA ASP H 142 -9.93 -36.68 1.59
C ASP H 142 -9.70 -37.94 0.76
N GLY H 143 -8.89 -38.87 1.26
CA GLY H 143 -8.36 -39.92 0.45
C GLY H 143 -7.26 -39.38 -0.44
N PRO H 144 -6.64 -40.25 -1.23
CA PRO H 144 -5.61 -39.77 -2.17
C PRO H 144 -6.22 -38.90 -3.26
N SER H 145 -5.45 -37.91 -3.71
CA SER H 145 -5.83 -37.09 -4.84
C SER H 145 -4.88 -37.24 -6.02
N TYR H 146 -3.63 -37.60 -5.75
CA TYR H 146 -2.66 -37.98 -6.76
C TYR H 146 -2.43 -39.47 -6.64
N THR H 147 -2.43 -40.18 -7.77
CA THR H 147 -2.40 -41.63 -7.76
C THR H 147 -1.25 -42.14 -8.61
N LEU H 148 -1.07 -43.46 -8.59
CA LEU H 148 -0.08 -44.09 -9.44
C LEU H 148 -0.44 -43.92 -10.91
N ASP H 149 -1.73 -43.76 -11.22
CA ASP H 149 -2.12 -43.51 -12.60
C ASP H 149 -1.64 -42.14 -13.07
N ASP H 150 -1.66 -41.15 -12.19
CA ASP H 150 -1.11 -39.84 -12.54
C ASP H 150 0.39 -39.92 -12.81
N MET H 151 1.12 -40.66 -11.98
CA MET H 151 2.54 -40.85 -12.22
C MET H 151 2.81 -41.64 -13.49
N ARG H 152 1.93 -42.60 -13.80
CA ARG H 152 2.04 -43.34 -15.06
C ARG H 152 1.82 -42.41 -16.24
N LYS H 153 0.86 -41.51 -16.14
CA LYS H 153 0.62 -40.54 -17.20
C LYS H 153 1.81 -39.63 -17.40
N TYR H 154 2.41 -39.16 -16.29
CA TYR H 154 3.61 -38.34 -16.41
C TYR H 154 4.76 -39.12 -17.02
N LEU H 155 4.95 -40.37 -16.59
CA LEU H 155 6.07 -41.17 -17.04
C LEU H 155 5.85 -41.78 -18.41
N ASN H 156 4.60 -41.79 -18.90
CA ASN H 156 4.22 -42.51 -20.11
C ASN H 156 4.68 -43.96 -19.99
N VAL H 157 4.38 -44.56 -18.84
CA VAL H 157 4.74 -45.94 -18.54
C VAL H 157 3.45 -46.68 -18.17
N TYR H 158 3.20 -47.78 -18.87
CA TYR H 158 2.04 -48.62 -18.59
C TYR H 158 2.45 -50.07 -18.84
N ASP H 159 1.56 -50.99 -18.46
CA ASP H 159 1.68 -52.42 -18.68
C ASP H 159 2.81 -53.07 -17.89
N ARG H 160 3.57 -52.30 -17.11
CA ARG H 160 4.62 -52.83 -16.26
C ARG H 160 4.63 -52.05 -14.95
N PRO H 161 5.12 -52.67 -13.87
CA PRO H 161 5.26 -51.93 -12.61
C PRO H 161 6.28 -50.82 -12.74
N ILE H 162 6.06 -49.75 -11.98
CA ILE H 162 7.01 -48.64 -11.95
C ILE H 162 8.30 -49.14 -11.31
N LEU H 163 9.43 -48.88 -11.98
CA LEU H 163 10.72 -49.41 -11.56
C LEU H 163 11.42 -48.39 -10.67
N GLY H 164 11.65 -48.76 -9.41
CA GLY H 164 12.21 -47.85 -8.44
C GLY H 164 13.45 -48.44 -7.79
N THR H 165 14.23 -47.56 -7.15
CA THR H 165 15.42 -47.99 -6.45
C THR H 165 15.64 -47.11 -5.23
N ILE H 166 16.34 -47.69 -4.26
CA ILE H 166 16.98 -46.94 -3.19
C ILE H 166 18.45 -46.82 -3.54
N ILE H 167 19.08 -45.76 -3.06
CA ILE H 167 20.50 -45.53 -3.32
C ILE H 167 21.31 -46.13 -2.19
N LYS H 168 22.28 -46.96 -2.54
CA LYS H 168 23.20 -47.57 -1.60
C LYS H 168 24.59 -46.98 -1.78
N PRO H 169 25.25 -46.50 -0.71
CA PRO H 169 24.82 -46.49 0.71
C PRO H 169 23.61 -45.59 0.97
N LYS H 170 22.83 -45.94 1.99
CA LYS H 170 21.64 -45.16 2.35
C LYS H 170 22.02 -43.71 2.66
N MET H 171 23.07 -43.53 3.46
CA MET H 171 23.53 -42.23 3.90
C MET H 171 25.04 -42.19 3.84
N GLY H 172 25.60 -41.00 4.05
CA GLY H 172 27.03 -40.82 3.96
C GLY H 172 27.55 -40.44 2.60
N LEU H 173 26.67 -40.38 1.59
CA LEU H 173 27.04 -39.90 0.28
C LEU H 173 26.83 -38.40 0.19
N THR H 174 27.62 -37.75 -0.66
CA THR H 174 27.43 -36.34 -0.92
C THR H 174 26.25 -36.14 -1.87
N SER H 175 25.83 -34.89 -2.04
CA SER H 175 24.74 -34.59 -2.96
C SER H 175 25.10 -35.02 -4.37
N ALA H 176 26.34 -34.75 -4.79
CA ALA H 176 26.77 -35.16 -6.12
C ALA H 176 26.83 -36.68 -6.25
N GLU H 177 27.33 -37.38 -5.22
CA GLU H 177 27.39 -38.83 -5.28
C GLU H 177 26.01 -39.45 -5.34
N TYR H 178 25.09 -38.95 -4.51
CA TYR H 178 23.72 -39.45 -4.52
C TYR H 178 23.05 -39.17 -5.86
N ALA H 179 23.22 -37.97 -6.39
CA ALA H 179 22.65 -37.63 -7.67
C ALA H 179 23.23 -38.49 -8.78
N GLU H 180 24.54 -38.78 -8.71
CA GLU H 180 25.17 -39.64 -9.71
C GLU H 180 24.60 -41.05 -9.65
N ALA H 181 24.38 -41.58 -8.45
CA ALA H 181 23.77 -42.91 -8.33
C ALA H 181 22.33 -42.91 -8.86
N ALA H 182 21.58 -41.86 -8.55
CA ALA H 182 20.22 -41.74 -9.08
C ALA H 182 20.23 -41.69 -10.60
N TYR H 183 21.16 -40.93 -11.18
CA TYR H 183 21.30 -40.87 -12.63
C TYR H 183 21.68 -42.23 -13.20
N ASP H 184 22.55 -42.96 -12.51
CA ASP H 184 22.97 -44.27 -12.99
C ASP H 184 21.78 -45.22 -13.07
N PHE H 185 20.91 -45.17 -12.06
CA PHE H 185 19.71 -46.00 -12.11
C PHE H 185 18.75 -45.51 -13.19
N TRP H 186 18.55 -44.19 -13.29
CA TRP H 186 17.57 -43.63 -14.21
C TRP H 186 17.94 -43.92 -15.66
N VAL H 187 19.19 -43.63 -16.03
CA VAL H 187 19.63 -43.82 -17.41
C VAL H 187 19.61 -45.28 -17.82
N GLY H 188 19.68 -46.20 -16.87
CA GLY H 188 19.54 -47.61 -17.17
C GLY H 188 18.12 -48.07 -17.42
N GLY H 189 17.16 -47.15 -17.43
CA GLY H 189 15.77 -47.46 -17.67
C GLY H 189 14.88 -47.34 -16.46
N GLY H 190 15.44 -47.26 -15.26
CA GLY H 190 14.63 -47.10 -14.07
C GLY H 190 13.91 -45.76 -14.06
N ASP H 191 12.67 -45.78 -13.57
CA ASP H 191 11.83 -44.60 -13.57
C ASP H 191 11.83 -43.85 -12.25
N PHE H 192 12.09 -44.53 -11.13
CA PHE H 192 11.79 -44.00 -9.80
C PHE H 192 13.01 -44.10 -8.90
N VAL H 193 13.37 -43.00 -8.25
CA VAL H 193 14.41 -43.00 -7.25
C VAL H 193 13.90 -42.29 -5.99
N KCX H 194 14.10 -42.91 -4.84
CA KCX H 194 13.63 -42.32 -3.59
CB KCX H 194 12.66 -43.26 -2.88
CG KCX H 194 13.24 -44.63 -2.55
CD KCX H 194 12.23 -45.49 -1.80
CE KCX H 194 11.88 -44.89 -0.45
NZ KCX H 194 13.07 -44.73 0.43
C KCX H 194 14.78 -41.97 -2.66
O KCX H 194 15.76 -42.70 -2.56
CX KCX H 194 13.49 -45.74 1.18
OQ1 KCX H 194 14.49 -45.59 1.90
OQ2 KCX H 194 12.91 -46.82 1.16
N ASN H 195 14.65 -40.83 -1.99
CA ASN H 195 15.51 -40.50 -0.86
C ASN H 195 15.37 -41.58 0.19
N ASP H 196 16.43 -41.86 0.93
CA ASP H 196 16.30 -42.71 2.10
C ASP H 196 15.34 -42.06 3.09
N GLU H 197 14.63 -42.89 3.85
CA GLU H 197 13.62 -42.34 4.74
C GLU H 197 14.15 -41.36 5.79
N PRO H 198 15.40 -41.41 6.25
CA PRO H 198 15.93 -40.30 7.05
C PRO H 198 16.75 -39.28 6.28
N GLN H 199 16.87 -39.41 4.96
CA GLN H 199 17.70 -38.50 4.18
C GLN H 199 17.07 -37.10 4.19
N ALA H 200 17.82 -36.14 4.71
CA ALA H 200 17.30 -34.81 4.98
C ALA H 200 18.47 -33.83 4.88
N ASN H 201 18.31 -32.66 5.49
CA ASN H 201 19.37 -31.66 5.49
C ASN H 201 20.53 -32.06 6.38
N GLN H 202 21.23 -33.13 6.01
CA GLN H 202 22.47 -33.49 6.70
C GLN H 202 23.58 -32.54 6.29
N ASP H 203 24.56 -32.37 7.17
CA ASP H 203 25.62 -31.40 6.92
C ASP H 203 26.49 -31.80 5.73
N PHE H 204 26.72 -33.10 5.54
CA PHE H 204 27.54 -33.57 4.43
C PHE H 204 26.74 -33.75 3.15
N CYS H 205 25.41 -33.68 3.21
CA CYS H 205 24.54 -33.76 2.04
C CYS H 205 23.42 -32.76 2.23
N PRO H 206 23.71 -31.46 2.09
CA PRO H 206 22.69 -30.44 2.34
C PRO H 206 21.49 -30.61 1.43
N TYR H 207 20.32 -30.31 1.98
CA TYR H 207 19.06 -30.60 1.29
C TYR H 207 18.94 -29.81 -0.01
N ASP H 208 19.28 -28.52 0.03
CA ASP H 208 19.21 -27.71 -1.19
C ASP H 208 20.17 -28.22 -2.25
N LYS H 209 21.40 -28.55 -1.85
CA LYS H 209 22.37 -29.07 -2.80
C LYS H 209 21.93 -30.42 -3.34
N MET H 210 21.36 -31.27 -2.49
CA MET H 210 20.85 -32.56 -2.97
C MET H 210 19.73 -32.37 -3.98
N VAL H 211 18.83 -31.41 -3.71
CA VAL H 211 17.72 -31.15 -4.63
C VAL H 211 18.24 -30.66 -5.97
N ARG H 212 19.19 -29.71 -5.95
CA ARG H 212 19.74 -29.19 -7.20
C ARG H 212 20.49 -30.26 -7.99
N ASN H 213 21.31 -31.05 -7.30
CA ASN H 213 22.09 -32.09 -7.98
C ASN H 213 21.17 -33.17 -8.53
N VAL H 214 20.10 -33.51 -7.80
CA VAL H 214 19.14 -34.48 -8.29
C VAL H 214 18.40 -33.94 -9.51
N LYS H 215 18.08 -32.64 -9.50
CA LYS H 215 17.45 -32.03 -10.67
C LYS H 215 18.36 -32.13 -11.89
N ALA H 216 19.64 -31.81 -11.71
CA ALA H 216 20.58 -31.91 -12.82
C ALA H 216 20.71 -33.35 -13.32
N ALA H 217 20.80 -34.31 -12.39
CA ALA H 217 20.93 -35.70 -12.79
C ALA H 217 19.67 -36.20 -13.50
N MET H 218 18.49 -35.79 -13.03
CA MET H 218 17.25 -36.19 -13.67
C MET H 218 17.14 -35.59 -15.07
N ASP H 219 17.53 -34.32 -15.22
CA ASP H 219 17.54 -33.71 -16.55
C ASP H 219 18.47 -34.48 -17.49
N LYS H 220 19.67 -34.81 -17.01
CA LYS H 220 20.61 -35.53 -17.85
C LYS H 220 20.07 -36.92 -18.23
N ALA H 221 19.45 -37.61 -17.27
CA ALA H 221 18.90 -38.93 -17.55
C ALA H 221 17.75 -38.83 -18.55
N VAL H 222 16.93 -37.79 -18.44
CA VAL H 222 15.82 -37.60 -19.37
C VAL H 222 16.36 -37.36 -20.78
N LYS H 223 17.39 -36.52 -20.91
CA LYS H 223 17.96 -36.28 -22.24
C LYS H 223 18.57 -37.55 -22.84
N GLU H 224 19.41 -38.25 -22.06
CA GLU H 224 20.00 -39.48 -22.59
C GLU H 224 18.99 -40.61 -22.77
N THR H 225 17.78 -40.50 -22.22
CA THR H 225 16.79 -41.55 -22.39
C THR H 225 15.57 -41.13 -23.20
N GLY H 226 15.22 -39.85 -23.19
CA GLY H 226 13.95 -39.39 -23.72
C GLY H 226 12.77 -39.63 -22.80
N ASN H 227 12.88 -40.59 -21.88
CA ASN H 227 11.81 -40.92 -20.95
C ASN H 227 11.88 -40.03 -19.72
N LYS H 228 10.72 -39.66 -19.19
CA LYS H 228 10.66 -38.88 -17.97
C LYS H 228 11.03 -39.75 -16.77
N LYS H 229 11.47 -39.09 -15.70
CA LYS H 229 11.93 -39.76 -14.49
C LYS H 229 11.29 -39.12 -13.27
N VAL H 230 11.19 -39.90 -12.20
CA VAL H 230 10.56 -39.46 -10.95
C VAL H 230 11.54 -39.67 -9.81
N HIS H 231 11.71 -38.63 -8.98
CA HIS H 231 12.45 -38.76 -7.73
C HIS H 231 11.53 -38.47 -6.54
N SER H 232 11.66 -39.29 -5.50
CA SER H 232 10.89 -39.13 -4.27
C SER H 232 11.77 -38.49 -3.21
N PHE H 233 11.44 -37.25 -2.87
CA PHE H 233 12.21 -36.47 -1.90
C PHE H 233 11.62 -36.64 -0.50
N ASN H 234 12.46 -37.03 0.45
CA ASN H 234 12.04 -37.07 1.84
C ASN H 234 11.86 -35.66 2.36
N VAL H 235 10.61 -35.30 2.67
CA VAL H 235 10.29 -33.98 3.19
C VAL H 235 10.00 -34.02 4.68
N SER H 236 10.27 -35.15 5.33
CA SER H 236 10.13 -35.23 6.78
C SER H 236 11.16 -34.30 7.42
N ALA H 237 10.69 -33.48 8.36
CA ALA H 237 11.52 -32.42 8.94
C ALA H 237 11.25 -32.35 10.43
N ALA H 238 11.79 -31.30 11.05
CA ALA H 238 11.56 -31.10 12.48
C ALA H 238 10.15 -30.59 12.75
N ASP H 239 9.66 -29.67 11.93
CA ASP H 239 8.40 -29.00 12.21
C ASP H 239 7.65 -28.74 10.91
N PHE H 240 6.49 -28.10 11.07
CA PHE H 240 5.63 -27.76 9.93
C PHE H 240 6.37 -26.88 8.93
N ASP H 241 7.01 -25.82 9.42
CA ASP H 241 7.62 -24.82 8.55
C ASP H 241 8.79 -25.40 7.77
N THR H 242 9.62 -26.23 8.40
CA THR H 242 10.78 -26.79 7.70
C THR H 242 10.33 -27.74 6.59
N MET H 243 9.30 -28.56 6.86
CA MET H 243 8.76 -29.43 5.82
C MET H 243 8.19 -28.64 4.67
N ILE H 244 7.45 -27.57 4.96
CA ILE H 244 6.89 -26.75 3.89
C ILE H 244 8.01 -26.05 3.11
N GLU H 245 9.05 -25.61 3.80
CA GLU H 245 10.17 -24.96 3.13
C GLU H 245 10.86 -25.93 2.18
N ARG H 246 11.07 -27.17 2.62
CA ARG H 246 11.70 -28.17 1.76
C ARG H 246 10.81 -28.52 0.57
N CYS H 247 9.50 -28.62 0.81
CA CYS H 247 8.57 -28.85 -0.29
C CYS H 247 8.66 -27.72 -1.32
N GLU H 248 8.55 -26.47 -0.86
CA GLU H 248 8.60 -25.33 -1.77
C GLU H 248 9.94 -25.26 -2.49
N LEU H 249 11.02 -25.65 -1.81
CA LEU H 249 12.33 -25.70 -2.47
C LEU H 249 12.32 -26.72 -3.59
N ILE H 250 11.68 -27.87 -3.39
CA ILE H 250 11.54 -28.85 -4.46
C ILE H 250 10.72 -28.26 -5.61
N ARG H 251 9.60 -27.60 -5.29
CA ARG H 251 8.77 -27.02 -6.34
C ARG H 251 9.51 -25.95 -7.12
N ASN H 252 10.22 -25.06 -6.41
CA ASN H 252 10.90 -23.93 -7.03
C ASN H 252 12.32 -24.26 -7.47
N ALA H 253 12.65 -25.54 -7.63
CA ALA H 253 13.99 -25.92 -8.06
C ALA H 253 14.33 -25.39 -9.45
N GLY H 254 13.44 -25.58 -10.43
CA GLY H 254 12.12 -26.18 -10.47
C GLY H 254 11.99 -27.41 -11.34
N PHE H 255 11.52 -28.49 -10.73
CA PHE H 255 11.21 -29.71 -11.46
C PHE H 255 9.93 -29.50 -12.27
N GLU H 256 9.82 -30.25 -13.37
CA GLU H 256 8.55 -30.32 -14.06
C GLU H 256 7.53 -31.07 -13.21
N PRO H 257 6.27 -30.63 -13.18
CA PRO H 257 5.27 -31.31 -12.34
C PRO H 257 5.14 -32.78 -12.71
N GLY H 258 5.06 -33.62 -11.67
CA GLY H 258 5.05 -35.05 -11.84
C GLY H 258 6.40 -35.72 -11.68
N SER H 259 7.50 -34.97 -11.82
CA SER H 259 8.83 -35.54 -11.72
C SER H 259 9.28 -35.75 -10.28
N TYR H 260 8.61 -35.13 -9.31
CA TYR H 260 9.00 -35.24 -7.91
C TYR H 260 7.83 -35.75 -7.09
N ALA H 261 8.15 -36.62 -6.13
CA ALA H 261 7.20 -37.10 -5.13
C ALA H 261 7.70 -36.69 -3.76
N PHE H 262 6.77 -36.42 -2.86
CA PHE H 262 7.10 -36.07 -1.48
C PHE H 262 7.05 -37.32 -0.62
N LEU H 263 8.19 -37.71 -0.07
CA LEU H 263 8.26 -38.81 0.87
C LEU H 263 8.10 -38.27 2.29
N ILE H 264 7.26 -38.91 3.08
CA ILE H 264 7.04 -38.55 4.46
C ILE H 264 7.10 -39.80 5.32
N ASP H 265 7.79 -39.73 6.44
CA ASP H 265 7.84 -40.82 7.40
C ASP H 265 6.55 -40.75 8.22
N GLY H 266 5.51 -41.42 7.73
CA GLY H 266 4.19 -41.27 8.32
C GLY H 266 4.11 -41.68 9.78
N ILE H 267 4.93 -42.64 10.19
CA ILE H 267 4.90 -43.09 11.58
C ILE H 267 5.64 -42.11 12.48
N THR H 268 6.88 -41.77 12.15
CA THR H 268 7.66 -40.91 13.03
C THR H 268 7.28 -39.44 12.86
N ALA H 269 7.20 -38.96 11.62
CA ALA H 269 6.79 -37.56 11.41
C ALA H 269 5.34 -37.34 11.81
N GLY H 270 4.49 -38.34 11.65
CA GLY H 270 3.15 -38.28 12.16
C GLY H 270 2.11 -38.11 11.05
N TRP H 271 0.86 -38.40 11.42
CA TRP H 271 -0.23 -38.38 10.46
C TRP H 271 -0.63 -36.96 10.07
N MET H 272 -0.44 -35.99 10.96
CA MET H 272 -0.73 -34.61 10.57
C MET H 272 0.20 -34.14 9.46
N ALA H 273 1.45 -34.61 9.45
CA ALA H 273 2.35 -34.28 8.36
C ALA H 273 1.85 -34.87 7.04
N VAL H 274 1.37 -36.12 7.08
CA VAL H 274 0.85 -36.75 5.87
C VAL H 274 -0.37 -35.99 5.36
N GLN H 275 -1.28 -35.64 6.26
CA GLN H 275 -2.49 -34.92 5.86
C GLN H 275 -2.16 -33.52 5.36
N THR H 276 -1.19 -32.85 5.99
CA THR H 276 -0.77 -31.53 5.53
C THR H 276 -0.17 -31.60 4.15
N LEU H 277 0.66 -32.61 3.88
CA LEU H 277 1.19 -32.78 2.52
C LEU H 277 0.07 -33.06 1.53
N ARG H 278 -0.90 -33.88 1.92
CA ARG H 278 -2.00 -34.20 1.03
C ARG H 278 -2.82 -32.96 0.69
N ARG H 279 -3.09 -32.11 1.69
CA ARG H 279 -3.97 -30.98 1.47
C ARG H 279 -3.26 -29.76 0.89
N LYS H 280 -1.96 -29.62 1.15
CA LYS H 280 -1.21 -28.50 0.59
C LYS H 280 -0.68 -28.82 -0.80
N TYR H 281 -0.45 -30.10 -1.10
CA TYR H 281 0.09 -30.52 -2.39
C TYR H 281 -0.74 -31.70 -2.92
N PRO H 282 -2.00 -31.46 -3.27
CA PRO H 282 -2.81 -32.54 -3.87
C PRO H 282 -2.30 -32.98 -5.23
N ASP H 283 -1.54 -32.14 -5.93
CA ASP H 283 -1.01 -32.44 -7.24
C ASP H 283 0.33 -33.17 -7.18
N VAL H 284 0.78 -33.56 -5.99
CA VAL H 284 2.05 -34.23 -5.81
C VAL H 284 1.79 -35.62 -5.23
N PHE H 285 2.53 -36.60 -5.75
CA PHE H 285 2.49 -37.94 -5.18
C PHE H 285 2.99 -37.92 -3.74
N ILE H 286 2.14 -38.36 -2.82
CA ILE H 286 2.49 -38.39 -1.41
C ILE H 286 3.00 -39.80 -1.11
N HIS H 287 4.32 -39.91 -0.96
CA HIS H 287 4.98 -41.19 -0.72
C HIS H 287 5.01 -41.42 0.79
N PHE H 288 4.24 -42.40 1.24
CA PHE H 288 4.12 -42.71 2.67
C PHE H 288 5.17 -43.76 3.01
N HIS H 289 6.23 -43.35 3.70
CA HIS H 289 7.20 -44.29 4.24
C HIS H 289 6.79 -44.66 5.65
N ARG H 290 6.76 -45.96 5.95
CA ARG H 290 6.25 -46.47 7.21
C ARG H 290 7.36 -46.90 8.16
N ALA H 291 8.52 -46.24 8.12
CA ALA H 291 9.58 -46.57 9.06
C ALA H 291 9.09 -46.32 10.49
N GLY H 292 9.23 -47.33 11.34
CA GLY H 292 8.70 -47.31 12.68
C GLY H 292 7.42 -48.10 12.87
N HIS H 293 6.78 -48.52 11.78
CA HIS H 293 5.53 -49.28 11.85
C HIS H 293 5.70 -50.63 12.56
N GLY H 294 6.93 -51.15 12.64
CA GLY H 294 7.13 -52.49 13.14
C GLY H 294 6.59 -52.71 14.54
N SER H 295 6.61 -51.67 15.37
CA SER H 295 6.06 -51.83 16.72
C SER H 295 4.58 -52.15 16.67
N PHE H 296 3.83 -51.48 15.79
CA PHE H 296 2.40 -51.77 15.66
C PHE H 296 2.18 -53.09 14.94
N THR H 297 2.90 -53.34 13.85
CA THR H 297 2.48 -54.32 12.86
C THR H 297 3.20 -55.67 12.93
N ARG H 298 4.32 -55.76 13.64
CA ARG H 298 5.07 -57.01 13.63
C ARG H 298 4.28 -58.12 14.28
N PRO H 299 4.25 -59.33 13.70
CA PRO H 299 3.51 -60.43 14.33
C PRO H 299 4.03 -60.81 15.71
N GLU H 300 5.32 -60.60 15.98
CA GLU H 300 5.85 -60.88 17.31
C GLU H 300 5.30 -59.93 18.36
N ASN H 301 4.70 -58.81 17.95
CA ASN H 301 4.14 -57.85 18.88
C ASN H 301 2.65 -58.13 19.03
N PRO H 302 2.19 -58.65 20.18
CA PRO H 302 0.75 -58.91 20.34
C PRO H 302 -0.10 -57.65 20.40
N ILE H 303 0.49 -56.49 20.68
CA ILE H 303 -0.24 -55.24 20.86
C ILE H 303 0.09 -54.32 19.70
N GLY H 304 -0.94 -53.87 18.99
CA GLY H 304 -0.75 -52.93 17.91
C GLY H 304 -1.90 -53.01 16.91
N PHE H 305 -1.55 -52.82 15.64
CA PHE H 305 -2.50 -53.01 14.56
C PHE H 305 -1.78 -53.57 13.34
N SER H 306 -2.54 -54.19 12.46
CA SER H 306 -1.98 -54.91 11.32
C SER H 306 -1.51 -53.93 10.24
N VAL H 307 -0.76 -54.47 9.28
CA VAL H 307 -0.30 -53.68 8.14
C VAL H 307 -1.49 -53.23 7.29
N LEU H 308 -2.53 -54.06 7.22
CA LEU H 308 -3.73 -53.69 6.46
C LEU H 308 -4.39 -52.45 7.04
N VAL H 309 -4.50 -52.37 8.37
CA VAL H 309 -5.07 -51.20 9.01
C VAL H 309 -4.23 -49.97 8.70
N LEU H 310 -2.90 -50.10 8.78
CA LEU H 310 -2.02 -48.98 8.49
C LEU H 310 -2.18 -48.51 7.05
N SER H 311 -2.28 -49.45 6.10
CA SER H 311 -2.45 -49.07 4.70
C SER H 311 -3.80 -48.41 4.47
N LYS H 312 -4.86 -48.91 5.11
CA LYS H 312 -6.18 -48.29 4.99
C LYS H 312 -6.18 -46.88 5.53
N PHE H 313 -5.53 -46.66 6.68
CA PHE H 313 -5.51 -45.31 7.24
C PHE H 313 -4.58 -44.39 6.47
N ALA H 314 -3.51 -44.92 5.88
CA ALA H 314 -2.68 -44.11 4.99
C ALA H 314 -3.46 -43.68 3.76
N ARG H 315 -4.27 -44.59 3.20
CA ARG H 315 -5.14 -44.24 2.09
C ARG H 315 -6.16 -43.19 2.51
N LEU H 316 -6.75 -43.34 3.70
CA LEU H 316 -7.72 -42.37 4.19
C LEU H 316 -7.09 -41.00 4.38
N ALA H 317 -5.86 -40.96 4.88
CA ALA H 317 -5.16 -39.69 5.12
C ALA H 317 -4.79 -38.99 3.82
N GLY H 318 -4.77 -39.69 2.70
CA GLY H 318 -4.44 -39.11 1.43
C GLY H 318 -3.10 -39.50 0.84
N ALA H 319 -2.45 -40.54 1.36
CA ALA H 319 -1.17 -40.97 0.82
C ALA H 319 -1.37 -41.57 -0.57
N SER H 320 -0.56 -41.11 -1.53
CA SER H 320 -0.62 -41.67 -2.88
C SER H 320 -0.12 -43.10 -2.91
N GLY H 321 0.93 -43.40 -2.15
CA GLY H 321 1.46 -44.75 -2.09
C GLY H 321 2.09 -45.00 -0.75
N ILE H 322 2.03 -46.26 -0.31
CA ILE H 322 2.61 -46.68 0.95
C ILE H 322 3.42 -47.95 0.71
N HIS H 323 4.47 -48.13 1.51
CA HIS H 323 5.31 -49.31 1.40
C HIS H 323 4.56 -50.56 1.86
N THR H 324 4.85 -51.67 1.20
CA THR H 324 4.23 -52.95 1.54
C THR H 324 5.23 -54.07 1.81
N GLY H 325 6.34 -54.14 1.08
CA GLY H 325 7.33 -55.18 1.31
C GLY H 325 7.24 -56.32 0.31
N HIS H 354 -9.67 -59.22 4.56
CA HIS H 354 -9.15 -60.07 5.62
C HIS H 354 -10.25 -60.42 6.61
N PHE H 355 -10.89 -59.38 7.15
CA PHE H 355 -12.01 -59.55 8.07
C PHE H 355 -13.26 -58.79 7.67
N PHE H 356 -13.14 -57.75 6.85
CA PHE H 356 -14.27 -56.98 6.39
C PHE H 356 -14.28 -56.96 4.87
N GLU H 357 -15.49 -56.92 4.29
CA GLU H 357 -15.66 -56.74 2.85
C GLU H 357 -15.73 -55.24 2.58
N GLN H 358 -14.56 -54.62 2.51
CA GLN H 358 -14.46 -53.16 2.46
C GLN H 358 -14.43 -52.69 1.01
N GLU H 359 -15.41 -51.88 0.64
CA GLU H 359 -15.44 -51.17 -0.64
C GLU H 359 -15.19 -49.71 -0.37
N TRP H 360 -14.27 -49.10 -1.12
CA TRP H 360 -13.81 -47.75 -0.82
C TRP H 360 -14.61 -46.69 -1.57
N SER H 361 -15.87 -46.96 -1.84
CA SER H 361 -16.89 -45.93 -1.97
C SER H 361 -17.67 -45.89 -0.66
N LYS H 362 -18.21 -44.73 -0.27
CA LYS H 362 -18.60 -43.39 -0.73
C LYS H 362 -19.94 -43.49 -1.47
N ILE H 363 -20.38 -44.71 -1.73
CA ILE H 363 -21.76 -45.00 -2.11
C ILE H 363 -22.13 -46.33 -1.49
N PHE H 364 -23.39 -46.45 -1.09
CA PHE H 364 -23.88 -47.71 -0.52
C PHE H 364 -24.11 -48.74 -1.62
N TRP H 389 -15.33 -38.91 -7.82
CA TRP H 389 -16.21 -38.56 -6.72
C TRP H 389 -16.97 -39.78 -6.23
N ARG H 390 -17.05 -40.82 -7.07
CA ARG H 390 -17.81 -42.01 -6.73
C ARG H 390 -17.19 -42.73 -5.54
N GLY H 391 -15.87 -42.71 -5.43
CA GLY H 391 -15.20 -43.40 -4.34
C GLY H 391 -13.89 -42.77 -3.94
N VAL H 392 -13.06 -43.54 -3.24
CA VAL H 392 -11.76 -43.10 -2.77
C VAL H 392 -10.69 -43.60 -3.72
N LYS H 393 -9.78 -42.72 -4.13
CA LYS H 393 -8.72 -43.10 -5.04
C LYS H 393 -7.79 -44.12 -4.37
N LYS H 394 -7.04 -44.83 -5.23
CA LYS H 394 -6.24 -45.94 -4.78
C LYS H 394 -4.95 -45.46 -4.13
N CYS H 395 -4.44 -46.25 -3.20
CA CYS H 395 -3.11 -46.05 -2.62
C CYS H 395 -2.17 -47.10 -3.21
N CYS H 396 -1.13 -46.64 -3.88
CA CYS H 396 -0.25 -47.55 -4.61
C CYS H 396 0.62 -48.35 -3.65
N PRO H 397 0.71 -49.67 -3.82
CA PRO H 397 1.70 -50.43 -3.05
C PRO H 397 3.11 -50.13 -3.53
N ILE H 398 4.04 -50.05 -2.59
CA ILE H 398 5.45 -49.80 -2.89
C ILE H 398 6.26 -50.95 -2.32
N ILE H 399 6.94 -51.69 -3.20
CA ILE H 399 7.66 -52.90 -2.84
C ILE H 399 9.13 -52.56 -2.64
N SER H 400 9.70 -53.06 -1.54
CA SER H 400 11.08 -52.76 -1.18
C SER H 400 11.82 -54.06 -0.87
N GLY H 401 13.01 -54.20 -1.43
CA GLY H 401 13.91 -55.28 -1.02
C GLY H 401 14.17 -56.37 -2.04
N GLY H 402 15.32 -56.29 -2.71
CA GLY H 402 15.88 -57.40 -3.46
C GLY H 402 15.03 -58.00 -4.57
N LEU H 403 14.47 -57.16 -5.44
CA LEU H 403 13.66 -57.65 -6.56
C LEU H 403 14.49 -57.53 -7.84
N ASN H 404 15.29 -58.58 -8.10
CA ASN H 404 16.06 -58.69 -9.33
C ASN H 404 15.16 -59.16 -10.47
N PRO H 405 15.63 -59.03 -11.73
CA PRO H 405 14.79 -59.48 -12.86
C PRO H 405 14.41 -60.95 -12.81
N THR H 406 15.21 -61.79 -12.15
CA THR H 406 14.90 -63.22 -12.07
C THR H 406 13.60 -63.45 -11.31
N LEU H 407 13.38 -62.70 -10.23
CA LEU H 407 12.20 -62.86 -9.38
C LEU H 407 11.06 -61.91 -9.76
N LEU H 408 11.21 -61.15 -10.84
CA LEU H 408 10.20 -60.15 -11.17
C LEU H 408 8.88 -60.79 -11.60
N LYS H 409 8.93 -61.76 -12.51
CA LYS H 409 7.71 -62.37 -13.02
C LYS H 409 6.91 -63.09 -11.94
N PRO H 410 7.49 -63.95 -11.10
CA PRO H 410 6.68 -64.57 -10.04
C PRO H 410 6.06 -63.56 -9.09
N PHE H 411 6.76 -62.46 -8.81
CA PHE H 411 6.19 -61.45 -7.92
C PHE H 411 4.99 -60.77 -8.57
N ILE H 412 5.07 -60.46 -9.86
CA ILE H 412 3.93 -59.87 -10.56
C ILE H 412 2.77 -60.86 -10.58
N ASP H 413 3.08 -62.15 -10.71
CA ASP H 413 2.03 -63.17 -10.59
C ASP H 413 1.39 -63.14 -9.22
N VAL H 414 2.21 -62.98 -8.17
CA VAL H 414 1.69 -62.99 -6.81
C VAL H 414 0.77 -61.80 -6.57
N MET H 415 1.21 -60.60 -6.95
CA MET H 415 0.40 -59.41 -6.73
C MET H 415 -0.90 -59.47 -7.54
N GLY H 416 -0.83 -59.97 -8.77
CA GLY H 416 -2.00 -60.05 -9.63
C GLY H 416 -2.21 -58.85 -10.52
N ASN H 417 -1.39 -57.81 -10.40
CA ASN H 417 -1.49 -56.63 -11.25
C ASN H 417 -0.12 -55.96 -11.28
N ILE H 418 0.05 -55.04 -12.21
CA ILE H 418 1.30 -54.32 -12.39
C ILE H 418 1.20 -52.89 -11.84
N ASP H 419 0.21 -52.62 -10.99
CA ASP H 419 0.00 -51.28 -10.47
C ASP H 419 0.68 -51.13 -9.11
N PHE H 420 2.01 -51.11 -9.16
CA PHE H 420 2.79 -50.91 -7.95
C PHE H 420 4.18 -50.43 -8.33
N ILE H 421 4.78 -49.64 -7.45
CA ILE H 421 6.18 -49.26 -7.55
C ILE H 421 7.00 -50.30 -6.79
N THR H 422 8.16 -50.64 -7.33
CA THR H 422 9.04 -51.65 -6.72
C THR H 422 10.45 -51.06 -6.59
N THR H 423 10.77 -50.55 -5.39
CA THR H 423 12.08 -49.99 -5.11
C THR H 423 13.02 -51.11 -4.68
N MET H 424 13.95 -51.48 -5.56
CA MET H 424 14.85 -52.58 -5.26
C MET H 424 15.87 -52.18 -4.20
N GLY H 425 16.18 -53.11 -3.31
CA GLY H 425 17.22 -52.91 -2.32
C GLY H 425 18.49 -53.64 -2.68
N ALA H 426 18.72 -54.80 -2.06
CA ALA H 426 19.91 -55.60 -2.30
C ALA H 426 19.83 -56.43 -3.59
N GLY H 427 18.87 -56.14 -4.47
CA GLY H 427 18.67 -56.99 -5.63
C GLY H 427 19.86 -57.00 -6.58
N CYS H 428 20.38 -55.82 -6.90
CA CYS H 428 21.46 -55.73 -7.88
C CYS H 428 22.53 -54.72 -7.49
N HIS H 429 22.46 -54.12 -6.32
CA HIS H 429 23.43 -53.11 -5.92
C HIS H 429 24.81 -53.70 -5.69
N PRO H 432 28.76 -56.66 -10.69
CA PRO H 432 29.89 -55.81 -11.07
C PRO H 432 29.74 -55.25 -12.49
N LYS H 433 28.60 -55.48 -13.11
CA LYS H 433 28.32 -54.96 -14.44
C LYS H 433 27.76 -53.55 -14.44
N GLY H 434 27.47 -53.00 -13.28
CA GLY H 434 27.01 -51.63 -13.19
C GLY H 434 25.55 -51.54 -12.83
N THR H 435 25.17 -50.45 -12.15
CA THR H 435 23.78 -50.22 -11.81
C THR H 435 22.94 -50.00 -13.06
N THR H 436 23.51 -49.32 -14.06
CA THR H 436 22.79 -49.11 -15.32
C THR H 436 22.48 -50.43 -16.00
N ALA H 437 23.42 -51.37 -15.99
CA ALA H 437 23.17 -52.68 -16.58
C ALA H 437 22.06 -53.41 -15.83
N GLY H 438 22.06 -53.34 -14.50
CA GLY H 438 21.00 -53.98 -13.73
C GLY H 438 19.63 -53.37 -14.00
N ALA H 439 19.57 -52.04 -14.11
CA ALA H 439 18.30 -51.39 -14.44
C ALA H 439 17.84 -51.78 -15.83
N LYS H 440 18.77 -51.88 -16.78
CA LYS H 440 18.42 -52.31 -18.13
C LYS H 440 17.90 -53.74 -18.13
N ALA H 441 18.52 -54.61 -17.33
CA ALA H 441 18.03 -55.99 -17.21
C ALA H 441 16.64 -56.02 -16.62
N LEU H 442 16.38 -55.18 -15.61
CA LEU H 442 15.04 -55.11 -15.02
C LEU H 442 14.01 -54.64 -16.04
N VAL H 443 14.35 -53.62 -16.83
CA VAL H 443 13.46 -53.12 -17.86
C VAL H 443 13.20 -54.19 -18.91
N GLN H 444 14.26 -54.93 -19.29
CA GLN H 444 14.11 -56.01 -20.27
C GLN H 444 13.20 -57.10 -19.73
N ALA H 445 13.32 -57.43 -18.44
CA ALA H 445 12.43 -58.41 -17.83
C ALA H 445 10.99 -57.92 -17.84
N CYS H 446 10.78 -56.63 -17.54
CA CYS H 446 9.44 -56.07 -17.58
C CYS H 446 8.84 -56.15 -18.98
N GLU H 447 9.65 -55.84 -20.00
CA GLU H 447 9.15 -55.91 -21.37
C GLU H 447 8.88 -57.36 -21.78
N ALA H 448 9.71 -58.29 -21.32
CA ALA H 448 9.46 -59.71 -21.59
C ALA H 448 8.16 -60.16 -20.97
N TYR H 449 7.89 -59.73 -19.73
CA TYR H 449 6.60 -60.05 -19.12
C TYR H 449 5.45 -59.43 -19.90
N GLN H 450 5.61 -58.18 -20.35
CA GLN H 450 4.56 -57.55 -21.14
C GLN H 450 4.34 -58.29 -22.45
N LYS H 451 5.43 -58.68 -23.13
CA LYS H 451 5.31 -59.44 -24.36
C LYS H 451 4.85 -60.88 -24.12
N GLY H 452 4.88 -61.36 -22.88
CA GLY H 452 4.54 -62.73 -22.58
C GLY H 452 5.67 -63.72 -22.80
N ILE H 453 6.84 -63.26 -23.25
CA ILE H 453 7.97 -64.14 -23.50
C ILE H 453 8.61 -64.51 -22.17
N ASP H 454 9.08 -65.75 -22.08
CA ASP H 454 9.78 -66.21 -20.88
C ASP H 454 11.13 -65.49 -20.74
N ILE H 455 11.59 -65.39 -19.50
CA ILE H 455 12.83 -64.67 -19.22
C ILE H 455 14.01 -65.35 -19.90
N LYS H 456 14.08 -66.68 -19.80
CA LYS H 456 15.19 -67.40 -20.43
C LYS H 456 15.17 -67.24 -21.93
N GLU H 457 13.98 -67.31 -22.54
CA GLU H 457 13.87 -67.06 -23.98
C GLU H 457 14.28 -65.63 -24.33
N TYR H 458 13.84 -64.66 -23.52
CA TYR H 458 14.19 -63.26 -23.76
C TYR H 458 15.67 -62.98 -23.50
N ALA H 459 16.36 -63.86 -22.78
CA ALA H 459 17.77 -63.67 -22.51
C ALA H 459 18.63 -64.28 -23.61
N THR I 7 34.67 -62.19 20.09
CA THR I 7 35.84 -62.64 19.33
C THR I 7 35.44 -63.64 18.25
N GLN I 8 34.89 -64.78 18.69
CA GLN I 8 34.40 -65.77 17.73
C GLN I 8 33.23 -65.22 16.93
N LEU I 9 32.34 -64.47 17.58
CA LEU I 9 31.23 -63.84 16.86
C LEU I 9 31.73 -62.87 15.80
N ILE I 10 32.87 -62.21 16.05
CA ILE I 10 33.44 -61.31 15.04
C ILE I 10 33.86 -62.10 13.81
N LYS I 11 34.51 -63.26 14.02
CA LYS I 11 34.94 -64.08 12.89
C LYS I 11 33.76 -64.53 12.04
N THR I 12 32.56 -64.59 12.64
CA THR I 12 31.38 -65.02 11.90
C THR I 12 30.92 -63.97 10.90
N LEU I 13 31.10 -62.69 11.20
CA LEU I 13 30.63 -61.61 10.36
C LEU I 13 31.35 -61.59 9.01
N ASN I 14 30.64 -61.12 7.98
CA ASN I 14 31.28 -60.79 6.72
C ASN I 14 31.89 -59.39 6.82
N ILE I 15 32.59 -58.98 5.76
CA ILE I 15 33.33 -57.72 5.80
C ILE I 15 32.39 -56.54 5.93
N HIS I 16 31.27 -56.56 5.20
CA HIS I 16 30.30 -55.48 5.31
C HIS I 16 29.70 -55.42 6.71
N GLN I 17 29.43 -56.58 7.30
CA GLN I 17 28.99 -56.62 8.70
C GLN I 17 30.10 -56.19 9.64
N LYS I 18 31.35 -56.54 9.32
CA LYS I 18 32.48 -56.12 10.13
C LYS I 18 32.60 -54.60 10.16
N GLY I 19 32.20 -53.93 9.08
CA GLY I 19 32.25 -52.48 9.04
C GLY I 19 31.32 -51.78 10.01
N TYR I 20 30.36 -52.50 10.60
CA TYR I 20 29.42 -51.91 11.55
C TYR I 20 29.64 -52.40 12.98
N VAL I 21 30.75 -53.08 13.25
CA VAL I 21 31.07 -53.57 14.57
C VAL I 21 32.47 -53.10 14.94
N ASN I 22 32.59 -52.45 16.09
CA ASN I 22 33.89 -52.03 16.60
C ASN I 22 33.83 -52.07 18.13
N PHE I 23 34.25 -53.22 18.69
CA PHE I 23 34.32 -53.34 20.14
C PHE I 23 35.48 -52.56 20.73
N ASP I 24 36.38 -52.05 19.89
CA ASP I 24 37.51 -51.23 20.34
C ASP I 24 37.29 -49.75 20.07
N LEU I 25 36.03 -49.31 20.07
CA LEU I 25 35.74 -47.89 19.95
C LEU I 25 36.37 -47.16 21.13
N PRO I 26 37.25 -46.18 20.88
CA PRO I 26 38.04 -45.63 22.00
C PRO I 26 37.19 -44.99 23.09
N ASN I 27 36.33 -44.05 22.73
CA ASN I 27 35.48 -43.36 23.68
C ASN I 27 34.09 -43.21 23.08
N PRO I 28 33.15 -44.09 23.44
CA PRO I 28 31.77 -43.93 22.96
C PRO I 28 31.13 -42.61 23.38
N LYS I 29 31.56 -42.05 24.51
CA LYS I 29 31.05 -40.78 25.01
C LYS I 29 31.92 -39.61 24.61
N ASN I 30 32.72 -39.75 23.54
CA ASN I 30 33.59 -38.67 23.10
C ASN I 30 32.81 -37.47 22.59
N GLY I 31 31.51 -37.61 22.35
CA GLY I 31 30.67 -36.52 21.90
C GLY I 31 30.24 -36.62 20.45
N GLU I 32 30.82 -37.52 19.67
CA GLU I 32 30.46 -37.70 18.27
C GLU I 32 29.29 -38.65 18.08
N TYR I 33 28.94 -39.43 19.10
CA TYR I 33 27.99 -40.53 18.96
C TYR I 33 26.80 -40.35 19.87
N LEU I 34 25.60 -40.56 19.32
CA LEU I 34 24.45 -40.92 20.13
C LEU I 34 24.62 -42.38 20.52
N LEU I 35 24.45 -42.69 21.80
CA LEU I 35 24.60 -44.06 22.27
C LEU I 35 23.23 -44.67 22.48
N ALA I 36 23.07 -45.90 22.01
CA ALA I 36 21.80 -46.61 22.09
C ALA I 36 22.05 -48.05 22.47
N VAL I 37 21.30 -48.55 23.45
CA VAL I 37 21.38 -49.94 23.89
C VAL I 37 20.07 -50.63 23.53
N PHE I 38 20.17 -51.77 22.86
CA PHE I 38 19.02 -52.53 22.40
C PHE I 38 18.97 -53.87 23.11
N HIS I 39 17.76 -54.35 23.40
CA HIS I 39 17.54 -55.76 23.70
C HIS I 39 17.28 -56.46 22.37
N LEU I 40 18.21 -57.32 21.98
CA LEU I 40 18.24 -57.88 20.63
C LEU I 40 18.25 -59.40 20.70
N ILE I 41 17.31 -60.03 20.00
CA ILE I 41 17.32 -61.47 19.76
C ILE I 41 17.19 -61.67 18.26
N SER I 42 18.11 -62.43 17.68
CA SER I 42 18.16 -62.57 16.23
C SER I 42 16.98 -63.38 15.72
N GLY I 43 16.60 -63.11 14.48
CA GLY I 43 15.46 -63.77 13.86
C GLY I 43 15.80 -65.00 13.05
N GLY I 44 16.49 -65.96 13.67
CA GLY I 44 16.75 -67.24 13.03
C GLY I 44 17.95 -67.24 12.10
N LYS I 45 18.83 -68.23 12.28
CA LYS I 45 20.02 -68.50 11.47
C LYS I 45 21.09 -67.43 11.60
N LEU I 46 20.84 -66.36 12.35
CA LEU I 46 21.84 -65.35 12.64
C LEU I 46 22.14 -65.36 14.13
N ASN I 47 23.39 -65.09 14.49
CA ASN I 47 23.68 -64.90 15.90
C ASN I 47 23.42 -63.45 16.30
N ILE I 48 23.69 -63.15 17.57
CA ILE I 48 23.36 -61.82 18.09
C ILE I 48 24.22 -60.75 17.41
N LEU I 49 25.48 -61.06 17.10
CA LEU I 49 26.36 -60.05 16.51
C LEU I 49 26.01 -59.80 15.04
N GLN I 50 25.63 -60.85 14.31
CA GLN I 50 25.18 -60.67 12.93
C GLN I 50 23.96 -59.77 12.87
N ALA I 51 22.95 -60.06 13.69
CA ALA I 51 21.75 -59.24 13.71
C ALA I 51 22.04 -57.83 14.21
N ALA I 52 22.98 -57.70 15.16
CA ALA I 52 23.39 -56.39 15.63
C ALA I 52 24.02 -55.57 14.52
N ALA I 53 24.90 -56.19 13.73
CA ALA I 53 25.50 -55.49 12.60
C ALA I 53 24.46 -55.11 11.55
N GLU I 54 23.50 -56.01 11.30
CA GLU I 54 22.42 -55.68 10.38
C GLU I 54 21.60 -54.49 10.89
N VAL I 55 21.32 -54.46 12.20
CA VAL I 55 20.57 -53.35 12.78
C VAL I 55 21.36 -52.05 12.66
N ALA I 56 22.65 -52.10 12.95
CA ALA I 56 23.49 -50.91 12.83
C ALA I 56 23.56 -50.41 11.39
N ALA I 57 23.64 -51.34 10.43
CA ALA I 57 23.66 -50.95 9.03
C ALA I 57 22.34 -50.31 8.62
N GLU I 58 21.23 -50.99 8.91
CA GLU I 58 19.92 -50.47 8.51
C GLU I 58 19.58 -49.16 9.21
N SER I 59 20.13 -48.93 10.39
CA SER I 59 19.82 -47.72 11.13
C SER I 59 20.81 -46.58 10.90
N SER I 60 21.91 -46.80 10.17
CA SER I 60 22.79 -45.69 9.82
C SER I 60 22.95 -45.50 8.32
N THR I 61 23.51 -46.48 7.60
CA THR I 61 23.92 -46.28 6.22
C THR I 61 23.56 -47.43 5.29
N GLY I 62 23.17 -48.60 5.80
CA GLY I 62 22.64 -49.66 4.96
C GLY I 62 23.60 -50.20 3.93
N THR I 63 24.86 -50.41 4.31
CA THR I 63 25.84 -51.01 3.41
C THR I 63 26.20 -52.38 3.98
N ASN I 64 25.35 -53.36 3.67
CA ASN I 64 25.57 -54.74 4.08
C ASN I 64 25.94 -55.64 2.91
N PHE I 65 26.16 -55.05 1.73
CA PHE I 65 26.56 -55.77 0.54
C PHE I 65 27.62 -54.96 -0.17
N ASN I 66 28.34 -55.60 -1.09
CA ASN I 66 29.40 -54.95 -1.84
C ASN I 66 28.77 -54.04 -2.88
N VAL I 67 28.96 -52.73 -2.74
CA VAL I 67 28.48 -51.74 -3.70
C VAL I 67 29.65 -50.88 -4.13
N ASN I 68 29.70 -50.58 -5.42
CA ASN I 68 30.77 -49.73 -5.96
C ASN I 68 30.62 -48.27 -5.57
N THR I 69 29.50 -47.89 -4.98
CA THR I 69 29.27 -46.50 -4.57
C THR I 69 29.70 -46.23 -3.13
N GLU I 70 30.24 -47.23 -2.43
CA GLU I 70 30.71 -47.02 -1.07
C GLU I 70 31.88 -46.05 -1.05
N THR I 71 31.83 -45.09 -0.13
CA THR I 71 32.88 -44.11 0.05
C THR I 71 33.45 -44.22 1.47
N PRO I 72 34.71 -43.84 1.67
CA PRO I 72 35.25 -43.85 3.04
C PRO I 72 34.50 -42.95 4.00
N PHE I 73 33.95 -41.84 3.51
CA PHE I 73 33.14 -40.98 4.37
C PHE I 73 31.85 -41.66 4.81
N SER I 74 31.22 -42.41 3.90
CA SER I 74 30.06 -43.19 4.28
C SER I 74 30.42 -44.25 5.31
N LYS I 75 31.62 -44.81 5.23
CA LYS I 75 32.10 -45.70 6.28
C LYS I 75 32.29 -44.95 7.59
N GLU I 76 32.67 -43.66 7.51
CA GLU I 76 32.77 -42.86 8.71
C GLU I 76 31.40 -42.65 9.35
N MET I 77 30.35 -42.55 8.55
CA MET I 77 29.01 -42.37 9.08
C MET I 77 28.37 -43.67 9.57
N ASN I 78 29.08 -44.78 9.52
CA ASN I 78 28.54 -46.06 9.98
C ASN I 78 28.21 -46.02 11.47
N ALA I 79 27.06 -46.58 11.83
CA ALA I 79 26.79 -46.89 13.22
C ALA I 79 27.58 -48.12 13.63
N VAL I 80 28.10 -48.10 14.84
CA VAL I 80 29.05 -49.11 15.29
C VAL I 80 28.49 -49.82 16.51
N VAL I 81 28.41 -51.15 16.44
CA VAL I 81 28.19 -51.98 17.62
C VAL I 81 29.50 -52.00 18.39
N TYR I 82 29.50 -51.43 19.60
CA TYR I 82 30.73 -51.34 20.39
C TYR I 82 30.68 -52.13 21.68
N GLN I 83 29.50 -52.59 22.10
CA GLN I 83 29.38 -53.39 23.30
C GLN I 83 28.25 -54.38 23.12
N ILE I 84 28.47 -55.61 23.57
CA ILE I 84 27.45 -56.65 23.52
C ILE I 84 27.42 -57.36 24.87
N ASP I 85 26.25 -57.88 25.22
CA ASP I 85 26.05 -58.64 26.45
C ASP I 85 25.34 -59.93 26.05
N LEU I 86 26.11 -61.01 25.93
CA LEU I 86 25.55 -62.27 25.43
C LEU I 86 24.49 -62.82 26.37
N ASP I 87 24.74 -62.76 27.68
CA ASP I 87 23.79 -63.31 28.64
C ASP I 87 22.46 -62.57 28.61
N GLN I 88 22.50 -61.24 28.55
CA GLN I 88 21.31 -60.42 28.62
C GLN I 88 20.78 -60.00 27.26
N ASN I 89 21.43 -60.44 26.17
CA ASN I 89 21.02 -60.11 24.81
C ASN I 89 20.95 -58.59 24.59
N LEU I 90 21.99 -57.90 25.05
CA LEU I 90 22.07 -56.45 24.95
C LEU I 90 23.12 -56.04 23.94
N VAL I 91 22.78 -55.06 23.11
CA VAL I 91 23.67 -54.55 22.08
C VAL I 91 23.76 -53.04 22.21
N TRP I 92 24.98 -52.52 22.34
CA TRP I 92 25.23 -51.08 22.37
C TRP I 92 25.68 -50.65 20.98
N ILE I 93 25.03 -49.64 20.43
CA ILE I 93 25.35 -49.12 19.10
C ILE I 93 25.62 -47.63 19.21
N ALA I 94 26.72 -47.19 18.63
CA ALA I 94 27.09 -45.78 18.60
C ALA I 94 26.68 -45.19 17.26
N TYR I 95 25.79 -44.21 17.29
CA TYR I 95 25.33 -43.55 16.08
C TYR I 95 26.02 -42.20 15.97
N PRO I 96 26.90 -41.98 14.98
CA PRO I 96 27.41 -40.63 14.74
C PRO I 96 26.26 -39.66 14.49
N TRP I 97 26.06 -38.69 15.38
CA TRP I 97 24.86 -37.88 15.27
C TRP I 97 24.92 -36.90 14.10
N ARG I 98 26.00 -36.92 13.31
CA ARG I 98 25.99 -36.24 12.02
C ARG I 98 24.99 -36.87 11.06
N LEU I 99 24.63 -38.14 11.28
CA LEU I 99 23.59 -38.78 10.48
C LEU I 99 22.26 -38.04 10.57
N PHE I 100 21.98 -37.44 11.72
CA PHE I 100 20.65 -36.92 11.98
C PHE I 100 20.44 -35.57 11.30
N ASP I 101 19.20 -35.34 10.86
CA ASP I 101 18.84 -34.10 10.18
C ASP I 101 19.13 -32.90 11.08
N ARG I 102 19.64 -31.84 10.47
CA ARG I 102 19.94 -30.63 11.21
C ARG I 102 18.67 -29.86 11.51
N GLY I 103 18.77 -28.91 12.44
CA GLY I 103 17.62 -28.16 12.86
C GLY I 103 16.83 -28.77 14.00
N GLY I 104 17.44 -29.64 14.79
CA GLY I 104 16.75 -30.26 15.91
C GLY I 104 15.63 -31.19 15.52
N ASN I 105 15.85 -32.04 14.52
CA ASN I 105 14.82 -32.94 14.03
C ASN I 105 14.84 -34.22 14.87
N VAL I 106 13.82 -34.40 15.70
CA VAL I 106 13.73 -35.57 16.56
C VAL I 106 13.18 -36.77 15.80
N GLN I 107 12.16 -36.55 14.97
CA GLN I 107 11.59 -37.65 14.20
C GLN I 107 12.62 -38.26 13.27
N ASN I 108 13.62 -37.49 12.84
CA ASN I 108 14.69 -38.06 12.03
C ASN I 108 15.52 -39.07 12.82
N ILE I 109 15.83 -38.75 14.08
CA ILE I 109 16.55 -39.69 14.92
C ILE I 109 15.71 -40.95 15.12
N LEU I 110 14.42 -40.76 15.39
CA LEU I 110 13.55 -41.92 15.58
C LEU I 110 13.44 -42.76 14.31
N THR I 111 13.42 -42.10 13.16
CA THR I 111 13.42 -42.79 11.88
C THR I 111 14.69 -43.62 11.71
N TYR I 112 15.83 -43.08 12.13
CA TYR I 112 17.08 -43.84 12.09
C TYR I 112 17.03 -45.05 13.01
N ILE I 113 16.87 -44.81 14.31
CA ILE I 113 17.19 -45.83 15.31
C ILE I 113 16.01 -46.73 15.69
N VAL I 114 14.78 -46.25 15.57
CA VAL I 114 13.62 -47.11 15.81
C VAL I 114 12.72 -47.12 14.58
N GLY I 115 13.33 -46.99 13.41
CA GLY I 115 12.56 -47.00 12.17
C GLY I 115 12.49 -48.37 11.52
N ASN I 116 13.15 -48.52 10.37
CA ASN I 116 13.10 -49.76 9.61
C ASN I 116 13.68 -50.95 10.36
N VAL I 117 14.49 -50.71 11.40
CA VAL I 117 15.05 -51.80 12.16
C VAL I 117 13.96 -52.61 12.85
N LEU I 118 12.87 -51.95 13.23
CA LEU I 118 11.77 -52.66 13.89
C LEU I 118 11.08 -53.65 12.96
N GLY I 119 11.13 -53.40 11.65
CA GLY I 119 10.55 -54.29 10.68
C GLY I 119 11.47 -55.35 10.12
N MET I 120 12.71 -55.41 10.60
CA MET I 120 13.68 -56.34 10.04
C MET I 120 13.41 -57.77 10.49
N LYS I 121 13.36 -58.69 9.53
CA LYS I 121 13.22 -60.10 9.84
C LYS I 121 14.45 -60.66 10.55
N GLU I 122 15.59 -59.96 10.50
CA GLU I 122 16.81 -60.42 11.14
C GLU I 122 16.71 -60.45 12.65
N VAL I 123 15.75 -59.75 13.25
CA VAL I 123 15.58 -59.72 14.69
C VAL I 123 14.20 -60.26 15.03
N SER I 124 14.15 -61.17 16.00
CA SER I 124 12.87 -61.57 16.58
C SER I 124 12.45 -60.62 17.69
N ALA I 125 13.42 -59.98 18.34
CA ALA I 125 13.16 -58.97 19.35
C ALA I 125 14.16 -57.84 19.16
N LEU I 126 13.66 -56.60 19.24
CA LEU I 126 14.52 -55.43 19.13
C LEU I 126 13.86 -54.29 19.89
N LYS I 127 14.31 -54.07 21.12
CA LYS I 127 13.72 -53.07 22.01
C LYS I 127 14.81 -52.07 22.40
N LEU I 128 14.67 -50.83 21.94
CA LEU I 128 15.57 -49.76 22.35
C LEU I 128 15.29 -49.40 23.81
N LEU I 129 16.20 -49.81 24.69
CA LEU I 129 15.99 -49.64 26.13
C LEU I 129 16.40 -48.26 26.62
N ASP I 130 17.49 -47.71 26.09
CA ASP I 130 17.98 -46.42 26.55
C ASP I 130 18.80 -45.77 25.45
N VAL I 131 18.88 -44.45 25.50
CA VAL I 131 19.74 -43.67 24.63
C VAL I 131 20.55 -42.71 25.49
N TRP I 132 21.67 -42.27 24.95
CA TRP I 132 22.54 -41.30 25.63
C TRP I 132 22.92 -40.21 24.62
N PHE I 133 22.62 -38.97 24.98
CA PHE I 133 22.89 -37.84 24.11
C PHE I 133 24.15 -37.12 24.55
N PRO I 134 25.16 -36.99 23.70
CA PRO I 134 26.31 -36.14 24.04
C PRO I 134 25.92 -34.68 24.07
N PRO I 135 26.63 -33.86 24.85
CA PRO I 135 26.29 -32.43 24.89
C PRO I 135 26.36 -31.74 23.53
N ALA I 136 27.33 -32.13 22.69
CA ALA I 136 27.46 -31.51 21.38
C ALA I 136 26.21 -31.78 20.53
N MET I 137 25.66 -32.98 20.63
CA MET I 137 24.39 -33.26 19.96
C MET I 137 23.23 -32.55 20.62
N LEU I 138 23.20 -32.53 21.96
CA LEU I 138 22.13 -31.84 22.68
C LEU I 138 22.07 -30.37 22.30
N GLU I 139 23.19 -29.81 21.84
CA GLU I 139 23.19 -28.41 21.40
C GLU I 139 22.23 -28.17 20.24
N GLN I 140 21.99 -29.19 19.41
CA GLN I 140 21.19 -29.02 18.21
C GLN I 140 19.69 -28.96 18.47
N TYR I 141 19.24 -29.33 19.65
CA TYR I 141 17.82 -29.54 19.91
C TYR I 141 17.32 -28.52 20.94
N ASP I 142 16.04 -28.14 20.79
CA ASP I 142 15.46 -27.09 21.61
C ASP I 142 15.36 -27.51 23.07
N GLY I 143 14.77 -28.67 23.33
CA GLY I 143 14.39 -29.05 24.67
C GLY I 143 13.17 -28.25 25.09
N PRO I 144 12.67 -28.50 26.30
CA PRO I 144 11.53 -27.71 26.79
C PRO I 144 11.94 -26.27 27.04
N SER I 145 10.98 -25.36 26.82
CA SER I 145 11.15 -23.96 27.16
C SER I 145 10.18 -23.48 28.22
N TYR I 146 8.98 -24.07 28.27
CA TYR I 146 8.04 -23.88 29.36
C TYR I 146 8.07 -25.12 30.22
N THR I 147 8.12 -24.95 31.53
CA THR I 147 8.30 -26.06 32.44
C THR I 147 7.19 -26.08 33.48
N LEU I 148 7.23 -27.11 34.32
CA LEU I 148 6.31 -27.18 35.45
C LEU I 148 6.56 -26.06 36.44
N ASP I 149 7.79 -25.53 36.50
CA ASP I 149 8.08 -24.40 37.35
C ASP I 149 7.37 -23.14 36.87
N ASP I 150 7.27 -22.96 35.55
CA ASP I 150 6.52 -21.83 35.02
C ASP I 150 5.05 -21.92 35.37
N MET I 151 4.45 -23.11 35.25
CA MET I 151 3.06 -23.28 35.63
C MET I 151 2.86 -23.17 37.14
N ARG I 152 3.86 -23.57 37.92
CA ARG I 152 3.81 -23.36 39.36
C ARG I 152 3.82 -21.87 39.69
N LYS I 153 4.64 -21.10 38.97
CA LYS I 153 4.66 -19.66 39.16
C LYS I 153 3.33 -19.03 38.79
N TYR I 154 2.73 -19.46 37.68
CA TYR I 154 1.42 -18.94 37.30
C TYR I 154 0.35 -19.31 38.33
N LEU I 155 0.36 -20.56 38.79
CA LEU I 155 -0.65 -21.03 39.72
C LEU I 155 -0.42 -20.57 41.15
N ASN I 156 0.79 -20.08 41.44
CA ASN I 156 1.23 -19.80 42.80
C ASN I 156 0.98 -21.06 43.65
N VAL I 157 1.51 -22.17 43.17
CA VAL I 157 1.37 -23.46 43.83
C VAL I 157 2.76 -24.07 43.98
N TYR I 158 3.14 -24.39 45.20
CA TYR I 158 4.40 -25.06 45.50
C TYR I 158 4.15 -26.01 46.66
N ASP I 159 5.18 -26.80 46.99
CA ASP I 159 5.21 -27.72 48.11
C ASP I 159 4.23 -28.88 47.96
N ARG I 160 3.47 -28.94 46.86
CA ARG I 160 2.58 -30.06 46.58
C ARG I 160 2.58 -30.32 45.09
N PRO I 161 2.29 -31.55 44.67
CA PRO I 161 2.14 -31.82 43.24
C PRO I 161 0.94 -31.10 42.66
N ILE I 162 1.04 -30.75 41.38
CA ILE I 162 -0.08 -30.11 40.68
C ILE I 162 -1.20 -31.13 40.56
N LEU I 163 -2.40 -30.74 41.00
CA LEU I 163 -3.54 -31.65 41.04
C LEU I 163 -4.37 -31.50 39.78
N GLY I 164 -4.43 -32.57 38.99
CA GLY I 164 -5.15 -32.54 37.73
C GLY I 164 -6.25 -33.58 37.71
N THR I 165 -7.06 -33.53 36.66
CA THR I 165 -8.13 -34.48 36.49
C THR I 165 -8.44 -34.64 35.01
N ILE I 166 -9.03 -35.79 34.68
CA ILE I 166 -9.71 -36.00 33.42
C ILE I 166 -11.21 -35.90 33.69
N ILE I 167 -11.97 -35.50 32.68
CA ILE I 167 -13.42 -35.37 32.81
C ILE I 167 -14.07 -36.67 32.37
N LYS I 168 -14.92 -37.22 33.22
CA LYS I 168 -15.68 -38.43 32.95
C LYS I 168 -17.15 -38.08 32.79
N PRO I 169 -17.82 -38.49 31.70
CA PRO I 169 -17.32 -39.31 30.57
C PRO I 169 -16.25 -38.62 29.74
N LYS I 170 -15.38 -39.42 29.12
CA LYS I 170 -14.31 -38.88 28.28
C LYS I 170 -14.87 -38.03 27.15
N MET I 171 -15.91 -38.52 26.49
CA MET I 171 -16.51 -37.88 25.34
C MET I 171 -18.02 -38.03 25.43
N GLY I 172 -18.72 -37.35 24.52
CA GLY I 172 -20.17 -37.37 24.54
C GLY I 172 -20.81 -36.29 25.38
N LEU I 173 -20.02 -35.50 26.09
CA LEU I 173 -20.55 -34.36 26.83
C LEU I 173 -20.58 -33.14 25.92
N THR I 174 -21.53 -32.25 26.20
CA THR I 174 -21.58 -30.98 25.50
C THR I 174 -20.49 -30.05 26.03
N SER I 175 -20.27 -28.96 25.31
CA SER I 175 -19.28 -27.99 25.76
C SER I 175 -19.62 -27.46 27.15
N ALA I 176 -20.90 -27.17 27.39
CA ALA I 176 -21.32 -26.70 28.70
C ALA I 176 -21.16 -27.78 29.77
N GLU I 177 -21.50 -29.03 29.44
CA GLU I 177 -21.35 -30.11 30.42
C GLU I 177 -19.89 -30.32 30.78
N TYR I 178 -19.01 -30.36 29.78
CA TYR I 178 -17.58 -30.54 30.03
C TYR I 178 -17.02 -29.36 30.82
N ALA I 179 -17.41 -28.14 30.46
CA ALA I 179 -16.93 -26.97 31.19
C ALA I 179 -17.45 -26.98 32.63
N GLU I 180 -18.67 -27.47 32.83
CA GLU I 180 -19.22 -27.56 34.18
C GLU I 180 -18.46 -28.56 35.02
N ALA I 181 -18.09 -29.70 34.44
CA ALA I 181 -17.27 -30.67 35.17
C ALA I 181 -15.89 -30.11 35.49
N ALA I 182 -15.30 -29.38 34.53
CA ALA I 182 -14.02 -28.73 34.78
C ALA I 182 -14.12 -27.72 35.91
N TYR I 183 -15.18 -26.92 35.90
CA TYR I 183 -15.40 -25.97 36.98
C TYR I 183 -15.60 -26.67 38.32
N ASP I 184 -16.31 -27.80 38.31
CA ASP I 184 -16.53 -28.54 39.54
C ASP I 184 -15.21 -29.02 40.13
N PHE I 185 -14.32 -29.52 39.29
CA PHE I 185 -13.01 -29.92 39.79
C PHE I 185 -12.19 -28.71 40.25
N TRP I 186 -12.22 -27.62 39.47
CA TRP I 186 -11.39 -26.47 39.79
C TRP I 186 -11.81 -25.81 41.10
N VAL I 187 -13.11 -25.56 41.27
CA VAL I 187 -13.61 -24.89 42.46
C VAL I 187 -13.40 -25.74 43.70
N GLY I 188 -13.27 -27.05 43.55
CA GLY I 188 -12.95 -27.91 44.68
C GLY I 188 -11.49 -27.87 45.10
N GLY I 189 -10.69 -27.02 44.46
CA GLY I 189 -9.28 -26.90 44.79
C GLY I 189 -8.35 -27.43 43.72
N GLY I 190 -8.85 -28.21 42.77
CA GLY I 190 -8.00 -28.72 41.71
C GLY I 190 -7.50 -27.61 40.81
N ASP I 191 -6.26 -27.76 40.36
CA ASP I 191 -5.60 -26.74 39.57
C ASP I 191 -5.62 -27.01 38.07
N PHE I 192 -5.75 -28.27 37.66
CA PHE I 192 -5.45 -28.69 36.30
C PHE I 192 -6.60 -29.53 35.74
N VAL I 193 -7.09 -29.16 34.57
CA VAL I 193 -8.06 -29.98 33.85
C VAL I 193 -7.56 -30.16 32.42
N KCX I 194 -7.59 -31.39 31.93
CA KCX I 194 -7.15 -31.67 30.57
CB KCX I 194 -6.00 -32.68 30.58
CG KCX I 194 -6.34 -34.01 31.23
CD KCX I 194 -5.19 -35.00 31.14
CE KCX I 194 -4.88 -35.36 29.68
NZ KCX I 194 -6.04 -35.98 29.01
C KCX I 194 -8.27 -32.16 29.69
O KCX I 194 -9.15 -32.91 30.12
CX KCX I 194 -6.22 -37.30 29.09
OQ1 KCX I 194 -5.41 -38.00 29.71
OQ2 KCX I 194 -7.18 -37.83 28.52
N ASN I 195 -8.24 -31.75 28.42
CA ASN I 195 -9.08 -32.35 27.40
C ASN I 195 -8.72 -33.82 27.29
N ASP I 196 -9.70 -34.66 26.97
CA ASP I 196 -9.40 -36.03 26.60
C ASP I 196 -8.51 -36.02 25.35
N GLU I 197 -7.61 -36.99 25.26
CA GLU I 197 -6.66 -36.99 24.16
C GLU I 197 -7.30 -37.02 22.77
N PRO I 198 -8.49 -37.61 22.53
CA PRO I 198 -9.16 -37.38 21.25
C PRO I 198 -10.23 -36.29 21.27
N GLN I 199 -10.38 -35.56 22.38
CA GLN I 199 -11.36 -34.48 22.45
C GLN I 199 -10.94 -33.35 21.53
N ALA I 200 -11.76 -33.06 20.53
CA ALA I 200 -11.42 -32.13 19.47
C ALA I 200 -12.72 -31.50 18.99
N ASN I 201 -12.69 -30.94 17.78
CA ASN I 201 -13.90 -30.34 17.20
C ASN I 201 -14.91 -31.42 16.82
N GLN I 202 -15.47 -32.10 17.81
CA GLN I 202 -16.57 -33.02 17.56
C GLN I 202 -17.86 -32.23 17.36
N ASP I 203 -18.78 -32.82 16.61
CA ASP I 203 -19.99 -32.09 16.22
C ASP I 203 -20.87 -31.76 17.43
N PHE I 204 -20.92 -32.65 18.42
CA PHE I 204 -21.72 -32.41 19.62
C PHE I 204 -21.01 -31.58 20.66
N CYS I 205 -19.70 -31.42 20.54
CA CYS I 205 -18.90 -30.58 21.44
C CYS I 205 -17.97 -29.74 20.58
N PRO I 206 -18.49 -28.72 19.91
CA PRO I 206 -17.66 -27.93 19.00
C PRO I 206 -16.48 -27.30 19.72
N TYR I 207 -15.36 -27.22 19.01
CA TYR I 207 -14.10 -26.81 19.63
C TYR I 207 -14.16 -25.38 20.14
N ASP I 208 -14.70 -24.47 19.32
CA ASP I 208 -14.79 -23.07 19.74
C ASP I 208 -15.73 -22.90 20.93
N LYS I 209 -16.87 -23.60 20.90
CA LYS I 209 -17.78 -23.55 22.04
C LYS I 209 -17.15 -24.14 23.28
N MET I 210 -16.41 -25.25 23.13
CA MET I 210 -15.73 -25.84 24.27
C MET I 210 -14.69 -24.88 24.85
N VAL I 211 -13.93 -24.20 23.99
CA VAL I 211 -12.92 -23.26 24.46
C VAL I 211 -13.58 -22.11 25.22
N ARG I 212 -14.65 -21.54 24.67
CA ARG I 212 -15.30 -20.42 25.34
C ARG I 212 -15.93 -20.85 26.65
N ASN I 213 -16.59 -22.02 26.68
CA ASN I 213 -17.22 -22.50 27.90
C ASN I 213 -16.18 -22.82 28.97
N VAL I 214 -15.05 -23.38 28.57
CA VAL I 214 -13.97 -23.63 29.52
C VAL I 214 -13.42 -22.32 30.05
N LYS I 215 -13.31 -21.30 29.19
CA LYS I 215 -12.86 -20.00 29.64
C LYS I 215 -13.80 -19.43 30.69
N ALA I 216 -15.10 -19.50 30.45
CA ALA I 216 -16.07 -18.99 31.41
C ALA I 216 -16.02 -19.77 32.71
N ALA I 217 -15.93 -21.10 32.62
CA ALA I 217 -15.86 -21.93 33.83
C ALA I 217 -14.60 -21.63 34.64
N MET I 218 -13.47 -21.46 33.95
CA MET I 218 -12.22 -21.12 34.63
C MET I 218 -12.30 -19.74 35.28
N ASP I 219 -12.90 -18.78 34.58
CA ASP I 219 -13.06 -17.44 35.16
C ASP I 219 -13.88 -17.50 36.44
N LYS I 220 -14.99 -18.24 36.42
CA LYS I 220 -15.82 -18.29 37.62
C LYS I 220 -15.14 -19.09 38.72
N ALA I 221 -14.38 -20.13 38.37
CA ALA I 221 -13.66 -20.89 39.39
C ALA I 221 -12.58 -20.05 40.04
N VAL I 222 -11.88 -19.24 39.25
CA VAL I 222 -10.87 -18.32 39.79
C VAL I 222 -11.54 -17.30 40.70
N LYS I 223 -12.67 -16.75 40.28
CA LYS I 223 -13.38 -15.78 41.12
C LYS I 223 -13.83 -16.40 42.44
N GLU I 224 -14.37 -17.62 42.39
CA GLU I 224 -14.84 -18.28 43.60
C GLU I 224 -13.70 -18.77 44.49
N THR I 225 -12.51 -18.98 43.94
CA THR I 225 -11.40 -19.51 44.71
C THR I 225 -10.31 -18.50 44.99
N GLY I 226 -10.14 -17.49 44.14
CA GLY I 226 -8.99 -16.63 44.17
C GLY I 226 -7.74 -17.22 43.54
N ASN I 227 -7.66 -18.55 43.45
CA ASN I 227 -6.52 -19.23 42.88
C ASN I 227 -6.68 -19.36 41.37
N LYS I 228 -5.55 -19.23 40.66
CA LYS I 228 -5.56 -19.42 39.22
C LYS I 228 -5.75 -20.90 38.88
N LYS I 229 -6.22 -21.15 37.66
CA LYS I 229 -6.51 -22.49 37.19
C LYS I 229 -5.92 -22.69 35.80
N VAL I 230 -5.60 -23.94 35.48
CA VAL I 230 -4.98 -24.30 34.20
C VAL I 230 -5.82 -25.36 33.52
N HIS I 231 -6.12 -25.16 32.24
CA HIS I 231 -6.77 -26.16 31.41
C HIS I 231 -5.85 -26.57 30.26
N SER I 232 -5.80 -27.86 29.98
CA SER I 232 -4.97 -28.41 28.91
C SER I 232 -5.86 -28.74 27.72
N PHE I 233 -5.69 -28.00 26.63
CA PHE I 233 -6.50 -28.15 25.44
C PHE I 233 -5.81 -29.08 24.44
N ASN I 234 -6.54 -30.08 23.97
CA ASN I 234 -6.04 -30.92 22.88
C ASN I 234 -6.06 -30.13 21.58
N VAL I 235 -4.88 -29.87 21.03
CA VAL I 235 -4.76 -29.15 19.77
C VAL I 235 -4.42 -30.08 18.62
N SER I 236 -4.37 -31.40 18.86
CA SER I 236 -4.15 -32.36 17.79
C SER I 236 -5.27 -32.28 16.78
N ALA I 237 -4.89 -32.19 15.50
CA ALA I 237 -5.83 -31.92 14.44
C ALA I 237 -5.50 -32.77 13.22
N ALA I 238 -6.27 -32.58 12.14
CA ALA I 238 -6.00 -33.31 10.91
C ALA I 238 -4.69 -32.86 10.29
N ASP I 239 -4.47 -31.55 10.18
CA ASP I 239 -3.29 -31.00 9.55
C ASP I 239 -2.72 -29.92 10.45
N PHE I 240 -1.57 -29.37 10.05
CA PHE I 240 -0.91 -28.37 10.86
C PHE I 240 -1.67 -27.05 10.86
N ASP I 241 -2.37 -26.74 9.77
CA ASP I 241 -3.17 -25.52 9.73
C ASP I 241 -4.29 -25.56 10.76
N THR I 242 -4.99 -26.68 10.89
CA THR I 242 -6.06 -26.79 11.87
C THR I 242 -5.51 -26.74 13.29
N MET I 243 -4.36 -27.37 13.53
CA MET I 243 -3.73 -27.30 14.85
C MET I 243 -3.35 -25.86 15.20
N ILE I 244 -2.76 -25.14 14.26
CA ILE I 244 -2.38 -23.75 14.52
C ILE I 244 -3.63 -22.90 14.73
N GLU I 245 -4.69 -23.17 13.96
CA GLU I 245 -5.94 -22.42 14.11
C GLU I 245 -6.54 -22.63 15.49
N ARG I 246 -6.53 -23.87 15.98
CA ARG I 246 -7.07 -24.15 17.30
C ARG I 246 -6.20 -23.52 18.39
N CYS I 247 -4.88 -23.55 18.20
CA CYS I 247 -3.98 -22.87 19.14
C CYS I 247 -4.29 -21.38 19.20
N GLU I 248 -4.40 -20.73 18.04
CA GLU I 248 -4.70 -19.30 18.00
C GLU I 248 -6.06 -19.00 18.61
N LEU I 249 -7.03 -19.90 18.40
CA LEU I 249 -8.33 -19.72 19.01
C LEU I 249 -8.24 -19.76 20.53
N ILE I 250 -7.42 -20.66 21.07
CA ILE I 250 -7.20 -20.67 22.52
C ILE I 250 -6.54 -19.37 22.96
N ARG I 251 -5.54 -18.90 22.21
CA ARG I 251 -4.87 -17.65 22.56
C ARG I 251 -5.84 -16.48 22.54
N ASN I 252 -6.68 -16.39 21.50
CA ASN I 252 -7.56 -15.25 21.29
C ASN I 252 -8.92 -15.42 21.95
N ALA I 253 -9.05 -16.34 22.90
CA ALA I 253 -10.34 -16.55 23.55
C ALA I 253 -10.83 -15.32 24.31
N GLY I 254 -9.96 -14.67 25.09
CA GLY I 254 -8.55 -14.87 25.39
C GLY I 254 -8.26 -15.19 26.84
N PHE I 255 -7.63 -16.34 27.05
CA PHE I 255 -7.19 -16.72 28.38
C PHE I 255 -6.02 -15.84 28.81
N GLU I 256 -5.83 -15.75 30.13
CA GLU I 256 -4.62 -15.14 30.65
C GLU I 256 -3.44 -16.09 30.42
N PRO I 257 -2.28 -15.58 30.04
CA PRO I 257 -1.15 -16.47 29.76
C PRO I 257 -0.80 -17.33 30.98
N GLY I 258 -0.54 -18.61 30.72
CA GLY I 258 -0.30 -19.58 31.75
C GLY I 258 -1.52 -20.40 32.13
N SER I 259 -2.72 -19.93 31.81
CA SER I 259 -3.95 -20.63 32.18
C SER I 259 -4.28 -21.77 31.24
N TYR I 260 -3.64 -21.84 30.07
CA TYR I 260 -3.93 -22.86 29.09
C TYR I 260 -2.67 -23.62 28.72
N ALA I 261 -2.80 -24.93 28.57
CA ALA I 261 -1.73 -25.81 28.09
C ALA I 261 -2.18 -26.47 26.80
N PHE I 262 -1.25 -26.63 25.86
CA PHE I 262 -1.54 -27.28 24.59
C PHE I 262 -1.25 -28.77 24.72
N LEU I 263 -2.29 -29.59 24.62
CA LEU I 263 -2.12 -31.04 24.60
C LEU I 263 -1.93 -31.50 23.17
N ILE I 264 -0.98 -32.41 22.97
CA ILE I 264 -0.69 -32.98 21.67
C ILE I 264 -0.53 -34.47 21.83
N ASP I 265 -1.13 -35.24 20.91
CA ASP I 265 -0.98 -36.69 20.89
C ASP I 265 0.32 -36.98 20.14
N GLY I 266 1.43 -37.00 20.88
CA GLY I 266 2.73 -37.06 20.25
C GLY I 266 2.95 -38.29 19.39
N ILE I 267 2.27 -39.39 19.71
CA ILE I 267 2.42 -40.61 18.92
C ILE I 267 1.59 -40.55 17.64
N THR I 268 0.27 -40.41 17.79
CA THR I 268 -0.60 -40.42 16.60
C THR I 268 -0.44 -39.14 15.79
N ALA I 269 -0.49 -37.98 16.45
CA ALA I 269 -0.33 -36.72 15.73
C ALA I 269 1.08 -36.55 15.20
N GLY I 270 2.07 -37.08 15.91
CA GLY I 270 3.42 -37.14 15.39
C GLY I 270 4.35 -36.18 16.11
N TRP I 271 5.65 -36.50 16.01
CA TRP I 271 6.68 -35.68 16.63
C TRP I 271 6.81 -34.31 15.97
N MET I 272 6.49 -34.24 14.68
CA MET I 272 6.54 -32.96 13.98
C MET I 272 5.57 -31.95 14.60
N ALA I 273 4.39 -32.42 15.00
CA ALA I 273 3.43 -31.53 15.66
C ALA I 273 3.95 -31.08 17.02
N VAL I 274 4.61 -31.98 17.75
CA VAL I 274 5.17 -31.61 19.05
C VAL I 274 6.22 -30.52 18.87
N GLN I 275 7.12 -30.69 17.89
CA GLN I 275 8.17 -29.70 17.67
C GLN I 275 7.58 -28.39 17.15
N THR I 276 6.55 -28.47 16.30
CA THR I 276 5.89 -27.26 15.82
C THR I 276 5.26 -26.48 16.97
N LEU I 277 4.59 -27.18 17.88
CA LEU I 277 4.02 -26.53 19.06
C LEU I 277 5.10 -25.91 19.93
N ARG I 278 6.20 -26.64 20.12
CA ARG I 278 7.29 -26.14 20.95
C ARG I 278 7.88 -24.85 20.36
N ARG I 279 8.07 -24.82 19.05
CA ARG I 279 8.76 -23.69 18.43
C ARG I 279 7.83 -22.51 18.15
N LYS I 280 6.54 -22.77 17.93
CA LYS I 280 5.59 -21.69 17.69
C LYS I 280 5.07 -21.08 18.98
N TYR I 281 5.00 -21.89 20.04
CA TYR I 281 4.48 -21.45 21.34
C TYR I 281 5.44 -21.87 22.45
N PRO I 282 6.64 -21.27 22.48
CA PRO I 282 7.58 -21.60 23.58
C PRO I 282 7.09 -21.17 24.94
N ASP I 283 6.15 -20.23 25.01
CA ASP I 283 5.62 -19.72 26.27
C ASP I 283 4.41 -20.50 26.76
N VAL I 284 4.06 -21.60 26.09
CA VAL I 284 2.90 -22.42 26.45
C VAL I 284 3.39 -23.79 26.88
N PHE I 285 2.78 -24.32 27.94
CA PHE I 285 3.07 -25.68 28.37
C PHE I 285 2.66 -26.67 27.28
N ILE I 286 3.62 -27.48 26.84
CA ILE I 286 3.37 -28.46 25.78
C ILE I 286 3.06 -29.79 26.48
N HIS I 287 1.79 -30.17 26.49
CA HIS I 287 1.32 -31.37 27.16
C HIS I 287 1.42 -32.53 26.18
N PHE I 288 2.40 -33.40 26.36
CA PHE I 288 2.63 -34.53 25.48
C PHE I 288 1.78 -35.70 25.96
N HIS I 289 0.70 -35.98 25.25
CA HIS I 289 -0.07 -37.19 25.49
C HIS I 289 0.46 -38.29 24.58
N ARG I 290 0.70 -39.46 25.16
CA ARG I 290 1.36 -40.55 24.48
C ARG I 290 0.41 -41.68 24.10
N ALA I 291 -0.85 -41.36 23.81
CA ALA I 291 -1.79 -42.37 23.36
C ALA I 291 -1.27 -43.04 22.09
N GLY I 292 -1.23 -44.37 22.10
CA GLY I 292 -0.65 -45.14 21.03
C GLY I 292 0.75 -45.64 21.29
N HIS I 293 1.41 -45.17 22.35
CA HIS I 293 2.77 -45.58 22.68
C HIS I 293 2.86 -47.07 23.03
N GLY I 294 1.73 -47.70 23.35
CA GLY I 294 1.78 -49.07 23.84
C GLY I 294 2.45 -50.04 22.90
N SER I 295 2.32 -49.82 21.59
CA SER I 295 2.99 -50.70 20.64
C SER I 295 4.50 -50.65 20.81
N PHE I 296 5.06 -49.46 21.01
CA PHE I 296 6.50 -49.33 21.20
C PHE I 296 6.91 -49.81 22.59
N THR I 297 6.14 -49.46 23.62
CA THR I 297 6.65 -49.50 24.98
C THR I 297 6.17 -50.69 25.82
N ARG I 298 5.09 -51.35 25.42
CA ARG I 298 4.52 -52.39 26.28
C ARG I 298 5.51 -53.55 26.43
N PRO I 299 5.71 -54.07 27.64
CA PRO I 299 6.65 -55.19 27.82
C PRO I 299 6.27 -56.44 27.04
N GLU I 300 4.98 -56.65 26.78
CA GLU I 300 4.55 -57.79 25.97
C GLU I 300 5.02 -57.68 24.52
N ASN I 301 5.44 -56.48 24.09
CA ASN I 301 5.89 -56.28 22.73
C ASN I 301 7.42 -56.38 22.71
N PRO I 302 8.01 -57.43 22.14
CA PRO I 302 9.48 -57.50 22.09
C PRO I 302 10.12 -56.45 21.19
N ILE I 303 9.36 -55.85 20.28
CA ILE I 303 9.90 -54.91 19.30
C ILE I 303 9.35 -53.52 19.61
N GLY I 304 10.24 -52.57 19.84
CA GLY I 304 9.83 -51.21 20.13
C GLY I 304 10.94 -50.45 20.83
N PHE I 305 10.53 -49.51 21.69
CA PHE I 305 11.44 -48.80 22.55
C PHE I 305 10.77 -48.56 23.89
N SER I 306 11.58 -48.32 24.92
CA SER I 306 11.09 -48.24 26.28
C SER I 306 10.35 -46.92 26.51
N VAL I 307 9.65 -46.87 27.66
CA VAL I 307 9.02 -45.62 28.09
C VAL I 307 10.07 -44.57 28.39
N LEU I 308 11.22 -45.00 28.93
CA LEU I 308 12.30 -44.06 29.20
C LEU I 308 12.80 -43.40 27.92
N VAL I 309 12.95 -44.18 26.85
CA VAL I 309 13.38 -43.62 25.57
C VAL I 309 12.35 -42.62 25.06
N LEU I 310 11.06 -42.96 25.17
CA LEU I 310 10.01 -42.06 24.72
C LEU I 310 10.02 -40.76 25.51
N SER I 311 10.21 -40.85 26.83
CA SER I 311 10.24 -39.64 27.65
C SER I 311 11.46 -38.79 27.33
N LYS I 312 12.62 -39.43 27.10
CA LYS I 312 13.82 -38.67 26.75
C LYS I 312 13.64 -37.96 25.42
N PHE I 313 13.05 -38.64 24.43
CA PHE I 313 12.85 -37.99 23.14
C PHE I 313 11.75 -36.93 23.20
N ALA I 314 10.75 -37.11 24.08
CA ALA I 314 9.76 -36.06 24.28
C ALA I 314 10.39 -34.82 24.87
N ARG I 315 11.29 -35.01 25.85
CA ARG I 315 12.03 -33.88 26.40
C ARG I 315 12.89 -33.21 25.34
N LEU I 316 13.56 -34.01 24.51
CA LEU I 316 14.37 -33.46 23.43
C LEU I 316 13.53 -32.65 22.45
N ALA I 317 12.34 -33.15 22.12
CA ALA I 317 11.47 -32.45 21.17
C ALA I 317 10.92 -31.15 21.73
N GLY I 318 10.95 -30.96 23.04
CA GLY I 318 10.48 -29.75 23.65
C GLY I 318 9.19 -29.84 24.43
N ALA I 319 8.70 -31.04 24.71
CA ALA I 319 7.48 -31.19 25.49
C ALA I 319 7.71 -30.72 26.92
N SER I 320 6.77 -29.93 27.44
CA SER I 320 6.85 -29.48 28.82
C SER I 320 6.55 -30.60 29.79
N GLY I 321 5.62 -31.47 29.43
CA GLY I 321 5.27 -32.60 30.29
C GLY I 321 4.80 -33.76 29.46
N ILE I 322 5.03 -34.97 29.97
CA ILE I 322 4.64 -36.19 29.29
C ILE I 322 4.04 -37.14 30.32
N HIS I 323 3.06 -37.93 29.90
CA HIS I 323 2.42 -38.89 30.78
C HIS I 323 3.39 -40.01 31.16
N THR I 324 3.25 -40.49 32.39
CA THR I 324 4.10 -41.56 32.89
C THR I 324 3.32 -42.74 33.48
N GLY I 325 2.18 -42.52 34.11
CA GLY I 325 1.40 -43.60 34.68
C GLY I 325 1.62 -43.80 36.16
N HIS I 354 19.03 -46.05 33.75
CA HIS I 354 18.71 -47.45 33.55
C HIS I 354 19.91 -48.20 32.97
N PHE I 355 20.37 -47.74 31.82
CA PHE I 355 21.57 -48.27 31.18
C PHE I 355 22.65 -47.22 30.92
N PHE I 356 22.31 -45.94 30.95
CA PHE I 356 23.27 -44.87 30.74
C PHE I 356 23.18 -43.88 31.90
N GLU I 357 24.32 -43.27 32.23
CA GLU I 357 24.35 -42.18 33.20
C GLU I 357 24.16 -40.88 32.43
N GLN I 358 22.90 -40.54 32.19
CA GLN I 358 22.54 -39.44 31.31
C GLN I 358 22.37 -38.15 32.12
N GLU I 359 23.20 -37.16 31.82
CA GLU I 359 23.04 -35.80 32.33
C GLU I 359 22.57 -34.93 31.18
N TRP I 360 21.51 -34.14 31.42
CA TRP I 360 20.88 -33.39 30.35
C TRP I 360 21.45 -31.99 30.17
N SER I 361 22.72 -31.82 30.50
CA SER I 361 23.57 -30.79 29.91
C SER I 361 24.42 -31.49 28.84
N LYS I 362 24.79 -30.77 27.78
CA LYS I 362 24.96 -29.39 27.26
C LYS I 362 26.23 -28.78 27.82
N ILE I 363 26.85 -29.47 28.78
CA ILE I 363 28.22 -29.23 29.20
C ILE I 363 28.82 -30.57 29.55
N PHE I 364 30.11 -30.72 29.26
CA PHE I 364 30.81 -31.96 29.60
C PHE I 364 31.15 -32.01 31.09
N TRP I 389 20.72 -21.91 30.01
CA TRP I 389 21.63 -22.16 28.90
C TRP I 389 22.56 -23.31 29.24
N ARG I 390 22.75 -23.56 30.54
CA ARG I 390 23.71 -24.56 30.98
C ARG I 390 23.27 -25.96 30.56
N GLY I 391 21.97 -26.22 30.58
CA GLY I 391 21.46 -27.54 30.24
C GLY I 391 20.10 -27.53 29.61
N VAL I 392 19.42 -28.67 29.63
CA VAL I 392 18.09 -28.82 29.05
C VAL I 392 17.06 -28.82 30.18
N LYS I 393 15.99 -28.05 30.00
CA LYS I 393 14.97 -27.94 31.02
C LYS I 393 14.25 -29.27 31.22
N LYS I 394 13.63 -29.42 32.38
CA LYS I 394 12.97 -30.67 32.74
C LYS I 394 11.68 -30.86 31.95
N CYS I 395 11.33 -32.13 31.75
CA CYS I 395 10.02 -32.51 31.24
C CYS I 395 9.22 -33.09 32.40
N CYS I 396 8.12 -32.44 32.73
CA CYS I 396 7.36 -32.79 33.93
C CYS I 396 6.68 -34.15 33.75
N PRO I 397 6.77 -35.05 34.73
CA PRO I 397 5.96 -36.27 34.67
C PRO I 397 4.49 -35.95 34.94
N ILE I 398 3.61 -36.60 34.18
CA ILE I 398 2.17 -36.45 34.32
C ILE I 398 1.60 -37.82 34.65
N ILE I 399 0.87 -37.90 35.76
CA ILE I 399 0.34 -39.17 36.27
C ILE I 399 -1.14 -39.24 35.94
N SER I 400 -1.60 -40.43 35.53
CA SER I 400 -3.00 -40.68 35.22
C SER I 400 -3.44 -41.97 35.89
N GLY I 401 -4.65 -41.96 36.47
CA GLY I 401 -5.27 -43.19 36.92
C GLY I 401 -5.43 -43.40 38.41
N GLY I 402 -6.65 -43.18 38.91
CA GLY I 402 -7.06 -43.65 40.22
C GLY I 402 -6.26 -43.20 41.42
N LEU I 403 -6.00 -41.90 41.54
CA LEU I 403 -5.19 -41.37 42.63
C LEU I 403 -6.09 -40.61 43.60
N ASN I 404 -6.65 -41.35 44.57
CA ASN I 404 -7.42 -40.77 45.66
C ASN I 404 -6.49 -40.20 46.72
N PRO I 405 -7.01 -39.36 47.63
CA PRO I 405 -6.14 -38.82 48.69
C PRO I 405 -5.53 -39.88 49.59
N THR I 406 -6.15 -41.05 49.70
CA THR I 406 -5.61 -42.11 50.53
C THR I 406 -4.24 -42.57 50.03
N LEU I 407 -4.08 -42.68 48.72
CA LEU I 407 -2.84 -43.16 48.11
C LEU I 407 -1.90 -42.04 47.71
N LEU I 408 -2.21 -40.78 48.06
CA LEU I 408 -1.40 -39.66 47.62
C LEU I 408 -0.03 -39.66 48.29
N LYS I 409 0.00 -39.84 49.61
CA LYS I 409 1.28 -39.79 50.34
C LYS I 409 2.25 -40.89 49.91
N PRO I 410 1.86 -42.18 49.88
CA PRO I 410 2.84 -43.21 49.46
C PRO I 410 3.36 -42.98 48.05
N PHE I 411 2.55 -42.38 47.17
CA PHE I 411 2.93 -42.20 45.78
C PHE I 411 4.00 -41.11 45.63
N ILE I 412 3.80 -40.00 46.35
CA ILE I 412 4.83 -38.96 46.45
C ILE I 412 6.09 -39.53 47.08
N ASP I 413 5.93 -40.39 48.08
CA ASP I 413 7.09 -41.07 48.65
C ASP I 413 7.80 -41.91 47.59
N VAL I 414 7.03 -42.54 46.71
CA VAL I 414 7.60 -43.40 45.67
C VAL I 414 8.47 -42.59 44.73
N MET I 415 7.97 -41.46 44.24
CA MET I 415 8.84 -40.63 43.41
C MET I 415 10.02 -40.06 44.19
N GLY I 416 9.75 -39.43 45.33
CA GLY I 416 10.78 -38.71 46.04
C GLY I 416 10.79 -37.22 45.79
N ASN I 417 9.84 -36.71 45.00
CA ASN I 417 9.70 -35.28 44.78
C ASN I 417 8.23 -34.97 44.51
N ILE I 418 7.92 -33.68 44.45
CA ILE I 418 6.56 -33.21 44.25
C ILE I 418 6.38 -32.59 42.88
N ASP I 419 7.40 -32.66 42.02
CA ASP I 419 7.38 -31.94 40.75
C ASP I 419 6.75 -32.81 39.66
N PHE I 420 5.44 -32.99 39.79
CA PHE I 420 4.69 -33.75 38.81
C PHE I 420 3.22 -33.35 38.87
N ILE I 421 2.56 -33.47 37.73
CA ILE I 421 1.11 -33.30 37.63
C ILE I 421 0.46 -34.67 37.76
N THR I 422 -0.65 -34.74 38.49
CA THR I 422 -1.36 -35.99 38.71
C THR I 422 -2.82 -35.83 38.30
N THR I 423 -3.14 -36.26 37.08
CA THR I 423 -4.50 -36.22 36.55
C THR I 423 -5.22 -37.49 36.98
N MET I 424 -6.10 -37.37 37.97
CA MET I 424 -6.80 -38.54 38.48
C MET I 424 -7.78 -39.08 37.44
N GLY I 425 -7.88 -40.41 37.40
CA GLY I 425 -8.83 -41.08 36.54
C GLY I 425 -10.05 -41.55 37.31
N ALA I 426 -10.09 -42.83 37.64
CA ALA I 426 -11.18 -43.43 38.40
C ALA I 426 -11.04 -43.21 39.91
N GLY I 427 -10.18 -42.30 40.34
CA GLY I 427 -9.90 -42.18 41.76
C GLY I 427 -11.11 -41.74 42.59
N CYS I 428 -11.82 -40.72 42.12
CA CYS I 428 -12.93 -40.18 42.89
C CYS I 428 -14.14 -39.82 42.04
N HIS I 429 -14.13 -40.10 40.74
CA HIS I 429 -15.23 -39.74 39.87
C HIS I 429 -16.49 -40.53 40.21
N PRO I 432 -20.09 -40.17 46.10
CA PRO I 432 -21.39 -39.53 45.92
C PRO I 432 -21.47 -38.16 46.59
N LYS I 433 -20.35 -37.71 47.16
CA LYS I 433 -20.28 -36.41 47.81
C LYS I 433 -19.95 -35.28 46.85
N GLY I 434 -19.70 -35.59 45.58
CA GLY I 434 -19.45 -34.57 44.58
C GLY I 434 -17.98 -34.52 44.20
N THR I 435 -17.73 -34.10 42.95
CA THR I 435 -16.36 -33.93 42.49
C THR I 435 -15.65 -32.83 43.26
N THR I 436 -16.38 -31.79 43.64
CA THR I 436 -15.79 -30.71 44.43
C THR I 436 -15.29 -31.23 45.78
N ALA I 437 -16.07 -32.10 46.42
CA ALA I 437 -15.64 -32.68 47.69
C ALA I 437 -14.39 -33.53 47.52
N GLY I 438 -14.33 -34.31 46.43
CA GLY I 438 -13.13 -35.10 46.19
C GLY I 438 -11.91 -34.26 45.93
N ALA I 439 -12.06 -33.17 45.16
CA ALA I 439 -10.93 -32.27 44.94
C ALA I 439 -10.50 -31.60 46.24
N LYS I 440 -11.47 -31.23 47.08
CA LYS I 440 -11.13 -30.65 48.39
C LYS I 440 -10.39 -31.65 49.26
N ALA I 441 -10.81 -32.92 49.22
CA ALA I 441 -10.09 -33.94 49.97
C ALA I 441 -8.68 -34.12 49.45
N LEU I 442 -8.49 -34.07 48.13
CA LEU I 442 -7.16 -34.16 47.57
C LEU I 442 -6.28 -32.98 48.00
N VAL I 443 -6.84 -31.78 48.00
CA VAL I 443 -6.09 -30.61 48.43
C VAL I 443 -5.74 -30.71 49.91
N GLN I 444 -6.68 -31.20 50.72
CA GLN I 444 -6.41 -31.38 52.15
C GLN I 444 -5.31 -32.40 52.37
N ALA I 445 -5.31 -33.49 51.60
CA ALA I 445 -4.24 -34.47 51.71
C ALA I 445 -2.91 -33.87 51.31
N CYS I 446 -2.89 -33.06 50.26
CA CYS I 446 -1.64 -32.40 49.85
C CYS I 446 -1.13 -31.48 50.96
N GLU I 447 -2.03 -30.71 51.57
CA GLU I 447 -1.63 -29.81 52.65
C GLU I 447 -1.14 -30.59 53.87
N ALA I 448 -1.78 -31.73 54.15
CA ALA I 448 -1.33 -32.59 55.24
C ALA I 448 0.08 -33.12 54.98
N TYR I 449 0.34 -33.53 53.74
CA TYR I 449 1.69 -33.98 53.39
C TYR I 449 2.70 -32.85 53.53
N GLN I 450 2.34 -31.64 53.08
CA GLN I 450 3.25 -30.50 53.23
C GLN I 450 3.50 -30.19 54.69
N LYS I 451 2.45 -30.20 55.52
CA LYS I 451 2.63 -29.97 56.95
C LYS I 451 3.31 -31.13 57.66
N GLY I 452 3.40 -32.29 57.02
CA GLY I 452 3.94 -33.47 57.66
C GLY I 452 2.98 -34.22 58.54
N ILE I 453 1.73 -33.77 58.63
CA ILE I 453 0.73 -34.43 59.46
C ILE I 453 0.20 -35.65 58.72
N ASP I 454 -0.07 -36.71 59.48
CA ASP I 454 -0.63 -37.93 58.90
C ASP I 454 -2.04 -37.69 58.39
N ILE I 455 -2.45 -38.50 57.41
CA ILE I 455 -3.77 -38.35 56.81
C ILE I 455 -4.87 -38.59 57.84
N LYS I 456 -4.73 -39.65 58.63
CA LYS I 456 -5.74 -39.95 59.65
C LYS I 456 -5.82 -38.84 60.69
N GLU I 457 -4.67 -38.32 61.11
CA GLU I 457 -4.67 -37.20 62.05
C GLU I 457 -5.29 -35.96 61.42
N TYR I 458 -4.97 -35.70 60.15
CA TYR I 458 -5.54 -34.55 59.46
C TYR I 458 -7.03 -34.73 59.16
N ALA I 459 -7.54 -35.96 59.22
CA ALA I 459 -8.96 -36.20 58.98
C ALA I 459 -9.77 -36.04 60.26
N THR J 7 59.45 -40.96 16.11
CA THR J 7 59.47 -41.81 17.31
C THR J 7 60.05 -41.05 18.50
N GLN J 8 61.34 -40.71 18.41
CA GLN J 8 61.94 -39.89 19.45
C GLN J 8 61.33 -38.51 19.51
N LEU J 9 61.03 -37.93 18.35
CA LEU J 9 60.34 -36.64 18.30
C LEU J 9 59.00 -36.71 19.01
N ILE J 10 58.31 -37.85 18.92
CA ILE J 10 57.07 -38.03 19.68
C ILE J 10 57.36 -37.98 21.17
N LYS J 11 58.45 -38.62 21.61
CA LYS J 11 58.81 -38.59 23.02
C LYS J 11 59.12 -37.17 23.47
N THR J 12 59.63 -36.32 22.58
CA THR J 12 59.92 -34.95 22.94
C THR J 12 58.67 -34.14 23.25
N LEU J 13 57.50 -34.59 22.79
CA LEU J 13 56.27 -33.85 22.98
C LEU J 13 55.72 -34.02 24.39
N ASN J 14 55.03 -33.00 24.86
CA ASN J 14 54.22 -33.14 26.07
C ASN J 14 52.85 -33.69 25.68
N ILE J 15 52.01 -33.94 26.69
CA ILE J 15 50.72 -34.59 26.44
C ILE J 15 49.82 -33.70 25.59
N HIS J 16 49.80 -32.40 25.87
CA HIS J 16 48.98 -31.49 25.08
C HIS J 16 49.47 -31.42 23.64
N GLN J 17 50.79 -31.43 23.44
CA GLN J 17 51.33 -31.52 22.09
C GLN J 17 51.04 -32.88 21.48
N LYS J 18 51.08 -33.94 22.29
CA LYS J 18 50.75 -35.28 21.80
C LYS J 18 49.33 -35.34 21.27
N GLY J 19 48.42 -34.56 21.84
CA GLY J 19 47.05 -34.54 21.37
C GLY J 19 46.88 -34.01 19.95
N TYR J 20 47.90 -33.37 19.39
CA TYR J 20 47.83 -32.81 18.05
C TYR J 20 48.71 -33.55 17.04
N VAL J 21 49.28 -34.68 17.43
CA VAL J 21 50.13 -35.48 16.55
C VAL J 21 49.60 -36.90 16.52
N ASN J 22 49.34 -37.41 15.32
CA ASN J 22 48.92 -38.80 15.15
C ASN J 22 49.48 -39.30 13.81
N PHE J 23 50.68 -39.89 13.87
CA PHE J 23 51.26 -40.47 12.66
C PHE J 23 50.55 -41.75 12.23
N ASP J 24 49.72 -42.32 13.10
CA ASP J 24 48.95 -43.52 12.79
C ASP J 24 47.51 -43.19 12.42
N LEU J 25 47.28 -42.02 11.83
CA LEU J 25 45.95 -41.66 11.34
C LEU J 25 45.54 -42.65 10.28
N PRO J 26 44.41 -43.35 10.43
CA PRO J 26 44.11 -44.47 9.53
C PRO J 26 44.00 -44.06 8.07
N ASN J 27 43.18 -43.06 7.76
CA ASN J 27 42.98 -42.60 6.39
C ASN J 27 42.82 -41.09 6.40
N PRO J 28 43.89 -40.35 6.10
CA PRO J 28 43.75 -38.88 6.01
C PRO J 28 42.76 -38.43 4.95
N LYS J 29 42.53 -39.26 3.93
CA LYS J 29 41.59 -38.94 2.86
C LYS J 29 40.22 -39.56 3.07
N ASN J 30 39.88 -39.91 4.32
CA ASN J 30 38.60 -40.53 4.60
C ASN J 30 37.42 -39.60 4.33
N GLY J 31 37.66 -38.31 4.14
CA GLY J 31 36.62 -37.34 3.88
C GLY J 31 36.31 -36.42 5.04
N GLU J 32 36.91 -36.65 6.21
CA GLU J 32 36.67 -35.82 7.38
C GLU J 32 37.66 -34.69 7.53
N TYR J 33 38.77 -34.71 6.79
CA TYR J 33 39.88 -33.79 7.01
C TYR J 33 40.19 -33.00 5.75
N LEU J 34 40.45 -31.70 5.94
CA LEU J 34 41.21 -30.90 5.00
C LEU J 34 42.68 -31.22 5.21
N LEU J 35 43.34 -31.73 4.19
CA LEU J 35 44.76 -32.08 4.30
C LEU J 35 45.60 -30.88 3.90
N ALA J 36 46.58 -30.55 4.74
CA ALA J 36 47.45 -29.41 4.50
C ALA J 36 48.89 -29.81 4.75
N VAL J 37 49.77 -29.50 3.80
CA VAL J 37 51.20 -29.76 3.94
C VAL J 37 51.92 -28.42 4.08
N PHE J 38 52.73 -28.31 5.12
CA PHE J 38 53.46 -27.08 5.44
C PHE J 38 54.96 -27.33 5.30
N HIS J 39 55.67 -26.32 4.80
CA HIS J 39 57.11 -26.26 4.97
C HIS J 39 57.38 -25.56 6.29
N LEU J 40 57.89 -26.30 7.26
CA LEU J 40 57.99 -25.83 8.64
C LEU J 40 59.43 -25.92 9.12
N ILE J 41 59.95 -24.80 9.62
CA ILE J 41 61.21 -24.76 10.36
C ILE J 41 60.93 -24.08 11.69
N SER J 42 61.31 -24.74 12.79
CA SER J 42 60.95 -24.24 14.10
C SER J 42 61.75 -22.98 14.45
N GLY J 43 61.17 -22.16 15.32
CA GLY J 43 61.78 -20.91 15.71
C GLY J 43 62.62 -20.99 16.97
N GLY J 44 63.60 -21.89 16.98
CA GLY J 44 64.56 -21.95 18.07
C GLY J 44 64.09 -22.74 19.27
N LYS J 45 64.93 -23.64 19.76
CA LYS J 45 64.74 -24.47 20.96
C LYS J 45 63.62 -25.49 20.81
N LEU J 46 62.90 -25.50 19.69
CA LEU J 46 61.87 -26.48 19.42
C LEU J 46 62.28 -27.35 18.24
N ASN J 47 61.95 -28.64 18.30
CA ASN J 47 62.15 -29.49 17.15
C ASN J 47 60.98 -29.34 16.18
N ILE J 48 61.10 -30.00 15.03
CA ILE J 48 60.09 -29.83 13.98
C ILE J 48 58.74 -30.36 14.43
N LEU J 49 58.73 -31.44 15.21
CA LEU J 49 57.45 -32.02 15.62
C LEU J 49 56.78 -31.18 16.70
N GLN J 50 57.56 -30.60 17.61
CA GLN J 50 56.98 -29.72 18.62
C GLN J 50 56.35 -28.48 17.99
N ALA J 51 57.07 -27.87 17.05
CA ALA J 51 56.53 -26.72 16.34
C ALA J 51 55.33 -27.11 15.49
N ALA J 52 55.35 -28.30 14.90
CA ALA J 52 54.21 -28.79 14.14
C ALA J 52 52.99 -28.96 15.03
N ALA J 53 53.19 -29.51 16.23
CA ALA J 53 52.09 -29.66 17.18
C ALA J 53 51.56 -28.30 17.62
N GLU J 54 52.45 -27.33 17.83
CA GLU J 54 52.00 -25.98 18.16
C GLU J 54 51.19 -25.38 17.03
N VAL J 55 51.64 -25.56 15.79
CA VAL J 55 50.92 -25.02 14.64
C VAL J 55 49.55 -25.68 14.52
N ALA J 56 49.47 -26.99 14.72
CA ALA J 56 48.20 -27.70 14.66
C ALA J 56 47.27 -27.23 15.77
N ALA J 57 47.79 -27.01 16.97
CA ALA J 57 46.98 -26.51 18.07
C ALA J 57 46.43 -25.12 17.76
N GLU J 58 47.32 -24.20 17.38
CA GLU J 58 46.90 -22.81 17.12
C GLU J 58 45.98 -22.72 15.91
N SER J 59 46.06 -23.67 14.98
CA SER J 59 45.23 -23.62 13.79
C SER J 59 43.95 -24.44 13.93
N SER J 60 43.75 -25.21 15.00
CA SER J 60 42.48 -25.89 15.20
C SER J 60 41.77 -25.51 16.49
N THR J 61 42.36 -25.83 17.65
CA THR J 61 41.67 -25.71 18.92
C THR J 61 42.49 -25.06 20.01
N GLY J 62 43.80 -24.89 19.85
CA GLY J 62 44.60 -24.11 20.77
C GLY J 62 44.61 -24.64 22.19
N THR J 63 44.77 -25.94 22.37
CA THR J 63 44.89 -26.52 23.70
C THR J 63 46.29 -27.10 23.81
N ASN J 64 47.24 -26.23 24.15
CA ASN J 64 48.63 -26.61 24.36
C ASN J 64 49.01 -26.57 25.83
N PHE J 65 48.03 -26.35 26.71
CA PHE J 65 48.25 -26.30 28.15
C PHE J 65 47.10 -27.02 28.82
N ASN J 66 47.29 -27.35 30.10
CA ASN J 66 46.26 -28.06 30.86
C ASN J 66 45.17 -27.08 31.25
N VAL J 67 43.97 -27.29 30.72
CA VAL J 67 42.80 -26.48 31.07
C VAL J 67 41.69 -27.43 31.48
N ASN J 68 40.93 -27.03 32.52
CA ASN J 68 39.84 -27.86 33.00
C ASN J 68 38.60 -27.78 32.10
N THR J 69 38.60 -26.90 31.10
CA THR J 69 37.49 -26.78 30.16
C THR J 69 37.64 -27.70 28.96
N GLU J 70 38.71 -28.48 28.89
CA GLU J 70 38.90 -29.40 27.77
C GLU J 70 37.85 -30.50 27.80
N THR J 71 37.26 -30.79 26.64
CA THR J 71 36.26 -31.82 26.49
C THR J 71 36.74 -32.87 25.50
N PRO J 72 36.23 -34.11 25.59
CA PRO J 72 36.60 -35.11 24.57
C PRO J 72 36.21 -34.71 23.16
N PHE J 73 35.11 -33.97 23.00
CA PHE J 73 34.72 -33.54 21.67
C PHE J 73 35.69 -32.50 21.11
N SER J 74 36.15 -31.58 21.96
CA SER J 74 37.18 -30.65 21.53
C SER J 74 38.46 -31.37 21.14
N LYS J 75 38.76 -32.48 21.82
CA LYS J 75 39.87 -33.33 21.39
C LYS J 75 39.58 -33.94 20.02
N GLU J 76 38.33 -34.32 19.77
CA GLU J 76 37.96 -34.83 18.45
C GLU J 76 38.16 -33.78 17.37
N MET J 77 38.03 -32.50 17.72
CA MET J 77 38.21 -31.42 16.76
C MET J 77 39.67 -31.04 16.53
N ASN J 78 40.61 -31.69 17.20
CA ASN J 78 42.03 -31.35 17.06
C ASN J 78 42.51 -31.58 15.63
N ALA J 79 43.29 -30.62 15.11
CA ALA J 79 44.08 -30.88 13.93
C ALA J 79 45.23 -31.82 14.29
N VAL J 80 45.58 -32.70 13.36
CA VAL J 80 46.52 -33.77 13.65
C VAL J 80 47.67 -33.71 12.65
N VAL J 81 48.89 -33.68 13.17
CA VAL J 81 50.08 -33.92 12.36
C VAL J 81 50.16 -35.42 12.12
N TYR J 82 49.97 -35.85 10.88
CA TYR J 82 49.95 -37.26 10.54
C TYR J 82 51.13 -37.70 9.69
N GLN J 83 51.90 -36.77 9.14
CA GLN J 83 53.06 -37.11 8.33
C GLN J 83 54.09 -36.01 8.45
N ILE J 84 55.35 -36.39 8.57
CA ILE J 84 56.45 -35.44 8.66
C ILE J 84 57.56 -35.90 7.73
N ASP J 85 58.32 -34.93 7.23
CA ASP J 85 59.47 -35.20 6.35
C ASP J 85 60.65 -34.42 6.92
N LEU J 86 61.50 -35.10 7.68
CA LEU J 86 62.58 -34.42 8.39
C LEU J 86 63.58 -33.80 7.41
N ASP J 87 63.91 -34.51 6.33
CA ASP J 87 64.89 -34.01 5.38
C ASP J 87 64.41 -32.74 4.68
N GLN J 88 63.14 -32.72 4.27
CA GLN J 88 62.58 -31.60 3.53
C GLN J 88 61.85 -30.61 4.43
N ASN J 89 61.80 -30.85 5.73
CA ASN J 89 61.11 -29.97 6.69
C ASN J 89 59.64 -29.78 6.30
N LEU J 90 58.98 -30.89 5.99
CA LEU J 90 57.58 -30.87 5.58
C LEU J 90 56.71 -31.48 6.67
N VAL J 91 55.56 -30.87 6.91
CA VAL J 91 54.60 -31.32 7.91
C VAL J 91 53.23 -31.42 7.26
N TRP J 92 52.58 -32.57 7.41
CA TRP J 92 51.22 -32.78 6.95
C TRP J 92 50.28 -32.70 8.14
N ILE J 93 49.27 -31.84 8.06
CA ILE J 93 48.30 -31.66 9.14
C ILE J 93 46.91 -31.91 8.57
N ALA J 94 46.12 -32.70 9.29
CA ALA J 94 44.75 -33.00 8.91
C ALA J 94 43.81 -32.15 9.74
N TYR J 95 43.05 -31.28 9.07
CA TYR J 95 42.11 -30.40 9.75
C TYR J 95 40.71 -30.96 9.60
N PRO J 96 40.06 -31.40 10.68
CA PRO J 96 38.64 -31.78 10.58
C PRO J 96 37.82 -30.61 10.07
N TRP J 97 37.22 -30.75 8.88
CA TRP J 97 36.57 -29.58 8.30
C TRP J 97 35.27 -29.22 9.00
N ARG J 98 34.89 -29.96 10.05
CA ARG J 98 33.85 -29.49 10.95
C ARG J 98 34.27 -28.23 11.70
N LEU J 99 35.58 -27.98 11.81
CA LEU J 99 36.06 -26.73 12.41
C LEU J 99 35.60 -25.51 11.64
N PHE J 100 35.44 -25.64 10.34
CA PHE J 100 35.26 -24.47 9.48
C PHE J 100 33.83 -23.97 9.54
N ASP J 101 33.69 -22.65 9.42
CA ASP J 101 32.38 -22.01 9.45
C ASP J 101 31.49 -22.58 8.35
N ARG J 102 30.24 -22.85 8.71
CA ARG J 102 29.29 -23.36 7.74
C ARG J 102 28.86 -22.27 6.77
N GLY J 103 28.24 -22.68 5.68
CA GLY J 103 27.84 -21.75 4.64
C GLY J 103 28.90 -21.45 3.62
N GLY J 104 29.91 -22.31 3.46
CA GLY J 104 30.96 -22.09 2.49
C GLY J 104 31.87 -20.92 2.76
N ASN J 105 32.26 -20.72 4.01
CA ASN J 105 33.13 -19.61 4.39
C ASN J 105 34.57 -19.98 4.09
N VAL J 106 35.17 -19.32 3.09
CA VAL J 106 36.56 -19.59 2.73
C VAL J 106 37.51 -18.82 3.64
N GLN J 107 37.21 -17.55 3.92
CA GLN J 107 38.06 -16.77 4.81
C GLN J 107 38.18 -17.42 6.18
N ASN J 108 37.18 -18.20 6.61
CA ASN J 108 37.30 -18.91 7.88
C ASN J 108 38.36 -20.00 7.81
N ILE J 109 38.40 -20.76 6.72
CA ILE J 109 39.46 -21.75 6.55
C ILE J 109 40.82 -21.07 6.54
N LEU J 110 40.93 -19.94 5.83
CA LEU J 110 42.20 -19.24 5.77
C LEU J 110 42.60 -18.71 7.14
N THR J 111 41.63 -18.23 7.91
CA THR J 111 41.88 -17.81 9.29
C THR J 111 42.41 -18.96 10.13
N TYR J 112 41.83 -20.15 9.95
CA TYR J 112 42.31 -21.32 10.66
C TYR J 112 43.75 -21.66 10.29
N ILE J 113 43.99 -21.96 9.00
CA ILE J 113 45.22 -22.65 8.62
C ILE J 113 46.37 -21.72 8.23
N VAL J 114 46.08 -20.50 7.77
CA VAL J 114 47.14 -19.54 7.47
C VAL J 114 46.88 -18.25 8.22
N GLY J 115 46.26 -18.35 9.39
CA GLY J 115 45.99 -17.18 10.20
C GLY J 115 47.05 -16.91 11.25
N ASN J 116 46.70 -17.10 12.52
CA ASN J 116 47.60 -16.81 13.62
C ASN J 116 48.85 -17.67 13.60
N VAL J 117 48.83 -18.81 12.90
CA VAL J 117 50.02 -19.66 12.84
C VAL J 117 51.17 -18.94 12.17
N LEU J 118 50.87 -18.04 11.23
CA LEU J 118 51.93 -17.31 10.55
C LEU J 118 52.67 -16.36 11.50
N GLY J 119 51.98 -15.87 12.52
CA GLY J 119 52.60 -14.99 13.49
C GLY J 119 53.23 -15.66 14.69
N MET J 120 53.25 -16.98 14.73
CA MET J 120 53.81 -17.68 15.88
C MET J 120 55.33 -17.59 15.89
N LYS J 121 55.87 -17.27 17.07
CA LYS J 121 57.32 -17.29 17.26
C LYS J 121 57.89 -18.71 17.23
N GLU J 122 57.03 -19.73 17.34
CA GLU J 122 57.50 -21.11 17.35
C GLU J 122 58.04 -21.57 16.00
N VAL J 123 57.77 -20.84 14.92
CA VAL J 123 58.23 -21.21 13.59
C VAL J 123 59.07 -20.06 13.03
N SER J 124 60.24 -20.41 12.50
CA SER J 124 61.02 -19.44 11.73
C SER J 124 60.55 -19.42 10.28
N ALA J 125 60.01 -20.52 9.78
CA ALA J 125 59.42 -20.59 8.45
C ALA J 125 58.14 -21.42 8.54
N LEU J 126 57.09 -20.96 7.86
CA LEU J 126 55.83 -21.69 7.83
C LEU J 126 55.13 -21.32 6.52
N LYS J 127 55.25 -22.21 5.53
CA LYS J 127 54.67 -21.98 4.21
C LYS J 127 53.70 -23.11 3.90
N LEU J 128 52.42 -22.77 3.81
CA LEU J 128 51.42 -23.73 3.37
C LEU J 128 51.60 -24.00 1.88
N LEU J 129 52.09 -25.19 1.55
CA LEU J 129 52.45 -25.51 0.16
C LEU J 129 51.27 -26.05 -0.64
N ASP J 130 50.41 -26.84 -0.01
CA ASP J 130 49.29 -27.44 -0.72
C ASP J 130 48.21 -27.82 0.27
N VAL J 131 46.98 -27.85 -0.22
CA VAL J 131 45.83 -28.32 0.56
C VAL J 131 45.06 -29.32 -0.28
N TRP J 132 44.38 -30.24 0.39
CA TRP J 132 43.57 -31.25 -0.27
C TRP J 132 42.16 -31.20 0.31
N PHE J 133 41.18 -30.91 -0.55
CA PHE J 133 39.80 -30.82 -0.11
C PHE J 133 39.11 -32.15 -0.34
N PRO J 134 38.53 -32.78 0.68
CA PRO J 134 37.73 -33.99 0.46
C PRO J 134 36.41 -33.64 -0.22
N PRO J 135 35.81 -34.58 -0.93
CA PRO J 135 34.53 -34.30 -1.60
C PRO J 135 33.43 -33.86 -0.64
N ALA J 136 33.39 -34.42 0.56
CA ALA J 136 32.36 -34.03 1.52
C ALA J 136 32.53 -32.57 1.93
N MET J 137 33.77 -32.11 2.09
CA MET J 137 34.01 -30.70 2.36
C MET J 137 33.69 -29.84 1.16
N LEU J 138 34.06 -30.29 -0.04
CA LEU J 138 33.81 -29.50 -1.25
C LEU J 138 32.32 -29.23 -1.46
N GLU J 139 31.45 -30.05 -0.87
CA GLU J 139 30.02 -29.84 -1.00
C GLU J 139 29.57 -28.55 -0.35
N GLN J 140 30.28 -28.09 0.68
CA GLN J 140 29.86 -26.91 1.42
C GLN J 140 30.13 -25.61 0.68
N TYR J 141 30.93 -25.65 -0.39
CA TYR J 141 31.42 -24.44 -1.03
C TYR J 141 30.92 -24.35 -2.47
N ASP J 142 30.67 -23.12 -2.91
CA ASP J 142 30.06 -22.89 -4.21
C ASP J 142 30.96 -23.34 -5.35
N GLY J 143 32.21 -22.89 -5.35
CA GLY J 143 33.04 -22.99 -6.52
C GLY J 143 32.61 -21.98 -7.56
N PRO J 144 33.30 -21.93 -8.70
CA PRO J 144 32.88 -21.01 -9.76
C PRO J 144 31.54 -21.44 -10.37
N SER J 145 30.75 -20.45 -10.75
CA SER J 145 29.52 -20.66 -11.49
C SER J 145 29.58 -20.13 -12.91
N TYR J 146 30.43 -19.14 -13.15
CA TYR J 146 30.73 -18.63 -14.48
C TYR J 146 32.16 -18.99 -14.81
N THR J 147 32.40 -19.46 -16.03
CA THR J 147 33.69 -20.01 -16.38
C THR J 147 34.22 -19.34 -17.64
N LEU J 148 35.46 -19.67 -17.98
CA LEU J 148 36.03 -19.22 -19.24
C LEU J 148 35.26 -19.78 -20.43
N ASP J 149 34.63 -20.94 -20.27
CA ASP J 149 33.79 -21.48 -21.33
C ASP J 149 32.57 -20.61 -21.59
N ASP J 150 31.98 -20.05 -20.52
CA ASP J 150 30.86 -19.14 -20.70
C ASP J 150 31.29 -17.87 -21.45
N MET J 151 32.45 -17.34 -21.10
CA MET J 151 32.97 -16.18 -21.81
C MET J 151 33.32 -16.52 -23.26
N ARG J 152 33.80 -17.74 -23.50
CA ARG J 152 34.05 -18.20 -24.86
C ARG J 152 32.75 -18.28 -25.66
N LYS J 153 31.69 -18.78 -25.03
CA LYS J 153 30.40 -18.85 -25.69
C LYS J 153 29.87 -17.46 -26.02
N TYR J 154 30.01 -16.51 -25.10
CA TYR J 154 29.60 -15.14 -25.39
C TYR J 154 30.43 -14.54 -26.51
N LEU J 155 31.75 -14.75 -26.48
CA LEU J 155 32.64 -14.14 -27.44
C LEU J 155 32.66 -14.87 -28.77
N ASN J 156 32.15 -16.10 -28.81
CA ASN J 156 32.28 -16.99 -29.97
C ASN J 156 33.76 -17.08 -30.35
N VAL J 157 34.59 -17.34 -29.33
CA VAL J 157 36.02 -17.49 -29.50
C VAL J 157 36.41 -18.86 -28.95
N TYR J 158 37.06 -19.66 -29.79
CA TYR J 158 37.55 -20.98 -29.40
C TYR J 158 38.87 -21.23 -30.10
N ASP J 159 39.53 -22.32 -29.70
CA ASP J 159 40.77 -22.82 -30.30
C ASP J 159 41.96 -21.90 -30.07
N ARG J 160 41.78 -20.76 -29.40
CA ARG J 160 42.87 -19.86 -29.07
C ARG J 160 42.63 -19.30 -27.68
N PRO J 161 43.69 -18.89 -26.99
CA PRO J 161 43.51 -18.23 -25.69
C PRO J 161 42.80 -16.89 -25.86
N ILE J 162 42.03 -16.53 -24.84
CA ILE J 162 41.38 -15.22 -24.83
C ILE J 162 42.46 -14.15 -24.73
N LEU J 163 42.45 -13.20 -25.66
CA LEU J 163 43.47 -12.17 -25.73
C LEU J 163 43.01 -10.96 -24.92
N GLY J 164 43.82 -10.58 -23.93
CA GLY J 164 43.46 -9.49 -23.05
C GLY J 164 44.58 -8.45 -22.99
N THR J 165 44.25 -7.31 -22.39
CA THR J 165 45.22 -6.24 -22.27
C THR J 165 44.95 -5.44 -21.00
N ILE J 166 46.01 -4.80 -20.51
CA ILE J 166 45.90 -3.72 -19.54
C ILE J 166 46.17 -2.43 -20.27
N ILE J 167 45.49 -1.37 -19.85
CA ILE J 167 45.66 -0.06 -20.46
C ILE J 167 46.85 0.63 -19.82
N LYS J 168 47.74 1.17 -20.65
CA LYS J 168 48.91 1.91 -20.21
C LYS J 168 48.77 3.36 -20.65
N PRO J 169 48.92 4.35 -19.76
CA PRO J 169 49.25 4.24 -18.32
C PRO J 169 48.17 3.54 -17.49
N LYS J 170 48.58 2.89 -16.39
CA LYS J 170 47.63 2.23 -15.51
C LYS J 170 46.58 3.20 -14.99
N MET J 171 47.03 4.37 -14.52
CA MET J 171 46.18 5.37 -13.93
C MET J 171 46.54 6.73 -14.51
N GLY J 172 45.74 7.73 -14.15
CA GLY J 172 45.97 9.08 -14.63
C GLY J 172 45.34 9.39 -15.97
N LEU J 173 44.64 8.44 -16.58
CA LEU J 173 43.90 8.70 -17.80
C LEU J 173 42.47 9.08 -17.46
N THR J 174 41.87 9.86 -18.35
CA THR J 174 40.47 10.19 -18.20
C THR J 174 39.61 9.01 -18.66
N SER J 175 38.30 9.09 -18.35
CA SER J 175 37.40 8.04 -18.80
C SER J 175 37.41 7.92 -20.31
N ALA J 176 37.42 9.06 -21.01
CA ALA J 176 37.47 9.03 -22.46
C ALA J 176 38.78 8.46 -22.97
N GLU J 177 39.91 8.85 -22.36
CA GLU J 177 41.20 8.32 -22.79
C GLU J 177 41.29 6.81 -22.55
N TYR J 178 40.85 6.37 -21.37
CA TYR J 178 40.86 4.93 -21.07
C TYR J 178 39.97 4.16 -22.02
N ALA J 179 38.76 4.68 -22.27
CA ALA J 179 37.85 4.02 -23.20
C ALA J 179 38.42 3.99 -24.61
N GLU J 180 39.10 5.06 -25.01
CA GLU J 180 39.72 5.10 -26.33
C GLU J 180 40.81 4.06 -26.46
N ALA J 181 41.65 3.90 -25.43
CA ALA J 181 42.68 2.87 -25.47
C ALA J 181 42.06 1.47 -25.48
N ALA J 182 40.99 1.26 -24.70
CA ALA J 182 40.29 -0.01 -24.71
C ALA J 182 39.72 -0.31 -26.09
N TYR J 183 39.11 0.69 -26.74
CA TYR J 183 38.59 0.51 -28.09
C TYR J 183 39.72 0.23 -29.07
N ASP J 184 40.86 0.90 -28.91
CA ASP J 184 41.99 0.66 -29.79
C ASP J 184 42.46 -0.77 -29.71
N PHE J 185 42.50 -1.34 -28.51
CA PHE J 185 42.85 -2.75 -28.38
C PHE J 185 41.76 -3.65 -28.93
N TRP J 186 40.49 -3.34 -28.64
CA TRP J 186 39.39 -4.21 -29.05
C TRP J 186 39.27 -4.28 -30.58
N VAL J 187 39.29 -3.13 -31.23
CA VAL J 187 39.13 -3.07 -32.69
C VAL J 187 40.29 -3.74 -33.40
N GLY J 188 41.45 -3.85 -32.75
CA GLY J 188 42.55 -4.60 -33.31
C GLY J 188 42.41 -6.11 -33.21
N GLY J 189 41.27 -6.58 -32.73
CA GLY J 189 41.03 -8.01 -32.59
C GLY J 189 41.08 -8.52 -31.17
N GLY J 190 41.60 -7.73 -30.23
CA GLY J 190 41.63 -8.16 -28.85
C GLY J 190 40.24 -8.29 -28.25
N ASP J 191 40.05 -9.33 -27.45
CA ASP J 191 38.75 -9.64 -26.89
C ASP J 191 38.53 -9.06 -25.50
N PHE J 192 39.59 -8.83 -24.73
CA PHE J 192 39.48 -8.63 -23.29
C PHE J 192 40.25 -7.38 -22.88
N VAL J 193 39.60 -6.51 -22.12
CA VAL J 193 40.25 -5.35 -21.53
C VAL J 193 39.90 -5.30 -20.05
N KCX J 194 40.89 -5.08 -19.19
CA KCX J 194 40.62 -5.02 -17.77
CB KCX J 194 41.41 -6.11 -17.03
CG KCX J 194 42.91 -6.04 -17.22
CD KCX J 194 43.62 -7.13 -16.45
CE KCX J 194 43.39 -7.01 -14.95
NZ KCX J 194 43.87 -5.69 -14.43
C KCX J 194 40.95 -3.66 -17.18
O KCX J 194 41.92 -3.00 -17.59
CX KCX J 194 45.15 -5.53 -14.13
OQ1 KCX J 194 45.54 -4.44 -13.71
OQ2 KCX J 194 45.97 -6.46 -14.28
N ASN J 195 40.16 -3.24 -16.20
CA ASN J 195 40.51 -2.10 -15.37
C ASN J 195 41.78 -2.44 -14.62
N ASP J 196 42.61 -1.43 -14.36
CA ASP J 196 43.71 -1.62 -13.43
C ASP J 196 43.16 -2.00 -12.07
N GLU J 197 43.90 -2.86 -11.36
CA GLU J 197 43.38 -3.37 -10.09
C GLU J 197 43.08 -2.28 -9.05
N PRO J 198 43.73 -1.12 -9.03
CA PRO J 198 43.22 -0.01 -8.20
C PRO J 198 42.35 1.00 -8.94
N GLN J 199 42.03 0.75 -10.21
CA GLN J 199 41.20 1.69 -10.96
C GLN J 199 39.78 1.67 -10.44
N ALA J 200 39.31 2.80 -9.95
CA ALA J 200 38.04 2.92 -9.26
C ALA J 200 37.50 4.33 -9.49
N ASN J 201 36.58 4.77 -8.63
CA ASN J 201 36.01 6.10 -8.73
C ASN J 201 37.02 7.18 -8.35
N GLN J 202 38.06 7.34 -9.15
CA GLN J 202 38.99 8.45 -8.97
C GLN J 202 38.37 9.74 -9.49
N ASP J 203 38.82 10.87 -8.92
CA ASP J 203 38.23 12.16 -9.28
C ASP J 203 38.48 12.53 -10.73
N PHE J 204 39.61 12.11 -11.30
CA PHE J 204 39.93 12.44 -12.68
C PHE J 204 39.42 11.41 -13.67
N CYS J 205 39.05 10.22 -13.21
CA CYS J 205 38.42 9.19 -14.03
C CYS J 205 37.22 8.65 -13.27
N PRO J 206 36.13 9.42 -13.20
CA PRO J 206 34.97 9.00 -12.40
C PRO J 206 34.42 7.67 -12.87
N TYR J 207 33.95 6.87 -11.91
CA TYR J 207 33.58 5.49 -12.19
C TYR J 207 32.40 5.43 -13.16
N ASP J 208 31.36 6.21 -12.92
CA ASP J 208 30.18 6.17 -13.79
C ASP J 208 30.52 6.63 -15.21
N LYS J 209 31.31 7.70 -15.32
CA LYS J 209 31.75 8.15 -16.64
C LYS J 209 32.63 7.11 -17.31
N MET J 210 33.50 6.45 -16.54
CA MET J 210 34.33 5.39 -17.11
C MET J 210 33.48 4.26 -17.64
N VAL J 211 32.44 3.88 -16.90
CA VAL J 211 31.57 2.79 -17.32
C VAL J 211 30.83 3.16 -18.61
N ARG J 212 30.27 4.38 -18.66
CA ARG J 212 29.58 4.81 -19.88
C ARG J 212 30.52 4.90 -21.07
N ASN J 213 31.71 5.45 -20.87
CA ASN J 213 32.66 5.60 -21.97
C ASN J 213 33.14 4.23 -22.46
N VAL J 214 33.35 3.29 -21.53
CA VAL J 214 33.75 1.95 -21.93
C VAL J 214 32.62 1.25 -22.68
N LYS J 215 31.38 1.48 -22.26
CA LYS J 215 30.24 0.91 -22.98
C LYS J 215 30.20 1.44 -24.41
N ALA J 216 30.39 2.76 -24.57
CA ALA J 216 30.39 3.33 -25.92
C ALA J 216 31.55 2.78 -26.76
N ALA J 217 32.73 2.68 -26.17
CA ALA J 217 33.89 2.17 -26.90
C ALA J 217 33.69 0.72 -27.30
N MET J 218 33.13 -0.09 -26.40
CA MET J 218 32.88 -1.50 -26.72
C MET J 218 31.81 -1.63 -27.80
N ASP J 219 30.77 -0.81 -27.75
CA ASP J 219 29.77 -0.82 -28.80
C ASP J 219 30.40 -0.49 -30.15
N LYS J 220 31.23 0.55 -30.19
CA LYS J 220 31.88 0.93 -31.44
C LYS J 220 32.81 -0.17 -31.93
N ALA J 221 33.56 -0.79 -31.02
CA ALA J 221 34.46 -1.88 -31.42
C ALA J 221 33.69 -3.06 -31.97
N VAL J 222 32.55 -3.39 -31.35
CA VAL J 222 31.72 -4.48 -31.84
C VAL J 222 31.18 -4.17 -33.23
N LYS J 223 30.75 -2.93 -33.47
CA LYS J 223 30.24 -2.57 -34.78
C LYS J 223 31.33 -2.66 -35.85
N GLU J 224 32.51 -2.06 -35.59
CA GLU J 224 33.59 -2.13 -36.56
C GLU J 224 34.23 -3.51 -36.67
N THR J 225 33.93 -4.43 -35.76
CA THR J 225 34.52 -5.76 -35.83
C THR J 225 33.52 -6.88 -36.07
N GLY J 226 32.27 -6.71 -35.62
CA GLY J 226 31.33 -7.80 -35.59
C GLY J 226 31.51 -8.77 -34.44
N ASN J 227 32.72 -8.85 -33.89
CA ASN J 227 33.02 -9.75 -32.78
C ASN J 227 32.69 -9.06 -31.46
N LYS J 228 32.15 -9.85 -30.53
CA LYS J 228 31.85 -9.33 -29.21
C LYS J 228 33.14 -9.06 -28.44
N LYS J 229 33.03 -8.20 -27.42
CA LYS J 229 34.17 -7.82 -26.60
C LYS J 229 33.79 -7.89 -25.13
N VAL J 230 34.80 -8.09 -24.27
CA VAL J 230 34.60 -8.20 -22.83
C VAL J 230 35.49 -7.19 -22.13
N HIS J 231 34.90 -6.43 -21.21
CA HIS J 231 35.65 -5.55 -20.33
C HIS J 231 35.55 -6.01 -18.88
N SER J 232 36.66 -5.98 -18.17
CA SER J 232 36.72 -6.36 -16.76
C SER J 232 36.76 -5.11 -15.90
N PHE J 233 35.68 -4.87 -15.17
CA PHE J 233 35.54 -3.68 -14.33
C PHE J 233 35.96 -3.99 -12.91
N ASN J 234 36.90 -3.20 -12.38
CA ASN J 234 37.25 -3.31 -10.97
C ASN J 234 36.11 -2.80 -10.11
N VAL J 235 35.53 -3.69 -9.30
CA VAL J 235 34.46 -3.33 -8.40
C VAL J 235 34.91 -3.35 -6.95
N SER J 236 36.23 -3.45 -6.71
CA SER J 236 36.75 -3.32 -5.36
C SER J 236 36.51 -1.91 -4.85
N ALA J 237 35.82 -1.79 -3.72
CA ALA J 237 35.37 -0.52 -3.21
C ALA J 237 35.72 -0.43 -1.72
N ALA J 238 35.28 0.66 -1.09
CA ALA J 238 35.51 0.83 0.33
C ALA J 238 34.69 -0.17 1.15
N ASP J 239 33.45 -0.41 0.76
CA ASP J 239 32.56 -1.24 1.56
C ASP J 239 31.64 -2.06 0.65
N PHE J 240 30.81 -2.87 1.29
CA PHE J 240 29.89 -3.75 0.59
C PHE J 240 28.91 -2.96 -0.28
N ASP J 241 28.37 -1.87 0.27
CA ASP J 241 27.37 -1.09 -0.44
C ASP J 241 27.95 -0.44 -1.69
N THR J 242 29.15 0.13 -1.59
CA THR J 242 29.76 0.77 -2.76
C THR J 242 30.09 -0.24 -3.84
N MET J 243 30.57 -1.42 -3.46
CA MET J 243 30.80 -2.49 -4.43
C MET J 243 29.52 -2.88 -5.14
N ILE J 244 28.43 -3.08 -4.39
CA ILE J 244 27.17 -3.46 -5.03
C ILE J 244 26.67 -2.34 -5.92
N GLU J 245 26.85 -1.09 -5.49
CA GLU J 245 26.42 0.03 -6.31
C GLU J 245 27.18 0.08 -7.63
N ARG J 246 28.49 -0.16 -7.59
CA ARG J 246 29.27 -0.14 -8.82
C ARG J 246 28.90 -1.32 -9.72
N CYS J 247 28.65 -2.48 -9.13
CA CYS J 247 28.22 -3.64 -9.91
C CYS J 247 26.88 -3.36 -10.60
N GLU J 248 25.92 -2.81 -9.84
CA GLU J 248 24.61 -2.49 -10.42
C GLU J 248 24.74 -1.41 -11.49
N LEU J 249 25.63 -0.44 -11.30
CA LEU J 249 25.85 0.58 -12.31
C LEU J 249 26.39 -0.03 -13.60
N ILE J 250 27.29 -1.01 -13.48
CA ILE J 250 27.73 -1.74 -14.67
C ILE J 250 26.55 -2.47 -15.31
N ARG J 251 25.72 -3.12 -14.50
CA ARG J 251 24.59 -3.87 -15.03
C ARG J 251 23.60 -2.95 -15.76
N ASN J 252 23.30 -1.80 -15.16
CA ASN J 252 22.30 -0.88 -15.69
C ASN J 252 22.90 0.15 -16.64
N ALA J 253 24.10 -0.10 -17.16
CA ALA J 253 24.73 0.85 -18.07
C ALA J 253 23.91 1.06 -19.35
N GLY J 254 23.42 -0.02 -19.97
CA GLY J 254 23.47 -1.44 -19.70
C GLY J 254 24.19 -2.26 -20.75
N PHE J 255 25.23 -2.97 -20.31
CA PHE J 255 25.97 -3.85 -21.19
C PHE J 255 25.12 -5.09 -21.51
N GLU J 256 25.42 -5.71 -22.64
CA GLU J 256 24.86 -7.01 -22.92
C GLU J 256 25.47 -8.04 -21.98
N PRO J 257 24.68 -8.99 -21.47
CA PRO J 257 25.23 -9.97 -20.53
C PRO J 257 26.37 -10.76 -21.16
N GLY J 258 27.41 -10.99 -20.36
CA GLY J 258 28.63 -11.61 -20.83
C GLY J 258 29.71 -10.65 -21.26
N SER J 259 29.36 -9.40 -21.55
CA SER J 259 30.34 -8.42 -22.02
C SER J 259 31.14 -7.79 -20.88
N TYR J 260 30.69 -7.92 -19.65
CA TYR J 260 31.38 -7.32 -18.52
C TYR J 260 31.78 -8.39 -17.52
N ALA J 261 32.98 -8.24 -16.97
CA ALA J 261 33.48 -9.08 -15.89
C ALA J 261 33.75 -8.19 -14.67
N PHE J 262 33.41 -8.71 -13.50
CA PHE J 262 33.66 -7.99 -12.25
C PHE J 262 35.04 -8.36 -11.74
N LEU J 263 35.94 -7.38 -11.71
CA LEU J 263 37.26 -7.55 -11.13
C LEU J 263 37.22 -7.22 -9.65
N ILE J 264 37.80 -8.08 -8.83
CA ILE J 264 37.89 -7.86 -7.38
C ILE J 264 39.32 -8.10 -6.94
N ASP J 265 39.83 -7.20 -6.11
CA ASP J 265 41.14 -7.39 -5.48
C ASP J 265 40.94 -8.35 -4.32
N GLY J 266 41.10 -9.65 -4.60
CA GLY J 266 40.75 -10.66 -3.62
C GLY J 266 41.56 -10.58 -2.34
N ILE J 267 42.81 -10.12 -2.43
CA ILE J 267 43.66 -10.05 -1.25
C ILE J 267 43.32 -8.80 -0.43
N THR J 268 43.44 -7.61 -1.03
CA THR J 268 43.22 -6.38 -0.28
C THR J 268 41.75 -6.21 0.09
N ALA J 269 40.85 -6.36 -0.88
CA ALA J 269 39.43 -6.22 -0.59
C ALA J 269 38.90 -7.36 0.25
N GLY J 270 39.49 -8.53 0.13
CA GLY J 270 39.18 -9.64 1.02
C GLY J 270 38.37 -10.72 0.33
N TRP J 271 38.40 -11.91 0.96
CA TRP J 271 37.70 -13.06 0.43
C TRP J 271 36.19 -12.92 0.56
N MET J 272 35.72 -12.14 1.54
CA MET J 272 34.30 -11.91 1.67
C MET J 272 33.74 -11.19 0.45
N ALA J 273 34.49 -10.24 -0.10
CA ALA J 273 34.05 -9.56 -1.31
C ALA J 273 33.96 -10.53 -2.49
N VAL J 274 34.94 -11.43 -2.60
CA VAL J 274 34.93 -12.41 -3.68
C VAL J 274 33.70 -13.31 -3.57
N GLN J 275 33.44 -13.81 -2.35
CA GLN J 275 32.28 -14.69 -2.17
C GLN J 275 30.98 -13.94 -2.39
N THR J 276 30.91 -12.68 -1.95
CA THR J 276 29.70 -11.88 -2.17
C THR J 276 29.45 -11.66 -3.65
N LEU J 277 30.51 -11.36 -4.42
CA LEU J 277 30.36 -11.21 -5.86
C LEU J 277 29.91 -12.52 -6.50
N ARG J 278 30.48 -13.64 -6.04
CA ARG J 278 30.12 -14.94 -6.60
C ARG J 278 28.65 -15.25 -6.35
N ARG J 279 28.15 -14.98 -5.14
CA ARG J 279 26.79 -15.36 -4.79
C ARG J 279 25.76 -14.35 -5.27
N LYS J 280 26.12 -13.07 -5.40
CA LYS J 280 25.19 -12.07 -5.90
C LYS J 280 25.14 -12.04 -7.42
N TYR J 281 26.26 -12.39 -8.07
CA TYR J 281 26.36 -12.35 -9.52
C TYR J 281 26.95 -13.65 -10.03
N PRO J 282 26.20 -14.76 -9.91
CA PRO J 282 26.70 -16.04 -10.45
C PRO J 282 26.80 -16.06 -11.95
N ASP J 283 26.11 -15.17 -12.66
CA ASP J 283 26.11 -15.12 -14.11
C ASP J 283 27.18 -14.18 -14.65
N VAL J 284 28.06 -13.66 -13.79
CA VAL J 284 29.11 -12.74 -14.19
C VAL J 284 30.46 -13.38 -13.91
N PHE J 285 31.41 -13.19 -14.84
CA PHE J 285 32.76 -13.64 -14.63
C PHE J 285 33.39 -12.90 -13.45
N ILE J 286 33.81 -13.65 -12.43
CA ILE J 286 34.43 -13.08 -11.25
C ILE J 286 35.93 -13.10 -11.47
N HIS J 287 36.49 -11.93 -11.77
CA HIS J 287 37.91 -11.78 -12.06
C HIS J 287 38.66 -11.52 -10.75
N PHE J 288 39.36 -12.53 -10.27
CA PHE J 288 40.11 -12.45 -9.01
C PHE J 288 41.48 -11.86 -9.31
N HIS J 289 41.68 -10.61 -8.91
CA HIS J 289 43.00 -10.01 -8.95
C HIS J 289 43.68 -10.22 -7.61
N ARG J 290 44.91 -10.74 -7.64
CA ARG J 290 45.62 -11.13 -6.43
C ARG J 290 46.66 -10.10 -6.01
N ALA J 291 46.42 -8.83 -6.27
CA ALA J 291 47.34 -7.78 -5.83
C ALA J 291 47.49 -7.83 -4.31
N GLY J 292 48.74 -7.86 -3.86
CA GLY J 292 49.06 -8.02 -2.45
C GLY J 292 49.43 -9.42 -2.04
N HIS J 293 49.23 -10.41 -2.92
CA HIS J 293 49.53 -11.80 -2.60
C HIS J 293 51.01 -12.05 -2.36
N GLY J 294 51.88 -11.14 -2.82
CA GLY J 294 53.31 -11.40 -2.75
C GLY J 294 53.83 -11.67 -1.35
N SER J 295 53.19 -11.08 -0.34
CA SER J 295 53.61 -11.36 1.03
C SER J 295 53.41 -12.83 1.37
N PHE J 296 52.29 -13.41 0.95
CA PHE J 296 52.07 -14.83 1.21
C PHE J 296 52.92 -15.71 0.31
N THR J 297 53.00 -15.37 -0.98
CA THR J 297 53.40 -16.34 -2.00
C THR J 297 54.85 -16.23 -2.46
N ARG J 298 55.52 -15.11 -2.20
CA ARG J 298 56.87 -14.93 -2.74
C ARG J 298 57.83 -15.95 -2.14
N PRO J 299 58.68 -16.59 -2.94
CA PRO J 299 59.65 -17.54 -2.38
C PRO J 299 60.62 -16.90 -1.40
N GLU J 300 60.91 -15.60 -1.54
CA GLU J 300 61.76 -14.92 -0.58
C GLU J 300 61.12 -14.83 0.79
N ASN J 301 59.82 -15.03 0.89
CA ASN J 301 59.11 -14.98 2.16
C ASN J 301 59.00 -16.40 2.71
N PRO J 302 59.70 -16.75 3.79
CA PRO J 302 59.55 -18.10 4.36
C PRO J 302 58.17 -18.36 4.95
N ILE J 303 57.42 -17.33 5.29
CA ILE J 303 56.13 -17.46 5.96
C ILE J 303 55.03 -17.02 5.02
N GLY J 304 54.06 -17.90 4.79
CA GLY J 304 52.94 -17.58 3.92
C GLY J 304 52.28 -18.85 3.40
N PHE J 305 51.74 -18.74 2.18
CA PHE J 305 51.22 -19.90 1.48
C PHE J 305 51.54 -19.75 -0.01
N SER J 306 51.53 -20.87 -0.71
CA SER J 306 51.95 -20.92 -2.09
C SER J 306 50.90 -20.32 -3.02
N VAL J 307 51.30 -20.06 -4.26
CA VAL J 307 50.37 -19.60 -5.27
C VAL J 307 49.34 -20.67 -5.59
N LEU J 308 49.74 -21.95 -5.52
CA LEU J 308 48.80 -23.04 -5.73
C LEU J 308 47.68 -23.01 -4.70
N VAL J 309 48.04 -22.79 -3.43
CA VAL J 309 47.03 -22.69 -2.38
C VAL J 309 46.09 -21.52 -2.65
N LEU J 310 46.65 -20.37 -3.04
CA LEU J 310 45.84 -19.20 -3.33
C LEU J 310 44.87 -19.46 -4.47
N SER J 311 45.34 -20.10 -5.54
CA SER J 311 44.46 -20.39 -6.67
C SER J 311 43.38 -21.41 -6.28
N LYS J 312 43.74 -22.42 -5.48
CA LYS J 312 42.76 -23.39 -5.05
C LYS J 312 41.67 -22.74 -4.20
N PHE J 313 42.06 -21.86 -3.27
CA PHE J 313 41.06 -21.20 -2.45
C PHE J 313 40.26 -20.18 -3.24
N ALA J 314 40.86 -19.57 -4.27
CA ALA J 314 40.09 -18.69 -5.14
C ALA J 314 39.03 -19.47 -5.90
N ARG J 315 39.39 -20.65 -6.40
CA ARG J 315 38.41 -21.52 -7.04
C ARG J 315 37.32 -21.94 -6.07
N LEU J 316 37.71 -22.28 -4.84
CA LEU J 316 36.72 -22.66 -3.83
C LEU J 316 35.77 -21.51 -3.53
N ALA J 317 36.28 -20.29 -3.46
CA ALA J 317 35.45 -19.13 -3.15
C ALA J 317 34.50 -18.77 -4.28
N GLY J 318 34.74 -19.25 -5.49
CA GLY J 318 33.88 -18.99 -6.61
C GLY J 318 34.43 -18.04 -7.66
N ALA J 319 35.73 -17.79 -7.67
CA ALA J 319 36.31 -16.91 -8.67
C ALA J 319 36.32 -17.59 -10.03
N SER J 320 35.83 -16.89 -11.06
CA SER J 320 35.85 -17.43 -12.41
C SER J 320 37.27 -17.54 -12.94
N GLY J 321 38.12 -16.58 -12.63
CA GLY J 321 39.50 -16.60 -13.07
C GLY J 321 40.38 -15.88 -12.08
N ILE J 322 41.65 -16.28 -12.05
CA ILE J 322 42.64 -15.70 -11.15
C ILE J 322 43.95 -15.54 -11.90
N HIS J 323 44.68 -14.48 -11.57
CA HIS J 323 45.96 -14.23 -12.21
C HIS J 323 46.98 -15.29 -11.84
N THR J 324 47.85 -15.61 -12.80
CA THR J 324 48.92 -16.59 -12.58
C THR J 324 50.30 -16.07 -12.93
N GLY J 325 50.44 -15.14 -13.86
CA GLY J 325 51.74 -14.60 -14.22
C GLY J 325 52.35 -15.27 -15.44
N HIS J 354 51.22 -30.79 -6.91
CA HIS J 354 52.52 -30.47 -6.33
C HIS J 354 52.81 -31.39 -5.14
N PHE J 355 51.87 -31.47 -4.22
CA PHE J 355 51.98 -32.34 -3.06
C PHE J 355 50.79 -33.25 -2.84
N PHE J 356 49.63 -32.93 -3.41
CA PHE J 356 48.43 -33.75 -3.28
C PHE J 356 47.91 -34.08 -4.67
N GLU J 357 47.28 -35.26 -4.79
CA GLU J 357 46.58 -35.64 -6.01
C GLU J 357 45.13 -35.18 -5.87
N GLN J 358 44.90 -33.90 -6.15
CA GLN J 358 43.62 -33.26 -5.90
C GLN J 358 42.72 -33.36 -7.12
N GLU J 359 41.57 -34.00 -6.95
CA GLU J 359 40.52 -34.01 -7.95
C GLU J 359 39.36 -33.16 -7.43
N TRP J 360 38.87 -32.25 -8.28
CA TRP J 360 37.90 -31.25 -7.85
C TRP J 360 36.46 -31.70 -8.02
N SER J 361 36.21 -32.99 -7.93
CA SER J 361 34.93 -33.51 -7.47
C SER J 361 35.11 -33.92 -6.01
N LYS J 362 34.04 -33.87 -5.20
CA LYS J 362 32.58 -33.80 -5.18
C LYS J 362 31.99 -35.18 -5.46
N ILE J 363 32.85 -36.11 -5.86
CA ILE J 363 32.56 -37.54 -5.86
C ILE J 363 33.84 -38.27 -5.48
N PHE J 364 33.70 -39.37 -4.77
CA PHE J 364 34.85 -40.17 -4.39
C PHE J 364 35.33 -41.01 -5.57
N TRP J 389 26.98 -30.55 -11.60
CA TRP J 389 26.76 -31.08 -10.25
C TRP J 389 27.84 -32.08 -9.88
N ARG J 390 28.46 -32.70 -10.89
CA ARG J 390 29.43 -33.76 -10.63
C ARG J 390 30.65 -33.23 -9.89
N GLY J 391 31.12 -32.04 -10.24
CA GLY J 391 32.31 -31.49 -9.63
C GLY J 391 32.31 -29.99 -9.52
N VAL J 392 33.50 -29.42 -9.31
CA VAL J 392 33.67 -27.98 -9.17
C VAL J 392 34.16 -27.42 -10.50
N LYS J 393 33.54 -26.33 -10.95
CA LYS J 393 33.91 -25.72 -12.21
C LYS J 393 35.33 -25.15 -12.15
N LYS J 394 35.91 -24.97 -13.32
CA LYS J 394 37.32 -24.60 -13.44
C LYS J 394 37.51 -23.12 -13.14
N CYS J 395 38.68 -22.78 -12.61
CA CYS J 395 39.10 -21.40 -12.43
C CYS J 395 40.12 -21.09 -13.52
N CYS J 396 39.79 -20.15 -14.39
CA CYS J 396 40.62 -19.88 -15.56
C CYS J 396 41.90 -19.17 -15.15
N PRO J 397 43.07 -19.64 -15.60
CA PRO J 397 44.29 -18.86 -15.39
C PRO J 397 44.27 -17.57 -16.20
N ILE J 398 44.82 -16.51 -15.62
CA ILE J 398 44.92 -15.22 -16.28
C ILE J 398 46.39 -14.83 -16.30
N ILE J 399 46.93 -14.65 -17.50
CA ILE J 399 48.36 -14.41 -17.69
C ILE J 399 48.59 -12.91 -17.88
N SER J 400 49.59 -12.39 -17.19
CA SER J 400 49.88 -10.95 -17.20
C SER J 400 51.36 -10.73 -17.47
N GLY J 401 51.66 -9.82 -18.38
CA GLY J 401 53.02 -9.33 -18.54
C GLY J 401 53.72 -9.72 -19.83
N GLY J 402 53.75 -8.80 -20.79
CA GLY J 402 54.66 -8.88 -21.92
C GLY J 402 54.58 -10.10 -22.80
N LEU J 403 53.37 -10.49 -23.24
CA LEU J 403 53.20 -11.63 -24.13
C LEU J 403 52.95 -11.11 -25.55
N ASN J 404 54.03 -10.88 -26.28
CA ASN J 404 53.97 -10.49 -27.68
C ASN J 404 53.70 -11.71 -28.56
N PRO J 405 53.30 -11.50 -29.82
CA PRO J 405 53.05 -12.66 -30.70
C PRO J 405 54.25 -13.56 -30.89
N THR J 406 55.47 -13.03 -30.76
CA THR J 406 56.65 -13.87 -30.93
C THR J 406 56.73 -14.97 -29.88
N LEU J 407 56.37 -14.64 -28.64
CA LEU J 407 56.42 -15.60 -27.54
C LEU J 407 55.10 -16.31 -27.29
N LEU J 408 54.10 -16.09 -28.15
CA LEU J 408 52.78 -16.66 -27.92
C LEU J 408 52.79 -18.18 -28.04
N LYS J 409 53.37 -18.70 -29.13
CA LYS J 409 53.38 -20.15 -29.34
C LYS J 409 54.14 -20.90 -28.25
N PRO J 410 55.36 -20.52 -27.85
CA PRO J 410 56.02 -21.25 -26.77
C PRO J 410 55.25 -21.22 -25.47
N PHE J 411 54.56 -20.12 -25.16
CA PHE J 411 53.76 -20.08 -23.94
C PHE J 411 52.59 -21.05 -23.99
N ILE J 412 51.90 -21.13 -25.14
CA ILE J 412 50.81 -22.09 -25.28
C ILE J 412 51.35 -23.51 -25.17
N ASP J 413 52.55 -23.75 -25.71
CA ASP J 413 53.17 -25.06 -25.56
C ASP J 413 53.46 -25.37 -24.10
N VAL J 414 53.93 -24.38 -23.35
CA VAL J 414 54.25 -24.58 -21.95
C VAL J 414 53.00 -24.87 -21.14
N MET J 415 51.94 -24.07 -21.34
CA MET J 415 50.71 -24.24 -20.58
C MET J 415 50.06 -25.58 -20.88
N GLY J 416 50.07 -26.00 -22.14
CA GLY J 416 49.47 -27.26 -22.54
C GLY J 416 48.05 -27.14 -23.06
N ASN J 417 47.44 -25.97 -22.96
CA ASN J 417 46.08 -25.78 -23.46
C ASN J 417 45.90 -24.29 -23.77
N ILE J 418 44.79 -23.97 -24.43
CA ILE J 418 44.47 -22.60 -24.81
C ILE J 418 43.37 -22.02 -23.92
N ASP J 419 43.14 -22.63 -22.77
CA ASP J 419 42.05 -22.21 -21.88
C ASP J 419 42.58 -21.26 -20.82
N PHE J 420 42.94 -20.06 -21.28
CA PHE J 420 43.40 -19.01 -20.37
C PHE J 420 43.27 -17.66 -21.04
N ILE J 421 43.07 -16.64 -20.22
CA ILE J 421 43.12 -15.25 -20.65
C ILE J 421 44.55 -14.76 -20.47
N THR J 422 45.04 -13.99 -21.43
CA THR J 422 46.40 -13.46 -21.38
C THR J 422 46.36 -11.95 -21.57
N THR J 423 46.48 -11.21 -20.47
CA THR J 423 46.47 -9.75 -20.48
C THR J 423 47.91 -9.26 -20.67
N MET J 424 48.23 -8.77 -21.86
CA MET J 424 49.57 -8.31 -22.14
C MET J 424 49.88 -7.02 -21.39
N GLY J 425 51.11 -6.92 -20.89
CA GLY J 425 51.58 -5.71 -20.26
C GLY J 425 52.48 -4.91 -21.16
N ALA J 426 53.79 -5.02 -20.96
CA ALA J 426 54.79 -4.32 -21.76
C ALA J 426 55.06 -4.99 -23.10
N GLY J 427 54.23 -5.94 -23.52
CA GLY J 427 54.54 -6.71 -24.72
C GLY J 427 54.58 -5.87 -25.98
N CYS J 428 53.57 -5.01 -26.17
CA CYS J 428 53.47 -4.24 -27.40
C CYS J 428 53.03 -2.80 -27.17
N HIS J 429 52.86 -2.37 -25.93
CA HIS J 429 52.38 -1.02 -25.65
C HIS J 429 53.42 0.03 -26.07
N PRO J 432 55.66 1.35 -32.55
CA PRO J 432 55.15 2.63 -33.03
C PRO J 432 54.10 2.47 -34.12
N LYS J 433 53.71 1.24 -34.41
CA LYS J 433 52.70 0.95 -35.41
C LYS J 433 51.28 1.01 -34.87
N GLY J 434 51.11 1.23 -33.58
CA GLY J 434 49.80 1.38 -33.00
C GLY J 434 49.38 0.15 -32.20
N THR J 435 48.53 0.38 -31.19
CA THR J 435 48.01 -0.72 -30.40
C THR J 435 47.13 -1.64 -31.24
N THR J 436 46.36 -1.07 -32.17
CA THR J 436 45.53 -1.88 -33.04
C THR J 436 46.36 -2.84 -33.87
N ALA J 437 47.50 -2.37 -34.40
CA ALA J 437 48.37 -3.24 -35.17
C ALA J 437 48.94 -4.36 -34.31
N GLY J 438 49.32 -4.06 -33.07
CA GLY J 438 49.82 -5.10 -32.19
C GLY J 438 48.76 -6.13 -31.85
N ALA J 439 47.53 -5.69 -31.61
CA ALA J 439 46.43 -6.63 -31.35
C ALA J 439 46.16 -7.49 -32.57
N LYS J 440 46.21 -6.88 -33.77
CA LYS J 440 46.03 -7.64 -35.00
C LYS J 440 47.14 -8.68 -35.17
N ALA J 441 48.38 -8.31 -34.83
CA ALA J 441 49.48 -9.27 -34.89
C ALA J 441 49.27 -10.41 -33.91
N LEU J 442 48.79 -10.10 -32.71
CA LEU J 442 48.50 -11.15 -31.73
C LEU J 442 47.41 -12.10 -32.24
N VAL J 443 46.36 -11.54 -32.84
CA VAL J 443 45.28 -12.37 -33.40
C VAL J 443 45.82 -13.23 -34.55
N GLN J 444 46.69 -12.66 -35.38
CA GLN J 444 47.28 -13.40 -36.48
C GLN J 444 48.14 -14.56 -35.95
N ALA J 445 48.91 -14.31 -34.90
CA ALA J 445 49.70 -15.38 -34.30
C ALA J 445 48.82 -16.48 -33.72
N CYS J 446 47.70 -16.09 -33.09
CA CYS J 446 46.76 -17.08 -32.57
C CYS J 446 46.17 -17.93 -33.69
N GLU J 447 45.80 -17.28 -34.80
CA GLU J 447 45.24 -18.02 -35.93
C GLU J 447 46.30 -18.92 -36.57
N ALA J 448 47.55 -18.46 -36.61
CA ALA J 448 48.63 -19.30 -37.12
C ALA J 448 48.83 -20.53 -36.25
N TYR J 449 48.78 -20.35 -34.92
CA TYR J 449 48.91 -21.49 -34.03
C TYR J 449 47.75 -22.46 -34.21
N GLN J 450 46.52 -21.94 -34.37
CA GLN J 450 45.37 -22.81 -34.61
C GLN J 450 45.53 -23.58 -35.92
N LYS J 451 45.97 -22.90 -36.98
CA LYS J 451 46.20 -23.56 -38.26
C LYS J 451 47.40 -24.50 -38.22
N GLY J 452 48.26 -24.40 -37.21
CA GLY J 452 49.48 -25.17 -37.17
C GLY J 452 50.63 -24.61 -37.96
N ILE J 453 50.45 -23.46 -38.60
CA ILE J 453 51.50 -22.84 -39.40
C ILE J 453 52.47 -22.11 -38.49
N ASP J 454 53.75 -22.14 -38.85
CA ASP J 454 54.76 -21.43 -38.10
C ASP J 454 54.56 -19.92 -38.23
N ILE J 455 55.02 -19.18 -37.21
CA ILE J 455 54.86 -17.73 -37.19
C ILE J 455 55.60 -17.09 -38.35
N LYS J 456 56.84 -17.53 -38.60
CA LYS J 456 57.63 -16.95 -39.68
C LYS J 456 56.97 -17.21 -41.04
N GLU J 457 56.45 -18.41 -41.25
CA GLU J 457 55.72 -18.69 -42.48
C GLU J 457 54.45 -17.84 -42.58
N TYR J 458 53.75 -17.68 -41.46
CA TYR J 458 52.52 -16.88 -41.46
C TYR J 458 52.79 -15.39 -41.63
N ALA J 459 54.02 -14.95 -41.40
CA ALA J 459 54.37 -13.55 -41.55
C ALA J 459 54.73 -13.23 -43.01
MG MG K . -20.72 44.84 -2.62
MG MG L . -39.54 21.67 -20.69
MG MG M . 34.67 35.24 -0.12
MG MG N . 13.31 38.63 -27.81
MG MG O . 42.48 -17.01 18.87
MG MG P . -39.39 -30.84 -2.25
MG MG Q . -47.20 -1.79 14.94
MG MG R . 15.58 -46.90 3.47
MG MG S . -8.12 -39.88 28.17
MG MG T . 47.58 -3.46 -13.03
#